data_8I93
#
_entry.id   8I93
#
_cell.length_a   1.00
_cell.length_b   1.00
_cell.length_c   1.00
_cell.angle_alpha   90.00
_cell.angle_beta   90.00
_cell.angle_gamma   90.00
#
_symmetry.space_group_name_H-M   'P 1'
#
loop_
_entity.id
_entity.type
_entity.pdbx_description
1 polymer 'Angiotensin-converting enzyme 2'
2 polymer 'Sodium-dependent neutral amino acid transporter B(0)AT1'
3 branched 2-acetamido-2-deoxy-beta-D-glucopyranose-(1-4)-2-acetamido-2-deoxy-beta-D-glucopyranose
4 non-polymer 2-acetamido-2-deoxy-beta-D-glucopyranose
5 non-polymer 'ZINC ION'
6 non-polymer METHIONINE
#
loop_
_entity_poly.entity_id
_entity_poly.type
_entity_poly.pdbx_seq_one_letter_code
_entity_poly.pdbx_strand_id
1 'polypeptide(L)'
;TIEEQAKTFLDKFNHEAEDLFYQSSLASWNYNTNITEENVQNMNNAGDKWSAFLKEQSTLAQMYPLQEIQNLTVKLQLQA
LQQNGSSVLSEDKSKRLNTILNTMSTIYSTGKVCNPDNPQECLLLEPGLNEIMANSLDYNERLWAWESWRSEVGKQLRPL
YEEYVVLKNEMARANHYEDYGDYWRGDYEVNGVDGYDYSRGQLIEDVEHTFEEIKPLYEHLHAYVRAKLMNAYPSYISPI
GCLPAHLLGDMWGRFWTNLYSLTVPFGQKPNIDVTDAMVDQAWDAQRIFKEAEKFFVSVGLPNMTQGFWENSMLTDPGNV
QKAVCHPTAWDLGKGDFRILMCTKVTMDDFLTAHHEMGHIQYDMAYAAQPFLLRNGANEGFHEAVGEIMSLSAATPKHLK
SIGLLSPDFQEDNETEINFLLKQALTIVGTLPFTYMLEKWRWMVFKGEIPKDQWMKKWWEMKREIVGVVEPVPHDETYCD
PASLFHVSNDYSFIRYYTRTLYQFQFQEALCQAAKHEGPLHKCDISNSTEAGQKLFNMLRLGKSEPWTLALENVVGAKNM
NVRPLLNYFEPLFTWLKDQNKNSFVGWSTDWSPYADQSIKVRISLKSALGDKAYEWNDNEMYLFRSSVAYAMRQYFLKVK
NQMILFGEEDVRVANLKPRISFNFFVTAPKNVSDIIPRTEVEKAIRMSRSRINDAFRLNDNSLEFLGIQPTLGPPNQPPV
SIWLIVFGVVMGVIVVGIVILIFTGIRDR
;
A,C
2 'polypeptide(L)'
;MADYKDDDDKSGPDEVDASGRVRLVLPNPGLDARIPSLAELETIEQEEASSRPKWDNKAQYMLTCLGFCVGLGNVWRFPY
LCQSHGGGAFMIPFLILLVLEGIPLLYLEFAIGQRLRRGSLGVWSSIHPALKGLGLASMLTSFMVGLYYNTIISWIMWYL
FNSFQEPLPWSDCPLNENQTGYVDECARSSPVDYFWYRETLNISTSISDSGSIQWWMLLCLACAWSVLYMCTIRGIETTG
KAVYITSTLPYVVLTIFLIRGLTLKGATNGIVFLFTPNVTELAQPDTWLDAGAQVFFSFSLAFGGLISFSSYNSVHNNCE
KDSVIVSIINGFTSVYVAIVVYSVIGFRATQRYDDCFSTNILTLINGFDLPEGNVTQENFVDMQQRCNASDPAAYAQLVF
QTCDINAFLSEAVEGTGLAFIVFTEAITKMPLSPLWSVLFFIMLFCLGLSSMFGNMEGVVVPLQDLRVIPPKWPKEVLTG
LICLGTFLIGFIFTLNSGQYWLSLLDSYAGSIPLLIIAFCEMFSVVYVYGVDRFNKDIEFMIGHKPNIFWQVTWRVVSPL
LMLIIFLFFFVVEVSQELTYSIWDPGYEEFPKSQKISYPNWVYVVVVIVAGVPSLTIPGYAIYKLIRNHCQKPGDHQGLV
STLSTASMNGDLK
;
B,D
#
# COMPACT_ATOMS: atom_id res chain seq x y z
N THR A 1 29.24 -65.09 -48.51
CA THR A 1 29.68 -64.08 -47.55
C THR A 1 28.56 -63.12 -47.22
N ILE A 2 28.92 -61.91 -46.82
CA ILE A 2 27.93 -60.89 -46.49
C ILE A 2 27.74 -59.96 -47.68
N GLU A 3 28.74 -59.89 -48.56
CA GLU A 3 28.64 -58.94 -49.66
C GLU A 3 27.68 -59.42 -50.72
N GLU A 4 27.86 -60.65 -51.20
CA GLU A 4 27.00 -61.12 -52.27
C GLU A 4 25.54 -61.05 -51.87
N GLN A 5 25.27 -61.38 -50.61
CA GLN A 5 23.91 -61.35 -50.08
C GLN A 5 23.34 -59.93 -50.14
N ALA A 6 24.15 -58.95 -49.72
CA ALA A 6 23.70 -57.56 -49.73
C ALA A 6 23.47 -57.08 -51.15
N LYS A 7 24.36 -57.44 -52.06
CA LYS A 7 24.20 -57.01 -53.44
C LYS A 7 22.94 -57.61 -54.05
N THR A 8 22.68 -58.89 -53.77
CA THR A 8 21.45 -59.50 -54.29
C THR A 8 20.23 -58.83 -53.70
N PHE A 9 20.29 -58.46 -52.41
CA PHE A 9 19.15 -57.81 -51.81
C PHE A 9 18.87 -56.47 -52.46
N LEU A 10 19.92 -55.69 -52.72
CA LEU A 10 19.70 -54.40 -53.36
C LEU A 10 19.16 -54.58 -54.76
N ASP A 11 19.68 -55.57 -55.48
CA ASP A 11 19.17 -55.89 -56.80
C ASP A 11 17.68 -56.15 -56.75
N LYS A 12 17.26 -57.06 -55.88
CA LYS A 12 15.83 -57.36 -55.76
C LYS A 12 15.04 -56.14 -55.34
N PHE A 13 15.64 -55.25 -54.54
CA PHE A 13 14.91 -54.07 -54.10
C PHE A 13 14.59 -53.15 -55.27
N ASN A 14 15.58 -52.92 -56.13
CA ASN A 14 15.48 -51.83 -57.10
C ASN A 14 14.26 -51.94 -57.99
N HIS A 15 13.96 -53.14 -58.49
CA HIS A 15 12.85 -53.33 -59.41
C HIS A 15 11.55 -52.78 -58.82
N GLU A 16 11.18 -53.29 -57.66
CA GLU A 16 9.93 -52.90 -57.07
C GLU A 16 9.95 -51.44 -56.67
N ALA A 17 11.08 -50.96 -56.15
CA ALA A 17 11.15 -49.55 -55.81
C ALA A 17 10.84 -48.71 -57.02
N GLU A 18 11.44 -49.04 -58.15
CA GLU A 18 11.25 -48.26 -59.37
C GLU A 18 9.79 -48.24 -59.79
N ASP A 19 9.17 -49.43 -59.86
CA ASP A 19 7.82 -49.48 -60.39
C ASP A 19 6.84 -48.79 -59.47
N LEU A 20 6.92 -49.06 -58.17
CA LEU A 20 6.01 -48.43 -57.24
C LEU A 20 6.19 -46.93 -57.24
N PHE A 21 7.43 -46.47 -57.36
CA PHE A 21 7.66 -45.04 -57.39
C PHE A 21 7.00 -44.43 -58.62
N TYR A 22 7.14 -45.10 -59.77
CA TYR A 22 6.52 -44.58 -60.97
C TYR A 22 5.03 -44.43 -60.79
N GLN A 23 4.37 -45.47 -60.27
CA GLN A 23 2.92 -45.35 -60.17
C GLN A 23 2.52 -44.29 -59.15
N SER A 24 3.23 -44.17 -58.04
CA SER A 24 2.84 -43.15 -57.08
C SER A 24 3.00 -41.76 -57.67
N SER A 25 4.09 -41.55 -58.40
CA SER A 25 4.33 -40.24 -58.98
C SER A 25 3.29 -39.93 -60.04
N LEU A 26 2.92 -40.91 -60.84
CA LEU A 26 1.87 -40.69 -61.82
C LEU A 26 0.58 -40.27 -61.15
N ALA A 27 0.24 -40.92 -60.04
CA ALA A 27 -0.94 -40.50 -59.30
C ALA A 27 -0.85 -39.05 -58.88
N SER A 28 0.27 -38.68 -58.28
CA SER A 28 0.40 -37.31 -57.77
C SER A 28 0.38 -36.28 -58.89
N TRP A 29 0.94 -36.62 -60.03
CA TRP A 29 0.92 -35.71 -61.17
C TRP A 29 -0.50 -35.52 -61.66
N ASN A 30 -1.20 -36.63 -61.92
CA ASN A 30 -2.58 -36.54 -62.40
C ASN A 30 -3.43 -35.76 -61.44
N TYR A 31 -3.14 -35.84 -60.14
CA TYR A 31 -3.88 -35.01 -59.20
C TYR A 31 -3.51 -33.55 -59.36
N ASN A 32 -2.22 -33.26 -59.53
CA ASN A 32 -1.78 -31.87 -59.51
C ASN A 32 -2.23 -31.13 -60.76
N THR A 33 -2.10 -31.76 -61.92
CA THR A 33 -2.55 -31.10 -63.12
C THR A 33 -4.06 -31.16 -63.30
N ASN A 34 -4.79 -31.83 -62.40
CA ASN A 34 -6.23 -32.00 -62.54
C ASN A 34 -6.85 -32.13 -61.15
N ILE A 35 -7.27 -31.01 -60.58
CA ILE A 35 -7.75 -31.06 -59.20
C ILE A 35 -9.17 -31.62 -59.20
N THR A 36 -9.31 -32.92 -58.96
CA THR A 36 -10.61 -33.54 -58.86
C THR A 36 -10.65 -34.42 -57.63
N GLU A 37 -11.78 -34.40 -56.94
CA GLU A 37 -11.96 -35.24 -55.75
C GLU A 37 -11.79 -36.71 -56.06
N GLU A 38 -11.99 -37.12 -57.32
CA GLU A 38 -11.69 -38.48 -57.71
C GLU A 38 -10.23 -38.81 -57.45
N ASN A 39 -9.33 -37.93 -57.89
CA ASN A 39 -7.91 -38.24 -57.90
C ASN A 39 -7.28 -38.14 -56.53
N VAL A 40 -7.88 -37.41 -55.61
CA VAL A 40 -7.26 -37.22 -54.30
C VAL A 40 -7.06 -38.56 -53.62
N GLN A 41 -8.13 -39.32 -53.47
CA GLN A 41 -8.01 -40.60 -52.79
C GLN A 41 -7.12 -41.56 -53.57
N ASN A 42 -7.10 -41.44 -54.89
CA ASN A 42 -6.24 -42.31 -55.67
C ASN A 42 -4.76 -42.03 -55.39
N MET A 43 -4.41 -40.74 -55.38
CA MET A 43 -3.05 -40.35 -55.04
C MET A 43 -2.70 -40.80 -53.64
N ASN A 44 -3.66 -40.73 -52.72
CA ASN A 44 -3.38 -41.18 -51.35
C ASN A 44 -3.18 -42.68 -51.29
N ASN A 45 -3.93 -43.43 -52.07
CA ASN A 45 -3.74 -44.88 -52.13
C ASN A 45 -2.33 -45.20 -52.62
N ALA A 46 -1.94 -44.60 -53.73
CA ALA A 46 -0.59 -44.84 -54.25
C ALA A 46 0.46 -44.41 -53.25
N GLY A 47 0.25 -43.28 -52.58
CA GLY A 47 1.23 -42.79 -51.64
C GLY A 47 1.43 -43.75 -50.48
N ASP A 48 0.34 -44.28 -49.95
CA ASP A 48 0.50 -45.20 -48.85
C ASP A 48 1.08 -46.53 -49.31
N LYS A 49 0.70 -46.99 -50.50
CA LYS A 49 1.29 -48.22 -51.00
C LYS A 49 2.77 -48.09 -51.30
N TRP A 50 3.27 -46.87 -51.47
CA TRP A 50 4.72 -46.69 -51.55
C TRP A 50 5.36 -46.58 -50.18
N SER A 51 4.73 -45.81 -49.28
CA SER A 51 5.29 -45.65 -47.94
C SER A 51 5.43 -46.99 -47.22
N ALA A 52 4.45 -47.87 -47.36
CA ALA A 52 4.52 -49.14 -46.67
C ALA A 52 5.66 -50.00 -47.20
N PHE A 53 5.82 -50.03 -48.52
CA PHE A 53 6.91 -50.78 -49.10
C PHE A 53 8.24 -50.26 -48.62
N LEU A 54 8.35 -48.93 -48.49
CA LEU A 54 9.60 -48.38 -47.97
C LEU A 54 9.86 -48.83 -46.56
N LYS A 55 8.86 -48.74 -45.68
CA LYS A 55 9.07 -49.15 -44.29
C LYS A 55 9.45 -50.61 -44.18
N GLU A 56 8.75 -51.47 -44.93
CA GLU A 56 9.03 -52.90 -44.88
C GLU A 56 10.44 -53.18 -45.36
N GLN A 57 10.81 -52.65 -46.51
CA GLN A 57 12.15 -52.91 -47.03
C GLN A 57 13.21 -52.33 -46.12
N SER A 58 12.90 -51.27 -45.39
CA SER A 58 13.89 -50.73 -44.46
C SER A 58 14.12 -51.69 -43.31
N THR A 59 13.06 -52.18 -42.69
CA THR A 59 13.27 -53.11 -41.59
C THR A 59 13.88 -54.42 -42.06
N LEU A 60 13.59 -54.83 -43.29
CA LEU A 60 14.15 -56.06 -43.78
C LEU A 60 15.65 -55.92 -44.02
N ALA A 61 16.16 -54.70 -44.10
CA ALA A 61 17.56 -54.46 -44.40
C ALA A 61 18.36 -54.11 -43.16
N GLN A 62 17.72 -53.91 -42.02
CA GLN A 62 18.40 -53.60 -40.79
C GLN A 62 19.31 -54.71 -40.33
N MET A 63 19.32 -55.85 -41.02
CA MET A 63 20.09 -57.00 -40.58
C MET A 63 21.50 -57.03 -41.12
N TYR A 64 21.76 -56.36 -42.23
CA TYR A 64 23.09 -56.39 -42.80
C TYR A 64 24.02 -55.48 -42.00
N PRO A 65 25.07 -56.02 -41.39
CA PRO A 65 25.98 -55.16 -40.63
C PRO A 65 26.75 -54.26 -41.56
N LEU A 66 26.95 -53.01 -41.14
CA LEU A 66 27.43 -52.01 -42.08
C LEU A 66 28.93 -52.14 -42.32
N GLN A 67 29.72 -52.17 -41.26
CA GLN A 67 31.16 -51.99 -41.42
C GLN A 67 31.83 -53.28 -41.89
N GLU A 68 31.28 -53.88 -42.93
CA GLU A 68 31.87 -55.08 -43.50
C GLU A 68 31.95 -54.91 -45.01
N ILE A 69 31.14 -54.00 -45.53
CA ILE A 69 31.10 -53.76 -46.96
C ILE A 69 32.22 -52.81 -47.34
N GLN A 70 32.86 -53.07 -48.48
CA GLN A 70 33.86 -52.17 -49.01
C GLN A 70 33.45 -51.49 -50.30
N ASN A 71 32.45 -52.03 -51.00
CA ASN A 71 31.95 -51.37 -52.19
C ASN A 71 31.20 -50.11 -51.79
N LEU A 72 31.70 -48.95 -52.24
CA LEU A 72 31.13 -47.69 -51.77
C LEU A 72 29.72 -47.48 -52.27
N THR A 73 29.44 -47.84 -53.51
CA THR A 73 28.09 -47.67 -54.01
C THR A 73 27.11 -48.65 -53.39
N VAL A 74 27.57 -49.54 -52.52
CA VAL A 74 26.67 -50.42 -51.79
C VAL A 74 26.44 -49.91 -50.39
N LYS A 75 27.51 -49.52 -49.72
CA LYS A 75 27.36 -48.89 -48.42
C LYS A 75 26.52 -47.64 -48.52
N LEU A 76 26.65 -46.89 -49.62
CA LEU A 76 25.89 -45.65 -49.76
C LEU A 76 24.41 -45.91 -49.83
N GLN A 77 23.99 -46.97 -50.51
CA GLN A 77 22.57 -47.28 -50.57
C GLN A 77 22.07 -47.88 -49.27
N LEU A 78 22.84 -48.79 -48.67
CA LEU A 78 22.38 -49.39 -47.42
C LEU A 78 22.21 -48.34 -46.34
N GLN A 79 23.12 -47.37 -46.27
CA GLN A 79 22.99 -46.35 -45.25
C GLN A 79 21.71 -45.56 -45.39
N ALA A 80 21.14 -45.51 -46.58
CA ALA A 80 19.90 -44.78 -46.77
C ALA A 80 18.67 -45.57 -46.37
N LEU A 81 18.78 -46.89 -46.25
CA LEU A 81 17.67 -47.69 -45.79
C LEU A 81 17.69 -47.90 -44.29
N GLN A 82 18.84 -48.23 -43.73
CA GLN A 82 18.92 -48.50 -42.30
C GLN A 82 18.54 -47.30 -41.47
N GLN A 83 18.41 -46.13 -42.08
CA GLN A 83 18.06 -44.93 -41.33
C GLN A 83 16.70 -45.10 -40.67
N ASN A 84 16.68 -45.22 -39.35
CA ASN A 84 15.45 -45.57 -38.66
C ASN A 84 14.45 -44.42 -38.70
N GLY A 85 14.92 -43.19 -38.57
CA GLY A 85 14.01 -42.08 -38.59
C GLY A 85 13.25 -41.98 -37.28
N SER A 86 11.96 -41.72 -37.38
CA SER A 86 11.14 -41.53 -36.19
C SER A 86 10.50 -42.80 -35.70
N SER A 87 10.84 -43.94 -36.27
CA SER A 87 10.26 -45.19 -35.81
C SER A 87 10.72 -45.53 -34.41
N VAL A 88 11.99 -45.28 -34.08
CA VAL A 88 12.51 -45.71 -32.80
C VAL A 88 11.76 -45.09 -31.65
N LEU A 89 11.09 -43.98 -31.86
CA LEU A 89 10.34 -43.38 -30.78
C LEU A 89 9.25 -44.33 -30.33
N SER A 90 8.89 -44.24 -29.05
CA SER A 90 7.77 -45.01 -28.54
C SER A 90 6.52 -44.66 -29.32
N GLU A 91 5.48 -45.48 -29.17
CA GLU A 91 4.31 -45.29 -30.00
C GLU A 91 3.56 -44.01 -29.63
N ASP A 92 3.20 -43.88 -28.36
CA ASP A 92 2.42 -42.71 -27.96
C ASP A 92 3.19 -41.43 -28.21
N LYS A 93 4.49 -41.44 -28.00
CA LYS A 93 5.30 -40.26 -28.28
C LYS A 93 5.26 -39.92 -29.75
N SER A 94 5.40 -40.91 -30.61
CA SER A 94 5.34 -40.61 -32.03
C SER A 94 3.99 -40.04 -32.42
N LYS A 95 2.93 -40.52 -31.80
CA LYS A 95 1.62 -39.95 -32.12
C LYS A 95 1.51 -38.51 -31.66
N ARG A 96 2.05 -38.20 -30.49
CA ARG A 96 1.99 -36.81 -30.07
C ARG A 96 2.89 -35.93 -30.90
N LEU A 97 4.00 -36.46 -31.39
CA LEU A 97 4.84 -35.69 -32.30
C LEU A 97 4.06 -35.32 -33.53
N ASN A 98 3.34 -36.28 -34.11
CA ASN A 98 2.55 -35.94 -35.28
C ASN A 98 1.47 -34.94 -34.97
N THR A 99 0.81 -35.08 -33.82
CA THR A 99 -0.23 -34.11 -33.48
C THR A 99 0.35 -32.72 -33.35
N ILE A 100 1.53 -32.59 -32.74
CA ILE A 100 2.16 -31.29 -32.58
C ILE A 100 2.51 -30.71 -33.93
N LEU A 101 3.09 -31.51 -34.81
CA LEU A 101 3.48 -31.00 -36.11
C LEU A 101 2.27 -30.49 -36.87
N ASN A 102 1.19 -31.27 -36.91
CA ASN A 102 0.03 -30.80 -37.64
C ASN A 102 -0.60 -29.58 -37.00
N THR A 103 -0.59 -29.50 -35.67
CA THR A 103 -1.15 -28.33 -35.05
C THR A 103 -0.39 -27.08 -35.42
N MET A 104 0.94 -27.15 -35.37
CA MET A 104 1.74 -25.98 -35.71
C MET A 104 1.53 -25.58 -37.15
N SER A 105 1.54 -26.54 -38.05
CA SER A 105 1.36 -26.21 -39.45
C SER A 105 0.01 -25.54 -39.70
N THR A 106 -1.05 -26.06 -39.10
CA THR A 106 -2.34 -25.47 -39.38
C THR A 106 -2.56 -24.15 -38.64
N ILE A 107 -1.89 -23.92 -37.52
CA ILE A 107 -1.93 -22.61 -36.92
C ILE A 107 -1.30 -21.60 -37.83
N TYR A 108 -0.20 -21.95 -38.45
CA TYR A 108 0.43 -21.03 -39.38
C TYR A 108 -0.45 -20.79 -40.59
N SER A 109 -1.10 -21.83 -41.10
CA SER A 109 -1.86 -21.67 -42.33
C SER A 109 -3.13 -20.88 -42.12
N THR A 110 -3.80 -21.04 -40.99
CA THR A 110 -5.12 -20.48 -40.80
C THR A 110 -5.19 -19.39 -39.76
N GLY A 111 -4.07 -18.97 -39.19
CA GLY A 111 -4.10 -17.86 -38.26
C GLY A 111 -4.50 -16.58 -38.96
N LYS A 112 -5.12 -15.68 -38.21
CA LYS A 112 -5.54 -14.42 -38.80
C LYS A 112 -5.62 -13.36 -37.73
N VAL A 113 -5.40 -12.11 -38.15
CA VAL A 113 -5.42 -10.99 -37.23
C VAL A 113 -6.43 -9.98 -37.76
N CYS A 114 -6.99 -9.18 -36.86
CA CYS A 114 -7.92 -8.18 -37.37
C CYS A 114 -7.83 -6.87 -36.65
N ASN A 115 -8.26 -5.85 -37.37
CA ASN A 115 -8.23 -4.44 -37.08
C ASN A 115 -8.65 -4.14 -35.67
N PRO A 116 -8.12 -3.11 -35.04
CA PRO A 116 -8.59 -2.75 -33.70
C PRO A 116 -9.85 -1.93 -33.72
N ASP A 117 -10.14 -1.28 -34.84
CA ASP A 117 -11.29 -0.39 -34.95
C ASP A 117 -12.49 -1.04 -35.61
N ASN A 118 -12.31 -2.13 -36.32
CA ASN A 118 -13.39 -2.84 -37.00
C ASN A 118 -13.13 -4.32 -36.86
N PRO A 119 -13.44 -4.89 -35.73
CA PRO A 119 -13.05 -6.27 -35.48
C PRO A 119 -13.70 -7.30 -36.37
N GLN A 120 -14.49 -6.89 -37.36
CA GLN A 120 -15.16 -7.84 -38.22
C GLN A 120 -14.53 -7.92 -39.59
N GLU A 121 -13.28 -7.54 -39.72
CA GLU A 121 -12.50 -7.76 -40.94
C GLU A 121 -11.14 -8.29 -40.52
N CYS A 122 -10.96 -9.59 -40.64
CA CYS A 122 -9.70 -10.21 -40.31
C CYS A 122 -8.95 -10.60 -41.58
N LEU A 123 -7.63 -10.53 -41.50
CA LEU A 123 -6.72 -10.81 -42.59
C LEU A 123 -5.91 -12.05 -42.25
N LEU A 124 -5.73 -12.91 -43.23
CA LEU A 124 -4.80 -14.01 -43.15
C LEU A 124 -3.41 -13.53 -43.49
N LEU A 125 -2.44 -14.41 -43.38
CA LEU A 125 -1.10 -13.98 -43.71
C LEU A 125 -0.90 -13.88 -45.20
N GLU A 126 -1.25 -14.92 -45.93
CA GLU A 126 -0.77 -14.92 -47.30
C GLU A 126 -1.43 -13.79 -48.09
N PRO A 127 -2.69 -13.82 -48.39
CA PRO A 127 -3.23 -12.61 -49.00
C PRO A 127 -3.68 -11.65 -47.91
N GLY A 128 -3.01 -10.52 -47.78
CA GLY A 128 -3.48 -9.50 -46.89
C GLY A 128 -2.48 -8.97 -45.90
N LEU A 129 -1.66 -9.80 -45.30
CA LEU A 129 -0.58 -9.23 -44.50
C LEU A 129 0.71 -9.15 -45.27
N ASN A 130 1.00 -10.14 -46.10
CA ASN A 130 2.11 -10.02 -47.02
C ASN A 130 1.94 -8.81 -47.90
N GLU A 131 0.72 -8.49 -48.30
CA GLU A 131 0.49 -7.36 -49.17
C GLU A 131 0.79 -6.05 -48.48
N ILE A 132 0.29 -5.86 -47.26
CA ILE A 132 0.64 -4.68 -46.49
C ILE A 132 2.15 -4.58 -46.38
N MET A 133 2.78 -5.63 -45.87
CA MET A 133 4.20 -5.53 -45.57
C MET A 133 5.02 -5.31 -46.82
N ALA A 134 4.56 -5.75 -47.98
CA ALA A 134 5.35 -5.58 -49.18
C ALA A 134 5.13 -4.24 -49.84
N ASN A 135 3.91 -3.71 -49.81
CA ASN A 135 3.61 -2.51 -50.56
C ASN A 135 3.58 -1.25 -49.74
N SER A 136 3.06 -1.30 -48.53
CA SER A 136 2.73 -0.09 -47.81
C SER A 136 3.95 0.77 -47.57
N LEU A 137 3.69 2.03 -47.23
CA LEU A 137 4.74 3.00 -46.96
C LEU A 137 4.43 3.80 -45.71
N ASP A 138 3.45 3.37 -44.93
CA ASP A 138 3.01 4.02 -43.72
C ASP A 138 3.67 3.36 -42.54
N TYR A 139 4.31 4.15 -41.69
CA TYR A 139 5.02 3.57 -40.56
C TYR A 139 4.08 2.84 -39.62
N ASN A 140 2.97 3.47 -39.27
CA ASN A 140 2.11 2.88 -38.25
C ASN A 140 1.39 1.64 -38.76
N GLU A 141 1.05 1.61 -40.03
CA GLU A 141 0.40 0.43 -40.56
C GLU A 141 1.34 -0.75 -40.58
N ARG A 142 2.58 -0.52 -40.98
CA ARG A 142 3.56 -1.59 -40.96
C ARG A 142 3.81 -2.06 -39.55
N LEU A 143 3.93 -1.15 -38.61
CA LEU A 143 4.13 -1.59 -37.23
C LEU A 143 2.95 -2.39 -36.73
N TRP A 144 1.74 -2.02 -37.11
CA TRP A 144 0.59 -2.77 -36.64
C TRP A 144 0.61 -4.18 -37.19
N ALA A 145 0.88 -4.34 -38.48
CA ALA A 145 0.91 -5.68 -39.05
C ALA A 145 2.00 -6.52 -38.40
N TRP A 146 3.21 -5.96 -38.31
CA TRP A 146 4.33 -6.68 -37.75
C TRP A 146 4.04 -7.14 -36.34
N GLU A 147 3.44 -6.29 -35.55
CA GLU A 147 3.22 -6.66 -34.16
C GLU A 147 2.05 -7.61 -34.00
N SER A 148 1.01 -7.47 -34.78
CA SER A 148 -0.14 -8.33 -34.60
C SER A 148 0.14 -9.74 -35.04
N TRP A 149 0.93 -9.94 -36.08
CA TRP A 149 1.24 -11.31 -36.44
C TRP A 149 1.93 -12.02 -35.30
N ARG A 150 2.92 -11.38 -34.71
CA ARG A 150 3.69 -12.05 -33.67
C ARG A 150 2.94 -12.14 -32.37
N SER A 151 1.97 -11.29 -32.13
CA SER A 151 1.23 -11.40 -30.89
C SER A 151 0.06 -12.35 -30.98
N GLU A 152 -0.65 -12.39 -32.10
CA GLU A 152 -1.80 -13.25 -32.17
C GLU A 152 -1.45 -14.68 -32.52
N VAL A 153 -0.39 -14.89 -33.27
CA VAL A 153 -0.06 -16.21 -33.77
C VAL A 153 1.21 -16.75 -33.14
N GLY A 154 2.22 -15.92 -32.94
CA GLY A 154 3.43 -16.41 -32.33
C GLY A 154 3.25 -16.86 -30.91
N LYS A 155 2.29 -16.29 -30.21
CA LYS A 155 2.07 -16.70 -28.84
C LYS A 155 1.38 -18.05 -28.75
N GLN A 156 0.67 -18.47 -29.78
CA GLN A 156 0.09 -19.80 -29.77
C GLN A 156 1.10 -20.88 -30.00
N LEU A 157 2.23 -20.57 -30.61
CA LEU A 157 3.21 -21.57 -30.96
C LEU A 157 4.28 -21.77 -29.90
N ARG A 158 4.29 -20.97 -28.84
CA ARG A 158 5.33 -21.17 -27.84
C ARG A 158 5.20 -22.52 -27.15
N PRO A 159 4.09 -22.84 -26.50
CA PRO A 159 4.00 -24.14 -25.83
C PRO A 159 4.22 -25.31 -26.75
N LEU A 160 3.90 -25.17 -28.02
CA LEU A 160 4.08 -26.27 -28.93
C LEU A 160 5.54 -26.46 -29.30
N TYR A 161 6.25 -25.37 -29.54
CA TYR A 161 7.66 -25.49 -29.86
C TYR A 161 8.45 -26.05 -28.69
N GLU A 162 8.07 -25.71 -27.47
CA GLU A 162 8.77 -26.26 -26.32
C GLU A 162 8.73 -27.78 -26.32
N GLU A 163 7.58 -28.38 -26.64
CA GLU A 163 7.51 -29.84 -26.65
C GLU A 163 8.14 -30.42 -27.90
N TYR A 164 8.08 -29.69 -29.01
CA TYR A 164 8.67 -30.18 -30.23
C TYR A 164 10.16 -30.38 -30.07
N VAL A 165 10.85 -29.46 -29.39
CA VAL A 165 12.29 -29.66 -29.28
C VAL A 165 12.61 -30.87 -28.44
N VAL A 166 11.83 -31.14 -27.40
CA VAL A 166 12.10 -32.28 -26.54
C VAL A 166 11.91 -33.58 -27.29
N LEU A 167 10.78 -33.70 -27.99
CA LEU A 167 10.55 -34.95 -28.70
C LEU A 167 11.56 -35.16 -29.81
N LYS A 168 11.93 -34.09 -30.53
CA LYS A 168 12.89 -34.27 -31.60
C LYS A 168 14.25 -34.64 -31.04
N ASN A 169 14.62 -34.08 -29.90
CA ASN A 169 15.90 -34.42 -29.32
C ASN A 169 15.93 -35.88 -28.89
N GLU A 170 14.83 -36.38 -28.35
CA GLU A 170 14.76 -37.81 -28.03
C GLU A 170 14.94 -38.65 -29.28
N MET A 171 14.19 -38.31 -30.33
CA MET A 171 14.30 -39.08 -31.56
C MET A 171 15.71 -39.06 -32.11
N ALA A 172 16.44 -37.98 -31.89
CA ALA A 172 17.79 -37.92 -32.44
C ALA A 172 18.77 -38.67 -31.58
N ARG A 173 18.70 -38.55 -30.27
CA ARG A 173 19.61 -39.27 -29.42
C ARG A 173 19.38 -40.77 -29.48
N ALA A 174 18.18 -41.21 -29.83
CA ALA A 174 17.97 -42.63 -30.03
C ALA A 174 18.48 -43.13 -31.36
N ASN A 175 19.19 -42.31 -32.13
CA ASN A 175 19.85 -42.76 -33.35
C ASN A 175 21.34 -42.47 -33.31
N HIS A 176 21.90 -42.30 -32.13
CA HIS A 176 23.33 -42.07 -31.95
C HIS A 176 23.74 -40.74 -32.56
N TYR A 177 22.98 -39.71 -32.29
CA TYR A 177 23.33 -38.35 -32.61
C TYR A 177 23.37 -37.56 -31.31
N GLU A 178 24.08 -36.44 -31.32
CA GLU A 178 24.13 -35.63 -30.12
C GLU A 178 22.78 -35.00 -29.83
N ASP A 179 22.14 -34.47 -30.85
CA ASP A 179 20.89 -33.76 -30.70
C ASP A 179 20.24 -33.71 -32.07
N TYR A 180 19.22 -32.89 -32.22
CA TYR A 180 18.58 -32.81 -33.52
C TYR A 180 19.37 -32.00 -34.52
N GLY A 181 20.03 -30.93 -34.08
CA GLY A 181 20.85 -30.17 -35.00
C GLY A 181 21.95 -31.00 -35.61
N ASP A 182 22.55 -31.87 -34.81
CA ASP A 182 23.56 -32.76 -35.33
C ASP A 182 22.95 -33.76 -36.29
N TYR A 183 21.67 -34.03 -36.16
CA TYR A 183 21.01 -34.91 -37.12
C TYR A 183 20.81 -34.19 -38.44
N TRP A 184 20.48 -32.91 -38.38
CA TRP A 184 20.31 -32.14 -39.62
C TRP A 184 21.63 -31.95 -40.32
N ARG A 185 22.71 -31.75 -39.58
CA ARG A 185 23.98 -31.54 -40.23
C ARG A 185 24.52 -32.78 -40.86
N GLY A 186 23.84 -33.90 -40.73
CA GLY A 186 24.40 -35.14 -41.19
C GLY A 186 24.27 -35.30 -42.68
N ASP A 187 23.78 -34.27 -43.35
CA ASP A 187 23.70 -34.35 -44.80
C ASP A 187 25.01 -33.99 -45.48
N TYR A 188 25.89 -33.29 -44.80
CA TYR A 188 27.15 -32.90 -45.39
C TYR A 188 28.29 -33.80 -44.99
N GLU A 189 28.04 -34.88 -44.28
CA GLU A 189 29.10 -35.71 -43.77
C GLU A 189 29.60 -36.68 -44.82
N VAL A 190 30.91 -36.83 -44.91
CA VAL A 190 31.55 -37.83 -45.74
C VAL A 190 32.44 -38.68 -44.87
N ASN A 191 32.48 -39.98 -45.12
CA ASN A 191 33.15 -40.92 -44.24
C ASN A 191 34.00 -41.90 -45.01
N GLY A 192 35.30 -41.87 -44.77
CA GLY A 192 36.18 -42.89 -45.28
C GLY A 192 36.41 -42.85 -46.77
N VAL A 193 37.02 -41.76 -47.26
CA VAL A 193 37.45 -41.68 -48.64
C VAL A 193 38.88 -41.17 -48.77
N ASP A 194 39.53 -40.82 -47.66
CA ASP A 194 40.96 -40.54 -47.64
C ASP A 194 41.31 -39.35 -48.54
N GLY A 195 40.87 -38.19 -48.09
CA GLY A 195 41.20 -36.97 -48.77
C GLY A 195 39.98 -36.11 -48.91
N TYR A 196 38.83 -36.76 -48.86
CA TYR A 196 37.55 -36.08 -49.05
C TYR A 196 36.65 -36.21 -47.84
N ASP A 197 37.17 -36.59 -46.69
CA ASP A 197 36.29 -36.73 -45.55
C ASP A 197 35.81 -35.36 -45.09
N TYR A 198 34.78 -35.38 -44.27
CA TYR A 198 34.11 -34.17 -43.83
C TYR A 198 33.23 -34.52 -42.64
N SER A 199 33.41 -33.86 -41.52
CA SER A 199 32.69 -34.25 -40.33
C SER A 199 31.57 -33.27 -40.03
N ARG A 200 30.55 -33.76 -39.32
CA ARG A 200 29.42 -32.92 -39.00
C ARG A 200 29.79 -31.73 -38.14
N GLY A 201 31.00 -31.69 -37.61
CA GLY A 201 31.37 -30.56 -36.79
C GLY A 201 32.04 -29.51 -37.62
N GLN A 202 32.55 -29.91 -38.78
CA GLN A 202 33.28 -28.96 -39.60
C GLN A 202 32.36 -27.96 -40.25
N LEU A 203 31.11 -28.34 -40.48
CA LEU A 203 30.18 -27.43 -41.15
C LEU A 203 30.04 -26.14 -40.38
N ILE A 204 30.03 -26.21 -39.06
CA ILE A 204 29.90 -25.00 -38.27
C ILE A 204 31.11 -24.10 -38.48
N GLU A 205 32.30 -24.68 -38.46
CA GLU A 205 33.48 -23.85 -38.65
C GLU A 205 33.52 -23.25 -40.03
N ASP A 206 33.08 -24.00 -41.04
CA ASP A 206 33.12 -23.45 -42.38
C ASP A 206 32.14 -22.30 -42.54
N VAL A 207 30.92 -22.41 -42.00
CA VAL A 207 30.05 -21.27 -42.19
C VAL A 207 30.48 -20.10 -41.33
N GLU A 208 31.01 -20.33 -40.14
CA GLU A 208 31.46 -19.19 -39.35
C GLU A 208 32.69 -18.56 -39.94
N HIS A 209 33.44 -19.30 -40.73
CA HIS A 209 34.63 -18.74 -41.34
C HIS A 209 34.31 -18.02 -42.62
N THR A 210 33.33 -18.50 -43.37
CA THR A 210 32.93 -17.79 -44.58
C THR A 210 32.15 -16.54 -44.26
N PHE A 211 31.41 -16.52 -43.16
CA PHE A 211 30.70 -15.31 -42.82
C PHE A 211 31.61 -14.20 -42.33
N GLU A 212 32.92 -14.35 -42.42
CA GLU A 212 33.79 -13.24 -42.04
C GLU A 212 34.12 -12.35 -43.20
N GLU A 213 34.27 -12.89 -44.40
CA GLU A 213 34.55 -12.05 -45.53
C GLU A 213 33.32 -11.33 -46.03
N ILE A 214 32.15 -11.62 -45.50
CA ILE A 214 30.95 -10.98 -46.00
C ILE A 214 30.62 -9.74 -45.19
N LYS A 215 30.98 -9.71 -43.92
CA LYS A 215 30.66 -8.53 -43.12
C LYS A 215 31.18 -7.24 -43.71
N PRO A 216 32.37 -7.16 -44.28
CA PRO A 216 32.79 -5.89 -44.89
C PRO A 216 31.87 -5.40 -45.97
N LEU A 217 31.28 -6.27 -46.76
CA LEU A 217 30.36 -5.82 -47.78
C LEU A 217 28.94 -5.68 -47.27
N TYR A 218 28.52 -6.52 -46.35
CA TYR A 218 27.19 -6.39 -45.82
C TYR A 218 27.04 -5.12 -45.01
N GLU A 219 28.07 -4.63 -44.37
CA GLU A 219 27.83 -3.42 -43.61
C GLU A 219 27.91 -2.16 -44.44
N HIS A 220 28.58 -2.20 -45.58
CA HIS A 220 28.42 -1.09 -46.49
C HIS A 220 27.03 -1.08 -47.12
N LEU A 221 26.52 -2.24 -47.49
CA LEU A 221 25.15 -2.32 -47.93
C LEU A 221 24.19 -1.80 -46.88
N HIS A 222 24.37 -2.22 -45.65
CA HIS A 222 23.53 -1.79 -44.54
C HIS A 222 23.57 -0.29 -44.36
N ALA A 223 24.75 0.32 -44.42
CA ALA A 223 24.86 1.75 -44.27
C ALA A 223 24.18 2.51 -45.39
N TYR A 224 24.33 2.04 -46.62
CA TYR A 224 23.66 2.71 -47.72
C TYR A 224 22.14 2.64 -47.58
N VAL A 225 21.61 1.46 -47.31
CA VAL A 225 20.17 1.35 -47.11
C VAL A 225 19.68 2.18 -45.95
N ARG A 226 20.43 2.29 -44.87
CA ARG A 226 19.97 3.11 -43.77
C ARG A 226 19.93 4.58 -44.15
N ALA A 227 20.97 5.06 -44.80
CA ALA A 227 20.96 6.44 -45.22
C ALA A 227 19.91 6.72 -46.27
N LYS A 228 19.40 5.71 -46.94
CA LYS A 228 18.31 5.94 -47.88
C LYS A 228 16.94 5.81 -47.26
N LEU A 229 16.81 5.07 -46.18
CA LEU A 229 15.56 5.01 -45.45
C LEU A 229 15.38 6.21 -44.54
N MET A 230 16.46 6.91 -44.20
CA MET A 230 16.33 8.12 -43.41
C MET A 230 15.70 9.26 -44.20
N ASN A 231 15.22 8.98 -45.40
CA ASN A 231 14.50 9.96 -46.18
C ASN A 231 13.05 9.59 -46.44
N ALA A 232 12.70 8.32 -46.35
CA ALA A 232 11.31 7.94 -46.46
C ALA A 232 10.61 7.90 -45.12
N TYR A 233 11.37 7.80 -44.03
CA TYR A 233 10.81 7.78 -42.68
C TYR A 233 11.63 8.72 -41.82
N PRO A 234 11.46 10.02 -42.00
CA PRO A 234 12.27 10.96 -41.24
C PRO A 234 11.85 10.96 -39.78
N SER A 235 12.84 11.08 -38.90
CA SER A 235 12.74 11.05 -37.45
C SER A 235 12.59 9.66 -36.86
N TYR A 236 12.43 8.62 -37.66
CA TYR A 236 12.16 7.30 -37.12
C TYR A 236 13.38 6.42 -37.12
N ILE A 237 14.50 6.88 -37.66
CA ILE A 237 15.67 6.05 -37.86
C ILE A 237 16.89 6.81 -37.42
N SER A 238 17.60 6.29 -36.43
CA SER A 238 18.84 6.91 -36.02
C SER A 238 19.88 6.71 -37.12
N PRO A 239 20.74 7.70 -37.35
CA PRO A 239 21.77 7.55 -38.36
C PRO A 239 22.98 6.77 -37.91
N ILE A 240 22.99 6.21 -36.71
CA ILE A 240 24.09 5.34 -36.31
C ILE A 240 23.57 4.09 -35.63
N GLY A 241 22.27 3.91 -35.60
CA GLY A 241 21.67 2.75 -34.97
C GLY A 241 21.39 1.65 -35.96
N CYS A 242 20.66 0.66 -35.50
CA CYS A 242 20.21 -0.42 -36.36
C CYS A 242 19.00 0.03 -37.16
N LEU A 243 18.37 -0.87 -37.85
CA LEU A 243 17.19 -0.57 -38.61
C LEU A 243 16.00 -1.19 -37.94
N PRO A 244 14.90 -0.47 -37.75
CA PRO A 244 13.74 -1.09 -37.14
C PRO A 244 13.27 -2.27 -37.96
N ALA A 245 12.82 -3.30 -37.29
CA ALA A 245 12.61 -4.57 -37.98
C ALA A 245 11.37 -4.58 -38.85
N HIS A 246 10.48 -3.62 -38.75
CA HIS A 246 9.26 -3.70 -39.54
C HIS A 246 9.34 -2.92 -40.83
N LEU A 247 10.48 -2.32 -41.14
CA LEU A 247 10.63 -1.47 -42.30
C LEU A 247 11.56 -2.09 -43.31
N LEU A 248 11.48 -3.39 -43.52
CA LEU A 248 12.50 -4.09 -44.29
C LEU A 248 11.91 -4.83 -45.47
N GLY A 249 10.71 -4.48 -45.88
CA GLY A 249 10.24 -5.05 -47.11
C GLY A 249 9.27 -6.21 -46.97
N ASP A 250 9.44 -7.06 -45.98
CA ASP A 250 8.51 -8.16 -45.81
C ASP A 250 8.37 -8.45 -44.33
N MET A 251 7.68 -9.53 -44.01
CA MET A 251 7.26 -9.74 -42.64
C MET A 251 8.42 -10.13 -41.75
N TRP A 252 9.41 -10.84 -42.26
CA TRP A 252 10.50 -11.30 -41.43
C TRP A 252 11.84 -10.67 -41.76
N GLY A 253 11.93 -9.90 -42.83
CA GLY A 253 13.22 -9.38 -43.20
C GLY A 253 14.12 -10.41 -43.84
N ARG A 254 13.55 -11.48 -44.37
CA ARG A 254 14.39 -12.51 -44.96
C ARG A 254 15.00 -12.04 -46.27
N PHE A 255 14.26 -11.30 -47.07
CA PHE A 255 14.75 -10.70 -48.29
C PHE A 255 14.56 -9.20 -48.20
N TRP A 256 15.48 -8.45 -48.78
CA TRP A 256 15.36 -7.00 -48.83
C TRP A 256 14.87 -6.51 -50.17
N THR A 257 14.18 -7.34 -50.95
CA THR A 257 13.89 -6.98 -52.32
C THR A 257 12.95 -5.80 -52.41
N ASN A 258 11.93 -5.80 -51.63
CA ASN A 258 10.94 -4.75 -51.80
C ASN A 258 11.41 -3.45 -51.35
N LEU A 259 12.68 -3.27 -51.06
CA LEU A 259 13.23 -1.95 -50.81
C LEU A 259 13.73 -1.30 -52.06
N TYR A 260 13.66 -1.98 -53.20
CA TYR A 260 14.30 -1.46 -54.40
C TYR A 260 13.77 -0.08 -54.74
N SER A 261 12.45 0.08 -54.77
CA SER A 261 11.86 1.35 -55.16
C SER A 261 12.38 2.50 -54.32
N LEU A 262 12.83 2.23 -53.10
CA LEU A 262 13.27 3.31 -52.26
C LEU A 262 14.74 3.61 -52.40
N THR A 263 15.52 2.67 -52.89
CA THR A 263 16.96 2.78 -52.84
C THR A 263 17.63 2.67 -54.19
N VAL A 264 16.86 2.73 -55.27
CA VAL A 264 17.47 2.58 -56.59
C VAL A 264 18.50 3.69 -56.78
N PRO A 265 19.71 3.38 -57.23
CA PRO A 265 20.75 4.41 -57.25
C PRO A 265 20.51 5.47 -58.29
N PHE A 266 20.14 5.09 -59.50
CA PHE A 266 19.90 6.04 -60.57
C PHE A 266 18.45 5.87 -61.00
N GLY A 267 17.57 6.60 -60.35
CA GLY A 267 16.16 6.34 -60.43
C GLY A 267 15.53 6.65 -61.77
N GLN A 268 16.20 7.42 -62.62
CA GLN A 268 15.60 7.81 -63.89
C GLN A 268 15.94 6.86 -65.02
N LYS A 269 17.11 6.25 -65.01
CA LYS A 269 17.43 5.26 -66.03
C LYS A 269 16.65 3.99 -65.76
N PRO A 270 16.06 3.39 -66.76
CA PRO A 270 15.18 2.25 -66.52
C PRO A 270 15.94 0.94 -66.51
N ASN A 271 15.28 -0.15 -66.15
CA ASN A 271 15.92 -1.45 -66.21
C ASN A 271 15.85 -2.00 -67.62
N ILE A 272 16.41 -3.19 -67.79
CA ILE A 272 16.30 -3.91 -69.05
C ILE A 272 15.13 -4.86 -68.92
N ASP A 273 14.07 -4.58 -69.66
CA ASP A 273 12.89 -5.44 -69.71
C ASP A 273 12.50 -5.66 -71.15
N VAL A 274 12.22 -6.91 -71.50
CA VAL A 274 11.94 -7.28 -72.86
C VAL A 274 10.53 -7.81 -73.02
N THR A 275 9.65 -7.56 -72.07
CA THR A 275 8.28 -8.03 -72.21
C THR A 275 7.67 -7.53 -73.51
N ASP A 276 7.80 -6.23 -73.77
CA ASP A 276 7.20 -5.64 -74.97
C ASP A 276 7.73 -6.31 -76.23
N ALA A 277 9.05 -6.34 -76.38
CA ALA A 277 9.65 -6.91 -77.58
C ALA A 277 9.28 -8.38 -77.76
N MET A 278 8.82 -9.05 -76.71
CA MET A 278 8.42 -10.43 -76.86
C MET A 278 7.02 -10.51 -77.44
N VAL A 279 6.10 -9.67 -76.95
CA VAL A 279 4.75 -9.67 -77.51
C VAL A 279 4.76 -9.19 -78.95
N ASP A 280 5.60 -8.20 -79.25
CA ASP A 280 5.63 -7.66 -80.60
C ASP A 280 6.11 -8.69 -81.60
N GLN A 281 7.05 -9.54 -81.20
CA GLN A 281 7.50 -10.59 -82.09
C GLN A 281 6.63 -11.83 -82.02
N ALA A 282 5.47 -11.77 -81.35
CA ALA A 282 4.52 -12.87 -81.31
C ALA A 282 5.13 -14.13 -80.66
N TRP A 283 5.38 -14.02 -79.38
CA TRP A 283 5.93 -15.12 -78.60
C TRP A 283 4.86 -15.68 -77.68
N ASP A 284 4.58 -16.97 -77.81
CA ASP A 284 3.67 -17.66 -76.93
C ASP A 284 4.45 -18.56 -75.98
N ALA A 285 3.73 -19.25 -75.12
CA ALA A 285 4.41 -20.14 -74.18
C ALA A 285 4.80 -21.46 -74.82
N GLN A 286 5.36 -21.39 -76.02
CA GLN A 286 5.96 -22.54 -76.66
C GLN A 286 7.25 -22.21 -77.36
N ARG A 287 7.45 -20.96 -77.74
CA ARG A 287 8.72 -20.56 -78.32
C ARG A 287 9.75 -20.31 -77.24
N ILE A 288 9.31 -19.87 -76.07
CA ILE A 288 10.27 -19.64 -75.00
C ILE A 288 10.91 -20.94 -74.58
N PHE A 289 10.19 -22.05 -74.67
CA PHE A 289 10.82 -23.29 -74.26
C PHE A 289 11.73 -23.84 -75.32
N LYS A 290 11.41 -23.64 -76.59
CA LYS A 290 12.38 -23.98 -77.62
C LYS A 290 13.63 -23.12 -77.48
N GLU A 291 13.47 -21.88 -77.04
CA GLU A 291 14.64 -21.04 -76.82
C GLU A 291 15.49 -21.57 -75.69
N ALA A 292 14.86 -21.93 -74.57
CA ALA A 292 15.62 -22.50 -73.47
C ALA A 292 16.36 -23.76 -73.91
N GLU A 293 15.65 -24.66 -74.57
CA GLU A 293 16.28 -25.89 -75.01
C GLU A 293 17.44 -25.61 -75.95
N LYS A 294 17.29 -24.61 -76.81
CA LYS A 294 18.40 -24.30 -77.72
C LYS A 294 19.59 -23.75 -76.96
N PHE A 295 19.34 -22.94 -75.94
CA PHE A 295 20.43 -22.46 -75.10
C PHE A 295 21.18 -23.62 -74.49
N PHE A 296 20.46 -24.58 -73.94
CA PHE A 296 21.12 -25.71 -73.30
C PHE A 296 21.88 -26.53 -74.31
N VAL A 297 21.31 -26.75 -75.49
CA VAL A 297 22.00 -27.57 -76.46
C VAL A 297 23.20 -26.84 -77.05
N SER A 298 23.26 -25.52 -76.90
CA SER A 298 24.44 -24.80 -77.35
C SER A 298 25.65 -25.20 -76.52
N VAL A 299 25.46 -25.44 -75.24
CA VAL A 299 26.60 -25.66 -74.36
C VAL A 299 27.11 -27.09 -74.46
N GLY A 300 26.30 -28.01 -74.97
CA GLY A 300 26.76 -29.37 -75.14
C GLY A 300 25.84 -30.43 -74.59
N LEU A 301 24.96 -30.06 -73.66
CA LEU A 301 24.04 -31.00 -73.06
C LEU A 301 23.08 -31.53 -74.11
N PRO A 302 22.40 -32.64 -73.84
CA PRO A 302 21.51 -33.23 -74.84
C PRO A 302 20.18 -32.49 -74.99
N ASN A 303 19.42 -32.93 -75.98
CA ASN A 303 18.13 -32.36 -76.34
C ASN A 303 17.08 -32.72 -75.30
N MET A 304 15.84 -32.36 -75.60
CA MET A 304 14.70 -32.85 -74.85
C MET A 304 14.15 -34.11 -75.50
N THR A 305 13.41 -34.88 -74.73
CA THR A 305 12.80 -36.12 -75.19
C THR A 305 11.32 -35.92 -75.44
N GLN A 306 10.79 -36.63 -76.42
CA GLN A 306 9.47 -36.34 -76.96
C GLN A 306 8.42 -36.29 -75.85
N GLY A 307 8.44 -37.28 -74.98
CA GLY A 307 7.49 -37.29 -73.89
C GLY A 307 7.47 -35.99 -73.11
N PHE A 308 8.60 -35.29 -73.08
CA PHE A 308 8.61 -33.97 -72.48
C PHE A 308 7.68 -33.04 -73.21
N TRP A 309 7.77 -33.01 -74.54
CA TRP A 309 6.93 -32.11 -75.32
C TRP A 309 5.47 -32.53 -75.27
N GLU A 310 5.21 -33.82 -75.18
CA GLU A 310 3.83 -34.30 -75.29
C GLU A 310 3.07 -34.12 -73.99
N ASN A 311 3.64 -34.57 -72.88
CA ASN A 311 2.90 -34.70 -71.63
C ASN A 311 2.95 -33.44 -70.79
N SER A 312 3.88 -32.55 -71.11
CA SER A 312 4.08 -31.31 -70.35
C SER A 312 2.86 -30.40 -70.28
N MET A 313 2.84 -29.52 -69.28
CA MET A 313 1.72 -28.60 -69.12
C MET A 313 2.22 -27.19 -69.31
N LEU A 314 2.98 -26.95 -70.39
CA LEU A 314 3.63 -25.67 -70.59
C LEU A 314 2.69 -24.49 -70.43
N THR A 315 1.41 -24.66 -70.68
CA THR A 315 0.48 -23.53 -70.62
C THR A 315 -0.60 -23.79 -69.58
N ASP A 316 -1.20 -22.71 -69.14
CA ASP A 316 -2.38 -22.79 -68.29
C ASP A 316 -3.52 -23.39 -69.07
N PRO A 317 -4.24 -24.36 -68.51
CA PRO A 317 -5.34 -24.97 -69.29
C PRO A 317 -6.49 -24.01 -69.53
N GLY A 318 -6.67 -23.03 -68.64
CA GLY A 318 -7.70 -22.02 -68.85
C GLY A 318 -9.11 -22.40 -68.50
N ASN A 319 -9.57 -23.57 -68.95
CA ASN A 319 -10.96 -23.95 -68.73
C ASN A 319 -11.19 -24.43 -67.31
N VAL A 320 -12.32 -25.09 -67.08
CA VAL A 320 -12.67 -25.58 -65.74
C VAL A 320 -11.63 -26.53 -65.16
N GLN A 321 -10.74 -27.08 -66.00
CA GLN A 321 -9.75 -28.00 -65.48
C GLN A 321 -8.72 -27.27 -64.65
N LYS A 322 -8.96 -27.17 -63.34
CA LYS A 322 -8.05 -26.42 -62.49
C LYS A 322 -6.79 -27.22 -62.20
N ALA A 323 -5.70 -26.51 -61.97
CA ALA A 323 -4.43 -27.14 -61.68
C ALA A 323 -3.51 -26.11 -61.04
N VAL A 324 -3.03 -26.41 -59.84
CA VAL A 324 -2.09 -25.54 -59.15
C VAL A 324 -0.77 -25.57 -59.89
N CYS A 325 -0.29 -24.42 -60.35
CA CYS A 325 0.89 -24.39 -61.20
C CYS A 325 1.97 -23.48 -60.63
N HIS A 326 2.29 -23.69 -59.37
CA HIS A 326 3.61 -23.34 -58.90
C HIS A 326 4.63 -24.07 -59.78
N PRO A 327 5.53 -23.36 -60.46
CA PRO A 327 6.38 -24.01 -61.45
C PRO A 327 7.18 -25.14 -60.83
N THR A 328 7.21 -26.28 -61.52
CA THR A 328 7.99 -27.40 -61.02
C THR A 328 8.41 -28.30 -62.15
N ALA A 329 9.43 -29.09 -61.89
CA ALA A 329 9.89 -30.13 -62.80
C ALA A 329 9.68 -31.48 -62.15
N TRP A 330 9.48 -32.50 -62.97
CA TRP A 330 9.13 -33.82 -62.48
C TRP A 330 9.95 -34.86 -63.21
N ASP A 331 10.35 -35.88 -62.48
CA ASP A 331 11.23 -36.94 -62.94
C ASP A 331 10.59 -38.27 -62.69
N LEU A 332 9.35 -38.45 -63.18
CA LEU A 332 8.49 -39.53 -62.73
C LEU A 332 9.19 -40.88 -62.66
N GLY A 333 10.21 -41.08 -63.47
CA GLY A 333 10.91 -42.34 -63.44
C GLY A 333 10.79 -43.07 -64.77
N LYS A 334 11.71 -44.01 -64.98
CA LYS A 334 11.76 -44.84 -66.18
C LYS A 334 11.90 -44.04 -67.45
N GLY A 335 12.25 -42.77 -67.37
CA GLY A 335 12.45 -41.95 -68.54
C GLY A 335 11.35 -40.97 -68.85
N ASP A 336 10.59 -40.52 -67.86
CA ASP A 336 9.50 -39.58 -68.09
C ASP A 336 9.79 -38.31 -67.29
N PHE A 337 10.38 -37.33 -67.95
CA PHE A 337 10.62 -36.02 -67.37
C PHE A 337 9.63 -35.02 -67.94
N ARG A 338 9.07 -34.17 -67.09
CA ARG A 338 8.09 -33.23 -67.59
C ARG A 338 7.90 -32.10 -66.60
N ILE A 339 7.67 -30.89 -67.09
CA ILE A 339 7.48 -29.73 -66.22
C ILE A 339 6.03 -29.32 -66.23
N LEU A 340 5.64 -28.66 -65.14
CA LEU A 340 4.29 -28.18 -64.94
C LEU A 340 4.39 -26.72 -64.51
N MET A 341 3.91 -25.82 -65.36
CA MET A 341 3.87 -24.40 -64.99
C MET A 341 3.02 -23.65 -65.99
N CYS A 342 2.32 -22.63 -65.49
CA CYS A 342 1.39 -21.83 -66.31
C CYS A 342 2.13 -20.60 -66.81
N THR A 343 2.75 -20.72 -67.97
CA THR A 343 3.62 -19.67 -68.47
C THR A 343 2.80 -18.50 -69.00
N LYS A 344 2.99 -17.34 -68.39
CA LYS A 344 2.50 -16.09 -68.95
C LYS A 344 3.63 -15.43 -69.70
N VAL A 345 3.32 -14.77 -70.80
CA VAL A 345 4.37 -14.21 -71.64
C VAL A 345 4.88 -12.91 -71.03
N THR A 346 5.90 -13.03 -70.19
CA THR A 346 6.53 -11.87 -69.58
C THR A 346 8.03 -12.15 -69.61
N MET A 347 8.79 -11.40 -68.83
CA MET A 347 10.21 -11.73 -68.73
C MET A 347 10.47 -12.69 -67.58
N ASP A 348 9.83 -12.46 -66.44
CA ASP A 348 10.09 -13.26 -65.26
C ASP A 348 9.63 -14.69 -65.43
N ASP A 349 9.05 -15.01 -66.57
CA ASP A 349 8.83 -16.40 -66.93
C ASP A 349 9.81 -16.90 -67.96
N PHE A 350 10.35 -16.02 -68.79
CA PHE A 350 11.45 -16.42 -69.65
C PHE A 350 12.64 -16.88 -68.83
N LEU A 351 12.71 -16.47 -67.57
CA LEU A 351 13.79 -16.89 -66.69
C LEU A 351 13.45 -18.19 -65.97
N THR A 352 12.23 -18.27 -65.44
CA THR A 352 11.82 -19.50 -64.77
C THR A 352 11.86 -20.67 -65.74
N ALA A 353 11.67 -20.42 -67.02
CA ALA A 353 11.84 -21.50 -67.98
C ALA A 353 13.25 -22.06 -67.92
N HIS A 354 14.26 -21.20 -67.93
CA HIS A 354 15.63 -21.68 -67.87
C HIS A 354 15.93 -22.35 -66.54
N HIS A 355 15.40 -21.79 -65.47
CA HIS A 355 15.58 -22.40 -64.15
C HIS A 355 15.08 -23.84 -64.13
N GLU A 356 13.80 -24.02 -64.46
CA GLU A 356 13.22 -25.35 -64.40
C GLU A 356 13.86 -26.29 -65.40
N MET A 357 14.16 -25.80 -66.59
CA MET A 357 14.78 -26.73 -67.53
C MET A 357 16.18 -27.12 -67.06
N GLY A 358 16.83 -26.30 -66.26
CA GLY A 358 18.09 -26.72 -65.67
C GLY A 358 17.90 -27.82 -64.66
N HIS A 359 16.88 -27.71 -63.83
CA HIS A 359 16.51 -28.84 -62.97
C HIS A 359 16.39 -30.10 -63.79
N ILE A 360 15.59 -30.04 -64.85
CA ILE A 360 15.37 -31.22 -65.67
C ILE A 360 16.67 -31.76 -66.21
N GLN A 361 17.53 -30.88 -66.71
CA GLN A 361 18.78 -31.32 -67.31
C GLN A 361 19.70 -31.94 -66.29
N TYR A 362 19.61 -31.53 -65.03
CA TYR A 362 20.31 -32.27 -63.99
C TYR A 362 19.76 -33.68 -63.90
N ASP A 363 18.44 -33.82 -63.83
CA ASP A 363 17.86 -35.15 -63.64
C ASP A 363 18.18 -36.08 -64.79
N MET A 364 18.11 -35.62 -66.03
CA MET A 364 18.37 -36.52 -67.14
C MET A 364 19.80 -37.01 -67.17
N ALA A 365 20.68 -36.45 -66.36
CA ALA A 365 22.09 -36.80 -66.45
C ALA A 365 22.44 -37.98 -65.57
N TYR A 366 21.94 -37.99 -64.33
CA TYR A 366 22.18 -39.11 -63.46
C TYR A 366 21.10 -40.18 -63.57
N ALA A 367 20.38 -40.20 -64.64
CA ALA A 367 19.35 -41.19 -64.73
C ALA A 367 19.86 -42.52 -65.00
N ALA A 368 21.14 -42.80 -64.88
CA ALA A 368 21.66 -44.15 -65.03
C ALA A 368 22.22 -44.69 -63.71
N GLN A 369 21.68 -44.23 -62.60
CA GLN A 369 22.16 -44.59 -61.29
C GLN A 369 21.16 -45.48 -60.57
N PRO A 370 21.60 -46.21 -59.56
CA PRO A 370 20.66 -46.97 -58.74
C PRO A 370 19.65 -46.06 -58.10
N PHE A 371 18.43 -46.57 -57.94
CA PHE A 371 17.31 -45.71 -57.61
C PHE A 371 17.57 -44.82 -56.41
N LEU A 372 18.32 -45.29 -55.43
CA LEU A 372 18.53 -44.49 -54.24
C LEU A 372 19.65 -43.49 -54.40
N LEU A 373 20.39 -43.54 -55.50
CA LEU A 373 21.49 -42.63 -55.74
C LEU A 373 21.15 -41.65 -56.84
N ARG A 374 19.93 -41.14 -56.82
CA ARG A 374 19.47 -40.15 -57.79
C ARG A 374 19.05 -38.93 -57.01
N ASN A 375 19.99 -38.02 -56.83
CA ASN A 375 19.75 -36.76 -56.14
C ASN A 375 20.97 -35.90 -56.40
N GLY A 376 20.94 -34.68 -55.89
CA GLY A 376 22.13 -33.88 -55.94
C GLY A 376 23.19 -34.39 -54.99
N ALA A 377 24.43 -34.01 -55.23
CA ALA A 377 25.51 -34.46 -54.38
C ALA A 377 25.22 -34.17 -52.91
N ASN A 378 24.58 -33.05 -52.63
CA ASN A 378 23.95 -32.86 -51.34
C ASN A 378 22.74 -31.97 -51.56
N GLU A 379 22.20 -31.44 -50.48
CA GLU A 379 20.92 -30.76 -50.60
C GLU A 379 21.02 -29.41 -51.27
N GLY A 380 22.16 -28.75 -51.19
CA GLY A 380 22.31 -27.45 -51.80
C GLY A 380 22.70 -27.47 -53.25
N PHE A 381 22.94 -28.62 -53.84
CA PHE A 381 23.44 -28.63 -55.20
C PHE A 381 22.36 -28.47 -56.24
N HIS A 382 21.13 -28.83 -55.94
CA HIS A 382 20.14 -28.92 -57.01
C HIS A 382 19.68 -27.56 -57.46
N GLU A 383 19.30 -26.69 -56.53
CA GLU A 383 18.87 -25.37 -56.93
C GLU A 383 20.01 -24.53 -57.45
N ALA A 384 21.23 -24.85 -57.08
CA ALA A 384 22.38 -24.07 -57.48
C ALA A 384 22.76 -24.26 -58.94
N VAL A 385 22.14 -25.16 -59.67
CA VAL A 385 22.41 -25.22 -61.11
C VAL A 385 21.29 -24.52 -61.85
N GLY A 386 20.07 -24.64 -61.35
CA GLY A 386 19.02 -23.80 -61.86
C GLY A 386 19.39 -22.34 -61.78
N GLU A 387 19.99 -21.94 -60.67
CA GLU A 387 20.32 -20.54 -60.49
C GLU A 387 21.33 -20.07 -61.53
N ILE A 388 22.37 -20.86 -61.80
CA ILE A 388 23.36 -20.34 -62.74
C ILE A 388 22.84 -20.36 -64.15
N MET A 389 22.00 -21.33 -64.50
CA MET A 389 21.40 -21.29 -65.82
C MET A 389 20.51 -20.07 -65.97
N SER A 390 19.74 -19.74 -64.93
CA SER A 390 18.91 -18.55 -64.99
C SER A 390 19.72 -17.27 -64.96
N LEU A 391 20.90 -17.29 -64.36
CA LEU A 391 21.74 -16.12 -64.23
C LEU A 391 22.50 -15.79 -65.50
N SER A 392 22.90 -16.80 -66.25
CA SER A 392 23.60 -16.52 -67.50
C SER A 392 22.68 -16.12 -68.63
N ALA A 393 21.38 -16.32 -68.48
CA ALA A 393 20.46 -16.05 -69.57
C ALA A 393 19.84 -14.69 -69.50
N ALA A 394 20.07 -13.94 -68.43
CA ALA A 394 19.49 -12.62 -68.27
C ALA A 394 20.47 -11.51 -68.57
N THR A 395 21.50 -11.80 -69.30
CA THR A 395 22.48 -10.76 -69.52
C THR A 395 22.34 -10.18 -70.90
N PRO A 396 22.40 -8.87 -71.03
CA PRO A 396 22.17 -8.23 -72.33
C PRO A 396 22.96 -8.84 -73.46
N LYS A 397 24.13 -9.39 -73.20
CA LYS A 397 24.89 -9.99 -74.28
C LYS A 397 24.20 -11.22 -74.85
N HIS A 398 23.26 -11.80 -74.10
CA HIS A 398 22.52 -12.95 -74.58
C HIS A 398 21.19 -12.53 -75.21
N LEU A 399 20.43 -11.71 -74.49
CA LEU A 399 19.17 -11.21 -75.02
C LEU A 399 19.40 -10.55 -76.36
N LYS A 400 20.48 -9.79 -76.49
CA LYS A 400 20.79 -9.17 -77.76
C LYS A 400 20.93 -10.19 -78.87
N SER A 401 21.36 -11.40 -78.54
CA SER A 401 21.57 -12.41 -79.57
C SER A 401 20.33 -13.21 -79.90
N ILE A 402 19.46 -13.48 -78.91
CA ILE A 402 18.31 -14.32 -79.22
C ILE A 402 17.21 -13.57 -79.94
N GLY A 403 17.38 -12.28 -80.19
CA GLY A 403 16.40 -11.54 -80.95
C GLY A 403 15.83 -10.32 -80.25
N LEU A 404 15.56 -10.42 -78.96
CA LEU A 404 15.09 -9.26 -78.23
C LEU A 404 16.20 -8.25 -78.09
N LEU A 405 15.87 -7.08 -77.54
CA LEU A 405 16.87 -6.07 -77.20
C LEU A 405 17.67 -5.65 -78.43
N SER A 406 16.99 -4.93 -79.32
CA SER A 406 17.53 -4.50 -80.61
C SER A 406 18.99 -4.05 -80.51
N PRO A 407 19.81 -4.37 -81.51
CA PRO A 407 21.27 -4.32 -81.31
C PRO A 407 21.80 -2.98 -80.86
N ASP A 408 21.20 -1.90 -81.32
CA ASP A 408 21.71 -0.57 -80.99
C ASP A 408 21.34 -0.19 -79.55
N PHE A 409 21.77 -1.00 -78.60
CA PHE A 409 21.43 -0.78 -77.19
C PHE A 409 22.73 -0.79 -76.42
N GLN A 410 23.16 0.38 -75.98
CA GLN A 410 24.39 0.52 -75.21
C GLN A 410 24.06 0.51 -73.73
N GLU A 411 24.65 -0.45 -73.03
CA GLU A 411 24.46 -0.60 -71.60
C GLU A 411 25.37 0.37 -70.86
N ASP A 412 24.77 1.36 -70.21
CA ASP A 412 25.53 2.36 -69.51
C ASP A 412 26.08 1.78 -68.22
N ASN A 413 27.15 2.38 -67.76
CA ASN A 413 27.67 1.89 -66.49
C ASN A 413 26.84 2.30 -65.36
N GLU A 414 25.66 2.86 -65.59
CA GLU A 414 24.74 3.16 -64.51
C GLU A 414 23.64 2.12 -64.39
N THR A 415 23.13 1.63 -65.51
CA THR A 415 22.23 0.50 -65.42
C THR A 415 22.93 -0.72 -64.86
N GLU A 416 24.24 -0.85 -65.06
CA GLU A 416 24.98 -1.93 -64.44
C GLU A 416 24.91 -1.85 -62.92
N ILE A 417 25.11 -0.66 -62.37
CA ILE A 417 24.98 -0.50 -60.93
C ILE A 417 23.56 -0.74 -60.48
N ASN A 418 22.58 -0.28 -61.25
CA ASN A 418 21.20 -0.56 -60.92
C ASN A 418 20.96 -2.05 -60.79
N PHE A 419 21.45 -2.80 -61.76
CA PHE A 419 21.23 -4.23 -61.78
C PHE A 419 21.96 -4.90 -60.64
N LEU A 420 23.20 -4.51 -60.37
CA LEU A 420 23.94 -5.14 -59.30
C LEU A 420 23.33 -4.83 -57.95
N LEU A 421 22.74 -3.66 -57.77
CA LEU A 421 22.11 -3.41 -56.50
C LEU A 421 20.79 -4.15 -56.37
N LYS A 422 20.07 -4.34 -57.46
CA LYS A 422 18.88 -5.16 -57.36
C LYS A 422 19.24 -6.59 -57.05
N GLN A 423 20.42 -7.03 -57.48
CA GLN A 423 20.87 -8.37 -57.16
C GLN A 423 21.31 -8.48 -55.71
N ALA A 424 22.12 -7.55 -55.25
CA ALA A 424 22.62 -7.64 -53.90
C ALA A 424 21.56 -7.46 -52.85
N LEU A 425 20.39 -7.00 -53.19
CA LEU A 425 19.39 -6.86 -52.15
C LEU A 425 18.78 -8.19 -51.79
N THR A 426 18.86 -9.19 -52.65
CA THR A 426 18.33 -10.49 -52.32
C THR A 426 19.40 -11.52 -52.03
N ILE A 427 20.57 -11.39 -52.61
CA ILE A 427 21.63 -12.34 -52.33
C ILE A 427 22.35 -12.00 -51.05
N VAL A 428 22.89 -10.80 -50.95
CA VAL A 428 23.66 -10.46 -49.78
C VAL A 428 22.76 -10.08 -48.63
N GLY A 429 21.62 -9.46 -48.90
CA GLY A 429 20.75 -9.09 -47.81
C GLY A 429 20.22 -10.25 -47.01
N THR A 430 20.32 -11.46 -47.54
CA THR A 430 19.72 -12.62 -46.91
C THR A 430 20.73 -13.59 -46.33
N LEU A 431 21.99 -13.33 -46.46
CA LEU A 431 22.96 -14.26 -45.89
C LEU A 431 23.03 -14.12 -44.37
N PRO A 432 23.04 -12.91 -43.82
CA PRO A 432 23.07 -12.83 -42.36
C PRO A 432 21.82 -13.34 -41.70
N PHE A 433 20.66 -13.17 -42.30
CA PHE A 433 19.46 -13.71 -41.70
C PHE A 433 19.51 -15.22 -41.67
N THR A 434 19.92 -15.85 -42.77
CA THR A 434 20.04 -17.29 -42.79
C THR A 434 21.02 -17.79 -41.75
N TYR A 435 22.17 -17.15 -41.67
CA TYR A 435 23.18 -17.57 -40.73
C TYR A 435 22.67 -17.43 -39.30
N MET A 436 22.07 -16.31 -38.96
CA MET A 436 21.59 -16.10 -37.60
C MET A 436 20.52 -17.10 -37.25
N LEU A 437 19.62 -17.40 -38.17
CA LEU A 437 18.54 -18.31 -37.82
C LEU A 437 19.06 -19.71 -37.58
N GLU A 438 19.89 -20.21 -38.48
CA GLU A 438 20.37 -21.57 -38.24
C GLU A 438 21.26 -21.63 -37.02
N LYS A 439 22.00 -20.58 -36.73
CA LYS A 439 22.80 -20.57 -35.52
C LYS A 439 21.93 -20.65 -34.28
N TRP A 440 20.86 -19.87 -34.23
CA TRP A 440 19.98 -19.92 -33.08
C TRP A 440 19.37 -21.30 -32.91
N ARG A 441 18.95 -21.92 -34.00
CA ARG A 441 18.32 -23.23 -33.85
C ARG A 441 19.33 -24.28 -33.45
N TRP A 442 20.54 -24.23 -33.97
CA TRP A 442 21.54 -25.17 -33.53
C TRP A 442 21.83 -25.01 -32.06
N MET A 443 21.77 -23.79 -31.55
CA MET A 443 22.04 -23.63 -30.13
C MET A 443 20.89 -24.01 -29.24
N VAL A 444 19.64 -23.91 -29.70
CA VAL A 444 18.58 -24.37 -28.82
C VAL A 444 18.39 -25.86 -28.91
N PHE A 445 18.83 -26.52 -29.98
CA PHE A 445 18.85 -27.96 -29.89
C PHE A 445 20.11 -28.45 -29.23
N LYS A 446 20.56 -27.78 -28.19
CA LYS A 446 21.68 -28.28 -27.41
C LYS A 446 21.51 -27.94 -25.94
N GLY A 447 20.41 -27.34 -25.55
CA GLY A 447 20.29 -26.82 -24.21
C GLY A 447 21.28 -25.72 -23.96
N GLU A 448 21.93 -25.24 -25.01
CA GLU A 448 22.88 -24.15 -24.84
C GLU A 448 22.17 -22.86 -24.48
N ILE A 449 20.94 -22.67 -24.96
CA ILE A 449 20.07 -21.61 -24.49
C ILE A 449 19.06 -22.25 -23.55
N PRO A 450 19.03 -21.88 -22.27
CA PRO A 450 17.93 -22.31 -21.41
C PRO A 450 16.61 -21.85 -22.01
N LYS A 451 15.55 -22.58 -21.72
CA LYS A 451 14.29 -22.26 -22.37
C LYS A 451 13.67 -20.99 -21.83
N ASP A 452 14.35 -20.24 -20.98
CA ASP A 452 13.86 -18.94 -20.54
C ASP A 452 14.70 -17.81 -21.09
N GLN A 453 15.57 -18.08 -22.04
CA GLN A 453 16.35 -17.06 -22.70
C GLN A 453 16.16 -17.08 -24.20
N TRP A 454 15.16 -17.80 -24.69
CA TRP A 454 15.01 -17.95 -26.12
C TRP A 454 14.87 -16.60 -26.81
N MET A 455 13.97 -15.76 -26.32
CA MET A 455 13.77 -14.50 -26.99
C MET A 455 14.86 -13.50 -26.67
N LYS A 456 15.43 -13.56 -25.48
CA LYS A 456 16.60 -12.74 -25.18
C LYS A 456 17.69 -12.97 -26.20
N LYS A 457 18.06 -14.23 -26.41
CA LYS A 457 19.12 -14.52 -27.34
C LYS A 457 18.72 -14.22 -28.75
N TRP A 458 17.47 -14.45 -29.12
CA TRP A 458 17.04 -14.14 -30.48
C TRP A 458 17.28 -12.68 -30.78
N TRP A 459 16.86 -11.79 -29.91
CA TRP A 459 17.02 -10.39 -30.24
C TRP A 459 18.41 -9.87 -30.00
N GLU A 460 19.18 -10.45 -29.08
CA GLU A 460 20.59 -10.10 -29.01
C GLU A 460 21.31 -10.44 -30.29
N MET A 461 21.13 -11.65 -30.78
CA MET A 461 21.77 -12.04 -32.03
C MET A 461 21.32 -11.15 -33.17
N LYS A 462 20.02 -10.87 -33.24
CA LYS A 462 19.52 -10.04 -34.31
C LYS A 462 20.22 -8.70 -34.32
N ARG A 463 20.33 -8.05 -33.16
CA ARG A 463 21.03 -6.77 -33.16
C ARG A 463 22.48 -6.93 -33.55
N GLU A 464 23.15 -7.90 -32.96
CA GLU A 464 24.59 -7.93 -33.08
C GLU A 464 25.06 -8.31 -34.46
N ILE A 465 24.44 -9.29 -35.10
CA ILE A 465 24.98 -9.81 -36.34
C ILE A 465 24.15 -9.44 -37.57
N VAL A 466 22.86 -9.19 -37.44
CA VAL A 466 22.11 -8.74 -38.59
C VAL A 466 22.05 -7.24 -38.66
N GLY A 467 21.92 -6.57 -37.53
CA GLY A 467 21.87 -5.14 -37.49
C GLY A 467 20.47 -4.62 -37.54
N VAL A 468 19.56 -5.31 -36.87
CA VAL A 468 18.14 -5.04 -36.96
C VAL A 468 17.56 -5.04 -35.56
N VAL A 469 16.80 -4.03 -35.20
CA VAL A 469 16.29 -3.88 -33.85
C VAL A 469 14.78 -3.99 -33.85
N GLU A 470 14.23 -4.52 -32.78
CA GLU A 470 12.80 -4.70 -32.71
C GLU A 470 12.14 -3.43 -32.21
N PRO A 471 10.96 -3.10 -32.72
CA PRO A 471 10.30 -1.85 -32.34
C PRO A 471 9.45 -1.93 -31.08
N VAL A 472 9.30 -3.09 -30.47
CA VAL A 472 8.50 -3.29 -29.26
C VAL A 472 9.17 -4.40 -28.47
N PRO A 473 9.36 -4.27 -27.17
CA PRO A 473 10.08 -5.32 -26.44
C PRO A 473 9.26 -6.59 -26.29
N HIS A 474 9.91 -7.73 -26.44
CA HIS A 474 9.24 -9.03 -26.48
C HIS A 474 9.75 -9.93 -25.37
N ASP A 475 8.89 -10.22 -24.41
CA ASP A 475 9.25 -11.06 -23.27
C ASP A 475 9.22 -12.53 -23.63
N GLU A 476 9.24 -13.40 -22.63
CA GLU A 476 9.38 -14.83 -22.87
C GLU A 476 8.07 -15.53 -23.19
N THR A 477 7.00 -14.82 -23.45
CA THR A 477 5.76 -15.45 -23.83
C THR A 477 5.58 -15.48 -25.33
N TYR A 478 6.50 -14.93 -26.09
CA TYR A 478 6.47 -14.93 -27.54
C TYR A 478 7.37 -16.03 -28.07
N CYS A 479 7.21 -16.32 -29.35
CA CYS A 479 8.17 -17.12 -30.11
C CYS A 479 8.23 -16.49 -31.49
N ASP A 480 9.12 -15.57 -31.66
CA ASP A 480 9.19 -14.84 -32.90
C ASP A 480 9.81 -15.67 -34.02
N PRO A 481 10.78 -16.53 -33.75
CA PRO A 481 11.24 -17.40 -34.83
C PRO A 481 10.19 -18.38 -35.29
N ALA A 482 9.33 -18.86 -34.42
CA ALA A 482 8.34 -19.85 -34.81
C ALA A 482 7.28 -19.29 -35.75
N SER A 483 7.25 -18.00 -35.98
CA SER A 483 6.33 -17.43 -36.94
C SER A 483 6.91 -17.41 -38.33
N LEU A 484 7.80 -18.33 -38.64
CA LEU A 484 8.39 -18.48 -39.96
C LEU A 484 7.99 -19.82 -40.54
N PHE A 485 7.79 -19.85 -41.84
CA PHE A 485 7.28 -21.08 -42.43
C PHE A 485 8.21 -22.23 -42.23
N HIS A 486 9.50 -21.98 -42.16
CA HIS A 486 10.45 -23.08 -42.15
C HIS A 486 10.67 -23.63 -40.78
N VAL A 487 10.54 -22.83 -39.74
CA VAL A 487 10.77 -23.37 -38.42
C VAL A 487 9.50 -23.94 -37.83
N SER A 488 8.34 -23.48 -38.26
CA SER A 488 7.12 -24.07 -37.78
C SER A 488 6.71 -25.28 -38.58
N ASN A 489 7.34 -25.55 -39.71
CA ASN A 489 7.03 -26.74 -40.48
C ASN A 489 8.21 -27.67 -40.60
N ASP A 490 9.21 -27.52 -39.74
CA ASP A 490 10.25 -28.51 -39.58
C ASP A 490 11.08 -28.69 -40.84
N TYR A 491 11.76 -27.63 -41.25
CA TYR A 491 12.61 -27.67 -42.42
C TYR A 491 13.99 -27.17 -42.08
N SER A 492 14.99 -27.84 -42.61
CA SER A 492 16.35 -27.37 -42.43
C SER A 492 16.59 -26.12 -43.26
N PHE A 493 17.34 -25.19 -42.71
CA PHE A 493 17.47 -23.88 -43.32
C PHE A 493 18.86 -23.59 -43.85
N ILE A 494 19.85 -24.44 -43.55
CA ILE A 494 21.20 -24.14 -44.00
C ILE A 494 21.36 -24.32 -45.50
N ARG A 495 20.46 -25.03 -46.15
CA ARG A 495 20.59 -25.21 -47.58
C ARG A 495 20.46 -23.92 -48.35
N TYR A 496 19.92 -22.89 -47.74
CA TYR A 496 19.84 -21.61 -48.43
C TYR A 496 21.13 -20.84 -48.32
N TYR A 497 21.95 -21.15 -47.35
CA TYR A 497 23.24 -20.51 -47.24
C TYR A 497 24.21 -21.12 -48.22
N THR A 498 24.49 -22.40 -48.07
CA THR A 498 25.48 -23.05 -48.90
C THR A 498 25.16 -22.93 -50.36
N ARG A 499 23.91 -23.09 -50.74
CA ARG A 499 23.57 -22.92 -52.15
C ARG A 499 24.06 -21.60 -52.68
N THR A 500 23.73 -20.51 -51.98
CA THR A 500 24.16 -19.19 -52.42
C THR A 500 25.64 -19.15 -52.70
N LEU A 501 26.42 -19.92 -51.96
CA LEU A 501 27.85 -19.89 -52.20
C LEU A 501 28.21 -20.72 -53.43
N TYR A 502 27.76 -21.97 -53.50
CA TYR A 502 28.08 -22.77 -54.67
C TYR A 502 27.69 -22.05 -55.93
N GLN A 503 26.53 -21.42 -55.92
CA GLN A 503 26.00 -20.77 -57.11
C GLN A 503 27.05 -19.90 -57.78
N PHE A 504 27.96 -19.33 -57.00
CA PHE A 504 28.94 -18.47 -57.62
C PHE A 504 30.22 -19.19 -57.95
N GLN A 505 30.66 -20.10 -57.08
CA GLN A 505 31.82 -20.89 -57.41
C GLN A 505 31.67 -21.54 -58.77
N PHE A 506 30.58 -22.29 -58.94
CA PHE A 506 30.28 -22.84 -60.25
C PHE A 506 30.48 -21.82 -61.34
N GLN A 507 29.79 -20.68 -61.24
CA GLN A 507 29.89 -19.75 -62.34
C GLN A 507 31.30 -19.24 -62.52
N GLU A 508 31.99 -18.96 -61.43
CA GLU A 508 33.33 -18.41 -61.62
C GLU A 508 34.26 -19.44 -62.21
N ALA A 509 33.95 -20.71 -62.02
CA ALA A 509 34.79 -21.73 -62.63
C ALA A 509 34.35 -22.05 -64.04
N LEU A 510 33.19 -21.55 -64.46
CA LEU A 510 32.67 -21.89 -65.77
C LEU A 510 33.12 -20.89 -66.83
N CYS A 511 32.78 -19.62 -66.66
CA CYS A 511 33.24 -18.68 -67.66
C CYS A 511 34.75 -18.49 -67.62
N GLN A 512 35.40 -18.83 -66.53
CA GLN A 512 36.85 -18.96 -66.60
C GLN A 512 37.28 -20.09 -67.52
N ALA A 513 36.39 -21.00 -67.87
CA ALA A 513 36.66 -22.01 -68.89
C ALA A 513 36.07 -21.67 -70.24
N ALA A 514 35.13 -20.74 -70.29
CA ALA A 514 34.65 -20.20 -71.55
C ALA A 514 35.47 -19.01 -72.01
N LYS A 515 36.58 -18.72 -71.32
CA LYS A 515 37.51 -17.65 -71.68
C LYS A 515 36.80 -16.31 -71.73
N HIS A 516 36.35 -15.88 -70.56
CA HIS A 516 35.71 -14.58 -70.42
C HIS A 516 36.77 -13.52 -70.13
N GLU A 517 36.43 -12.27 -70.43
CA GLU A 517 37.33 -11.14 -70.20
C GLU A 517 36.84 -10.19 -69.13
N GLY A 518 35.63 -9.64 -69.30
CA GLY A 518 35.17 -8.56 -68.47
C GLY A 518 34.87 -8.96 -67.04
N PRO A 519 34.05 -8.16 -66.37
CA PRO A 519 33.66 -8.51 -65.01
C PRO A 519 32.86 -9.80 -64.98
N LEU A 520 32.80 -10.41 -63.80
CA LEU A 520 32.10 -11.67 -63.67
C LEU A 520 30.62 -11.53 -64.03
N HIS A 521 30.02 -10.44 -63.64
CA HIS A 521 28.60 -10.32 -63.81
C HIS A 521 28.19 -10.14 -65.17
N LYS A 522 29.07 -10.27 -66.15
CA LYS A 522 28.66 -10.22 -67.54
C LYS A 522 28.85 -11.53 -68.27
N CYS A 523 29.52 -12.50 -67.66
CA CYS A 523 29.90 -13.70 -68.40
C CYS A 523 28.68 -14.51 -68.77
N ASP A 524 28.69 -15.01 -69.99
CA ASP A 524 27.64 -15.86 -70.55
C ASP A 524 28.29 -17.16 -70.95
N ILE A 525 27.64 -18.28 -70.63
CA ILE A 525 28.24 -19.55 -70.93
C ILE A 525 27.93 -20.01 -72.33
N SER A 526 26.98 -19.37 -73.01
CA SER A 526 26.46 -19.88 -74.27
C SER A 526 27.59 -20.12 -75.26
N ASN A 527 27.39 -21.13 -76.11
CA ASN A 527 28.26 -21.43 -77.24
C ASN A 527 29.63 -21.93 -76.84
N SER A 528 29.78 -22.51 -75.64
CA SER A 528 31.09 -22.94 -75.18
C SER A 528 30.99 -24.40 -74.75
N THR A 529 31.22 -25.30 -75.71
CA THR A 529 31.12 -26.72 -75.41
C THR A 529 32.18 -27.17 -74.43
N GLU A 530 33.35 -26.53 -74.42
CA GLU A 530 34.36 -26.93 -73.47
C GLU A 530 34.00 -26.56 -72.05
N ALA A 531 33.03 -25.68 -71.85
CA ALA A 531 32.48 -25.43 -70.54
C ALA A 531 31.23 -26.23 -70.29
N GLY A 532 30.86 -27.09 -71.21
CA GLY A 532 29.73 -27.97 -71.00
C GLY A 532 30.21 -29.25 -70.36
N GLN A 533 31.23 -29.86 -70.96
CA GLN A 533 31.78 -31.09 -70.38
C GLN A 533 32.23 -30.85 -68.96
N LYS A 534 32.97 -29.77 -68.72
CA LYS A 534 33.39 -29.47 -67.37
C LYS A 534 32.23 -29.47 -66.39
N LEU A 535 31.03 -29.07 -66.82
CA LEU A 535 29.87 -29.18 -65.96
C LEU A 535 29.22 -30.55 -66.04
N PHE A 536 29.19 -31.14 -67.22
CA PHE A 536 28.43 -32.37 -67.37
C PHE A 536 29.00 -33.49 -66.52
N ASN A 537 30.31 -33.62 -66.47
CA ASN A 537 30.86 -34.71 -65.67
C ASN A 537 30.80 -34.43 -64.19
N MET A 538 30.11 -33.38 -63.77
CA MET A 538 29.70 -33.33 -62.38
C MET A 538 28.25 -33.71 -62.22
N LEU A 539 27.43 -33.44 -63.23
CA LEU A 539 26.02 -33.76 -63.11
C LEU A 539 25.81 -35.26 -63.07
N ARG A 540 26.51 -36.01 -63.91
CA ARG A 540 26.24 -37.43 -64.01
C ARG A 540 26.91 -38.21 -62.90
N LEU A 541 26.72 -37.77 -61.68
CA LEU A 541 27.21 -38.49 -60.53
C LEU A 541 26.14 -38.73 -59.51
N GLY A 542 25.14 -37.87 -59.45
CA GLY A 542 24.12 -38.04 -58.44
C GLY A 542 24.76 -38.04 -57.08
N LYS A 543 24.31 -38.92 -56.22
CA LYS A 543 24.90 -39.08 -54.91
C LYS A 543 25.89 -40.21 -54.85
N SER A 544 26.38 -40.68 -56.00
CA SER A 544 27.27 -41.82 -55.92
C SER A 544 28.68 -41.45 -55.53
N GLU A 545 28.95 -40.18 -55.24
CA GLU A 545 30.27 -39.75 -54.81
C GLU A 545 30.15 -38.80 -53.65
N PRO A 546 31.21 -38.63 -52.87
CA PRO A 546 31.20 -37.57 -51.86
C PRO A 546 30.99 -36.24 -52.53
N TRP A 547 30.25 -35.35 -51.87
CA TRP A 547 30.01 -34.08 -52.48
C TRP A 547 31.29 -33.29 -52.62
N THR A 548 32.28 -33.58 -51.80
CA THR A 548 33.55 -32.89 -51.90
C THR A 548 34.24 -33.21 -53.22
N LEU A 549 34.26 -34.48 -53.60
CA LEU A 549 34.84 -34.84 -54.88
C LEU A 549 34.06 -34.23 -56.04
N ALA A 550 32.73 -34.20 -55.93
CA ALA A 550 31.95 -33.62 -57.00
C ALA A 550 32.27 -32.15 -57.17
N LEU A 551 32.35 -31.43 -56.07
CA LEU A 551 32.75 -30.03 -56.15
C LEU A 551 34.13 -29.89 -56.76
N GLU A 552 35.02 -30.83 -56.46
CA GLU A 552 36.34 -30.80 -57.06
C GLU A 552 36.29 -30.91 -58.56
N ASN A 553 35.39 -31.73 -59.08
CA ASN A 553 35.36 -31.99 -60.51
C ASN A 553 34.98 -30.78 -61.35
N VAL A 554 34.60 -29.65 -60.75
CA VAL A 554 34.30 -28.43 -61.48
C VAL A 554 35.13 -27.27 -60.95
N VAL A 555 35.06 -27.01 -59.66
CA VAL A 555 35.71 -25.82 -59.14
C VAL A 555 37.21 -25.98 -59.12
N GLY A 556 37.70 -27.15 -58.74
CA GLY A 556 39.10 -27.33 -58.47
C GLY A 556 39.49 -27.17 -57.02
N ALA A 557 38.52 -27.10 -56.11
CA ALA A 557 38.77 -27.04 -54.68
C ALA A 557 37.89 -28.07 -54.01
N LYS A 558 37.85 -28.02 -52.68
CA LYS A 558 37.11 -29.01 -51.91
C LYS A 558 36.25 -28.37 -50.83
N ASN A 559 35.91 -27.10 -50.97
CA ASN A 559 35.28 -26.45 -49.83
C ASN A 559 34.44 -25.29 -50.32
N MET A 560 33.63 -24.76 -49.42
CA MET A 560 32.93 -23.53 -49.66
C MET A 560 33.95 -22.40 -49.76
N ASN A 561 33.74 -21.50 -50.71
CA ASN A 561 34.59 -20.34 -50.87
C ASN A 561 33.73 -19.10 -51.00
N VAL A 562 34.18 -18.00 -50.42
CA VAL A 562 33.47 -16.73 -50.54
C VAL A 562 34.14 -15.80 -51.49
N ARG A 563 35.27 -16.15 -52.05
CA ARG A 563 35.94 -15.22 -52.96
C ARG A 563 35.19 -15.02 -54.26
N PRO A 564 34.61 -16.03 -54.89
CA PRO A 564 33.82 -15.75 -56.09
C PRO A 564 32.63 -14.87 -55.84
N LEU A 565 31.96 -15.02 -54.70
CA LEU A 565 30.85 -14.14 -54.42
C LEU A 565 31.30 -12.70 -54.30
N LEU A 566 32.45 -12.47 -53.70
CA LEU A 566 32.93 -11.10 -53.58
C LEU A 566 33.38 -10.56 -54.91
N ASN A 567 34.00 -11.39 -55.74
CA ASN A 567 34.38 -10.91 -57.06
C ASN A 567 33.18 -10.60 -57.91
N TYR A 568 32.04 -11.22 -57.66
CA TYR A 568 30.85 -10.89 -58.43
C TYR A 568 30.41 -9.47 -58.16
N PHE A 569 30.48 -9.01 -56.91
CA PHE A 569 30.00 -7.70 -56.52
C PHE A 569 31.13 -6.69 -56.37
N GLU A 570 32.12 -6.68 -57.23
CA GLU A 570 33.21 -5.74 -57.02
C GLU A 570 32.83 -4.32 -57.42
N PRO A 571 32.25 -4.11 -58.60
CA PRO A 571 31.83 -2.75 -58.94
C PRO A 571 30.92 -2.12 -57.91
N LEU A 572 29.96 -2.89 -57.41
CA LEU A 572 29.07 -2.36 -56.40
C LEU A 572 29.83 -2.02 -55.13
N PHE A 573 30.81 -2.85 -54.78
CA PHE A 573 31.55 -2.58 -53.56
C PHE A 573 32.32 -1.28 -53.66
N THR A 574 32.99 -1.04 -54.78
CA THR A 574 33.73 0.22 -54.90
C THR A 574 32.79 1.40 -54.93
N TRP A 575 31.72 1.33 -55.71
CA TRP A 575 30.79 2.43 -55.76
C TRP A 575 30.22 2.72 -54.39
N LEU A 576 29.99 1.70 -53.57
CA LEU A 576 29.47 1.95 -52.23
C LEU A 576 30.51 2.58 -51.35
N LYS A 577 31.73 2.05 -51.34
CA LYS A 577 32.78 2.66 -50.56
C LYS A 577 32.96 4.12 -50.93
N ASP A 578 32.62 4.48 -52.15
CA ASP A 578 32.60 5.89 -52.52
C ASP A 578 31.41 6.62 -51.93
N GLN A 579 30.20 6.07 -52.07
CA GLN A 579 29.02 6.78 -51.62
C GLN A 579 28.91 6.87 -50.12
N ASN A 580 29.65 6.08 -49.37
CA ASN A 580 29.55 6.04 -47.92
C ASN A 580 30.66 6.80 -47.24
N LYS A 581 31.22 7.82 -47.90
CA LYS A 581 32.34 8.52 -47.30
C LYS A 581 31.88 9.44 -46.18
N ASN A 582 30.79 10.15 -46.40
CA ASN A 582 30.24 11.05 -45.39
C ASN A 582 29.10 10.36 -44.64
N SER A 583 29.44 9.32 -43.91
CA SER A 583 28.46 8.57 -43.15
C SER A 583 29.20 7.70 -42.15
N PHE A 584 28.44 6.97 -41.35
CA PHE A 584 29.00 6.06 -40.36
C PHE A 584 28.72 4.65 -40.84
N VAL A 585 29.76 3.92 -41.18
CA VAL A 585 29.63 2.56 -41.63
C VAL A 585 29.73 1.65 -40.41
N GLY A 586 28.68 0.92 -40.13
CA GLY A 586 28.57 0.12 -38.94
C GLY A 586 27.34 0.49 -38.15
N TRP A 587 27.15 -0.20 -37.04
CA TRP A 587 25.99 0.11 -36.24
C TRP A 587 26.32 -0.11 -34.78
N SER A 588 25.48 0.44 -33.93
CA SER A 588 25.62 0.32 -32.49
C SER A 588 24.40 -0.38 -31.94
N THR A 589 24.62 -1.33 -31.03
CA THR A 589 23.54 -2.18 -30.56
C THR A 589 22.93 -1.68 -29.27
N ASP A 590 22.83 -0.37 -29.09
CA ASP A 590 22.19 0.17 -27.90
C ASP A 590 20.99 1.04 -28.20
N TRP A 591 20.99 1.77 -29.31
CA TRP A 591 19.83 2.56 -29.68
C TRP A 591 18.66 1.64 -29.95
N SER A 592 17.46 2.09 -29.61
CA SER A 592 16.24 1.35 -29.91
C SER A 592 15.14 2.37 -30.12
N PRO A 593 14.10 2.02 -30.87
CA PRO A 593 13.12 3.03 -31.25
C PRO A 593 12.32 3.55 -30.09
N TYR A 594 12.30 2.85 -28.96
CA TYR A 594 11.46 3.23 -27.84
C TYR A 594 12.25 3.67 -26.64
N ALA A 595 13.54 3.91 -26.81
CA ALA A 595 14.40 4.15 -25.67
C ALA A 595 14.38 5.59 -25.20
N ASP A 596 13.73 6.49 -25.93
CA ASP A 596 13.71 7.88 -25.52
C ASP A 596 12.44 8.26 -24.78
N GLN A 597 11.46 7.38 -24.73
CA GLN A 597 10.28 7.61 -23.91
C GLN A 597 10.18 6.62 -22.78
N SER A 598 11.22 5.87 -22.51
CA SER A 598 11.20 4.94 -21.42
C SER A 598 11.59 5.65 -20.14
N ILE A 599 11.08 5.14 -19.04
CA ILE A 599 11.50 5.59 -17.72
C ILE A 599 12.17 4.42 -17.04
N LYS A 600 13.21 4.73 -16.27
CA LYS A 600 13.98 3.71 -15.58
C LYS A 600 13.61 3.61 -14.11
N VAL A 601 13.34 2.39 -13.67
CA VAL A 601 12.99 2.14 -12.29
C VAL A 601 14.09 1.32 -11.66
N ARG A 602 14.36 1.58 -10.40
CA ARG A 602 15.37 0.87 -9.64
C ARG A 602 14.84 0.62 -8.25
N ILE A 603 14.78 -0.62 -7.80
CA ILE A 603 14.11 -0.99 -6.58
C ILE A 603 15.09 -1.66 -5.63
N SER A 604 15.05 -1.31 -4.35
CA SER A 604 16.00 -1.81 -3.37
C SER A 604 15.27 -2.37 -2.18
N LEU A 605 15.06 -3.68 -2.15
CA LEU A 605 14.21 -4.24 -1.12
C LEU A 605 14.92 -4.42 0.21
N LYS A 606 16.18 -4.87 0.19
CA LYS A 606 16.86 -5.13 1.45
C LYS A 606 17.13 -3.88 2.22
N SER A 607 17.23 -2.73 1.55
CA SER A 607 17.45 -1.49 2.28
C SER A 607 16.24 -1.14 3.12
N ALA A 608 15.09 -0.99 2.48
CA ALA A 608 13.90 -0.54 3.16
C ALA A 608 13.37 -1.56 4.15
N LEU A 609 12.95 -2.73 3.66
CA LEU A 609 12.37 -3.70 4.57
C LEU A 609 13.42 -4.40 5.41
N GLY A 610 14.60 -4.60 4.86
CA GLY A 610 15.71 -5.14 5.63
C GLY A 610 15.53 -6.61 5.84
N ASP A 611 14.62 -6.93 6.72
CA ASP A 611 14.11 -8.27 6.83
C ASP A 611 12.67 -8.25 6.37
N LYS A 612 12.02 -9.40 6.42
CA LYS A 612 10.65 -9.48 5.95
C LYS A 612 10.55 -9.09 4.48
N ALA A 613 11.68 -8.89 3.83
CA ALA A 613 11.67 -8.48 2.45
C ALA A 613 11.16 -9.61 1.59
N TYR A 614 10.00 -9.41 0.99
CA TYR A 614 9.46 -10.42 0.10
C TYR A 614 10.41 -10.62 -1.08
N GLU A 615 10.14 -11.64 -1.85
CA GLU A 615 10.94 -11.93 -3.03
C GLU A 615 10.25 -11.39 -4.26
N TRP A 616 11.03 -10.85 -5.18
CA TRP A 616 10.48 -10.19 -6.36
C TRP A 616 10.38 -11.19 -7.50
N ASN A 617 9.26 -11.90 -7.56
CA ASN A 617 8.95 -12.81 -8.64
C ASN A 617 8.16 -12.07 -9.71
N ASP A 618 7.50 -12.80 -10.59
CA ASP A 618 6.76 -12.21 -11.69
C ASP A 618 5.41 -11.63 -11.27
N ASN A 619 4.81 -12.14 -10.19
CA ASN A 619 3.58 -11.52 -9.76
C ASN A 619 3.79 -10.12 -9.26
N GLU A 620 4.97 -9.79 -8.75
CA GLU A 620 5.24 -8.41 -8.42
C GLU A 620 5.32 -7.55 -9.66
N MET A 621 5.87 -8.06 -10.74
CA MET A 621 5.83 -7.28 -11.96
C MET A 621 4.41 -7.04 -12.41
N TYR A 622 3.54 -8.03 -12.23
CA TYR A 622 2.14 -7.81 -12.55
C TYR A 622 1.56 -6.68 -11.71
N LEU A 623 1.79 -6.72 -10.42
CA LEU A 623 1.24 -5.67 -9.56
C LEU A 623 1.80 -4.31 -9.91
N PHE A 624 3.07 -4.24 -10.27
CA PHE A 624 3.64 -2.95 -10.64
C PHE A 624 3.00 -2.42 -11.91
N ARG A 625 2.82 -3.26 -12.91
CA ARG A 625 2.21 -2.77 -14.12
C ARG A 625 0.78 -2.29 -13.87
N SER A 626 0.06 -2.97 -12.98
CA SER A 626 -1.28 -2.53 -12.65
C SER A 626 -1.29 -1.19 -11.92
N SER A 627 -0.33 -0.96 -11.04
CA SER A 627 -0.27 0.32 -10.37
C SER A 627 0.02 1.45 -11.34
N VAL A 628 0.91 1.23 -12.30
CA VAL A 628 1.17 2.29 -13.26
C VAL A 628 -0.05 2.53 -14.13
N ALA A 629 -0.76 1.48 -14.51
CA ALA A 629 -1.98 1.70 -15.27
C ALA A 629 -2.99 2.50 -14.48
N TYR A 630 -3.09 2.27 -13.18
CA TYR A 630 -3.99 3.06 -12.36
C TYR A 630 -3.58 4.52 -12.30
N ALA A 631 -2.30 4.79 -12.12
CA ALA A 631 -1.84 6.16 -12.09
C ALA A 631 -2.15 6.89 -13.39
N MET A 632 -1.94 6.24 -14.52
CA MET A 632 -2.28 6.88 -15.78
C MET A 632 -3.77 7.13 -15.90
N ARG A 633 -4.59 6.17 -15.48
CA ARG A 633 -6.02 6.37 -15.54
C ARG A 633 -6.45 7.56 -14.71
N GLN A 634 -5.78 7.78 -13.59
CA GLN A 634 -6.11 8.89 -12.70
C GLN A 634 -5.74 10.23 -13.31
N TYR A 635 -4.57 10.29 -13.94
CA TYR A 635 -4.12 11.53 -14.55
C TYR A 635 -4.97 11.91 -15.75
N PHE A 636 -5.33 10.97 -16.59
CA PHE A 636 -6.22 11.36 -17.69
C PHE A 636 -7.65 11.42 -17.25
N LEU A 637 -7.93 11.87 -16.04
CA LEU A 637 -9.30 12.06 -15.62
C LEU A 637 -9.38 13.28 -14.73
N LYS A 638 -8.29 13.58 -14.08
CA LYS A 638 -8.25 14.72 -13.19
C LYS A 638 -7.43 15.86 -13.77
N VAL A 639 -6.96 15.73 -14.98
CA VAL A 639 -6.30 16.85 -15.64
C VAL A 639 -6.93 17.06 -17.00
N LYS A 640 -6.96 16.03 -17.82
CA LYS A 640 -7.41 16.17 -19.18
C LYS A 640 -8.85 15.74 -19.40
N ASN A 641 -9.49 15.16 -18.39
CA ASN A 641 -10.91 14.86 -18.44
C ASN A 641 -11.29 13.92 -19.57
N GLN A 642 -10.35 13.08 -19.98
CA GLN A 642 -10.71 11.96 -20.82
C GLN A 642 -11.14 10.81 -19.94
N MET A 643 -11.42 9.68 -20.56
CA MET A 643 -11.67 8.44 -19.85
C MET A 643 -11.07 7.32 -20.68
N ILE A 644 -9.84 6.95 -20.37
CA ILE A 644 -9.07 6.01 -21.16
C ILE A 644 -8.81 4.79 -20.32
N LEU A 645 -8.99 3.62 -20.91
CA LEU A 645 -8.92 2.38 -20.16
C LEU A 645 -7.57 1.70 -20.33
N PHE A 646 -6.57 2.27 -19.69
CA PHE A 646 -5.27 1.62 -19.68
C PHE A 646 -5.37 0.30 -18.94
N GLY A 647 -4.67 -0.70 -19.45
CA GLY A 647 -4.58 -1.97 -18.78
C GLY A 647 -3.13 -2.31 -18.50
N GLU A 648 -2.92 -3.39 -17.78
CA GLU A 648 -1.55 -3.75 -17.49
C GLU A 648 -0.81 -4.27 -18.71
N GLU A 649 -1.50 -4.52 -19.80
CA GLU A 649 -0.82 -4.92 -21.02
C GLU A 649 -0.44 -3.74 -21.90
N ASP A 650 -0.76 -2.53 -21.46
CA ASP A 650 -0.29 -1.32 -22.12
C ASP A 650 0.96 -0.77 -21.51
N VAL A 651 1.52 -1.41 -20.50
CA VAL A 651 2.73 -0.96 -19.85
C VAL A 651 3.82 -1.95 -20.24
N ARG A 652 4.66 -1.55 -21.17
CA ARG A 652 5.71 -2.41 -21.69
C ARG A 652 6.97 -2.27 -20.86
N VAL A 653 7.65 -3.39 -20.64
CA VAL A 653 8.77 -3.47 -19.72
C VAL A 653 9.95 -4.10 -20.42
N ALA A 654 11.15 -3.57 -20.19
CA ALA A 654 12.34 -4.02 -20.87
C ALA A 654 13.54 -4.04 -19.92
N ASN A 655 14.45 -4.99 -20.13
CA ASN A 655 15.75 -5.03 -19.49
C ASN A 655 15.69 -5.36 -18.01
N LEU A 656 14.85 -6.32 -17.65
CA LEU A 656 14.81 -6.73 -16.25
C LEU A 656 16.18 -7.20 -15.79
N LYS A 657 16.50 -6.88 -14.54
CA LYS A 657 17.76 -7.24 -13.94
C LYS A 657 17.56 -7.62 -12.48
N PRO A 658 18.57 -8.27 -11.94
CA PRO A 658 18.58 -8.73 -10.54
C PRO A 658 18.56 -7.60 -9.54
N ARG A 659 19.30 -6.54 -9.81
CA ARG A 659 19.31 -5.39 -8.92
C ARG A 659 17.88 -4.92 -8.71
N ILE A 660 16.98 -5.39 -9.57
CA ILE A 660 15.58 -5.09 -9.52
C ILE A 660 15.35 -3.74 -10.19
N SER A 661 15.81 -3.64 -11.42
CA SER A 661 15.66 -2.43 -12.19
C SER A 661 15.11 -2.80 -13.56
N PHE A 662 14.64 -1.82 -14.29
CA PHE A 662 14.10 -2.06 -15.63
C PHE A 662 13.68 -0.74 -16.23
N ASN A 663 13.21 -0.79 -17.46
CA ASN A 663 12.62 0.36 -18.12
C ASN A 663 11.19 0.05 -18.49
N PHE A 664 10.36 1.08 -18.54
CA PHE A 664 9.00 0.84 -18.98
C PHE A 664 8.53 2.02 -19.80
N PHE A 665 7.51 1.79 -20.60
CA PHE A 665 6.83 2.87 -21.28
C PHE A 665 5.39 2.46 -21.50
N VAL A 666 4.56 3.44 -21.85
CA VAL A 666 3.12 3.25 -21.87
C VAL A 666 2.59 3.58 -23.25
N THR A 667 1.62 2.81 -23.71
CA THR A 667 0.98 3.06 -25.00
C THR A 667 -0.52 3.19 -24.82
N ALA A 668 -1.15 3.90 -25.74
CA ALA A 668 -2.59 4.01 -25.75
C ALA A 668 -3.23 2.63 -25.79
N PRO A 669 -4.46 2.50 -25.36
CA PRO A 669 -5.04 1.17 -25.12
C PRO A 669 -4.97 0.16 -26.24
N LYS A 670 -5.57 0.39 -27.40
CA LYS A 670 -5.39 -0.56 -28.50
C LYS A 670 -4.81 0.19 -29.68
N ASN A 671 -3.54 0.51 -29.57
CA ASN A 671 -2.81 1.13 -30.64
C ASN A 671 -1.35 1.00 -30.31
N VAL A 672 -0.65 0.04 -30.90
CA VAL A 672 0.68 -0.24 -30.44
C VAL A 672 1.63 0.86 -30.82
N SER A 673 1.27 1.69 -31.79
CA SER A 673 2.13 2.72 -32.31
C SER A 673 1.82 4.08 -31.73
N ASP A 674 1.29 4.14 -30.51
CA ASP A 674 0.86 5.38 -29.88
C ASP A 674 1.48 5.45 -28.50
N ILE A 675 2.67 6.00 -28.41
CA ILE A 675 3.41 6.04 -27.15
C ILE A 675 3.08 7.34 -26.45
N ILE A 676 2.63 7.24 -25.20
CA ILE A 676 2.41 8.45 -24.42
C ILE A 676 3.75 9.14 -24.22
N PRO A 677 3.87 10.44 -24.44
CA PRO A 677 5.17 11.10 -24.28
C PRO A 677 5.64 11.00 -22.85
N ARG A 678 6.95 11.05 -22.68
CA ARG A 678 7.52 10.77 -21.37
C ARG A 678 7.19 11.86 -20.38
N THR A 679 7.02 13.08 -20.83
CA THR A 679 6.74 14.18 -19.93
C THR A 679 5.32 14.15 -19.39
N GLU A 680 4.48 13.24 -19.85
CA GLU A 680 3.19 13.04 -19.22
C GLU A 680 3.19 11.89 -18.24
N VAL A 681 3.88 10.81 -18.58
CA VAL A 681 4.05 9.73 -17.63
C VAL A 681 4.74 10.26 -16.38
N GLU A 682 5.70 11.15 -16.54
CA GLU A 682 6.34 11.72 -15.36
C GLU A 682 5.36 12.48 -14.50
N LYS A 683 4.42 13.20 -15.07
CA LYS A 683 3.47 13.91 -14.24
C LYS A 683 2.46 13.00 -13.59
N ALA A 684 1.97 11.99 -14.31
CA ALA A 684 1.06 11.05 -13.70
C ALA A 684 1.69 10.34 -12.51
N ILE A 685 2.96 10.01 -12.64
CA ILE A 685 3.65 9.36 -11.53
C ILE A 685 3.87 10.33 -10.40
N ARG A 686 4.26 11.56 -10.70
CA ARG A 686 4.38 12.54 -9.64
C ARG A 686 3.09 12.65 -8.86
N MET A 687 1.97 12.46 -9.52
CA MET A 687 0.70 12.62 -8.85
C MET A 687 0.34 11.42 -7.99
N SER A 688 0.58 10.19 -8.45
CA SER A 688 0.15 9.02 -7.68
C SER A 688 1.31 8.30 -6.98
N ARG A 689 2.45 8.95 -6.81
CA ARG A 689 3.61 8.28 -6.26
C ARG A 689 3.35 7.73 -4.88
N SER A 690 2.58 8.42 -4.06
CA SER A 690 2.45 7.99 -2.69
C SER A 690 1.63 6.73 -2.56
N ARG A 691 0.74 6.44 -3.50
CA ARG A 691 0.03 5.17 -3.48
C ARG A 691 0.85 4.07 -4.11
N ILE A 692 1.59 4.39 -5.16
CA ILE A 692 2.47 3.36 -5.71
C ILE A 692 3.48 2.92 -4.69
N ASN A 693 3.98 3.84 -3.87
CA ASN A 693 4.88 3.44 -2.81
C ASN A 693 4.20 2.51 -1.83
N ASP A 694 2.99 2.81 -1.44
CA ASP A 694 2.32 2.06 -0.39
C ASP A 694 2.00 0.65 -0.84
N ALA A 695 1.64 0.46 -2.10
CA ALA A 695 1.35 -0.87 -2.55
C ALA A 695 2.50 -1.84 -2.35
N PHE A 696 3.73 -1.33 -2.23
CA PHE A 696 4.90 -2.18 -2.13
C PHE A 696 5.64 -2.06 -0.82
N ARG A 697 5.28 -1.10 0.01
CA ARG A 697 5.94 -0.80 1.28
C ARG A 697 7.29 -0.16 1.11
N LEU A 698 7.54 0.43 -0.04
CA LEU A 698 8.76 1.17 -0.28
C LEU A 698 8.56 2.63 0.11
N ASN A 699 9.66 3.36 0.21
CA ASN A 699 9.59 4.65 0.88
C ASN A 699 10.40 5.69 0.15
N ASP A 700 10.30 5.74 -1.16
CA ASP A 700 10.67 6.88 -1.97
C ASP A 700 12.18 7.04 -2.09
N ASN A 701 12.97 6.26 -1.37
CA ASN A 701 14.39 6.14 -1.58
C ASN A 701 14.78 4.73 -1.94
N SER A 702 13.86 3.79 -1.83
CA SER A 702 14.07 2.46 -2.32
C SER A 702 13.23 2.19 -3.55
N LEU A 703 12.52 3.18 -4.07
CA LEU A 703 11.75 3.06 -5.29
C LEU A 703 12.03 4.26 -6.18
N GLU A 704 13.28 4.49 -6.49
CA GLU A 704 13.61 5.67 -7.29
C GLU A 704 13.15 5.51 -8.73
N PHE A 705 12.80 6.64 -9.34
CA PHE A 705 12.28 6.68 -10.69
C PHE A 705 13.20 7.40 -11.65
N LEU A 706 14.40 7.77 -11.24
CA LEU A 706 15.47 8.15 -12.15
C LEU A 706 15.04 9.23 -13.13
N GLY A 707 14.85 10.41 -12.58
CA GLY A 707 14.57 11.58 -13.39
C GLY A 707 13.35 12.26 -12.84
N ILE A 708 12.81 11.68 -11.79
CA ILE A 708 11.65 12.21 -11.10
C ILE A 708 12.09 12.33 -9.65
N GLN A 709 12.46 13.53 -9.25
CA GLN A 709 12.92 13.46 -7.87
C GLN A 709 11.93 14.13 -6.94
N PRO A 710 11.82 13.65 -5.71
CA PRO A 710 10.79 14.16 -4.81
C PRO A 710 11.15 15.53 -4.24
N THR A 711 10.12 16.30 -3.92
CA THR A 711 10.32 17.52 -3.16
C THR A 711 9.26 17.82 -2.11
N LEU A 712 8.13 17.12 -2.10
CA LEU A 712 6.97 17.61 -1.36
C LEU A 712 7.24 17.71 0.14
N GLY A 713 6.99 18.90 0.70
CA GLY A 713 7.12 19.16 2.11
C GLY A 713 7.67 20.54 2.44
N PRO A 714 6.93 21.30 3.25
CA PRO A 714 7.37 22.64 3.64
C PRO A 714 8.07 22.62 4.98
N PRO A 715 9.17 23.36 5.13
CA PRO A 715 9.85 23.43 6.43
C PRO A 715 9.42 24.59 7.32
N ASN A 716 8.12 24.85 7.50
CA ASN A 716 7.69 25.99 8.30
C ASN A 716 7.26 25.53 9.69
N GLN A 717 8.23 25.16 10.49
CA GLN A 717 7.97 24.75 11.87
C GLN A 717 7.66 25.93 12.81
N PRO A 718 8.57 26.89 12.98
CA PRO A 718 8.53 27.72 14.18
C PRO A 718 7.48 28.82 14.07
N PRO A 719 6.52 28.84 14.98
CA PRO A 719 5.59 29.98 15.05
C PRO A 719 6.10 31.11 15.95
N VAL A 720 6.95 30.79 16.93
CA VAL A 720 7.19 31.71 18.03
C VAL A 720 8.67 31.96 18.30
N SER A 721 9.55 31.16 17.69
CA SER A 721 10.99 31.21 17.98
C SER A 721 11.24 30.95 19.47
N ILE A 722 10.95 29.71 19.85
CA ILE A 722 10.75 29.33 21.25
C ILE A 722 11.88 29.78 22.17
N TRP A 723 13.07 30.00 21.63
CA TRP A 723 14.18 30.42 22.49
C TRP A 723 13.92 31.80 23.10
N LEU A 724 13.07 32.59 22.46
CA LEU A 724 12.76 33.92 22.98
C LEU A 724 12.05 33.84 24.32
N ILE A 725 11.04 32.98 24.45
CA ILE A 725 10.31 32.93 25.70
C ILE A 725 11.13 32.23 26.79
N VAL A 726 12.03 31.33 26.41
CA VAL A 726 12.92 30.75 27.40
C VAL A 726 13.90 31.81 27.91
N PHE A 727 14.41 32.65 27.01
CA PHE A 727 15.23 33.76 27.45
C PHE A 727 14.43 34.73 28.31
N GLY A 728 13.14 34.89 28.01
CA GLY A 728 12.30 35.76 28.81
C GLY A 728 12.13 35.26 30.23
N VAL A 729 11.86 33.95 30.37
CA VAL A 729 11.65 33.41 31.72
C VAL A 729 12.96 33.42 32.51
N VAL A 730 14.08 33.13 31.86
CA VAL A 730 15.34 33.16 32.58
C VAL A 730 15.70 34.60 32.96
N MET A 731 15.38 35.56 32.10
CA MET A 731 15.64 36.95 32.45
C MET A 731 14.77 37.39 33.62
N GLY A 732 13.50 36.96 33.62
CA GLY A 732 12.63 37.29 34.74
C GLY A 732 13.13 36.74 36.04
N VAL A 733 13.51 35.46 36.05
CA VAL A 733 13.98 34.87 37.30
C VAL A 733 15.29 35.52 37.74
N ILE A 734 16.17 35.86 36.80
CA ILE A 734 17.45 36.44 37.20
C ILE A 734 17.27 37.86 37.71
N VAL A 735 16.35 38.64 37.14
CA VAL A 735 16.15 39.99 37.64
C VAL A 735 15.47 39.95 39.00
N VAL A 736 14.52 39.03 39.19
CA VAL A 736 13.85 38.96 40.49
C VAL A 736 14.84 38.51 41.56
N GLY A 737 15.76 37.60 41.22
CA GLY A 737 16.81 37.25 42.15
C GLY A 737 17.69 38.44 42.48
N ILE A 738 18.05 39.23 41.46
CA ILE A 738 18.90 40.39 41.70
C ILE A 738 18.25 41.35 42.69
N VAL A 739 16.98 41.71 42.47
CA VAL A 739 16.37 42.69 43.37
C VAL A 739 16.13 42.10 44.75
N ILE A 740 15.73 40.83 44.84
CA ILE A 740 15.50 40.30 46.19
C ILE A 740 16.81 40.23 46.96
N LEU A 741 17.92 39.92 46.29
CA LEU A 741 19.18 39.81 47.02
C LEU A 741 19.82 41.16 47.29
N ILE A 742 19.54 42.20 46.50
CA ILE A 742 20.03 43.52 46.86
C ILE A 742 19.12 44.22 47.86
N PHE A 743 17.90 43.71 48.05
CA PHE A 743 17.05 44.22 49.11
C PHE A 743 17.22 43.46 50.42
N THR A 744 17.63 42.19 50.37
CA THR A 744 18.02 41.49 51.60
C THR A 744 19.09 42.27 52.36
N GLY A 745 20.05 42.83 51.63
CA GLY A 745 21.12 43.56 52.29
C GLY A 745 20.65 44.85 52.93
N ILE A 746 19.85 45.63 52.21
CA ILE A 746 19.38 46.90 52.77
C ILE A 746 18.41 46.66 53.91
N ARG A 747 17.76 45.50 53.92
CA ARG A 747 16.98 45.12 55.11
C ARG A 747 17.89 44.73 56.26
N ASP A 748 19.05 44.15 55.97
CA ASP A 748 20.00 43.75 57.00
C ASP A 748 21.07 44.83 57.20
N ARG A 749 20.63 46.02 57.57
CA ARG A 749 21.53 47.14 57.79
C ARG A 749 20.77 48.41 58.15
N VAL B 25 70.43 33.13 49.94
CA VAL B 25 69.15 33.79 50.13
C VAL B 25 69.31 35.30 50.02
N LEU B 26 68.43 35.93 49.27
CA LEU B 26 68.50 37.38 49.08
C LEU B 26 68.35 38.08 50.42
N PRO B 27 68.88 39.31 50.57
CA PRO B 27 68.88 39.93 51.89
C PRO B 27 67.48 40.20 52.44
N ASN B 28 66.66 40.95 51.72
CA ASN B 28 65.28 41.23 52.13
C ASN B 28 65.24 41.87 53.52
N PRO B 29 65.61 43.13 53.65
CA PRO B 29 65.61 43.76 54.97
C PRO B 29 64.20 44.09 55.44
N GLY B 30 64.04 44.12 56.76
CA GLY B 30 62.78 44.52 57.35
C GLY B 30 61.65 43.53 57.16
N LEU B 31 61.96 42.24 56.99
CA LEU B 31 60.91 41.25 56.80
C LEU B 31 60.03 41.13 58.03
N ASP B 32 60.58 41.35 59.21
CA ASP B 32 59.78 41.36 60.42
C ASP B 32 59.01 42.67 60.52
N ALA B 33 58.12 42.76 61.50
CA ALA B 33 57.30 43.95 61.76
C ALA B 33 56.38 44.27 60.60
N ARG B 34 56.36 43.41 59.59
CA ARG B 34 55.43 43.52 58.48
C ARG B 34 54.49 42.33 58.38
N ILE B 35 54.82 41.21 59.00
CA ILE B 35 53.98 40.01 59.00
C ILE B 35 53.80 39.58 60.44
N PRO B 36 52.71 38.86 60.75
CA PRO B 36 52.50 38.38 62.12
C PRO B 36 53.68 37.56 62.62
N SER B 37 53.85 37.54 63.94
CA SER B 37 55.08 37.10 64.59
C SER B 37 55.18 35.58 64.83
N LEU B 38 54.28 34.74 64.32
CA LEU B 38 54.39 33.28 64.40
C LEU B 38 54.12 32.77 65.80
N ALA B 39 54.08 33.66 66.79
CA ALA B 39 53.83 33.27 68.16
C ALA B 39 52.59 33.94 68.72
N GLU B 40 51.95 34.80 67.94
CA GLU B 40 50.76 35.50 68.36
C GLU B 40 49.67 35.46 67.29
N LEU B 41 49.83 34.62 66.26
CA LEU B 41 48.85 34.58 65.19
C LEU B 41 47.51 34.02 65.67
N GLU B 42 47.55 33.00 66.55
CA GLU B 42 46.31 32.46 67.07
C GLU B 42 45.58 33.47 67.94
N THR B 43 46.27 34.51 68.40
CA THR B 43 45.59 35.64 69.03
C THR B 43 45.01 36.59 67.98
N ILE B 44 45.71 36.75 66.85
CA ILE B 44 45.16 37.54 65.75
C ILE B 44 43.89 36.92 65.18
N GLU B 45 43.74 35.60 65.28
CA GLU B 45 42.56 34.93 64.74
C GLU B 45 41.26 35.51 65.28
N GLN B 46 41.24 35.96 66.53
CA GLN B 46 40.02 36.53 67.09
C GLN B 46 39.58 37.80 66.37
N GLU B 47 40.52 38.60 65.89
CA GLU B 47 40.16 39.81 65.16
C GLU B 47 39.55 39.51 63.80
N GLU B 48 39.64 38.27 63.34
CA GLU B 48 39.09 37.85 62.06
C GLU B 48 37.62 37.46 62.12
N ALA B 49 36.92 37.79 63.20
CA ALA B 49 35.51 37.42 63.31
C ALA B 49 34.57 38.41 62.65
N SER B 50 35.02 39.65 62.41
CA SER B 50 34.18 40.68 61.86
C SER B 50 34.72 41.34 60.61
N SER B 51 36.03 41.52 60.49
CA SER B 51 36.62 42.21 59.36
C SER B 51 36.78 41.33 58.14
N ARG B 52 36.69 40.02 58.29
CA ARG B 52 36.82 39.09 57.18
C ARG B 52 35.75 38.03 57.30
N PRO B 53 35.22 37.54 56.18
CA PRO B 53 34.27 36.43 56.23
C PRO B 53 34.99 35.14 56.57
N LYS B 54 34.19 34.11 56.83
CA LYS B 54 34.75 32.80 57.16
C LYS B 54 33.85 31.71 56.61
N TRP B 55 34.44 30.57 56.28
CA TRP B 55 33.68 29.45 55.79
C TRP B 55 32.81 28.86 56.89
N ASP B 56 31.64 28.37 56.50
CA ASP B 56 30.76 27.69 57.44
C ASP B 56 31.18 26.26 57.71
N ASN B 57 31.45 25.48 56.68
CA ASN B 57 31.88 24.10 56.84
C ASN B 57 33.20 23.94 56.11
N LYS B 58 33.90 22.85 56.40
CA LYS B 58 35.08 22.56 55.61
C LYS B 58 34.68 22.13 54.20
N ALA B 59 33.52 21.49 54.08
CA ALA B 59 33.08 21.00 52.79
C ALA B 59 32.90 22.14 51.80
N GLN B 60 32.41 23.29 52.28
CA GLN B 60 32.28 24.44 51.40
C GLN B 60 33.62 24.85 50.84
N TYR B 61 34.65 24.81 51.68
CA TYR B 61 35.99 25.20 51.24
C TYR B 61 36.53 24.23 50.19
N MET B 62 36.47 22.93 50.48
CA MET B 62 37.00 21.97 49.51
C MET B 62 36.21 22.01 48.21
N LEU B 63 34.89 22.20 48.30
CA LEU B 63 34.09 22.25 47.09
C LEU B 63 34.36 23.50 46.27
N THR B 64 34.54 24.65 46.92
CA THR B 64 34.79 25.86 46.15
C THR B 64 36.16 25.80 45.49
N CYS B 65 37.19 25.33 46.19
CA CYS B 65 38.46 25.16 45.53
C CYS B 65 38.46 23.99 44.55
N LEU B 66 37.43 23.14 44.59
CA LEU B 66 37.32 22.07 43.61
C LEU B 66 36.48 22.49 42.41
N GLY B 67 35.59 23.44 42.60
CA GLY B 67 34.77 23.94 41.50
C GLY B 67 35.47 25.04 40.74
N PHE B 68 36.58 25.53 41.28
CA PHE B 68 37.35 26.59 40.67
C PHE B 68 38.46 26.06 39.78
N CYS B 69 39.11 24.96 40.17
CA CYS B 69 40.11 24.33 39.32
C CYS B 69 39.55 23.14 38.54
N VAL B 70 38.49 23.36 37.76
CA VAL B 70 37.94 22.31 36.89
C VAL B 70 36.96 22.95 35.91
N GLY B 71 36.83 22.34 34.74
CA GLY B 71 35.78 22.70 33.82
C GLY B 71 36.20 23.69 32.76
N LEU B 72 35.78 23.45 31.51
CA LEU B 72 35.99 24.36 30.38
C LEU B 72 37.47 24.69 30.24
N GLY B 73 38.21 23.67 29.82
CA GLY B 73 39.65 23.67 29.86
C GLY B 73 40.08 22.25 30.09
N ASN B 74 39.09 21.41 30.42
CA ASN B 74 39.20 19.96 30.34
C ASN B 74 38.28 19.37 29.29
N VAL B 75 37.31 20.14 28.81
CA VAL B 75 36.40 19.67 27.77
C VAL B 75 36.55 20.46 26.48
N TRP B 76 37.04 21.69 26.56
CA TRP B 76 37.04 22.61 25.43
C TRP B 76 38.42 22.96 24.90
N ARG B 77 39.48 22.84 25.71
CA ARG B 77 40.84 23.06 25.28
C ARG B 77 41.70 21.82 25.30
N PHE B 78 41.36 20.84 26.11
CA PHE B 78 42.15 19.62 26.22
C PHE B 78 42.08 18.75 24.97
N PRO B 79 40.89 18.41 24.46
CA PRO B 79 40.87 17.51 23.30
C PRO B 79 41.43 18.14 22.05
N TYR B 80 41.27 19.45 21.87
CA TYR B 80 41.88 20.13 20.74
C TYR B 80 43.40 20.12 20.82
N LEU B 81 43.94 20.58 21.95
CA LEU B 81 45.38 20.53 22.18
C LEU B 81 45.89 19.10 22.23
N CYS B 82 44.99 18.11 22.23
CA CYS B 82 45.39 16.72 22.12
C CYS B 82 45.44 16.29 20.66
N GLN B 83 44.40 16.63 19.90
CA GLN B 83 44.28 16.20 18.52
C GLN B 83 45.32 16.87 17.63
N SER B 84 45.59 18.16 17.86
CA SER B 84 46.60 18.84 17.06
C SER B 84 47.96 18.16 17.20
N HIS B 85 48.28 17.72 18.42
CA HIS B 85 49.50 16.95 18.64
C HIS B 85 49.22 15.46 18.56
N GLY B 86 48.55 15.04 17.50
CA GLY B 86 48.23 13.64 17.30
C GLY B 86 47.11 13.15 18.19
N GLY B 87 47.38 13.04 19.49
CA GLY B 87 46.39 12.57 20.43
C GLY B 87 46.99 11.68 21.50
N GLY B 88 48.17 11.14 21.23
CA GLY B 88 48.79 10.25 22.20
C GLY B 88 49.99 10.90 22.87
N ALA B 89 50.53 11.93 22.24
CA ALA B 89 51.69 12.62 22.77
C ALA B 89 51.34 13.73 23.74
N PHE B 90 50.07 13.86 24.13
CA PHE B 90 49.63 14.92 25.03
C PHE B 90 49.00 14.34 26.30
N MET B 91 49.37 13.12 26.67
CA MET B 91 48.88 12.47 27.87
C MET B 91 50.00 12.00 28.78
N ILE B 92 51.17 11.67 28.22
CA ILE B 92 52.36 11.39 29.02
C ILE B 92 52.99 12.69 29.50
N PRO B 93 53.27 13.66 28.63
CA PRO B 93 53.86 14.91 29.13
C PRO B 93 52.95 15.62 30.10
N PHE B 94 51.65 15.61 29.83
CA PHE B 94 50.71 16.28 30.72
C PHE B 94 50.79 15.70 32.13
N LEU B 95 50.84 14.38 32.25
CA LEU B 95 50.86 13.79 33.59
C LEU B 95 52.20 13.94 34.27
N ILE B 96 53.31 13.84 33.54
CA ILE B 96 54.59 14.10 34.17
C ILE B 96 54.62 15.53 34.71
N LEU B 97 54.21 16.50 33.90
CA LEU B 97 54.23 17.88 34.34
C LEU B 97 53.23 18.09 35.47
N LEU B 98 52.11 17.36 35.49
CA LEU B 98 51.20 17.44 36.63
C LEU B 98 51.90 17.04 37.91
N VAL B 99 52.32 15.78 38.00
CA VAL B 99 52.93 15.28 39.22
C VAL B 99 54.18 16.06 39.61
N LEU B 100 54.83 16.74 38.67
CA LEU B 100 56.04 17.46 39.02
C LEU B 100 55.84 18.95 39.30
N GLU B 101 54.79 19.58 38.81
CA GLU B 101 54.66 21.01 39.04
C GLU B 101 53.29 21.45 39.54
N GLY B 102 52.24 20.72 39.20
CA GLY B 102 50.92 21.14 39.64
C GLY B 102 50.73 21.00 41.12
N ILE B 103 51.29 19.94 41.72
CA ILE B 103 51.10 19.72 43.15
C ILE B 103 51.96 20.65 44.00
N PRO B 104 53.28 20.72 43.83
CA PRO B 104 54.09 21.49 44.78
C PRO B 104 53.76 22.96 44.80
N LEU B 105 53.59 23.59 43.64
CA LEU B 105 53.23 24.99 43.63
C LEU B 105 51.88 25.21 44.27
N LEU B 106 50.94 24.29 44.07
CA LEU B 106 49.62 24.45 44.67
C LEU B 106 49.70 24.38 46.19
N TYR B 107 50.42 23.41 46.72
CA TYR B 107 50.62 23.33 48.16
C TYR B 107 51.26 24.60 48.69
N LEU B 108 52.26 25.11 47.97
CA LEU B 108 52.92 26.34 48.40
C LEU B 108 51.93 27.48 48.53
N GLU B 109 51.10 27.66 47.50
CA GLU B 109 50.21 28.81 47.54
C GLU B 109 49.10 28.64 48.56
N PHE B 110 48.59 27.42 48.75
CA PHE B 110 47.70 27.22 49.91
C PHE B 110 48.37 27.60 51.21
N ALA B 111 49.59 27.15 51.46
CA ALA B 111 50.21 27.42 52.75
C ALA B 111 50.43 28.90 52.97
N ILE B 112 50.84 29.63 51.94
CA ILE B 112 51.00 31.07 52.11
C ILE B 112 49.67 31.74 52.39
N GLY B 113 48.66 31.44 51.59
CA GLY B 113 47.37 32.06 51.81
C GLY B 113 46.87 31.94 53.22
N GLN B 114 47.28 30.88 53.93
CA GLN B 114 46.84 30.69 55.30
C GLN B 114 47.77 31.35 56.30
N ARG B 115 49.06 31.40 56.01
CA ARG B 115 49.96 32.05 56.95
C ARG B 115 49.81 33.57 56.93
N LEU B 116 49.95 34.18 55.76
CA LEU B 116 50.06 35.63 55.71
C LEU B 116 48.72 36.33 55.99
N ARG B 117 47.61 35.60 55.94
CA ARG B 117 46.32 36.12 56.38
C ARG B 117 45.87 37.32 55.57
N ARG B 118 46.17 37.35 54.27
CA ARG B 118 45.72 38.46 53.43
C ARG B 118 45.40 37.95 52.04
N GLY B 119 44.88 38.85 51.21
CA GLY B 119 44.42 38.48 49.89
C GLY B 119 45.55 38.18 48.92
N SER B 120 45.26 38.26 47.62
CA SER B 120 46.24 37.92 46.60
C SER B 120 47.23 39.04 46.33
N LEU B 121 47.00 40.23 46.87
CA LEU B 121 47.89 41.35 46.67
C LEU B 121 48.63 41.75 47.94
N GLY B 122 47.96 41.70 49.08
CA GLY B 122 48.61 42.00 50.34
C GLY B 122 49.73 41.05 50.71
N VAL B 123 49.81 39.90 50.06
CA VAL B 123 50.89 38.98 50.34
C VAL B 123 52.17 39.41 49.63
N TRP B 124 52.15 39.44 48.31
CA TRP B 124 53.34 39.82 47.56
C TRP B 124 53.74 41.27 47.79
N SER B 125 53.00 42.02 48.59
CA SER B 125 53.43 43.35 48.99
C SER B 125 54.11 43.36 50.35
N SER B 126 54.11 42.23 51.06
CA SER B 126 54.80 42.14 52.34
C SER B 126 56.18 41.52 52.18
N ILE B 127 56.35 40.68 51.16
CA ILE B 127 57.64 40.08 50.87
C ILE B 127 58.42 41.02 49.96
N HIS B 128 59.39 41.74 50.53
CA HIS B 128 60.23 42.65 49.75
C HIS B 128 59.38 43.64 48.97
N PRO B 129 58.88 44.70 49.61
CA PRO B 129 57.71 45.44 49.08
C PRO B 129 57.85 45.90 47.64
N ALA B 130 59.01 45.80 47.02
CA ALA B 130 59.10 46.14 45.61
C ALA B 130 58.52 45.07 44.71
N LEU B 131 57.86 44.07 45.27
CA LEU B 131 57.32 42.95 44.51
C LEU B 131 55.80 43.02 44.43
N LYS B 132 55.25 44.21 44.56
CA LYS B 132 53.80 44.39 44.44
C LYS B 132 53.31 44.18 43.02
N GLY B 133 54.21 44.03 42.06
CA GLY B 133 53.78 43.82 40.70
C GLY B 133 52.95 42.57 40.53
N LEU B 134 53.31 41.49 41.23
CA LEU B 134 52.56 40.25 41.11
C LEU B 134 51.09 40.47 41.45
N GLY B 135 50.82 41.29 42.47
CA GLY B 135 49.46 41.64 42.78
C GLY B 135 48.75 42.40 41.68
N LEU B 136 49.47 42.89 40.68
CA LEU B 136 48.86 43.55 39.54
C LEU B 136 48.86 42.69 38.29
N ALA B 137 49.95 41.95 38.06
CA ALA B 137 49.93 41.02 36.94
C ALA B 137 48.86 39.96 37.12
N SER B 138 48.70 39.45 38.34
CA SER B 138 47.66 38.46 38.58
C SER B 138 46.28 39.03 38.33
N MET B 139 46.04 40.26 38.80
CA MET B 139 44.74 40.87 38.60
C MET B 139 44.47 41.12 37.12
N LEU B 140 45.45 41.66 36.40
CA LEU B 140 45.26 41.94 34.98
C LEU B 140 45.01 40.65 34.19
N THR B 141 45.72 39.58 34.52
CA THR B 141 45.54 38.36 33.73
C THR B 141 44.23 37.66 34.10
N SER B 142 43.82 37.74 35.36
CA SER B 142 42.53 37.17 35.74
C SER B 142 41.39 38.00 35.20
N PHE B 143 41.68 39.23 34.79
CA PHE B 143 40.68 40.01 34.06
C PHE B 143 40.65 39.64 32.59
N MET B 144 41.82 39.53 31.97
CA MET B 144 41.88 39.23 30.54
C MET B 144 41.30 37.86 30.24
N VAL B 145 41.50 36.88 31.12
CA VAL B 145 40.89 35.58 30.91
C VAL B 145 39.38 35.66 31.05
N GLY B 146 38.91 36.21 32.18
CA GLY B 146 37.48 36.35 32.38
C GLY B 146 36.79 37.21 31.34
N LEU B 147 37.54 37.96 30.54
CA LEU B 147 36.92 38.74 29.49
C LEU B 147 36.22 37.88 28.45
N TYR B 148 36.80 36.71 28.11
CA TYR B 148 36.21 35.83 27.12
C TYR B 148 35.74 34.50 27.68
N TYR B 149 36.29 34.08 28.82
CA TYR B 149 35.76 32.89 29.47
C TYR B 149 34.32 33.05 29.87
N ASN B 150 33.78 34.26 29.76
CA ASN B 150 32.35 34.47 29.93
C ASN B 150 31.57 34.47 28.63
N THR B 151 32.13 34.97 27.54
CA THR B 151 31.40 34.85 26.29
C THR B 151 31.31 33.42 25.81
N ILE B 152 32.23 32.55 26.24
CA ILE B 152 32.05 31.13 25.96
C ILE B 152 30.79 30.61 26.66
N ILE B 153 30.62 30.97 27.94
CA ILE B 153 29.39 30.63 28.64
C ILE B 153 28.18 31.22 27.92
N SER B 154 28.34 32.39 27.33
CA SER B 154 27.24 32.99 26.59
C SER B 154 26.81 32.11 25.42
N TRP B 155 27.79 31.65 24.62
CA TRP B 155 27.45 30.75 23.53
C TRP B 155 26.80 29.47 24.03
N ILE B 156 27.33 28.91 25.13
CA ILE B 156 26.76 27.68 25.64
C ILE B 156 25.30 27.87 26.03
N MET B 157 24.99 28.96 26.73
CA MET B 157 23.59 29.12 27.10
C MET B 157 22.73 29.54 25.91
N TRP B 158 23.31 30.10 24.86
CA TRP B 158 22.54 30.29 23.64
C TRP B 158 22.14 28.96 23.04
N TYR B 159 23.06 27.99 23.05
CA TYR B 159 22.67 26.65 22.63
C TYR B 159 21.62 26.06 23.56
N LEU B 160 21.76 26.30 24.85
CA LEU B 160 20.80 25.73 25.81
C LEU B 160 19.40 26.29 25.60
N PHE B 161 19.31 27.54 25.14
CA PHE B 161 17.99 28.09 24.87
C PHE B 161 17.37 27.46 23.64
N ASN B 162 18.17 27.06 22.66
CA ASN B 162 17.60 26.51 21.43
C ASN B 162 17.10 25.08 21.57
N SER B 163 17.30 24.45 22.71
CA SER B 163 16.65 23.18 22.96
C SER B 163 15.21 23.45 23.37
N PHE B 164 14.53 22.45 23.93
CA PHE B 164 13.11 22.53 24.26
C PHE B 164 12.26 22.61 22.99
N GLN B 165 12.62 21.83 21.98
CA GLN B 165 11.74 21.61 20.84
C GLN B 165 12.03 20.24 20.25
N GLU B 166 10.97 19.53 19.86
CA GLU B 166 11.11 18.11 19.53
C GLU B 166 11.96 17.87 18.29
N PRO B 167 11.79 18.58 17.18
CA PRO B 167 12.81 18.51 16.12
C PRO B 167 13.91 19.51 16.40
N LEU B 168 15.11 19.02 16.67
CA LEU B 168 16.21 19.90 17.06
C LEU B 168 16.56 20.84 15.91
N PRO B 169 16.77 22.13 16.17
CA PRO B 169 17.03 23.07 15.07
C PRO B 169 18.27 22.73 14.26
N TRP B 170 19.28 22.14 14.87
CA TRP B 170 20.44 21.83 14.05
C TRP B 170 20.37 20.47 13.45
N SER B 171 19.19 19.89 13.22
CA SER B 171 19.11 18.57 12.62
C SER B 171 18.67 18.57 11.16
N ASP B 172 18.32 19.72 10.60
CA ASP B 172 17.89 19.83 9.22
C ASP B 172 18.40 21.11 8.58
N CYS B 173 18.53 21.09 7.25
CA CYS B 173 18.92 22.29 6.51
C CYS B 173 17.69 23.11 6.19
N PRO B 174 17.74 24.44 6.28
CA PRO B 174 16.60 25.25 5.86
C PRO B 174 16.63 25.48 4.36
N LEU B 175 15.43 25.63 3.78
CA LEU B 175 15.32 25.83 2.35
C LEU B 175 15.41 27.32 2.01
N ASN B 176 15.73 27.61 0.75
CA ASN B 176 15.90 28.98 0.29
C ASN B 176 14.55 29.59 -0.06
N GLU B 177 14.57 30.79 -0.65
CA GLU B 177 13.33 31.44 -1.03
C GLU B 177 12.60 30.66 -2.11
N ASN B 178 13.34 29.87 -2.88
CA ASN B 178 12.78 29.06 -3.97
C ASN B 178 12.82 27.61 -3.51
N GLN B 179 11.69 27.12 -3.02
CA GLN B 179 11.64 25.83 -2.32
C GLN B 179 11.80 24.67 -3.31
N THR B 180 13.05 24.46 -3.73
CA THR B 180 13.42 23.31 -4.52
C THR B 180 14.57 22.51 -3.92
N GLY B 181 15.57 23.17 -3.33
CA GLY B 181 16.67 22.50 -2.68
C GLY B 181 17.14 23.27 -1.46
N TYR B 182 18.17 22.73 -0.81
CA TYR B 182 18.73 23.36 0.36
C TYR B 182 19.57 24.57 -0.05
N VAL B 183 19.92 25.38 0.95
CA VAL B 183 20.85 26.48 0.69
C VAL B 183 22.21 25.88 0.39
N ASP B 184 23.02 26.62 -0.36
CA ASP B 184 24.26 26.08 -0.90
C ASP B 184 25.17 25.54 0.21
N GLU B 185 25.60 26.40 1.13
CA GLU B 185 26.58 25.99 2.11
C GLU B 185 26.04 24.99 3.12
N CYS B 186 24.72 24.78 3.17
CA CYS B 186 24.21 23.73 4.04
C CYS B 186 24.27 22.38 3.34
N ALA B 187 24.34 22.39 2.01
CA ALA B 187 24.43 21.15 1.24
C ALA B 187 25.86 20.65 1.12
N ARG B 188 26.82 21.53 0.88
CA ARG B 188 28.22 21.12 0.74
C ARG B 188 28.88 20.81 2.06
N SER B 189 28.23 21.04 3.18
CA SER B 189 28.79 20.74 4.49
C SER B 189 27.71 20.06 5.33
N SER B 190 28.00 19.82 6.58
CA SER B 190 27.05 19.12 7.42
C SER B 190 25.87 20.01 7.75
N PRO B 191 24.73 19.43 8.12
CA PRO B 191 23.59 20.26 8.54
C PRO B 191 23.81 20.94 9.87
N VAL B 192 24.79 20.51 10.65
CA VAL B 192 25.04 21.13 11.94
C VAL B 192 26.04 22.27 11.81
N ASP B 193 26.83 22.30 10.74
CA ASP B 193 27.73 23.43 10.53
C ASP B 193 26.98 24.65 10.03
N TYR B 194 25.86 24.45 9.35
CA TYR B 194 24.97 25.58 9.10
C TYR B 194 24.00 25.77 10.26
N PHE B 195 24.51 25.68 11.48
CA PHE B 195 23.87 26.31 12.63
C PHE B 195 24.86 27.00 13.52
N TRP B 196 26.13 26.63 13.46
CA TRP B 196 27.18 27.25 14.26
C TRP B 196 27.92 28.32 13.48
N TYR B 197 28.12 28.13 12.19
CA TYR B 197 28.91 29.07 11.42
C TYR B 197 28.06 30.11 10.68
N ARG B 198 26.75 29.93 10.56
CA ARG B 198 25.95 30.88 9.81
C ARG B 198 24.70 31.37 10.51
N GLU B 199 24.13 30.63 11.45
CA GLU B 199 22.96 31.09 12.19
C GLU B 199 23.29 31.61 13.57
N THR B 200 24.25 30.99 14.27
CA THR B 200 24.65 31.50 15.57
C THR B 200 25.59 32.68 15.45
N LEU B 201 26.74 32.48 14.83
CA LEU B 201 27.76 33.52 14.74
C LEU B 201 27.59 34.42 13.53
N ASN B 202 27.23 33.86 12.38
CA ASN B 202 27.19 34.60 11.12
C ASN B 202 28.59 35.13 10.77
N ILE B 203 29.55 34.20 10.74
CA ILE B 203 30.94 34.55 10.58
C ILE B 203 31.21 35.19 9.22
N SER B 204 31.98 36.26 9.22
CA SER B 204 32.44 36.90 7.99
C SER B 204 33.79 36.33 7.57
N THR B 205 34.19 36.66 6.34
CA THR B 205 35.29 35.94 5.71
C THR B 205 36.66 36.24 6.33
N SER B 206 36.85 37.38 6.98
CA SER B 206 38.20 37.73 7.39
C SER B 206 38.14 38.59 8.65
N ILE B 207 39.20 38.50 9.45
CA ILE B 207 39.25 39.26 10.69
C ILE B 207 39.28 40.75 10.43
N SER B 208 39.82 41.18 9.30
CA SER B 208 39.82 42.60 8.99
C SER B 208 38.46 43.09 8.53
N ASP B 209 37.45 42.23 8.55
CA ASP B 209 36.11 42.57 8.06
C ASP B 209 35.09 42.34 9.15
N SER B 210 34.62 43.41 9.78
CA SER B 210 33.71 43.32 10.90
C SER B 210 32.51 44.22 10.64
N GLY B 211 31.32 43.70 10.95
CA GLY B 211 30.10 44.39 10.56
C GLY B 211 29.20 44.86 11.69
N SER B 212 28.04 44.23 11.82
CA SER B 212 26.99 44.67 12.72
C SER B 212 27.32 44.24 14.16
N ILE B 213 26.33 44.25 15.04
CA ILE B 213 26.54 43.87 16.42
C ILE B 213 25.90 42.53 16.78
N GLN B 214 24.95 42.04 15.98
CA GLN B 214 24.32 40.73 16.21
C GLN B 214 23.63 40.67 17.56
N TRP B 215 22.55 41.44 17.66
CA TRP B 215 21.77 41.53 18.90
C TRP B 215 21.55 40.19 19.58
N TRP B 216 21.18 39.15 18.81
CA TRP B 216 20.80 37.90 19.43
C TRP B 216 21.95 37.21 20.13
N MET B 217 23.12 37.84 20.22
CA MET B 217 24.10 37.41 21.18
C MET B 217 24.35 38.45 22.25
N LEU B 218 23.96 39.70 22.03
CA LEU B 218 23.88 40.63 23.16
C LEU B 218 22.89 40.15 24.20
N LEU B 219 21.79 39.56 23.75
CA LEU B 219 20.85 39.02 24.73
C LEU B 219 21.52 37.99 25.63
N CYS B 220 22.25 37.05 25.03
CA CYS B 220 22.90 36.01 25.82
C CYS B 220 24.04 36.56 26.66
N LEU B 221 24.79 37.54 26.16
CA LEU B 221 25.82 38.16 27.00
C LEU B 221 25.20 38.82 28.22
N ALA B 222 24.12 39.57 28.03
CA ALA B 222 23.47 40.20 29.17
C ALA B 222 22.99 39.15 30.15
N CYS B 223 22.43 38.05 29.65
CA CYS B 223 21.94 37.02 30.57
C CYS B 223 23.08 36.37 31.34
N ALA B 224 24.22 36.14 30.70
CA ALA B 224 25.34 35.51 31.39
C ALA B 224 25.93 36.44 32.45
N TRP B 225 26.23 37.68 32.08
CA TRP B 225 26.75 38.62 33.06
C TRP B 225 25.71 39.02 34.10
N SER B 226 24.44 38.71 33.88
CA SER B 226 23.49 38.95 34.95
C SER B 226 23.40 37.78 35.92
N VAL B 227 23.42 36.54 35.40
CA VAL B 227 23.44 35.39 36.30
C VAL B 227 24.67 35.44 37.20
N LEU B 228 25.83 35.72 36.60
CA LEU B 228 27.03 35.81 37.42
C LEU B 228 26.90 36.84 38.53
N TYR B 229 26.40 38.04 38.22
CA TYR B 229 26.32 39.08 39.23
C TYR B 229 25.21 38.81 40.24
N MET B 230 24.26 37.95 39.87
CA MET B 230 23.19 37.61 40.78
C MET B 230 23.65 36.50 41.72
N CYS B 231 24.74 35.82 41.38
CA CYS B 231 25.24 34.75 42.24
C CYS B 231 26.37 35.21 43.16
N THR B 232 27.19 36.18 42.72
CA THR B 232 28.32 36.58 43.55
C THR B 232 28.15 38.00 44.09
N ILE B 233 26.93 38.31 44.55
CA ILE B 233 26.61 39.67 44.96
C ILE B 233 27.48 40.13 46.13
N ARG B 234 28.00 39.21 46.94
CA ARG B 234 28.68 39.60 48.16
C ARG B 234 29.94 38.78 48.44
N GLY B 235 30.59 38.26 47.42
CA GLY B 235 31.74 37.39 47.65
C GLY B 235 31.27 36.13 48.34
N ILE B 236 31.94 35.75 49.43
CA ILE B 236 31.47 34.63 50.21
C ILE B 236 30.13 34.97 50.85
N GLU B 237 29.49 33.96 51.45
CA GLU B 237 28.15 34.05 52.01
C GLU B 237 27.11 34.18 50.90
N THR B 238 27.53 34.12 49.65
CA THR B 238 26.61 34.00 48.54
C THR B 238 27.10 33.08 47.44
N THR B 239 28.40 32.77 47.40
CA THR B 239 28.86 31.67 46.57
C THR B 239 28.72 30.33 47.27
N GLY B 240 28.40 30.33 48.56
CA GLY B 240 28.27 29.08 49.29
C GLY B 240 27.24 28.15 48.68
N LYS B 241 26.02 28.63 48.56
CA LYS B 241 24.95 27.76 48.12
C LYS B 241 25.09 27.38 46.65
N ALA B 242 25.54 28.34 45.83
CA ALA B 242 25.77 28.02 44.43
C ALA B 242 26.91 27.03 44.27
N VAL B 243 27.83 26.98 45.24
CA VAL B 243 28.85 25.95 45.20
C VAL B 243 28.29 24.62 45.62
N TYR B 244 27.40 24.60 46.61
CA TYR B 244 26.73 23.37 46.98
C TYR B 244 26.03 22.74 45.79
N ILE B 245 25.38 23.54 44.95
CA ILE B 245 24.61 22.98 43.84
C ILE B 245 25.47 22.75 42.61
N THR B 246 26.15 23.80 42.13
CA THR B 246 26.80 23.78 40.83
C THR B 246 28.25 23.30 40.88
N SER B 247 28.61 22.49 41.86
CA SER B 247 29.89 21.80 41.83
C SER B 247 29.75 20.31 42.07
N THR B 248 28.52 19.82 42.28
CA THR B 248 28.23 18.40 42.35
C THR B 248 27.40 17.92 41.17
N LEU B 249 26.67 18.83 40.52
CA LEU B 249 25.86 18.42 39.36
C LEU B 249 26.71 17.83 38.25
N PRO B 250 27.82 18.42 37.82
CA PRO B 250 28.59 17.82 36.72
C PRO B 250 29.13 16.44 37.03
N TYR B 251 29.36 16.11 38.30
CA TYR B 251 29.96 14.82 38.61
C TYR B 251 28.95 13.68 38.60
N VAL B 252 27.69 13.93 38.26
CA VAL B 252 26.76 12.83 38.06
C VAL B 252 26.30 12.82 36.61
N VAL B 253 26.12 14.01 36.01
CA VAL B 253 25.77 14.06 34.60
C VAL B 253 26.94 13.54 33.77
N LEU B 254 28.17 13.75 34.23
CA LEU B 254 29.31 13.24 33.50
C LEU B 254 29.33 11.72 33.51
N THR B 255 28.95 11.11 34.63
CA THR B 255 28.88 9.65 34.67
C THR B 255 27.72 9.13 33.83
N ILE B 256 26.58 9.82 33.87
CA ILE B 256 25.46 9.44 33.00
C ILE B 256 25.88 9.49 31.54
N PHE B 257 26.71 10.45 31.16
CA PHE B 257 27.14 10.49 29.77
C PHE B 257 28.23 9.47 29.48
N LEU B 258 29.04 9.11 30.47
CA LEU B 258 30.03 8.07 30.26
C LEU B 258 29.38 6.72 30.01
N ILE B 259 28.37 6.37 30.82
CA ILE B 259 27.68 5.10 30.63
C ILE B 259 27.03 5.05 29.26
N ARG B 260 26.52 6.17 28.77
CA ARG B 260 25.94 6.18 27.43
C ARG B 260 27.01 6.18 26.35
N GLY B 261 28.18 6.74 26.64
CA GLY B 261 29.22 6.81 25.63
C GLY B 261 29.90 5.49 25.38
N LEU B 262 30.24 4.76 26.43
CA LEU B 262 31.00 3.53 26.22
C LEU B 262 30.17 2.44 25.55
N THR B 263 28.85 2.53 25.59
CA THR B 263 28.02 1.55 24.93
C THR B 263 27.58 1.97 23.54
N LEU B 264 28.22 2.98 22.95
CA LEU B 264 27.88 3.38 21.60
C LEU B 264 28.50 2.43 20.58
N LYS B 265 28.38 2.78 19.31
CA LYS B 265 28.90 1.93 18.25
C LYS B 265 30.40 2.11 18.08
N GLY B 266 30.89 3.34 18.18
CA GLY B 266 32.28 3.63 17.88
C GLY B 266 33.16 3.87 19.10
N ALA B 267 32.69 3.48 20.27
CA ALA B 267 33.57 3.48 21.42
C ALA B 267 34.61 2.37 21.27
N THR B 268 35.63 2.42 22.12
CA THR B 268 36.74 1.47 22.10
C THR B 268 37.54 1.56 20.80
N ASN B 269 37.11 2.42 19.89
CA ASN B 269 37.87 2.79 18.72
C ASN B 269 38.39 4.21 18.79
N GLY B 270 37.86 5.02 19.70
CA GLY B 270 38.39 6.34 19.94
C GLY B 270 39.25 6.38 21.17
N ILE B 271 38.79 5.75 22.26
CA ILE B 271 39.56 5.82 23.49
C ILE B 271 40.80 4.96 23.40
N VAL B 272 40.90 4.12 22.37
CA VAL B 272 42.17 3.45 22.12
C VAL B 272 43.05 4.32 21.24
N PHE B 273 42.46 5.23 20.47
CA PHE B 273 43.28 6.18 19.72
C PHE B 273 43.91 7.21 20.63
N LEU B 274 43.31 7.45 21.80
CA LEU B 274 43.81 8.48 22.69
C LEU B 274 45.13 8.06 23.34
N PHE B 275 45.37 6.76 23.47
CA PHE B 275 46.46 6.25 24.30
C PHE B 275 47.58 5.61 23.50
N THR B 276 47.62 5.80 22.18
CA THR B 276 48.72 5.27 21.39
C THR B 276 49.72 6.39 21.12
N PRO B 277 50.86 6.42 21.80
CA PRO B 277 51.77 7.56 21.67
C PRO B 277 52.64 7.46 20.42
N ASN B 278 52.54 8.49 19.59
CA ASN B 278 53.40 8.65 18.43
C ASN B 278 54.77 9.09 18.94
N VAL B 279 55.64 8.12 19.21
CA VAL B 279 56.84 8.37 20.01
C VAL B 279 57.66 9.50 19.41
N THR B 280 57.69 9.61 18.10
CA THR B 280 58.43 10.70 17.49
C THR B 280 57.68 12.03 17.53
N GLU B 281 56.66 12.15 18.38
CA GLU B 281 55.98 13.43 18.54
C GLU B 281 56.27 14.10 19.88
N LEU B 282 56.45 13.35 20.96
CA LEU B 282 56.81 13.99 22.22
C LEU B 282 58.26 14.41 22.28
N ALA B 283 58.98 14.37 21.15
CA ALA B 283 60.34 14.91 21.06
C ALA B 283 60.36 16.23 20.30
N GLN B 284 59.31 17.02 20.43
CA GLN B 284 59.22 18.33 19.82
C GLN B 284 58.91 19.34 20.92
N PRO B 285 59.51 20.53 20.90
CA PRO B 285 59.27 21.48 21.99
C PRO B 285 57.83 21.97 22.05
N ASP B 286 57.09 21.83 20.95
CA ASP B 286 55.72 22.33 20.94
C ASP B 286 54.84 21.57 21.93
N THR B 287 54.91 20.25 21.94
CA THR B 287 54.04 19.47 22.82
C THR B 287 54.38 19.72 24.28
N TRP B 288 55.68 19.77 24.61
CA TRP B 288 56.06 20.10 25.97
C TRP B 288 55.53 21.46 26.39
N LEU B 289 55.67 22.48 25.53
CA LEU B 289 55.17 23.80 25.90
C LEU B 289 53.66 23.79 26.10
N ASP B 290 52.95 23.04 25.25
CA ASP B 290 51.50 23.00 25.41
C ASP B 290 51.10 22.31 26.70
N ALA B 291 51.74 21.20 27.04
CA ALA B 291 51.46 20.56 28.31
C ALA B 291 51.78 21.48 29.49
N GLY B 292 52.89 22.23 29.39
CA GLY B 292 53.24 23.12 30.47
C GLY B 292 52.26 24.25 30.65
N ALA B 293 51.78 24.83 29.54
CA ALA B 293 50.82 25.92 29.65
C ALA B 293 49.42 25.41 29.97
N GLN B 294 49.18 24.12 29.81
CA GLN B 294 47.87 23.56 30.17
C GLN B 294 47.80 23.06 31.60
N VAL B 295 48.91 22.59 32.17
CA VAL B 295 48.83 22.10 33.55
C VAL B 295 48.62 23.25 34.52
N PHE B 296 48.96 24.47 34.13
CA PHE B 296 48.70 25.63 34.99
C PHE B 296 47.33 26.23 34.74
N PHE B 297 46.68 25.88 33.64
CA PHE B 297 45.35 26.39 33.36
C PHE B 297 44.26 25.41 33.75
N SER B 298 44.59 24.11 33.84
CA SER B 298 43.62 23.16 34.37
C SER B 298 43.38 23.43 35.84
N PHE B 299 44.44 23.68 36.60
CA PHE B 299 44.31 24.31 37.91
C PHE B 299 44.05 25.79 37.70
N SER B 300 44.18 26.58 38.76
CA SER B 300 44.11 28.02 38.60
C SER B 300 45.31 28.69 39.24
N LEU B 301 46.45 28.03 39.19
CA LEU B 301 47.69 28.63 39.64
C LEU B 301 47.97 29.92 38.90
N ALA B 302 48.67 30.83 39.56
CA ALA B 302 49.05 32.12 38.98
C ALA B 302 47.85 32.95 38.55
N PHE B 303 46.66 32.62 39.01
CA PHE B 303 45.48 33.46 38.77
C PHE B 303 45.18 34.37 39.95
N GLY B 304 45.58 33.95 41.15
CA GLY B 304 45.36 34.77 42.33
C GLY B 304 43.99 34.53 42.91
N GLY B 305 43.46 33.34 42.70
CA GLY B 305 42.16 33.00 43.22
C GLY B 305 42.24 32.08 44.41
N LEU B 306 43.20 31.16 44.39
CA LEU B 306 43.30 30.21 45.49
C LEU B 306 43.99 30.79 46.71
N ILE B 307 44.88 31.77 46.54
CA ILE B 307 45.46 32.45 47.70
C ILE B 307 44.35 33.03 48.55
N SER B 308 43.43 33.76 47.93
CA SER B 308 42.38 34.42 48.70
C SER B 308 41.42 33.41 49.33
N PHE B 309 41.09 32.33 48.63
CA PHE B 309 40.20 31.34 49.22
C PHE B 309 40.86 30.65 50.40
N SER B 310 42.15 30.37 50.32
CA SER B 310 42.82 29.77 51.47
C SER B 310 43.29 30.80 52.47
N SER B 311 42.77 32.02 52.42
CA SER B 311 43.11 33.04 53.41
C SER B 311 41.97 33.33 54.35
N TYR B 312 41.00 32.42 54.48
CA TYR B 312 39.87 32.63 55.34
C TYR B 312 39.77 31.65 56.49
N ASN B 313 40.04 30.37 56.27
CA ASN B 313 39.78 29.38 57.29
C ASN B 313 40.73 29.54 58.46
N SER B 314 40.48 28.77 59.51
CA SER B 314 41.19 28.91 60.77
C SER B 314 42.67 28.60 60.59
N VAL B 315 43.46 28.82 61.63
CA VAL B 315 44.91 28.66 61.50
C VAL B 315 45.30 27.20 61.55
N HIS B 316 44.97 26.50 62.63
CA HIS B 316 45.42 25.12 62.83
C HIS B 316 44.66 24.16 61.93
N ASN B 317 44.66 24.46 60.63
CA ASN B 317 44.01 23.61 59.65
C ASN B 317 45.06 22.87 58.83
N ASN B 318 44.83 21.58 58.62
CA ASN B 318 45.81 20.72 57.98
C ASN B 318 45.88 21.06 56.50
N CYS B 319 46.64 22.10 56.17
CA CYS B 319 46.74 22.62 54.82
C CYS B 319 47.25 21.60 53.81
N GLU B 320 47.96 20.58 54.28
CA GLU B 320 48.50 19.55 53.39
C GLU B 320 47.44 18.68 52.75
N LYS B 321 46.71 17.95 53.59
CA LYS B 321 45.64 17.06 53.17
C LYS B 321 44.83 17.67 52.04
N ASP B 322 44.21 18.81 52.30
CA ASP B 322 43.41 19.45 51.27
C ASP B 322 44.20 19.57 49.97
N SER B 323 45.38 20.17 50.05
CA SER B 323 46.19 20.32 48.85
C SER B 323 46.30 19.03 48.07
N VAL B 324 46.85 18.00 48.70
CA VAL B 324 47.01 16.71 48.03
C VAL B 324 45.71 16.16 47.43
N ILE B 325 44.63 16.14 48.20
CA ILE B 325 43.39 15.61 47.66
C ILE B 325 42.86 16.39 46.46
N VAL B 326 42.98 17.71 46.50
CA VAL B 326 42.52 18.52 45.38
C VAL B 326 43.40 18.23 44.17
N SER B 327 44.69 18.10 44.40
CA SER B 327 45.63 17.82 43.33
C SER B 327 45.32 16.47 42.69
N ILE B 328 44.80 15.53 43.47
CA ILE B 328 44.47 14.22 42.91
C ILE B 328 43.00 14.00 42.61
N ILE B 329 42.18 15.04 42.67
CA ILE B 329 40.77 14.91 42.36
C ILE B 329 40.53 15.59 41.02
N ASN B 330 41.44 16.50 40.69
CA ASN B 330 41.42 17.21 39.42
C ASN B 330 42.19 16.46 38.35
N GLY B 331 43.44 16.09 38.63
CA GLY B 331 44.22 15.31 37.69
C GLY B 331 43.59 13.97 37.34
N PHE B 332 42.61 13.54 38.12
CA PHE B 332 41.81 12.37 37.77
C PHE B 332 40.63 12.73 36.89
N THR B 333 39.92 13.80 37.22
CA THR B 333 38.85 14.27 36.35
C THR B 333 39.39 14.93 35.09
N SER B 334 40.69 14.87 34.85
CA SER B 334 41.24 15.35 33.59
C SER B 334 41.37 14.23 32.57
N VAL B 335 41.59 12.99 33.00
CA VAL B 335 41.50 11.86 32.09
C VAL B 335 40.14 11.21 32.11
N TYR B 336 39.24 11.64 33.00
CA TYR B 336 37.88 11.16 33.01
C TYR B 336 36.95 11.98 32.13
N VAL B 337 37.44 13.09 31.57
CA VAL B 337 36.66 13.87 30.61
C VAL B 337 37.22 13.61 29.23
N ALA B 338 38.54 13.38 29.14
CA ALA B 338 39.11 12.96 27.88
C ALA B 338 38.50 11.66 27.39
N ILE B 339 38.27 10.70 28.28
CA ILE B 339 37.61 9.47 27.89
C ILE B 339 36.22 9.72 27.35
N VAL B 340 35.40 10.53 28.02
CA VAL B 340 34.04 10.73 27.57
C VAL B 340 34.01 11.49 26.24
N VAL B 341 34.94 12.43 26.04
CA VAL B 341 34.92 13.19 24.79
C VAL B 341 35.41 12.34 23.62
N TYR B 342 36.46 11.55 23.84
CA TYR B 342 36.93 10.73 22.73
C TYR B 342 36.01 9.55 22.47
N SER B 343 35.23 9.14 23.46
CA SER B 343 34.23 8.10 23.21
C SER B 343 33.12 8.59 22.29
N VAL B 344 33.04 9.89 22.04
CA VAL B 344 32.05 10.42 21.10
C VAL B 344 32.73 10.76 19.78
N ILE B 345 33.96 11.27 19.86
CA ILE B 345 34.69 11.53 18.62
C ILE B 345 34.88 10.23 17.84
N GLY B 346 35.24 9.14 18.52
CA GLY B 346 35.37 7.87 17.83
C GLY B 346 34.07 7.40 17.20
N PHE B 347 32.95 7.62 17.89
CA PHE B 347 31.66 7.24 17.35
C PHE B 347 31.36 8.00 16.06
N ARG B 348 31.55 9.32 16.09
CA ARG B 348 31.29 10.11 14.88
C ARG B 348 32.20 9.67 13.74
N ALA B 349 33.47 9.39 14.04
CA ALA B 349 34.38 8.98 12.98
C ALA B 349 33.96 7.66 12.36
N THR B 350 33.64 6.66 13.19
CA THR B 350 33.25 5.38 12.62
C THR B 350 31.92 5.48 11.89
N GLN B 351 31.05 6.40 12.29
CA GLN B 351 29.81 6.61 11.56
C GLN B 351 30.09 7.13 10.16
N ARG B 352 30.93 8.17 10.06
CA ARG B 352 31.27 8.69 8.74
C ARG B 352 31.97 7.64 7.90
N TYR B 353 32.76 6.76 8.53
CA TYR B 353 33.44 5.72 7.77
C TYR B 353 32.44 4.72 7.19
N ASP B 354 31.49 4.26 8.00
CA ASP B 354 30.45 3.39 7.45
C ASP B 354 29.66 4.08 6.34
N ASP B 355 29.42 5.37 6.47
CA ASP B 355 28.69 6.07 5.41
C ASP B 355 29.48 6.10 4.11
N CYS B 356 30.78 6.40 4.18
CA CYS B 356 31.59 6.36 2.97
C CYS B 356 31.58 4.97 2.34
N PHE B 357 31.69 3.93 3.17
CA PHE B 357 31.74 2.59 2.60
C PHE B 357 30.41 2.20 1.97
N SER B 358 29.29 2.57 2.59
CA SER B 358 28.01 2.31 1.97
C SER B 358 27.86 3.06 0.67
N THR B 359 28.37 4.29 0.60
CA THR B 359 28.29 5.04 -0.65
C THR B 359 29.11 4.38 -1.75
N ASN B 360 30.29 3.87 -1.41
CA ASN B 360 31.05 3.14 -2.43
C ASN B 360 30.31 1.92 -2.92
N ILE B 361 29.76 1.12 -2.01
CA ILE B 361 29.00 -0.06 -2.41
C ILE B 361 27.86 0.34 -3.34
N LEU B 362 27.16 1.41 -2.99
CA LEU B 362 26.03 1.83 -3.82
C LEU B 362 26.50 2.28 -5.20
N THR B 363 27.61 3.00 -5.27
CA THR B 363 28.10 3.46 -6.56
C THR B 363 28.55 2.30 -7.43
N LEU B 364 28.98 1.20 -6.81
CA LEU B 364 29.35 0.04 -7.60
C LEU B 364 28.11 -0.68 -8.14
N ILE B 365 27.15 -0.98 -7.26
CA ILE B 365 26.02 -1.77 -7.74
C ILE B 365 25.14 -0.96 -8.69
N ASN B 366 24.89 0.32 -8.42
CA ASN B 366 24.14 1.11 -9.39
C ASN B 366 24.80 1.12 -10.75
N GLY B 367 26.07 0.81 -10.83
CA GLY B 367 26.79 0.88 -12.08
C GLY B 367 26.86 -0.45 -12.79
N PHE B 368 26.81 -1.55 -12.04
CA PHE B 368 26.96 -2.85 -12.69
C PHE B 368 25.76 -3.78 -12.53
N ASP B 369 24.73 -3.38 -11.79
CA ASP B 369 23.53 -4.20 -11.61
C ASP B 369 23.89 -5.57 -11.02
N LEU B 370 24.31 -5.55 -9.78
CA LEU B 370 24.48 -6.72 -8.95
C LEU B 370 23.34 -6.80 -7.95
N PRO B 371 23.03 -7.99 -7.43
CA PRO B 371 21.99 -8.09 -6.40
C PRO B 371 22.39 -7.30 -5.17
N GLU B 372 21.45 -7.19 -4.24
CA GLU B 372 21.63 -6.38 -3.04
C GLU B 372 22.62 -6.86 -1.98
N GLY B 373 22.49 -8.11 -1.55
CA GLY B 373 23.34 -8.62 -0.50
C GLY B 373 24.47 -9.52 -0.98
N ASN B 374 25.26 -9.04 -1.94
CA ASN B 374 26.44 -9.76 -2.38
C ASN B 374 27.70 -8.93 -2.28
N VAL B 375 27.56 -7.61 -2.17
CA VAL B 375 28.70 -6.74 -1.94
C VAL B 375 28.57 -6.18 -0.53
N THR B 376 29.24 -6.82 0.42
CA THR B 376 29.26 -6.37 1.79
C THR B 376 30.69 -6.02 2.20
N GLN B 377 30.84 -5.50 3.40
CA GLN B 377 32.08 -4.86 3.83
C GLN B 377 33.29 -5.75 3.80
N GLU B 378 33.25 -7.03 3.50
CA GLU B 378 34.47 -7.84 3.55
C GLU B 378 34.90 -8.40 2.22
N ASN B 379 33.95 -8.78 1.35
CA ASN B 379 34.28 -9.25 0.02
C ASN B 379 34.20 -8.15 -1.01
N PHE B 380 34.44 -6.90 -0.61
CA PHE B 380 34.27 -5.79 -1.53
C PHE B 380 35.41 -5.73 -2.53
N VAL B 381 36.65 -5.88 -2.07
CA VAL B 381 37.78 -5.71 -2.97
C VAL B 381 37.80 -6.80 -4.03
N ASP B 382 37.55 -8.04 -3.62
CA ASP B 382 37.47 -9.10 -4.61
C ASP B 382 36.32 -8.90 -5.58
N MET B 383 35.17 -8.40 -5.11
CA MET B 383 34.07 -8.18 -6.03
C MET B 383 34.35 -7.04 -6.99
N GLN B 384 35.09 -6.02 -6.56
CA GLN B 384 35.50 -4.94 -7.44
C GLN B 384 36.52 -5.39 -8.46
N GLN B 385 37.44 -6.28 -8.10
CA GLN B 385 38.28 -6.93 -9.09
C GLN B 385 37.51 -7.84 -10.02
N ARG B 386 36.34 -8.32 -9.59
CA ARG B 386 35.57 -9.26 -10.40
C ARG B 386 34.70 -8.56 -11.43
N CYS B 387 34.66 -7.22 -11.44
CA CYS B 387 33.92 -6.52 -12.48
C CYS B 387 34.86 -5.90 -13.51
N ASN B 388 35.98 -5.34 -13.08
CA ASN B 388 36.92 -4.70 -14.00
C ASN B 388 37.40 -5.66 -15.07
N ALA B 389 37.37 -6.96 -14.78
CA ALA B 389 37.71 -7.97 -15.79
C ALA B 389 36.51 -8.43 -16.58
N SER B 390 35.43 -7.65 -16.60
CA SER B 390 34.26 -7.97 -17.41
C SER B 390 33.70 -6.81 -18.23
N ASP B 391 33.95 -5.56 -17.84
CA ASP B 391 33.44 -4.40 -18.59
C ASP B 391 34.44 -3.26 -18.56
N PRO B 392 35.66 -3.46 -19.07
CA PRO B 392 36.75 -2.51 -18.82
C PRO B 392 36.44 -1.08 -19.25
N ALA B 393 35.56 -0.88 -20.23
CA ALA B 393 35.24 0.48 -20.66
C ALA B 393 34.11 1.08 -19.83
N ALA B 394 33.23 0.23 -19.30
CA ALA B 394 32.15 0.71 -18.45
C ALA B 394 32.61 0.92 -17.02
N TYR B 395 33.74 0.33 -16.64
CA TYR B 395 34.20 0.48 -15.27
C TYR B 395 34.98 1.77 -15.07
N ALA B 396 35.84 2.13 -16.01
CA ALA B 396 36.72 3.25 -15.79
C ALA B 396 36.00 4.57 -16.00
N GLN B 397 34.83 4.71 -15.40
CA GLN B 397 34.09 5.97 -15.37
C GLN B 397 33.59 6.34 -14.00
N LEU B 398 33.41 5.38 -13.10
CA LEU B 398 32.84 5.63 -11.79
C LEU B 398 33.90 6.32 -10.93
N VAL B 399 33.52 7.41 -10.26
CA VAL B 399 34.43 8.10 -9.36
C VAL B 399 34.29 7.46 -7.98
N PHE B 400 35.26 6.65 -7.60
CA PHE B 400 35.23 6.03 -6.29
C PHE B 400 35.75 7.00 -5.23
N GLN B 401 35.33 6.76 -4.01
CA GLN B 401 35.86 7.51 -2.88
C GLN B 401 37.09 6.80 -2.32
N THR B 402 37.71 7.43 -1.33
CA THR B 402 38.75 6.78 -0.54
C THR B 402 38.46 7.09 0.92
N CYS B 403 38.47 6.06 1.76
CA CYS B 403 38.20 6.24 3.18
C CYS B 403 38.73 5.05 3.95
N ASP B 404 39.62 5.34 4.89
CA ASP B 404 40.17 4.36 5.81
C ASP B 404 40.20 4.97 7.21
N ILE B 405 39.95 4.14 8.22
CA ILE B 405 39.99 4.64 9.58
C ILE B 405 41.42 5.05 9.91
N ASN B 406 41.56 5.76 11.04
CA ASN B 406 42.82 6.38 11.48
C ASN B 406 43.15 7.58 10.60
N ALA B 407 42.25 7.89 9.67
CA ALA B 407 42.30 9.14 8.93
C ALA B 407 41.05 9.99 9.15
N PHE B 408 39.96 9.39 9.61
CA PHE B 408 38.80 10.16 10.03
C PHE B 408 38.88 10.61 11.48
N LEU B 409 39.84 10.09 12.25
CA LEU B 409 39.94 10.52 13.65
C LEU B 409 40.71 11.83 13.76
N SER B 410 41.85 11.94 13.09
CA SER B 410 42.63 13.17 13.11
C SER B 410 42.11 14.08 12.01
N GLU B 411 41.00 14.74 12.29
CA GLU B 411 40.35 15.65 11.35
C GLU B 411 40.46 17.08 11.86
N ALA B 412 39.78 18.00 11.16
CA ALA B 412 39.80 19.42 11.48
C ALA B 412 38.85 19.68 12.63
N VAL B 413 39.36 19.56 13.84
CA VAL B 413 38.61 19.84 15.06
C VAL B 413 39.40 20.85 15.87
N GLU B 414 38.76 21.98 16.16
CA GLU B 414 39.41 23.06 16.91
C GLU B 414 38.48 23.51 18.03
N GLY B 415 39.08 24.19 19.00
CA GLY B 415 38.29 24.81 20.04
C GLY B 415 37.26 25.76 19.46
N THR B 416 36.20 25.96 20.23
CA THR B 416 35.01 26.65 19.73
C THR B 416 34.53 25.96 18.45
N GLY B 417 34.07 24.73 18.62
CA GLY B 417 33.81 23.87 17.49
C GLY B 417 34.19 22.44 17.76
N LEU B 418 34.56 22.15 19.00
CA LEU B 418 34.72 20.79 19.47
C LEU B 418 33.55 20.34 20.32
N ALA B 419 33.08 21.20 21.22
CA ALA B 419 31.89 20.88 21.98
C ALA B 419 30.61 21.42 21.36
N PHE B 420 30.69 22.02 20.18
CA PHE B 420 29.52 22.49 19.46
C PHE B 420 29.33 21.87 18.10
N ILE B 421 30.35 21.21 17.54
CA ILE B 421 30.23 20.55 16.26
C ILE B 421 30.23 19.04 16.39
N VAL B 422 30.89 18.49 17.40
CA VAL B 422 30.91 17.04 17.59
C VAL B 422 29.76 16.58 18.48
N PHE B 423 29.70 17.09 19.70
CA PHE B 423 28.69 16.63 20.65
C PHE B 423 27.27 16.99 20.24
N THR B 424 27.09 17.99 19.37
CA THR B 424 25.75 18.37 18.98
C THR B 424 25.25 17.63 17.75
N GLU B 425 26.12 16.87 17.07
CA GLU B 425 25.63 16.02 16.00
C GLU B 425 25.54 14.57 16.45
N ALA B 426 26.30 14.20 17.47
CA ALA B 426 26.12 12.88 18.07
C ALA B 426 25.06 12.88 19.17
N ILE B 427 24.47 14.04 19.48
CA ILE B 427 23.39 14.08 20.46
C ILE B 427 22.04 13.96 19.79
N THR B 428 21.97 14.12 18.47
CA THR B 428 20.72 14.01 17.74
C THR B 428 20.52 12.65 17.09
N LYS B 429 21.50 11.75 17.21
CA LYS B 429 21.38 10.38 16.72
C LYS B 429 21.13 9.38 17.84
N MET B 430 20.44 9.81 18.89
CA MET B 430 20.09 8.95 20.02
C MET B 430 18.64 9.22 20.36
N PRO B 431 17.92 8.23 20.89
CA PRO B 431 16.52 8.43 21.20
C PRO B 431 16.34 9.46 22.31
N LEU B 432 15.22 10.18 22.25
CA LEU B 432 14.88 11.20 23.23
C LEU B 432 15.98 12.26 23.34
N SER B 433 16.39 12.78 22.19
CA SER B 433 17.46 13.77 22.17
C SER B 433 17.10 15.09 22.86
N PRO B 434 15.87 15.61 22.78
CA PRO B 434 15.57 16.85 23.51
C PRO B 434 15.71 16.74 25.01
N LEU B 435 16.16 15.60 25.52
CA LEU B 435 16.57 15.46 26.91
C LEU B 435 18.08 15.38 27.07
N TRP B 436 18.75 14.58 26.24
CA TRP B 436 20.20 14.48 26.35
C TRP B 436 20.86 15.82 26.05
N SER B 437 20.32 16.58 25.11
CA SER B 437 20.92 17.87 24.80
C SER B 437 20.83 18.80 26.00
N VAL B 438 19.65 18.89 26.62
CA VAL B 438 19.49 19.78 27.77
C VAL B 438 20.38 19.34 28.91
N LEU B 439 20.47 18.03 29.16
CA LEU B 439 21.35 17.57 30.23
C LEU B 439 22.79 17.94 29.96
N PHE B 440 23.26 17.71 28.73
CA PHE B 440 24.64 18.02 28.40
C PHE B 440 24.94 19.50 28.56
N PHE B 441 24.04 20.35 28.10
CA PHE B 441 24.38 21.77 28.16
C PHE B 441 24.20 22.34 29.57
N ILE B 442 23.29 21.80 30.39
CA ILE B 442 23.30 22.21 31.78
C ILE B 442 24.57 21.73 32.47
N MET B 443 25.08 20.55 32.10
CA MET B 443 26.37 20.14 32.63
C MET B 443 27.46 21.14 32.28
N LEU B 444 27.53 21.54 31.01
CA LEU B 444 28.57 22.49 30.61
C LEU B 444 28.40 23.83 31.32
N PHE B 445 27.16 24.31 31.44
CA PHE B 445 26.92 25.60 32.07
C PHE B 445 27.31 25.57 33.55
N CYS B 446 26.81 24.60 34.31
CA CYS B 446 27.16 24.53 35.73
C CYS B 446 28.55 23.99 35.96
N LEU B 447 29.25 23.60 34.89
CA LEU B 447 30.66 23.28 35.01
C LEU B 447 31.52 24.52 34.78
N GLY B 448 31.03 25.43 33.95
CA GLY B 448 31.77 26.65 33.69
C GLY B 448 31.43 27.81 34.57
N LEU B 449 30.37 27.73 35.37
CA LEU B 449 30.00 28.87 36.19
C LEU B 449 30.91 29.01 37.40
N SER B 450 31.24 27.88 38.02
CA SER B 450 32.09 27.86 39.21
C SER B 450 33.39 28.59 38.93
N SER B 451 34.06 28.18 37.86
CA SER B 451 35.32 28.80 37.48
C SER B 451 35.20 30.31 37.48
N MET B 452 34.11 30.84 36.94
CA MET B 452 33.94 32.28 36.92
C MET B 452 33.69 32.84 38.31
N PHE B 453 33.04 32.06 39.18
CA PHE B 453 32.95 32.45 40.59
C PHE B 453 34.33 32.76 41.14
N GLY B 454 35.23 31.78 41.02
CA GLY B 454 36.57 31.97 41.55
C GLY B 454 37.30 33.12 40.91
N ASN B 455 37.17 33.26 39.59
CA ASN B 455 37.88 34.33 38.90
C ASN B 455 37.37 35.71 39.33
N MET B 456 36.06 35.86 39.48
CA MET B 456 35.53 37.14 39.91
C MET B 456 35.95 37.45 41.33
N GLU B 457 36.07 36.43 42.18
CA GLU B 457 36.63 36.67 43.51
C GLU B 457 38.06 37.15 43.40
N GLY B 458 38.84 36.55 42.50
CA GLY B 458 40.24 36.92 42.36
C GLY B 458 40.47 38.27 41.70
N VAL B 459 39.45 38.82 41.05
CA VAL B 459 39.57 40.18 40.54
C VAL B 459 38.95 41.21 41.49
N VAL B 460 38.01 40.81 42.33
CA VAL B 460 37.40 41.77 43.24
C VAL B 460 38.26 41.97 44.48
N VAL B 461 38.88 40.90 44.98
CA VAL B 461 39.67 41.02 46.21
C VAL B 461 40.80 42.03 46.10
N PRO B 462 41.71 41.95 45.12
CA PRO B 462 42.83 42.90 45.10
C PRO B 462 42.41 44.32 44.78
N LEU B 463 41.19 44.55 44.32
CA LEU B 463 40.78 45.91 44.02
C LEU B 463 40.48 46.70 45.28
N GLN B 464 39.62 46.21 46.16
CA GLN B 464 39.32 46.93 47.37
C GLN B 464 40.45 46.86 48.39
N ASP B 465 41.45 46.01 48.17
CA ASP B 465 42.67 46.02 48.95
C ASP B 465 43.66 47.06 48.43
N LEU B 466 43.27 47.84 47.43
CA LEU B 466 44.10 48.89 46.87
C LEU B 466 43.60 50.28 47.23
N ARG B 467 42.52 50.39 48.01
CA ARG B 467 41.90 51.66 48.35
C ARG B 467 41.48 52.43 47.10
N VAL B 468 40.95 51.73 46.10
CA VAL B 468 40.49 52.41 44.89
C VAL B 468 39.10 53.02 45.04
N ILE B 469 38.27 52.46 45.91
CA ILE B 469 36.93 52.98 46.13
C ILE B 469 36.87 53.46 47.58
N PRO B 470 36.21 54.57 47.88
CA PRO B 470 36.13 55.03 49.27
C PRO B 470 35.49 53.96 50.12
N PRO B 471 36.09 53.62 51.27
CA PRO B 471 35.67 52.43 52.01
C PRO B 471 34.26 52.48 52.55
N LYS B 472 33.56 53.60 52.44
CA LYS B 472 32.21 53.70 52.98
C LYS B 472 31.16 53.13 52.04
N TRP B 473 31.53 52.71 50.85
CA TRP B 473 30.54 52.17 49.93
C TRP B 473 30.41 50.66 50.12
N PRO B 474 29.22 50.09 49.87
CA PRO B 474 29.04 48.65 50.04
C PRO B 474 29.83 47.84 49.04
N LYS B 475 29.78 46.51 49.13
CA LYS B 475 30.50 45.67 48.19
C LYS B 475 29.70 45.42 46.92
N GLU B 476 28.37 45.51 47.03
CA GLU B 476 27.53 45.31 45.86
C GLU B 476 27.83 46.32 44.76
N VAL B 477 28.13 47.57 45.13
CA VAL B 477 28.36 48.59 44.12
C VAL B 477 29.64 48.31 43.35
N LEU B 478 30.68 47.84 44.03
CA LEU B 478 31.92 47.55 43.32
C LEU B 478 31.76 46.33 42.42
N THR B 479 31.09 45.28 42.91
CA THR B 479 30.87 44.13 42.03
C THR B 479 30.04 44.53 40.82
N GLY B 480 29.04 45.37 41.01
CA GLY B 480 28.23 45.82 39.89
C GLY B 480 29.02 46.64 38.90
N LEU B 481 29.90 47.52 39.38
CA LEU B 481 30.70 48.31 38.45
C LEU B 481 31.63 47.42 37.63
N ILE B 482 32.27 46.45 38.28
CA ILE B 482 33.16 45.57 37.52
C ILE B 482 32.37 44.79 36.48
N CYS B 483 31.19 44.29 36.86
CA CYS B 483 30.38 43.54 35.91
C CYS B 483 29.98 44.41 34.72
N LEU B 484 29.50 45.62 34.98
CA LEU B 484 29.12 46.50 33.88
C LEU B 484 30.29 46.83 32.98
N GLY B 485 31.46 47.11 33.57
CA GLY B 485 32.61 47.45 32.75
C GLY B 485 33.04 46.30 31.86
N THR B 486 33.11 45.09 32.42
CA THR B 486 33.52 43.97 31.60
C THR B 486 32.47 43.64 30.56
N PHE B 487 31.20 43.82 30.87
CA PHE B 487 30.17 43.62 29.86
C PHE B 487 30.32 44.59 28.71
N LEU B 488 30.56 45.86 29.02
CA LEU B 488 30.69 46.85 27.95
C LEU B 488 31.95 46.64 27.13
N ILE B 489 33.00 46.09 27.74
CA ILE B 489 34.15 45.73 26.91
C ILE B 489 33.87 44.47 26.10
N GLY B 490 32.95 43.63 26.57
CA GLY B 490 32.65 42.40 25.88
C GLY B 490 31.78 42.55 24.64
N PHE B 491 31.71 43.75 24.07
CA PHE B 491 31.09 43.91 22.77
C PHE B 491 32.00 43.52 21.63
N ILE B 492 33.26 43.21 21.89
CA ILE B 492 34.18 42.97 20.79
C ILE B 492 34.00 41.58 20.22
N PHE B 493 33.46 40.65 21.01
CA PHE B 493 33.30 39.28 20.54
C PHE B 493 31.94 39.02 19.93
N THR B 494 31.03 39.98 19.98
CA THR B 494 29.70 39.76 19.44
C THR B 494 29.54 40.30 18.02
N LEU B 495 30.59 40.87 17.44
CA LEU B 495 30.52 41.28 16.04
C LEU B 495 30.43 40.08 15.13
N ASN B 496 30.35 40.33 13.82
CA ASN B 496 30.40 39.24 12.87
C ASN B 496 31.71 38.48 13.01
N SER B 497 32.82 39.10 12.65
CA SER B 497 34.13 38.49 12.79
C SER B 497 34.43 38.44 14.28
N GLY B 498 33.79 37.49 14.94
CA GLY B 498 33.89 37.43 16.38
C GLY B 498 34.67 36.24 16.89
N GLN B 499 34.60 35.12 16.19
CA GLN B 499 35.26 33.92 16.67
C GLN B 499 36.78 34.05 16.55
N TYR B 500 37.26 34.90 15.65
CA TYR B 500 38.70 35.03 15.45
C TYR B 500 39.36 35.78 16.59
N TRP B 501 38.75 36.89 17.04
CA TRP B 501 39.23 37.61 18.20
C TRP B 501 39.35 36.67 19.38
N LEU B 502 38.31 35.85 19.57
CA LEU B 502 38.30 34.92 20.69
C LEU B 502 39.43 33.92 20.57
N SER B 503 39.62 33.34 19.37
CA SER B 503 40.70 32.38 19.21
C SER B 503 42.05 33.02 19.54
N LEU B 504 42.26 34.25 19.07
CA LEU B 504 43.53 34.93 19.31
C LEU B 504 43.78 35.16 20.80
N LEU B 505 42.83 35.82 21.47
CA LEU B 505 42.99 36.09 22.89
C LEU B 505 43.17 34.80 23.68
N ASP B 506 42.32 33.80 23.41
CA ASP B 506 42.45 32.51 24.05
C ASP B 506 43.89 32.02 23.97
N SER B 507 44.40 31.84 22.75
CA SER B 507 45.75 31.33 22.57
C SER B 507 46.75 32.09 23.41
N TYR B 508 46.87 33.40 23.19
CA TYR B 508 48.04 34.09 23.75
C TYR B 508 47.89 34.34 25.25
N ALA B 509 46.72 34.81 25.69
CA ALA B 509 46.53 35.09 27.11
C ALA B 509 46.42 33.84 27.95
N GLY B 510 46.19 32.67 27.34
CA GLY B 510 46.23 31.47 28.13
C GLY B 510 47.62 30.88 28.13
N SER B 511 48.42 31.22 27.11
CA SER B 511 49.74 30.62 27.02
C SER B 511 50.79 31.37 27.85
N ILE B 512 51.03 32.64 27.55
CA ILE B 512 52.31 33.19 28.02
C ILE B 512 52.37 33.73 29.44
N PRO B 513 51.42 34.51 29.95
CA PRO B 513 51.67 35.19 31.23
C PRO B 513 51.57 34.27 32.43
N LEU B 514 50.80 33.19 32.26
CA LEU B 514 50.57 32.27 33.37
C LEU B 514 51.88 31.68 33.87
N LEU B 515 52.69 31.15 32.97
CA LEU B 515 53.88 30.44 33.43
C LEU B 515 54.93 31.39 33.96
N ILE B 516 55.00 32.61 33.43
CA ILE B 516 55.98 33.55 33.98
C ILE B 516 55.56 34.01 35.36
N ILE B 517 54.26 34.25 35.60
CA ILE B 517 53.83 34.60 36.95
C ILE B 517 54.08 33.43 37.90
N ALA B 518 53.76 32.21 37.47
CA ALA B 518 53.97 31.05 38.33
C ALA B 518 55.45 30.91 38.69
N PHE B 519 56.34 31.02 37.72
CA PHE B 519 57.76 30.91 38.02
C PHE B 519 58.20 32.03 38.95
N CYS B 520 57.74 33.26 38.72
CA CYS B 520 58.21 34.36 39.54
C CYS B 520 57.79 34.16 41.00
N GLU B 521 56.57 33.68 41.22
CA GLU B 521 56.15 33.48 42.61
C GLU B 521 56.85 32.28 43.23
N MET B 522 57.04 31.20 42.46
CA MET B 522 57.70 30.02 42.98
C MET B 522 59.15 30.31 43.33
N PHE B 523 59.73 31.31 42.66
CA PHE B 523 61.07 31.75 43.02
C PHE B 523 61.05 32.67 44.21
N SER B 524 60.09 33.61 44.24
CA SER B 524 60.05 34.59 45.32
C SER B 524 59.81 33.93 46.67
N VAL B 525 59.00 32.88 46.72
CA VAL B 525 58.69 32.28 48.01
C VAL B 525 59.84 31.49 48.59
N VAL B 526 60.65 30.84 47.76
CA VAL B 526 61.69 29.96 48.29
C VAL B 526 63.04 30.64 48.29
N TYR B 527 63.15 31.83 47.69
CA TYR B 527 64.44 32.50 47.70
C TYR B 527 64.41 33.96 48.11
N VAL B 528 63.24 34.52 48.41
CA VAL B 528 63.16 35.85 48.99
C VAL B 528 62.59 35.83 50.39
N TYR B 529 61.72 34.87 50.70
CA TYR B 529 61.16 34.70 52.03
C TYR B 529 61.97 33.73 52.86
N GLY B 530 62.95 33.07 52.28
CA GLY B 530 63.70 32.02 52.95
C GLY B 530 62.89 30.74 52.93
N VAL B 531 63.52 29.61 52.66
CA VAL B 531 62.75 28.38 52.66
C VAL B 531 62.70 27.77 54.06
N ASP B 532 63.69 28.07 54.91
CA ASP B 532 63.69 27.49 56.24
C ASP B 532 62.67 28.15 57.15
N ARG B 533 62.50 29.47 57.01
CA ARG B 533 61.46 30.14 57.78
C ARG B 533 60.10 29.57 57.42
N PHE B 534 59.80 29.48 56.13
CA PHE B 534 58.56 28.87 55.66
C PHE B 534 58.44 27.44 56.16
N ASN B 535 59.56 26.73 56.23
CA ASN B 535 59.55 25.36 56.68
C ASN B 535 59.07 25.25 58.12
N LYS B 536 59.76 25.92 59.04
CA LYS B 536 59.34 25.83 60.45
C LYS B 536 57.99 26.50 60.66
N ASP B 537 57.61 27.41 59.77
CA ASP B 537 56.28 28.00 59.82
C ASP B 537 55.20 26.94 59.57
N ILE B 538 55.31 26.21 58.46
CA ILE B 538 54.32 25.17 58.20
C ILE B 538 54.40 24.10 59.26
N GLU B 539 55.59 23.92 59.85
CA GLU B 539 55.72 22.95 60.93
C GLU B 539 54.86 23.34 62.12
N PHE B 540 54.91 24.60 62.51
CA PHE B 540 54.05 25.04 63.60
C PHE B 540 52.58 24.99 63.20
N MET B 541 52.27 25.27 61.94
CA MET B 541 50.87 25.31 61.53
C MET B 541 50.23 23.93 61.59
N ILE B 542 50.72 22.99 60.79
CA ILE B 542 50.02 21.70 60.72
C ILE B 542 50.53 20.72 61.78
N GLY B 543 51.83 20.64 62.00
CA GLY B 543 52.33 19.78 63.05
C GLY B 543 53.41 18.80 62.66
N HIS B 544 54.06 19.02 61.52
CA HIS B 544 55.14 18.15 61.07
C HIS B 544 55.84 18.80 59.88
N LYS B 545 57.16 18.70 59.88
CA LYS B 545 57.92 19.16 58.73
C LYS B 545 57.48 18.41 57.48
N PRO B 546 57.49 19.06 56.32
CA PRO B 546 57.10 18.35 55.10
C PRO B 546 58.15 17.33 54.70
N ASN B 547 57.68 16.27 54.05
CA ASN B 547 58.53 15.16 53.66
C ASN B 547 59.62 15.64 52.70
N ILE B 548 60.63 14.79 52.47
CA ILE B 548 61.73 15.18 51.60
C ILE B 548 61.22 15.53 50.21
N PHE B 549 60.15 14.88 49.77
CA PHE B 549 59.63 15.13 48.43
C PHE B 549 59.35 16.60 48.21
N TRP B 550 58.61 17.22 49.13
CA TRP B 550 58.31 18.64 48.98
C TRP B 550 59.57 19.47 48.95
N GLN B 551 60.57 19.10 49.75
CA GLN B 551 61.82 19.87 49.77
C GLN B 551 62.51 19.84 48.42
N VAL B 552 62.74 18.65 47.88
CA VAL B 552 63.45 18.54 46.61
C VAL B 552 62.65 19.15 45.49
N THR B 553 61.33 19.06 45.55
CA THR B 553 60.55 19.58 44.42
C THR B 553 60.33 21.09 44.55
N TRP B 554 60.60 21.65 45.73
CA TRP B 554 60.56 23.10 45.86
C TRP B 554 61.89 23.76 45.53
N ARG B 555 63.01 23.10 45.84
CA ARG B 555 64.28 23.81 45.80
C ARG B 555 64.97 23.76 44.45
N VAL B 556 64.92 22.64 43.71
CA VAL B 556 65.66 22.61 42.45
C VAL B 556 64.76 22.27 41.26
N VAL B 557 63.90 21.27 41.36
CA VAL B 557 63.26 20.74 40.18
C VAL B 557 62.22 21.71 39.63
N SER B 558 61.46 22.37 40.51
CA SER B 558 60.41 23.25 40.01
C SER B 558 60.95 24.44 39.23
N PRO B 559 61.88 25.24 39.74
CA PRO B 559 62.38 26.35 38.93
C PRO B 559 63.11 25.88 37.68
N LEU B 560 63.84 24.78 37.76
CA LEU B 560 64.54 24.29 36.57
C LEU B 560 63.55 23.88 35.48
N LEU B 561 62.47 23.21 35.84
CA LEU B 561 61.50 22.85 34.82
C LEU B 561 60.94 24.12 34.16
N MET B 562 60.58 25.09 35.00
CA MET B 562 60.03 26.35 34.50
C MET B 562 60.91 27.00 33.45
N LEU B 563 62.21 27.09 33.72
CA LEU B 563 63.13 27.71 32.78
C LEU B 563 63.02 27.00 31.43
N ILE B 564 63.00 25.68 31.46
CA ILE B 564 62.91 24.91 30.24
C ILE B 564 61.63 25.28 29.50
N ILE B 565 60.48 25.21 30.17
CA ILE B 565 59.24 25.57 29.50
C ILE B 565 59.34 26.98 28.87
N PHE B 566 59.90 27.92 29.60
CA PHE B 566 60.07 29.29 29.10
C PHE B 566 60.88 29.37 27.81
N LEU B 567 62.05 28.74 27.81
CA LEU B 567 62.87 28.76 26.61
C LEU B 567 62.20 28.04 25.46
N PHE B 568 61.41 27.01 25.77
CA PHE B 568 60.72 26.27 24.72
C PHE B 568 59.66 27.16 24.09
N PHE B 569 59.00 27.97 24.90
CA PHE B 569 58.00 28.88 24.37
C PHE B 569 58.73 29.87 23.48
N PHE B 570 59.89 30.34 23.92
CA PHE B 570 60.63 31.31 23.09
C PHE B 570 61.24 30.71 21.83
N VAL B 571 61.32 29.38 21.77
CA VAL B 571 61.86 28.72 20.59
C VAL B 571 60.74 28.11 19.77
N VAL B 572 59.51 28.31 20.23
CA VAL B 572 58.35 27.80 19.52
C VAL B 572 57.51 28.95 18.98
N GLU B 573 58.00 30.17 19.17
CA GLU B 573 57.31 31.36 18.69
C GLU B 573 57.92 31.87 17.39
N VAL B 574 59.23 31.99 17.34
CA VAL B 574 59.94 32.19 16.08
C VAL B 574 60.01 30.83 15.41
N SER B 575 60.17 30.83 14.09
CA SER B 575 60.27 29.63 13.26
C SER B 575 58.98 28.82 13.25
N GLN B 576 57.84 29.41 13.62
CA GLN B 576 56.55 28.78 13.42
C GLN B 576 55.58 29.85 12.93
N GLU B 577 55.07 29.68 11.71
CA GLU B 577 54.22 30.68 11.11
C GLU B 577 52.94 30.87 11.91
N LEU B 578 52.43 32.10 11.90
CA LEU B 578 51.25 32.49 12.66
C LEU B 578 50.05 32.51 11.72
N THR B 579 49.24 31.46 11.77
CA THR B 579 48.14 31.30 10.82
C THR B 579 46.85 31.01 11.57
N TYR B 580 45.74 31.47 11.01
CA TYR B 580 44.41 31.17 11.51
C TYR B 580 43.53 30.70 10.38
N SER B 581 42.44 30.03 10.74
CA SER B 581 41.54 29.41 9.77
C SER B 581 40.34 30.29 9.49
N ILE B 582 39.88 30.29 8.24
CA ILE B 582 38.73 31.08 7.85
C ILE B 582 37.61 30.17 7.40
N TRP B 583 36.44 30.76 7.18
CA TRP B 583 35.30 29.98 6.70
C TRP B 583 35.17 30.08 5.18
N ASP B 584 34.88 31.29 4.67
CA ASP B 584 34.90 31.61 3.24
C ASP B 584 34.16 30.59 2.39
N PRO B 585 32.84 30.64 2.33
CA PRO B 585 32.10 29.65 1.52
C PRO B 585 32.36 29.77 0.03
N GLY B 586 32.83 30.92 -0.45
CA GLY B 586 33.03 31.08 -1.88
C GLY B 586 34.28 30.39 -2.40
N TYR B 587 35.15 29.96 -1.50
CA TYR B 587 36.40 29.31 -1.91
C TYR B 587 36.13 27.85 -2.29
N GLU B 588 36.78 27.38 -3.35
CA GLU B 588 36.58 26.02 -3.81
C GLU B 588 37.09 25.03 -2.76
N GLU B 589 36.82 23.74 -3.01
CA GLU B 589 36.93 22.68 -2.00
C GLU B 589 36.51 23.19 -0.63
N PHE B 590 35.31 23.76 -0.59
CA PHE B 590 34.86 24.50 0.58
C PHE B 590 34.78 23.69 1.88
N PRO B 591 34.37 22.42 1.87
CA PRO B 591 34.33 21.68 3.15
C PRO B 591 35.64 21.70 3.91
N LYS B 592 36.77 21.75 3.22
CA LYS B 592 38.05 21.82 3.89
C LYS B 592 38.28 23.21 4.48
N SER B 593 39.10 23.27 5.51
CA SER B 593 39.41 24.55 6.15
C SER B 593 40.56 25.24 5.44
N GLN B 594 40.35 26.51 5.12
CA GLN B 594 41.37 27.33 4.49
C GLN B 594 42.13 28.08 5.58
N LYS B 595 43.43 28.20 5.39
CA LYS B 595 44.33 28.70 6.42
C LYS B 595 45.09 29.89 5.86
N ILE B 596 45.01 31.04 6.51
CA ILE B 596 45.69 32.23 6.06
C ILE B 596 46.44 32.84 7.24
N SER B 597 47.04 34.01 7.00
CA SER B 597 47.84 34.69 8.00
C SER B 597 47.15 35.96 8.47
N TYR B 598 47.38 36.32 9.73
CA TYR B 598 46.83 37.54 10.29
C TYR B 598 47.39 38.73 9.54
N PRO B 599 46.73 39.86 9.60
CA PRO B 599 47.33 41.08 9.05
C PRO B 599 48.54 41.48 9.87
N ASN B 600 49.20 42.59 9.51
CA ASN B 600 50.40 42.99 10.21
C ASN B 600 50.11 43.65 11.56
N TRP B 601 49.01 44.37 11.69
CA TRP B 601 48.80 45.16 12.89
C TRP B 601 48.55 44.30 14.13
N VAL B 602 48.18 43.04 13.95
CA VAL B 602 47.67 42.23 15.07
C VAL B 602 48.72 42.08 16.16
N TYR B 603 50.00 42.19 15.80
CA TYR B 603 51.05 42.06 16.80
C TYR B 603 50.84 43.07 17.93
N VAL B 604 50.29 44.23 17.60
CA VAL B 604 49.93 45.21 18.62
C VAL B 604 49.07 44.57 19.70
N VAL B 605 47.97 43.94 19.32
CA VAL B 605 47.14 43.26 20.31
C VAL B 605 47.96 42.20 21.05
N VAL B 606 48.77 41.45 20.32
CA VAL B 606 49.52 40.36 20.91
C VAL B 606 50.44 40.90 22.00
N VAL B 607 50.76 42.18 21.94
CA VAL B 607 51.50 42.78 23.04
C VAL B 607 50.57 43.13 24.18
N ILE B 608 49.53 43.93 23.90
CA ILE B 608 48.65 44.44 24.96
C ILE B 608 47.94 43.34 25.73
N VAL B 609 48.04 42.10 25.26
CA VAL B 609 47.47 40.96 25.97
C VAL B 609 48.56 40.08 26.57
N ALA B 610 49.71 39.96 25.90
CA ALA B 610 50.82 39.14 26.37
C ALA B 610 51.96 39.98 26.90
N GLY B 611 51.79 41.30 26.96
CA GLY B 611 52.83 42.21 27.41
C GLY B 611 52.54 42.69 28.80
N VAL B 612 51.91 43.85 28.91
CA VAL B 612 51.61 44.53 30.17
C VAL B 612 51.28 43.56 31.30
N PRO B 613 50.30 42.65 31.16
CA PRO B 613 50.00 41.74 32.27
C PRO B 613 51.11 40.75 32.58
N SER B 614 52.16 40.68 31.77
CA SER B 614 53.32 39.86 32.09
C SER B 614 54.61 40.65 32.07
N LEU B 615 54.55 41.97 32.01
CA LEU B 615 55.73 42.81 32.06
C LEU B 615 55.63 43.85 33.17
N THR B 616 54.47 43.99 33.81
CA THR B 616 54.39 44.88 34.97
C THR B 616 55.16 44.37 36.18
N ILE B 617 55.74 43.17 36.12
CA ILE B 617 56.57 42.71 37.24
C ILE B 617 57.91 43.42 37.18
N PRO B 618 58.71 43.27 36.11
CA PRO B 618 59.98 44.01 36.08
C PRO B 618 59.78 45.50 36.01
N GLY B 619 58.70 45.95 35.37
CA GLY B 619 58.42 47.38 35.34
C GLY B 619 58.27 47.96 36.73
N TYR B 620 57.38 47.37 37.54
CA TYR B 620 57.19 47.87 38.89
C TYR B 620 58.46 47.69 39.72
N ALA B 621 59.19 46.59 39.54
CA ALA B 621 60.42 46.42 40.28
C ALA B 621 61.41 47.54 40.00
N ILE B 622 61.56 47.89 38.72
CA ILE B 622 62.47 48.97 38.35
C ILE B 622 61.95 50.30 38.86
N TYR B 623 60.63 50.51 38.83
CA TYR B 623 60.07 51.75 39.34
C TYR B 623 60.36 51.91 40.82
N LYS B 624 60.24 50.82 41.58
CA LYS B 624 60.47 50.90 43.02
C LYS B 624 61.96 51.03 43.35
N LEU B 625 62.83 50.36 42.58
CA LEU B 625 64.25 50.49 42.84
C LEU B 625 64.85 51.77 42.30
N ILE B 626 64.13 52.49 41.44
CA ILE B 626 64.61 53.79 40.99
C ILE B 626 63.82 54.94 41.63
N ARG B 627 62.80 54.64 42.43
CA ARG B 627 62.25 55.66 43.31
C ARG B 627 63.21 55.95 44.45
N ASN B 628 63.80 54.92 45.02
CA ASN B 628 64.78 55.05 46.10
C ASN B 628 66.16 55.28 45.51
N HIS B 629 66.55 56.54 45.34
CA HIS B 629 67.84 56.88 44.76
C HIS B 629 69.00 56.44 45.66
N THR C 1 -62.65 25.79 -53.40
CA THR C 1 -62.31 25.70 -51.99
C THR C 1 -61.03 24.95 -51.79
N ILE C 2 -60.87 24.34 -50.61
CA ILE C 2 -59.67 23.56 -50.33
C ILE C 2 -59.95 22.09 -50.55
N GLU C 3 -61.22 21.69 -50.51
CA GLU C 3 -61.52 20.27 -50.63
C GLU C 3 -61.37 19.79 -52.06
N GLU C 4 -62.02 20.46 -53.00
CA GLU C 4 -61.96 20.01 -54.37
C GLU C 4 -60.53 19.91 -54.86
N GLN C 5 -59.71 20.87 -54.45
CA GLN C 5 -58.30 20.90 -54.82
C GLN C 5 -57.57 19.68 -54.28
N ALA C 6 -57.82 19.35 -53.02
CA ALA C 6 -57.17 18.19 -52.40
C ALA C 6 -57.63 16.91 -53.07
N LYS C 7 -58.92 16.79 -53.36
CA LYS C 7 -59.42 15.59 -54.00
C LYS C 7 -58.82 15.42 -55.39
N THR C 8 -58.71 16.51 -56.15
CA THR C 8 -58.09 16.41 -57.46
C THR C 8 -56.63 16.03 -57.34
N PHE C 9 -55.94 16.53 -56.32
CA PHE C 9 -54.54 16.19 -56.16
C PHE C 9 -54.38 14.71 -55.87
N LEU C 10 -55.23 14.17 -55.00
CA LEU C 10 -55.12 12.74 -54.70
C LEU C 10 -55.44 11.91 -55.93
N ASP C 11 -56.44 12.33 -56.69
CA ASP C 11 -56.78 11.66 -57.93
C ASP C 11 -55.57 11.58 -58.84
N LYS C 12 -54.95 12.73 -59.10
CA LYS C 12 -53.78 12.75 -59.95
C LYS C 12 -52.65 11.91 -59.37
N PHE C 13 -52.55 11.84 -58.05
CA PHE C 13 -51.48 11.06 -57.44
C PHE C 13 -51.63 9.58 -57.73
N ASN C 14 -52.86 9.07 -57.59
CA ASN C 14 -53.07 7.63 -57.53
C ASN C 14 -52.54 6.93 -58.78
N HIS C 15 -52.80 7.48 -59.96
CA HIS C 15 -52.39 6.82 -61.20
C HIS C 15 -50.90 6.50 -61.18
N GLU C 16 -50.09 7.54 -61.02
CA GLU C 16 -48.65 7.36 -61.07
C GLU C 16 -48.18 6.49 -59.93
N ALA C 17 -48.75 6.67 -58.75
CA ALA C 17 -48.35 5.82 -57.63
C ALA C 17 -48.54 4.36 -57.99
N GLU C 18 -49.70 4.04 -58.56
CA GLU C 18 -50.02 2.66 -58.90
C GLU C 18 -49.03 2.11 -59.90
N ASP C 19 -48.80 2.83 -60.99
CA ASP C 19 -47.96 2.28 -62.04
C ASP C 19 -46.52 2.11 -61.58
N LEU C 20 -45.98 3.15 -60.94
CA LEU C 20 -44.60 3.04 -60.48
C LEU C 20 -44.45 1.93 -59.46
N PHE C 21 -45.45 1.76 -58.60
CA PHE C 21 -45.37 0.68 -57.63
C PHE C 21 -45.35 -0.65 -58.32
N TYR C 22 -46.18 -0.83 -59.33
CA TYR C 22 -46.20 -2.08 -60.06
C TYR C 22 -44.84 -2.39 -60.64
N GLN C 23 -44.22 -1.42 -61.30
CA GLN C 23 -42.95 -1.72 -61.93
C GLN C 23 -41.87 -1.99 -60.89
N SER C 24 -41.85 -1.26 -59.79
CA SER C 24 -40.82 -1.52 -58.79
C SER C 24 -40.99 -2.91 -58.20
N SER C 25 -42.23 -3.31 -57.94
CA SER C 25 -42.46 -4.61 -57.36
C SER C 25 -42.09 -5.71 -58.33
N LEU C 26 -42.41 -5.52 -59.61
CA LEU C 26 -42.01 -6.50 -60.61
C LEU C 26 -40.50 -6.68 -60.62
N ALA C 27 -39.77 -5.58 -60.54
CA ALA C 27 -38.32 -5.67 -60.47
C ALA C 27 -37.89 -6.51 -59.28
N SER C 28 -38.42 -6.20 -58.10
CA SER C 28 -37.99 -6.90 -56.90
C SER C 28 -38.35 -8.37 -56.94
N TRP C 29 -39.49 -8.71 -57.52
CA TRP C 29 -39.86 -10.10 -57.65
C TRP C 29 -38.91 -10.84 -58.57
N ASN C 30 -38.70 -10.29 -59.77
CA ASN C 30 -37.78 -10.94 -60.72
C ASN C 30 -36.41 -11.10 -60.12
N TYR C 31 -36.01 -10.19 -59.25
CA TYR C 31 -34.74 -10.40 -58.56
C TYR C 31 -34.82 -11.53 -57.56
N ASN C 32 -35.91 -11.59 -56.81
CA ASN C 32 -36.00 -12.56 -55.73
C ASN C 32 -36.12 -13.98 -56.24
N THR C 33 -36.96 -14.19 -57.24
CA THR C 33 -37.08 -15.52 -57.79
C THR C 33 -35.95 -15.88 -58.73
N ASN C 34 -35.01 -14.96 -58.97
CA ASN C 34 -33.91 -15.22 -59.92
C ASN C 34 -32.70 -14.38 -59.50
N ILE C 35 -31.83 -14.97 -58.70
CA ILE C 35 -30.72 -14.19 -58.16
C ILE C 35 -29.67 -14.05 -59.24
N THR C 36 -29.69 -12.93 -59.96
CA THR C 36 -28.68 -12.67 -60.98
C THR C 36 -28.18 -11.25 -60.79
N GLU C 37 -26.87 -11.06 -60.97
CA GLU C 37 -26.29 -9.73 -60.87
C GLU C 37 -26.88 -8.76 -61.88
N GLU C 38 -27.45 -9.27 -62.97
CA GLU C 38 -28.17 -8.39 -63.89
C GLU C 38 -29.32 -7.69 -63.18
N ASN C 39 -30.12 -8.45 -62.43
CA ASN C 39 -31.35 -7.94 -61.89
C ASN C 39 -31.15 -7.05 -60.68
N VAL C 40 -30.02 -7.16 -59.99
CA VAL C 40 -29.81 -6.38 -58.78
C VAL C 40 -29.90 -4.90 -59.09
N GLN C 41 -29.08 -4.43 -60.03
CA GLN C 41 -29.08 -3.02 -60.36
C GLN C 41 -30.42 -2.59 -60.93
N ASN C 42 -31.10 -3.49 -61.64
CA ASN C 42 -32.41 -3.13 -62.19
C ASN C 42 -33.42 -2.88 -61.08
N MET C 43 -33.45 -3.78 -60.09
CA MET C 43 -34.32 -3.59 -58.95
C MET C 43 -33.97 -2.32 -58.20
N ASN C 44 -32.67 -2.00 -58.12
CA ASN C 44 -32.28 -0.77 -57.44
C ASN C 44 -32.72 0.46 -58.21
N ASN C 45 -32.65 0.41 -59.54
CA ASN C 45 -33.14 1.51 -60.35
C ASN C 45 -34.62 1.74 -60.11
N ALA C 46 -35.41 0.67 -60.19
CA ALA C 46 -36.84 0.82 -59.95
C ALA C 46 -37.11 1.32 -58.54
N GLY C 47 -36.37 0.81 -57.56
CA GLY C 47 -36.59 1.22 -56.19
C GLY C 47 -36.35 2.69 -55.99
N ASP C 48 -35.26 3.20 -56.57
CA ASP C 48 -35.01 4.63 -56.40
C ASP C 48 -36.00 5.47 -57.20
N LYS C 49 -36.40 5.01 -58.37
CA LYS C 49 -37.39 5.77 -59.12
C LYS C 49 -38.74 5.79 -58.44
N TRP C 50 -39.01 4.84 -57.53
CA TRP C 50 -40.21 4.94 -56.72
C TRP C 50 -40.00 5.83 -55.50
N SER C 51 -38.87 5.68 -54.83
CA SER C 51 -38.60 6.49 -53.64
C SER C 51 -38.61 7.97 -53.96
N ALA C 52 -38.04 8.36 -55.10
CA ALA C 52 -37.99 9.78 -55.44
C ALA C 52 -39.39 10.33 -55.68
N PHE C 53 -40.22 9.58 -56.40
CA PHE C 53 -41.58 10.01 -56.64
C PHE C 53 -42.32 10.18 -55.33
N LEU C 54 -42.08 9.28 -54.38
CA LEU C 54 -42.73 9.41 -53.09
C LEU C 54 -42.29 10.69 -52.38
N LYS C 55 -41.00 10.96 -52.34
CA LYS C 55 -40.52 12.16 -51.66
C LYS C 55 -41.08 13.42 -52.30
N GLU C 56 -41.06 13.48 -53.63
CA GLU C 56 -41.55 14.65 -54.32
C GLU C 56 -43.03 14.85 -54.04
N GLN C 57 -43.83 13.81 -54.21
CA GLN C 57 -45.26 13.96 -53.97
C GLN C 57 -45.56 14.31 -52.53
N SER C 58 -44.71 13.87 -51.61
CA SER C 58 -44.93 14.22 -50.21
C SER C 58 -44.72 15.71 -49.99
N THR C 59 -43.61 16.25 -50.49
CA THR C 59 -43.39 17.68 -50.29
C THR C 59 -44.40 18.51 -51.05
N LEU C 60 -44.88 18.01 -52.18
CA LEU C 60 -45.87 18.77 -52.94
C LEU C 60 -47.21 18.82 -52.22
N ALA C 61 -47.42 17.94 -51.26
CA ALA C 61 -48.69 17.86 -50.54
C ALA C 61 -48.64 18.51 -49.18
N GLN C 62 -47.46 18.93 -48.73
CA GLN C 62 -47.33 19.58 -47.44
C GLN C 62 -48.07 20.91 -47.37
N MET C 63 -48.66 21.34 -48.47
CA MET C 63 -49.30 22.65 -48.52
C MET C 63 -50.76 22.61 -48.12
N TYR C 64 -51.42 21.48 -48.24
CA TYR C 64 -52.83 21.43 -47.89
C TYR C 64 -52.99 21.42 -46.39
N PRO C 65 -53.65 22.40 -45.80
CA PRO C 65 -53.84 22.40 -44.35
C PRO C 65 -54.79 21.29 -43.94
N LEU C 66 -54.47 20.64 -42.83
CA LEU C 66 -55.17 19.40 -42.51
C LEU C 66 -56.56 19.64 -41.96
N GLN C 67 -56.67 20.48 -40.93
CA GLN C 67 -57.91 20.54 -40.16
C GLN C 67 -58.97 21.36 -40.89
N GLU C 68 -59.18 21.08 -42.16
CA GLU C 68 -60.22 21.76 -42.93
C GLU C 68 -61.02 20.72 -43.68
N ILE C 69 -60.43 19.54 -43.84
CA ILE C 69 -61.11 18.48 -44.56
C ILE C 69 -62.04 17.74 -43.62
N GLN C 70 -63.21 17.37 -44.12
CA GLN C 70 -64.15 16.56 -43.36
C GLN C 70 -64.34 15.16 -43.92
N ASN C 71 -63.99 14.94 -45.18
CA ASN C 71 -64.06 13.60 -45.75
C ASN C 71 -62.98 12.74 -45.13
N LEU C 72 -63.39 11.68 -44.44
CA LEU C 72 -62.43 10.89 -43.67
C LEU C 72 -61.47 10.15 -44.58
N THR C 73 -61.97 9.60 -45.68
CA THR C 73 -61.06 8.89 -46.57
C THR C 73 -60.13 9.83 -47.32
N VAL C 74 -60.23 11.13 -47.11
CA VAL C 74 -59.29 12.06 -47.69
C VAL C 74 -58.25 12.50 -46.67
N LYS C 75 -58.72 12.81 -45.46
CA LYS C 75 -57.78 13.10 -44.39
C LYS C 75 -56.89 11.92 -44.12
N LEU C 76 -57.42 10.71 -44.25
CA LEU C 76 -56.62 9.53 -43.96
C LEU C 76 -55.48 9.38 -44.94
N GLN C 77 -55.70 9.69 -46.21
CA GLN C 77 -54.62 9.59 -47.18
C GLN C 77 -53.65 10.75 -47.03
N LEU C 78 -54.15 11.96 -46.83
CA LEU C 78 -53.25 13.10 -46.70
C LEU C 78 -52.33 12.93 -45.51
N GLN C 79 -52.85 12.41 -44.40
CA GLN C 79 -52.00 12.23 -43.24
C GLN C 79 -50.85 11.29 -43.51
N ALA C 80 -50.98 10.41 -44.47
CA ALA C 80 -49.92 9.48 -44.78
C ALA C 80 -48.85 10.09 -45.67
N LEU C 81 -49.14 11.18 -46.36
CA LEU C 81 -48.14 11.85 -47.16
C LEU C 81 -47.41 12.94 -46.39
N GLN C 82 -48.14 13.78 -45.66
CA GLN C 82 -47.51 14.86 -44.94
C GLN C 82 -46.53 14.38 -43.90
N GLN C 83 -46.51 13.09 -43.61
CA GLN C 83 -45.58 12.56 -42.62
C GLN C 83 -44.15 12.82 -43.05
N ASN C 84 -43.47 13.73 -42.34
CA ASN C 84 -42.15 14.17 -42.79
C ASN C 84 -41.11 13.07 -42.64
N GLY C 85 -41.19 12.31 -41.56
CA GLY C 85 -40.22 11.25 -41.36
C GLY C 85 -38.89 11.83 -40.91
N SER C 86 -37.81 11.31 -41.49
CA SER C 86 -36.48 11.72 -41.10
C SER C 86 -35.95 12.88 -41.92
N SER C 87 -36.77 13.47 -42.78
CA SER C 87 -36.28 14.58 -43.58
C SER C 87 -36.00 15.79 -42.73
N VAL C 88 -36.84 16.06 -41.71
CA VAL C 88 -36.69 17.27 -40.94
C VAL C 88 -35.34 17.36 -40.27
N LEU C 89 -34.67 16.25 -40.06
CA LEU C 89 -33.37 16.30 -39.44
C LEU C 89 -32.41 17.08 -40.33
N SER C 90 -31.44 17.74 -39.71
CA SER C 90 -30.41 18.41 -40.47
C SER C 90 -29.70 17.41 -41.37
N GLU C 91 -28.92 17.92 -42.32
CA GLU C 91 -28.34 17.02 -43.31
C GLU C 91 -27.27 16.14 -42.69
N ASP C 92 -26.29 16.74 -42.04
CA ASP C 92 -25.20 15.94 -41.50
C ASP C 92 -25.70 14.95 -40.46
N LYS C 93 -26.68 15.36 -39.66
CA LYS C 93 -27.25 14.44 -38.68
C LYS C 93 -27.92 13.27 -39.36
N SER C 94 -28.68 13.52 -40.42
CA SER C 94 -29.32 12.42 -41.11
C SER C 94 -28.29 11.48 -41.68
N LYS C 95 -27.17 12.01 -42.17
CA LYS C 95 -26.15 11.11 -42.70
C LYS C 95 -25.52 10.27 -41.58
N ARG C 96 -25.30 10.87 -40.41
CA ARG C 96 -24.74 10.04 -39.35
C ARG C 96 -25.76 9.04 -38.84
N LEU C 97 -27.04 9.38 -38.87
CA LEU C 97 -28.05 8.41 -38.50
C LEU C 97 -27.97 7.20 -39.42
N ASN C 98 -27.87 7.43 -40.71
CA ASN C 98 -27.76 6.29 -41.61
C ASN C 98 -26.49 5.50 -41.38
N THR C 99 -25.38 6.18 -41.13
CA THR C 99 -24.15 5.45 -40.87
C THR C 99 -24.29 4.58 -39.63
N ILE C 100 -24.90 5.10 -38.59
CA ILE C 100 -25.09 4.33 -37.36
C ILE C 100 -25.97 3.12 -37.62
N LEU C 101 -27.07 3.32 -38.32
CA LEU C 101 -27.96 2.20 -38.59
C LEU C 101 -27.26 1.11 -39.36
N ASN C 102 -26.55 1.46 -40.41
CA ASN C 102 -25.87 0.43 -41.17
C ASN C 102 -24.77 -0.24 -40.38
N THR C 103 -24.07 0.51 -39.52
CA THR C 103 -23.03 -0.12 -38.73
C THR C 103 -23.62 -1.15 -37.79
N MET C 104 -24.70 -0.80 -37.11
CA MET C 104 -25.30 -1.73 -36.17
C MET C 104 -25.80 -2.97 -36.89
N SER C 105 -26.48 -2.78 -38.02
CA SER C 105 -26.98 -3.93 -38.73
C SER C 105 -25.87 -4.86 -39.16
N THR C 106 -24.79 -4.32 -39.69
CA THR C 106 -23.73 -5.20 -40.16
C THR C 106 -22.91 -5.79 -39.03
N ILE C 107 -22.84 -5.14 -37.87
CA ILE C 107 -22.21 -5.79 -36.73
C ILE C 107 -23.01 -6.99 -36.33
N TYR C 108 -24.33 -6.88 -36.34
CA TYR C 108 -25.14 -8.03 -35.99
C TYR C 108 -24.99 -9.13 -37.02
N SER C 109 -24.94 -8.78 -38.30
CA SER C 109 -24.90 -9.81 -39.33
C SER C 109 -23.59 -10.55 -39.39
N THR C 110 -22.48 -9.85 -39.17
CA THR C 110 -21.17 -10.45 -39.40
C THR C 110 -20.34 -10.64 -38.14
N GLY C 111 -20.90 -10.39 -36.96
CA GLY C 111 -20.16 -10.67 -35.76
C GLY C 111 -19.94 -12.16 -35.59
N LYS C 112 -18.86 -12.51 -34.91
CA LYS C 112 -18.56 -13.92 -34.71
C LYS C 112 -17.72 -14.09 -33.47
N VAL C 113 -17.87 -15.26 -32.83
CA VAL C 113 -17.14 -15.56 -31.61
C VAL C 113 -16.38 -16.84 -31.84
N CYS C 114 -15.30 -17.03 -31.10
CA CYS C 114 -14.59 -18.27 -31.28
C CYS C 114 -14.01 -18.82 -29.99
N ASN C 115 -13.84 -20.13 -30.02
CA ASN C 115 -13.43 -21.03 -28.97
C ASN C 115 -12.27 -20.46 -28.17
N PRO C 116 -12.18 -20.76 -26.88
CA PRO C 116 -11.03 -20.31 -26.11
C PRO C 116 -9.83 -21.20 -26.27
N ASP C 117 -10.04 -22.45 -26.70
CA ASP C 117 -8.97 -23.42 -26.82
C ASP C 117 -8.43 -23.57 -28.23
N ASN C 118 -9.19 -23.14 -29.23
CA ASN C 118 -8.79 -23.23 -30.63
C ASN C 118 -9.22 -21.97 -31.32
N PRO C 119 -8.49 -20.91 -31.16
CA PRO C 119 -8.96 -19.61 -31.65
C PRO C 119 -9.10 -19.50 -33.15
N GLN C 120 -8.87 -20.59 -33.90
CA GLN C 120 -8.95 -20.52 -35.35
C GLN C 120 -10.21 -21.18 -35.89
N GLU C 121 -11.24 -21.30 -35.07
CA GLU C 121 -12.56 -21.71 -35.53
C GLU C 121 -13.57 -20.79 -34.89
N CYS C 122 -14.05 -19.83 -35.66
CA CYS C 122 -15.06 -18.90 -35.19
C CYS C 122 -16.41 -19.24 -35.79
N LEU C 123 -17.45 -18.97 -35.01
CA LEU C 123 -18.83 -19.24 -35.35
C LEU C 123 -19.57 -17.93 -35.48
N LEU C 124 -20.40 -17.83 -36.52
CA LEU C 124 -21.36 -16.75 -36.64
C LEU C 124 -22.59 -17.05 -35.82
N LEU C 125 -23.51 -16.12 -35.80
CA LEU C 125 -24.72 -16.37 -35.02
C LEU C 125 -25.63 -17.33 -35.75
N GLU C 126 -25.94 -17.05 -37.01
CA GLU C 126 -27.05 -17.80 -37.55
C GLU C 126 -26.70 -19.27 -37.68
N PRO C 127 -25.80 -19.70 -38.53
CA PRO C 127 -25.43 -21.10 -38.42
C PRO C 127 -24.30 -21.25 -37.44
N GLY C 128 -24.57 -21.90 -36.31
CA GLY C 128 -23.49 -22.23 -35.41
C GLY C 128 -23.70 -21.82 -33.97
N LEU C 129 -24.24 -20.66 -33.69
CA LEU C 129 -24.60 -20.38 -32.32
C LEU C 129 -26.05 -20.67 -32.04
N ASN C 130 -26.92 -20.35 -32.99
CA ASN C 130 -28.30 -20.79 -32.88
C ASN C 130 -28.39 -22.29 -32.75
N GLU C 131 -27.51 -23.02 -33.43
CA GLU C 131 -27.55 -24.47 -33.37
C GLU C 131 -27.18 -24.98 -32.00
N ILE C 132 -26.08 -24.47 -31.43
CA ILE C 132 -25.75 -24.83 -30.06
C ILE C 132 -26.91 -24.54 -29.14
N MET C 133 -27.39 -23.29 -29.16
CA MET C 133 -28.38 -22.90 -28.18
C MET C 133 -29.66 -23.68 -28.35
N ALA C 134 -29.98 -24.14 -29.55
CA ALA C 134 -31.23 -24.84 -29.74
C ALA C 134 -31.11 -26.32 -29.43
N ASN C 135 -29.99 -26.95 -29.72
CA ASN C 135 -29.89 -28.39 -29.59
C ASN C 135 -29.18 -28.86 -28.34
N SER C 136 -28.12 -28.18 -27.93
CA SER C 136 -27.23 -28.73 -26.93
C SER C 136 -27.94 -29.00 -25.62
N LEU C 137 -27.30 -29.80 -24.79
CA LEU C 137 -27.84 -30.16 -23.48
C LEU C 137 -26.76 -30.07 -22.41
N ASP C 138 -25.63 -29.46 -22.73
CA ASP C 138 -24.50 -29.30 -21.84
C ASP C 138 -24.57 -27.93 -21.20
N TYR C 139 -24.50 -27.89 -19.88
CA TYR C 139 -24.62 -26.61 -19.19
C TYR C 139 -23.49 -25.67 -19.58
N ASN C 140 -22.25 -26.15 -19.56
CA ASN C 140 -21.13 -25.25 -19.77
C ASN C 140 -21.06 -24.76 -21.21
N GLU C 141 -21.44 -25.59 -22.15
CA GLU C 141 -21.41 -25.14 -23.54
C GLU C 141 -22.44 -24.07 -23.78
N ARG C 142 -23.64 -24.24 -23.23
CA ARG C 142 -24.66 -23.21 -23.36
C ARG C 142 -24.21 -21.93 -22.69
N LEU C 143 -23.63 -22.02 -21.50
CA LEU C 143 -23.17 -20.81 -20.85
C LEU C 143 -22.10 -20.12 -21.67
N TRP C 144 -21.22 -20.88 -22.29
CA TRP C 144 -20.17 -20.26 -23.08
C TRP C 144 -20.76 -19.51 -24.26
N ALA C 145 -21.68 -20.14 -24.98
CA ALA C 145 -22.28 -19.45 -26.12
C ALA C 145 -23.01 -18.19 -25.68
N TRP C 146 -23.84 -18.32 -24.66
CA TRP C 146 -24.63 -17.20 -24.19
C TRP C 146 -23.75 -16.04 -23.79
N GLU C 147 -22.66 -16.32 -23.10
CA GLU C 147 -21.84 -15.23 -22.62
C GLU C 147 -20.98 -14.63 -23.72
N SER C 148 -20.49 -15.44 -24.65
CA SER C 148 -19.61 -14.90 -25.66
C SER C 148 -20.37 -14.03 -26.65
N TRP C 149 -21.61 -14.37 -26.97
CA TRP C 149 -22.33 -13.48 -27.86
C TRP C 149 -22.45 -12.10 -27.27
N ARG C 150 -22.82 -12.02 -26.01
CA ARG C 150 -23.05 -10.73 -25.41
C ARG C 150 -21.77 -10.01 -25.07
N SER C 151 -20.67 -10.71 -24.92
CA SER C 151 -19.44 -10.01 -24.64
C SER C 151 -18.70 -9.58 -25.89
N GLU C 152 -18.71 -10.37 -26.93
CA GLU C 152 -17.95 -9.99 -28.11
C GLU C 152 -18.72 -9.05 -29.01
N VAL C 153 -20.04 -9.13 -29.04
CA VAL C 153 -20.84 -8.36 -29.97
C VAL C 153 -21.67 -7.31 -29.27
N GLY C 154 -22.24 -7.61 -28.12
CA GLY C 154 -23.03 -6.62 -27.42
C GLY C 154 -22.21 -5.45 -26.94
N LYS C 155 -20.94 -5.65 -26.68
CA LYS C 155 -20.13 -4.54 -26.24
C LYS C 155 -19.77 -3.59 -27.37
N GLN C 156 -19.82 -4.05 -28.61
CA GLN C 156 -19.59 -3.15 -29.73
C GLN C 156 -20.78 -2.25 -30.00
N LEU C 157 -21.96 -2.64 -29.58
CA LEU C 157 -23.17 -1.89 -29.89
C LEU C 157 -23.52 -0.87 -28.83
N ARG C 158 -22.84 -0.82 -27.70
CA ARG C 158 -23.20 0.15 -26.68
C ARG C 158 -23.01 1.57 -27.18
N PRO C 159 -21.81 1.99 -27.57
CA PRO C 159 -21.66 3.38 -28.01
C PRO C 159 -22.54 3.75 -29.16
N LEU C 160 -22.91 2.80 -29.99
CA LEU C 160 -23.77 3.12 -31.13
C LEU C 160 -25.20 3.33 -30.70
N TYR C 161 -25.70 2.50 -29.78
CA TYR C 161 -27.07 2.67 -29.32
C TYR C 161 -27.23 3.98 -28.55
N GLU C 162 -26.19 4.39 -27.83
CA GLU C 162 -26.28 5.66 -27.12
C GLU C 162 -26.56 6.81 -28.07
N GLU C 163 -25.90 6.84 -29.23
CA GLU C 163 -26.14 7.93 -30.17
C GLU C 163 -27.43 7.73 -30.94
N TYR C 164 -27.80 6.49 -31.17
CA TYR C 164 -29.04 6.22 -31.90
C TYR C 164 -30.23 6.78 -31.13
N VAL C 165 -30.26 6.64 -29.80
CA VAL C 165 -31.43 7.14 -29.11
C VAL C 165 -31.50 8.65 -29.20
N VAL C 166 -30.37 9.33 -29.16
CA VAL C 166 -30.38 10.79 -29.20
C VAL C 166 -30.87 11.27 -30.55
N LEU C 167 -30.33 10.72 -31.62
CA LEU C 167 -30.75 11.18 -32.93
C LEU C 167 -32.21 10.87 -33.18
N LYS C 168 -32.67 9.69 -32.78
CA LYS C 168 -34.08 9.36 -33.01
C LYS C 168 -34.99 10.26 -32.20
N ASN C 169 -34.58 10.60 -30.98
CA ASN C 169 -35.41 11.48 -30.18
C ASN C 169 -35.51 12.87 -30.80
N GLU C 170 -34.40 13.37 -31.37
CA GLU C 170 -34.47 14.63 -32.10
C GLU C 170 -35.45 14.53 -33.26
N MET C 171 -35.31 13.49 -34.06
CA MET C 171 -36.19 13.33 -35.21
C MET C 171 -37.64 13.28 -34.78
N ALA C 172 -37.92 12.73 -33.61
CA ALA C 172 -39.30 12.61 -33.19
C ALA C 172 -39.83 13.91 -32.63
N ARG C 173 -39.04 14.61 -31.81
CA ARG C 173 -39.52 15.87 -31.28
C ARG C 173 -39.66 16.93 -32.36
N ALA C 174 -38.93 16.81 -33.46
CA ALA C 174 -39.14 17.73 -34.57
C ALA C 174 -40.36 17.40 -35.39
N ASN C 175 -41.19 16.44 -34.98
CA ASN C 175 -42.46 16.16 -35.63
C ASN C 175 -43.62 16.27 -34.64
N HIS C 176 -43.43 16.98 -33.55
CA HIS C 176 -44.47 17.20 -32.56
C HIS C 176 -44.87 15.90 -31.88
N TYR C 177 -43.88 15.12 -31.49
CA TYR C 177 -44.06 13.95 -30.66
C TYR C 177 -43.27 14.16 -29.39
N GLU C 178 -43.64 13.44 -28.34
CA GLU C 178 -42.90 13.57 -27.10
C GLU C 178 -41.50 12.99 -27.25
N ASP C 179 -41.39 11.83 -27.85
CA ASP C 179 -40.13 11.13 -28.00
C ASP C 179 -40.30 10.12 -29.11
N TYR C 180 -39.36 9.20 -29.22
CA TYR C 180 -39.49 8.21 -30.28
C TYR C 180 -40.50 7.13 -29.97
N GLY C 181 -40.61 6.72 -28.70
CA GLY C 181 -41.61 5.74 -28.36
C GLY C 181 -43.01 6.23 -28.65
N ASP C 182 -43.27 7.50 -28.39
CA ASP C 182 -44.57 8.07 -28.72
C ASP C 182 -44.76 8.12 -30.22
N TYR C 183 -43.68 8.14 -30.98
CA TYR C 183 -43.82 8.09 -32.42
C TYR C 183 -44.18 6.69 -32.88
N TRP C 184 -43.64 5.68 -32.22
CA TRP C 184 -43.98 4.31 -32.57
C TRP C 184 -45.41 4.00 -32.19
N ARG C 185 -45.87 4.51 -31.06
CA ARG C 185 -47.22 4.21 -30.66
C ARG C 185 -48.24 4.88 -31.50
N GLY C 186 -47.84 5.67 -32.48
CA GLY C 186 -48.79 6.45 -33.22
C GLY C 186 -49.50 5.64 -34.25
N ASP C 187 -49.24 4.34 -34.28
CA ASP C 187 -49.94 3.50 -35.22
C ASP C 187 -51.30 3.07 -34.73
N TYR C 188 -51.55 3.13 -33.44
CA TYR C 188 -52.82 2.72 -32.89
C TYR C 188 -53.74 3.88 -32.61
N GLU C 189 -53.36 5.09 -32.99
CA GLU C 189 -54.15 6.25 -32.64
C GLU C 189 -55.30 6.46 -33.60
N VAL C 190 -56.48 6.77 -33.05
CA VAL C 190 -57.64 7.15 -33.83
C VAL C 190 -58.09 8.52 -33.37
N ASN C 191 -58.51 9.36 -34.30
CA ASN C 191 -58.79 10.75 -34.01
C ASN C 191 -60.11 11.19 -34.62
N GLY C 192 -61.04 11.59 -33.78
CA GLY C 192 -62.26 12.23 -34.25
C GLY C 192 -63.22 11.33 -34.99
N VAL C 193 -63.76 10.32 -34.29
CA VAL C 193 -64.82 9.49 -34.83
C VAL C 193 -65.97 9.33 -33.85
N ASP C 194 -65.86 9.87 -32.64
CA ASP C 194 -66.98 9.95 -31.70
C ASP C 194 -67.50 8.56 -31.32
N GLY C 195 -66.67 7.86 -30.58
CA GLY C 195 -67.05 6.58 -30.05
C GLY C 195 -65.93 5.59 -30.25
N TYR C 196 -65.08 5.88 -31.22
CA TYR C 196 -63.99 4.99 -31.57
C TYR C 196 -62.63 5.65 -31.42
N ASP C 197 -62.54 6.75 -30.70
CA ASP C 197 -61.25 7.38 -30.57
C ASP C 197 -60.34 6.52 -29.70
N TYR C 198 -59.05 6.84 -29.77
CA TYR C 198 -58.03 6.05 -29.11
C TYR C 198 -56.76 6.86 -29.08
N SER C 199 -56.18 7.08 -27.92
CA SER C 199 -55.04 7.97 -27.83
C SER C 199 -53.75 7.18 -27.64
N ARG C 200 -52.65 7.78 -28.05
CA ARG C 200 -51.36 7.11 -27.93
C ARG C 200 -50.99 6.80 -26.50
N GLY C 201 -51.69 7.34 -25.54
CA GLY C 201 -51.35 7.06 -24.16
C GLY C 201 -52.14 5.89 -23.65
N GLN C 202 -53.23 5.58 -24.32
CA GLN C 202 -54.09 4.50 -23.85
C GLN C 202 -53.45 3.15 -24.08
N LEU C 203 -52.61 3.05 -25.12
CA LEU C 203 -52.02 1.76 -25.44
C LEU C 203 -51.23 1.22 -24.26
N ILE C 204 -50.54 2.09 -23.53
CA ILE C 204 -49.79 1.61 -22.39
C ILE C 204 -50.71 1.04 -21.33
N GLU C 205 -51.80 1.73 -21.05
CA GLU C 205 -52.72 1.22 -20.04
C GLU C 205 -53.35 -0.07 -20.47
N ASP C 206 -53.67 -0.21 -21.75
CA ASP C 206 -54.28 -1.44 -22.20
C ASP C 206 -53.33 -2.62 -22.09
N VAL C 207 -52.07 -2.45 -22.48
CA VAL C 207 -51.21 -3.62 -22.34
C VAL C 207 -50.88 -3.89 -20.89
N GLU C 208 -50.74 -2.88 -20.05
CA GLU C 208 -50.47 -3.18 -18.65
C GLU C 208 -51.68 -3.76 -17.97
N HIS C 209 -52.86 -3.54 -18.51
CA HIS C 209 -54.06 -4.09 -17.90
C HIS C 209 -54.31 -5.50 -18.38
N THR C 210 -53.99 -5.80 -19.64
CA THR C 210 -54.14 -7.15 -20.12
C THR C 210 -53.07 -8.07 -19.57
N PHE C 211 -51.89 -7.55 -19.29
CA PHE C 211 -50.88 -8.41 -18.72
C PHE C 211 -51.16 -8.78 -17.28
N GLU C 212 -52.31 -8.46 -16.73
CA GLU C 212 -52.61 -8.89 -15.38
C GLU C 212 -53.30 -10.22 -15.34
N GLU C 213 -54.16 -10.51 -16.31
CA GLU C 213 -54.82 -11.80 -16.31
C GLU C 213 -53.93 -12.90 -16.81
N ILE C 214 -52.73 -12.59 -17.29
CA ILE C 214 -51.88 -13.61 -17.81
C ILE C 214 -50.92 -14.14 -16.74
N LYS C 215 -50.55 -13.31 -15.79
CA LYS C 215 -49.64 -13.78 -14.76
C LYS C 215 -50.11 -15.04 -14.04
N PRO C 216 -51.38 -15.20 -13.71
CA PRO C 216 -51.79 -16.45 -13.08
C PRO C 216 -51.49 -17.68 -13.89
N LEU C 217 -51.60 -17.62 -15.20
CA LEU C 217 -51.27 -18.77 -16.02
C LEU C 217 -49.80 -18.86 -16.36
N TYR C 218 -49.15 -17.72 -16.55
CA TYR C 218 -47.74 -17.77 -16.85
C TYR C 218 -46.93 -18.28 -15.67
N GLU C 219 -47.36 -18.05 -14.45
CA GLU C 219 -46.51 -18.56 -13.39
C GLU C 219 -46.76 -20.01 -13.07
N HIS C 220 -47.92 -20.54 -13.41
CA HIS C 220 -48.04 -21.99 -13.36
C HIS C 220 -47.22 -22.66 -14.45
N LEU C 221 -47.21 -22.10 -15.64
CA LEU C 221 -46.33 -22.59 -16.68
C LEU C 221 -44.87 -22.54 -16.23
N HIS C 222 -44.47 -21.41 -15.66
CA HIS C 222 -43.11 -21.23 -15.18
C HIS C 222 -42.75 -22.26 -14.14
N ALA C 223 -43.64 -22.52 -13.19
CA ALA C 223 -43.35 -23.50 -12.15
C ALA C 223 -43.23 -24.90 -12.70
N TYR C 224 -44.08 -25.27 -13.64
CA TYR C 224 -43.97 -26.60 -14.23
C TYR C 224 -42.66 -26.76 -14.99
N VAL C 225 -42.31 -25.81 -15.83
CA VAL C 225 -41.04 -25.89 -16.53
C VAL C 225 -39.85 -25.91 -15.59
N ARG C 226 -39.89 -25.17 -14.49
CA ARG C 226 -38.77 -25.22 -13.57
C ARG C 226 -38.64 -26.57 -12.92
N ALA C 227 -39.75 -27.14 -12.47
CA ALA C 227 -39.69 -28.45 -11.88
C ALA C 227 -39.29 -29.52 -12.87
N LYS C 228 -39.42 -29.27 -14.15
CA LYS C 228 -38.97 -30.24 -15.14
C LYS C 228 -37.53 -30.03 -15.57
N LEU C 229 -37.01 -28.83 -15.45
CA LEU C 229 -35.60 -28.59 -15.70
C LEU C 229 -34.74 -28.98 -14.52
N MET C 230 -35.32 -29.09 -13.33
CA MET C 230 -34.56 -29.56 -12.19
C MET C 230 -34.23 -31.04 -12.29
N ASN C 231 -34.50 -31.65 -13.41
CA ASN C 231 -34.12 -33.03 -13.66
C ASN C 231 -33.13 -33.19 -14.78
N ALA C 232 -33.05 -32.24 -15.70
CA ALA C 232 -32.03 -32.30 -16.73
C ALA C 232 -30.76 -31.58 -16.31
N TYR C 233 -30.83 -30.69 -15.34
CA TYR C 233 -29.68 -29.96 -14.84
C TYR C 233 -29.70 -29.99 -13.33
N PRO C 234 -29.39 -31.12 -12.73
CA PRO C 234 -29.48 -31.21 -11.27
C PRO C 234 -28.38 -30.39 -10.63
N SER C 235 -28.72 -29.74 -9.52
CA SER C 235 -27.89 -28.85 -8.73
C SER C 235 -27.73 -27.46 -9.31
N TYR C 236 -28.22 -27.20 -10.51
CA TYR C 236 -27.98 -25.91 -11.14
C TYR C 236 -29.16 -24.99 -11.04
N ILE C 237 -30.28 -25.45 -10.50
CA ILE C 237 -31.52 -24.70 -10.51
C ILE C 237 -32.15 -24.77 -9.15
N SER C 238 -32.33 -23.62 -8.52
CA SER C 238 -33.03 -23.59 -7.25
C SER C 238 -34.49 -23.90 -7.47
N PRO C 239 -35.13 -24.63 -6.56
CA PRO C 239 -36.55 -24.93 -6.71
C PRO C 239 -37.48 -23.81 -6.29
N ILE C 240 -36.97 -22.64 -5.91
CA ILE C 240 -37.84 -21.51 -5.64
C ILE C 240 -37.30 -20.25 -6.28
N GLY C 241 -36.25 -20.36 -7.05
CA GLY C 241 -35.65 -19.21 -7.69
C GLY C 241 -36.16 -19.04 -9.10
N CYS C 242 -35.52 -18.13 -9.82
CA CYS C 242 -35.82 -17.92 -11.23
C CYS C 242 -35.14 -19.00 -12.05
N LEU C 243 -35.16 -18.87 -13.35
CA LEU C 243 -34.52 -19.80 -14.23
C LEU C 243 -33.30 -19.16 -14.84
N PRO C 244 -32.14 -19.81 -14.85
CA PRO C 244 -30.98 -19.19 -15.48
C PRO C 244 -31.26 -18.90 -16.94
N ALA C 245 -30.76 -17.79 -17.41
CA ALA C 245 -31.18 -17.29 -18.71
C ALA C 245 -30.62 -18.05 -19.87
N HIS C 246 -29.64 -18.91 -19.69
CA HIS C 246 -29.05 -19.58 -20.83
C HIS C 246 -29.64 -20.95 -21.08
N LEU C 247 -30.62 -21.37 -20.30
CA LEU C 247 -31.18 -22.70 -20.40
C LEU C 247 -32.61 -22.66 -20.89
N LEU C 248 -32.91 -21.81 -21.86
CA LEU C 248 -34.30 -21.55 -22.20
C LEU C 248 -34.58 -21.82 -23.66
N GLY C 249 -33.73 -22.58 -24.31
CA GLY C 249 -34.09 -23.00 -25.64
C GLY C 249 -33.44 -22.22 -26.77
N ASP C 250 -33.25 -20.93 -26.62
CA ASP C 250 -32.61 -20.18 -27.68
C ASP C 250 -31.77 -19.08 -27.06
N MET C 251 -31.25 -18.20 -27.89
CA MET C 251 -30.23 -17.27 -27.43
C MET C 251 -30.81 -16.20 -26.54
N TRP C 252 -32.03 -15.77 -26.76
CA TRP C 252 -32.61 -14.68 -25.98
C TRP C 252 -33.76 -15.10 -25.09
N GLY C 253 -34.23 -16.32 -25.20
CA GLY C 253 -35.39 -16.69 -24.43
C GLY C 253 -36.67 -16.12 -24.97
N ARG C 254 -36.71 -15.74 -26.23
CA ARG C 254 -37.91 -15.15 -26.78
C ARG C 254 -39.01 -16.18 -26.94
N PHE C 255 -38.66 -17.39 -27.35
CA PHE C 255 -39.58 -18.50 -27.46
C PHE C 255 -39.08 -19.63 -26.58
N TRP C 256 -39.99 -20.38 -25.98
CA TRP C 256 -39.62 -21.54 -25.18
C TRP C 256 -39.81 -22.84 -25.93
N THR C 257 -39.83 -22.81 -27.26
CA THR C 257 -40.23 -23.99 -28.01
C THR C 257 -39.25 -25.14 -27.83
N ASN C 258 -38.00 -24.87 -27.89
CA ASN C 258 -37.06 -25.97 -27.87
C ASN C 258 -36.94 -26.59 -26.56
N LEU C 259 -37.81 -26.30 -25.61
CA LEU C 259 -37.88 -27.03 -24.37
C LEU C 259 -38.82 -28.20 -24.45
N TYR C 260 -39.49 -28.39 -25.58
CA TYR C 260 -40.53 -29.40 -25.63
C TYR C 260 -39.99 -30.77 -25.27
N SER C 261 -38.88 -31.16 -25.87
CA SER C 261 -38.36 -32.50 -25.63
C SER C 261 -38.11 -32.76 -24.15
N LEU C 262 -37.89 -31.71 -23.37
CA LEU C 262 -37.60 -31.94 -21.97
C LEU C 262 -38.84 -31.96 -21.11
N THR C 263 -39.93 -31.38 -21.57
CA THR C 263 -41.07 -31.14 -20.71
C THR C 263 -42.35 -31.76 -21.24
N VAL C 264 -42.27 -32.61 -22.24
CA VAL C 264 -43.50 -33.18 -22.80
C VAL C 264 -44.23 -33.93 -21.70
N PRO C 265 -45.53 -33.73 -21.51
CA PRO C 265 -46.19 -34.33 -20.35
C PRO C 265 -46.32 -35.82 -20.45
N PHE C 266 -46.73 -36.36 -21.59
CA PHE C 266 -46.89 -37.79 -21.77
C PHE C 266 -45.96 -38.21 -22.88
N GLY C 267 -44.73 -38.54 -22.50
CA GLY C 267 -43.66 -38.68 -23.46
C GLY C 267 -43.78 -39.87 -24.38
N GLN C 268 -44.61 -40.84 -24.06
CA GLN C 268 -44.70 -42.04 -24.89
C GLN C 268 -45.77 -41.94 -25.96
N LYS C 269 -46.85 -41.23 -25.72
CA LYS C 269 -47.85 -41.04 -26.76
C LYS C 269 -47.32 -40.06 -27.79
N PRO C 270 -47.47 -40.34 -29.06
CA PRO C 270 -46.85 -39.49 -30.08
C PRO C 270 -47.73 -38.33 -30.47
N ASN C 271 -47.21 -37.42 -31.28
CA ASN C 271 -48.04 -36.34 -31.78
C ASN C 271 -48.82 -36.78 -32.99
N ILE C 272 -49.62 -35.87 -33.53
CA ILE C 272 -50.34 -36.11 -34.77
C ILE C 272 -49.48 -35.54 -35.89
N ASP C 273 -48.94 -36.44 -36.71
CA ASP C 273 -48.16 -36.04 -37.87
C ASP C 273 -48.64 -36.84 -39.07
N VAL C 274 -48.83 -36.15 -40.19
CA VAL C 274 -49.38 -36.76 -41.37
C VAL C 274 -48.41 -36.74 -42.54
N THR C 275 -47.13 -36.52 -42.28
CA THR C 275 -46.17 -36.53 -43.36
C THR C 275 -46.24 -37.83 -44.14
N ASP C 276 -46.22 -38.95 -43.43
CA ASP C 276 -46.24 -40.26 -44.08
C ASP C 276 -47.47 -40.41 -44.97
N ALA C 277 -48.64 -40.23 -44.38
CA ALA C 277 -49.88 -40.39 -45.14
C ALA C 277 -49.96 -39.47 -46.33
N MET C 278 -49.17 -38.40 -46.36
CA MET C 278 -49.19 -37.52 -47.51
C MET C 278 -48.35 -38.09 -48.64
N VAL C 279 -47.17 -38.63 -48.32
CA VAL C 279 -46.33 -39.24 -49.35
C VAL C 279 -47.01 -40.49 -49.90
N ASP C 280 -47.65 -41.26 -49.03
CA ASP C 280 -48.27 -42.49 -49.48
C ASP C 280 -49.40 -42.22 -50.46
N GLN C 281 -50.14 -41.15 -50.25
CA GLN C 281 -51.19 -40.79 -51.19
C GLN C 281 -50.68 -39.98 -52.37
N ALA C 282 -49.37 -39.85 -52.53
CA ALA C 282 -48.77 -39.17 -53.68
C ALA C 282 -49.19 -37.70 -53.75
N TRP C 283 -48.71 -36.93 -52.79
CA TRP C 283 -48.98 -35.51 -52.72
C TRP C 283 -47.72 -34.73 -53.08
N ASP C 284 -47.82 -33.89 -54.09
CA ASP C 284 -46.74 -33.00 -54.48
C ASP C 284 -47.08 -31.58 -54.05
N ALA C 285 -46.17 -30.65 -54.35
CA ALA C 285 -46.43 -29.27 -53.97
C ALA C 285 -47.34 -28.58 -54.96
N GLN C 286 -48.42 -29.25 -55.34
CA GLN C 286 -49.48 -28.65 -56.12
C GLN C 286 -50.85 -29.07 -55.65
N ARG C 287 -50.98 -30.22 -55.00
CA ARG C 287 -52.24 -30.62 -54.44
C ARG C 287 -52.48 -29.95 -53.11
N ILE C 288 -51.42 -29.66 -52.37
CA ILE C 288 -51.61 -28.98 -51.10
C ILE C 288 -52.18 -27.59 -51.31
N PHE C 289 -51.85 -26.94 -52.42
CA PHE C 289 -52.41 -25.62 -52.62
C PHE C 289 -53.83 -25.68 -53.10
N LYS C 290 -54.19 -26.67 -53.90
CA LYS C 290 -55.61 -26.84 -54.21
C LYS C 290 -56.39 -27.16 -52.96
N GLU C 291 -55.77 -27.87 -52.01
CA GLU C 291 -56.46 -28.15 -50.75
C GLU C 291 -56.68 -26.88 -49.97
N ALA C 292 -55.65 -26.04 -49.85
CA ALA C 292 -55.82 -24.77 -49.16
C ALA C 292 -56.91 -23.94 -49.80
N GLU C 293 -56.86 -23.81 -51.12
CA GLU C 293 -57.86 -23.01 -51.80
C GLU C 293 -59.25 -23.57 -51.58
N LYS C 294 -59.39 -24.89 -51.56
CA LYS C 294 -60.70 -25.46 -51.32
C LYS C 294 -61.18 -25.16 -49.92
N PHE C 295 -60.28 -25.21 -48.95
CA PHE C 295 -60.65 -24.84 -47.58
C PHE C 295 -61.19 -23.43 -47.55
N PHE C 296 -60.49 -22.51 -48.18
CA PHE C 296 -60.94 -21.12 -48.16
C PHE C 296 -62.26 -20.95 -48.86
N VAL C 297 -62.45 -21.63 -49.99
CA VAL C 297 -63.69 -21.47 -50.71
C VAL C 297 -64.84 -22.13 -49.99
N SER C 298 -64.55 -23.04 -49.06
CA SER C 298 -65.63 -23.63 -48.25
C SER C 298 -66.28 -22.58 -47.38
N VAL C 299 -65.49 -21.64 -46.87
CA VAL C 299 -66.01 -20.70 -45.89
C VAL C 299 -66.78 -19.58 -46.56
N GLY C 300 -66.57 -19.35 -47.85
CA GLY C 300 -67.31 -18.32 -48.55
C GLY C 300 -66.47 -17.35 -49.36
N LEU C 301 -65.19 -17.24 -49.03
CA LEU C 301 -64.29 -16.34 -49.74
C LEU C 301 -64.17 -16.78 -51.19
N PRO C 302 -63.68 -15.91 -52.06
CA PRO C 302 -63.58 -16.25 -53.49
C PRO C 302 -62.41 -17.17 -53.81
N ASN C 303 -62.38 -17.59 -55.07
CA ASN C 303 -61.39 -18.51 -55.59
C ASN C 303 -60.04 -17.81 -55.75
N MET C 304 -59.10 -18.53 -56.35
CA MET C 304 -57.87 -17.90 -56.80
C MET C 304 -58.00 -17.46 -58.25
N THR C 305 -57.13 -16.54 -58.66
CA THR C 305 -57.13 -16.01 -60.01
C THR C 305 -55.98 -16.61 -60.80
N GLN C 306 -56.20 -16.77 -62.10
CA GLN C 306 -55.33 -17.59 -62.93
C GLN C 306 -53.87 -17.16 -62.80
N GLY C 307 -53.63 -15.86 -62.87
CA GLY C 307 -52.27 -15.38 -62.72
C GLY C 307 -51.59 -15.91 -61.48
N PHE C 308 -52.37 -16.20 -60.44
CA PHE C 308 -51.79 -16.82 -59.26
C PHE C 308 -51.22 -18.18 -59.62
N TRP C 309 -51.99 -18.99 -60.34
CA TRP C 309 -51.51 -20.32 -60.69
C TRP C 309 -50.37 -20.28 -61.68
N GLU C 310 -50.36 -19.28 -62.56
CA GLU C 310 -49.37 -19.26 -63.63
C GLU C 310 -48.02 -18.75 -63.15
N ASN C 311 -48.02 -17.62 -62.47
CA ASN C 311 -46.78 -16.89 -62.20
C ASN C 311 -46.12 -17.34 -60.90
N SER C 312 -46.88 -18.03 -60.06
CA SER C 312 -46.40 -18.47 -58.75
C SER C 312 -45.17 -19.36 -58.78
N MET C 313 -44.45 -19.41 -57.66
CA MET C 313 -43.27 -20.25 -57.58
C MET C 313 -43.49 -21.34 -56.55
N LEU C 314 -44.62 -22.03 -56.67
CA LEU C 314 -45.02 -23.00 -55.66
C LEU C 314 -43.91 -23.99 -55.31
N THR C 315 -43.02 -24.28 -56.24
CA THR C 315 -41.99 -25.28 -56.00
C THR C 315 -40.60 -24.67 -56.11
N ASP C 316 -39.66 -25.34 -55.50
CA ASP C 316 -38.25 -25.00 -55.65
C ASP C 316 -37.83 -25.25 -57.09
N PRO C 317 -37.14 -24.31 -57.74
CA PRO C 317 -36.75 -24.54 -59.13
C PRO C 317 -35.74 -25.64 -59.28
N GLY C 318 -34.94 -25.90 -58.26
CA GLY C 318 -33.99 -27.01 -58.30
C GLY C 318 -32.71 -26.79 -59.06
N ASN C 319 -32.79 -26.26 -60.28
CA ASN C 319 -31.61 -26.11 -61.12
C ASN C 319 -30.77 -24.91 -60.69
N VAL C 320 -29.85 -24.49 -61.55
CA VAL C 320 -28.96 -23.38 -61.23
C VAL C 320 -29.71 -22.09 -60.94
N GLN C 321 -30.98 -22.00 -61.30
CA GLN C 321 -31.73 -20.78 -61.05
C GLN C 321 -32.00 -20.61 -59.56
N LYS C 322 -31.10 -19.95 -58.85
CA LYS C 322 -31.26 -19.82 -57.42
C LYS C 322 -32.31 -18.76 -57.08
N ALA C 323 -32.95 -18.95 -55.93
CA ALA C 323 -33.98 -18.04 -55.49
C ALA C 323 -34.20 -18.23 -53.99
N VAL C 324 -34.03 -17.18 -53.22
CA VAL C 324 -34.27 -17.24 -51.79
C VAL C 324 -35.78 -17.39 -51.56
N CYS C 325 -36.17 -18.45 -50.87
CA CYS C 325 -37.58 -18.76 -50.75
C CYS C 325 -38.00 -18.89 -49.29
N HIS C 326 -37.65 -17.90 -48.50
CA HIS C 326 -38.44 -17.60 -47.31
C HIS C 326 -39.88 -17.39 -47.75
N PRO C 327 -40.83 -18.17 -47.25
CA PRO C 327 -42.20 -18.10 -47.79
C PRO C 327 -42.75 -16.70 -47.70
N THR C 328 -43.37 -16.25 -48.79
CA THR C 328 -43.98 -14.93 -48.78
C THR C 328 -45.11 -14.86 -49.78
N ALA C 329 -45.98 -13.88 -49.58
CA ALA C 329 -47.03 -13.56 -50.51
C ALA C 329 -46.79 -12.17 -51.07
N TRP C 330 -47.26 -11.93 -52.29
CA TRP C 330 -46.98 -10.70 -52.98
C TRP C 330 -48.25 -10.20 -53.63
N ASP C 331 -48.41 -8.89 -53.60
CA ASP C 331 -49.59 -8.17 -54.07
C ASP C 331 -49.20 -7.13 -55.08
N LEU C 332 -48.46 -7.55 -56.12
CA LEU C 332 -47.73 -6.61 -56.97
C LEU C 332 -48.55 -5.41 -57.39
N GLY C 333 -49.85 -5.54 -57.46
CA GLY C 333 -50.68 -4.43 -57.86
C GLY C 333 -51.42 -4.71 -59.14
N LYS C 334 -52.47 -3.93 -59.38
CA LYS C 334 -53.30 -4.02 -60.56
C LYS C 334 -53.93 -5.39 -60.76
N GLY C 335 -53.92 -6.23 -59.74
CA GLY C 335 -54.53 -7.54 -59.84
C GLY C 335 -53.58 -8.70 -59.99
N ASP C 336 -52.36 -8.60 -59.52
CA ASP C 336 -51.39 -9.67 -59.64
C ASP C 336 -50.94 -10.08 -58.25
N PHE C 337 -51.58 -11.13 -57.73
CA PHE C 337 -51.21 -11.72 -56.45
C PHE C 337 -50.49 -13.04 -56.70
N ARG C 338 -49.40 -13.26 -55.97
CA ARG C 338 -48.67 -14.50 -56.19
C ARG C 338 -47.76 -14.78 -55.01
N ILE C 339 -47.59 -16.06 -54.68
CA ILE C 339 -46.74 -16.45 -53.55
C ILE C 339 -45.46 -17.05 -54.06
N LEU C 340 -44.44 -16.97 -53.22
CA LEU C 340 -43.12 -17.50 -53.50
C LEU C 340 -42.69 -18.31 -52.31
N MET C 341 -42.55 -19.62 -52.50
CA MET C 341 -42.05 -20.48 -51.44
C MET C 341 -41.71 -21.85 -52.01
N CYS C 342 -40.66 -22.46 -51.46
CA CYS C 342 -40.16 -23.75 -51.93
C CYS C 342 -40.78 -24.85 -51.08
N THR C 343 -41.92 -25.35 -51.53
CA THR C 343 -42.69 -26.28 -50.73
C THR C 343 -42.06 -27.66 -50.75
N LYS C 344 -41.66 -28.14 -49.58
CA LYS C 344 -41.29 -29.53 -49.40
C LYS C 344 -42.49 -30.27 -48.83
N VAL C 345 -42.67 -31.51 -49.24
CA VAL C 345 -43.87 -32.24 -48.86
C VAL C 345 -43.72 -32.76 -47.43
N THR C 346 -44.14 -31.95 -46.47
CA THR C 346 -44.11 -32.32 -45.06
C THR C 346 -45.43 -31.84 -44.48
N MET C 347 -45.51 -31.77 -43.16
CA MET C 347 -46.70 -31.17 -42.56
C MET C 347 -46.51 -29.68 -42.34
N ASP C 348 -45.33 -29.29 -41.85
CA ASP C 348 -45.09 -27.90 -41.50
C ASP C 348 -45.09 -27.01 -42.73
N ASP C 349 -45.28 -27.58 -43.90
CA ASP C 349 -45.55 -26.79 -45.08
C ASP C 349 -47.00 -26.84 -45.49
N PHE C 350 -47.70 -27.91 -45.16
CA PHE C 350 -49.14 -27.91 -45.34
C PHE C 350 -49.79 -26.83 -44.51
N LEU C 351 -49.11 -26.34 -43.48
CA LEU C 351 -49.65 -25.26 -42.66
C LEU C 351 -49.23 -23.91 -43.20
N THR C 352 -47.97 -23.77 -43.57
CA THR C 352 -47.54 -22.50 -44.14
C THR C 352 -48.29 -22.18 -45.42
N ALA C 353 -48.76 -23.20 -46.13
CA ALA C 353 -49.62 -22.94 -47.26
C ALA C 353 -50.87 -22.19 -46.83
N HIS C 354 -51.53 -22.64 -45.79
CA HIS C 354 -52.74 -21.97 -45.33
C HIS C 354 -52.43 -20.57 -44.80
N HIS C 355 -51.32 -20.44 -44.10
CA HIS C 355 -50.90 -19.14 -43.59
C HIS C 355 -50.77 -18.14 -44.73
N GLU C 356 -49.92 -18.45 -45.71
CA GLU C 356 -49.67 -17.51 -46.79
C GLU C 356 -50.91 -17.28 -47.62
N MET C 357 -51.70 -18.32 -47.87
CA MET C 357 -52.87 -18.08 -48.66
C MET C 357 -53.87 -17.20 -47.91
N GLY C 358 -53.82 -17.21 -46.57
CA GLY C 358 -54.65 -16.27 -45.84
C GLY C 358 -54.18 -14.84 -46.01
N HIS C 359 -52.88 -14.63 -45.99
CA HIS C 359 -52.35 -13.32 -46.36
C HIS C 359 -52.93 -12.88 -47.70
N ILE C 360 -52.81 -13.74 -48.69
CA ILE C 360 -53.30 -13.39 -50.03
C ILE C 360 -54.77 -13.05 -49.99
N GLN C 361 -55.56 -13.85 -49.31
CA GLN C 361 -56.99 -13.63 -49.28
C GLN C 361 -57.36 -12.34 -48.57
N TYR C 362 -56.54 -11.91 -47.62
CA TYR C 362 -56.72 -10.56 -47.09
C TYR C 362 -56.52 -9.54 -48.19
N ASP C 363 -55.41 -9.66 -48.92
CA ASP C 363 -55.09 -8.65 -49.93
C ASP C 363 -56.15 -8.56 -51.02
N MET C 364 -56.64 -9.70 -51.51
CA MET C 364 -57.62 -9.63 -52.58
C MET C 364 -58.92 -8.99 -52.15
N ALA C 365 -59.12 -8.75 -50.87
CA ALA C 365 -60.39 -8.26 -50.40
C ALA C 365 -60.46 -6.74 -50.42
N TYR C 366 -59.41 -6.08 -49.95
CA TYR C 366 -59.37 -4.63 -50.01
C TYR C 366 -58.75 -4.11 -51.28
N ALA C 367 -58.72 -4.89 -52.31
CA ALA C 367 -58.10 -4.39 -53.51
C ALA C 367 -58.94 -3.44 -54.22
N ALA C 368 -60.01 -2.89 -53.65
CA ALA C 368 -60.77 -1.85 -54.30
C ALA C 368 -60.66 -0.53 -53.56
N GLN C 369 -59.54 -0.30 -52.90
CA GLN C 369 -59.34 0.89 -52.09
C GLN C 369 -58.31 1.80 -52.72
N PRO C 370 -58.30 3.08 -52.35
CA PRO C 370 -57.24 3.96 -52.81
C PRO C 370 -55.88 3.45 -52.41
N PHE C 371 -54.89 3.70 -53.25
CA PHE C 371 -53.61 3.02 -53.12
C PHE C 371 -53.02 3.12 -51.73
N LEU C 372 -53.23 4.24 -51.06
CA LEU C 372 -52.63 4.39 -49.75
C LEU C 372 -53.43 3.76 -48.64
N LEU C 373 -54.62 3.28 -48.93
CA LEU C 373 -55.49 2.66 -47.95
C LEU C 373 -55.58 1.15 -48.17
N ARG C 374 -54.46 0.53 -48.49
CA ARG C 374 -54.39 -0.90 -48.70
C ARG C 374 -53.39 -1.44 -47.70
N ASN C 375 -53.88 -1.84 -46.54
CA ASN C 375 -53.07 -2.43 -45.50
C ASN C 375 -54.04 -2.99 -44.48
N GLY C 376 -53.51 -3.61 -43.45
CA GLY C 376 -54.35 -4.02 -42.35
C GLY C 376 -54.83 -2.83 -41.57
N ALA C 377 -55.92 -3.02 -40.82
CA ALA C 377 -56.46 -1.94 -40.03
C ALA C 377 -55.40 -1.32 -39.14
N ASN C 378 -54.49 -2.13 -38.62
CA ASN C 378 -53.26 -1.61 -38.06
C ASN C 378 -52.19 -2.67 -38.28
N GLU C 379 -51.07 -2.52 -37.59
CA GLU C 379 -49.94 -3.37 -37.92
C GLU C 379 -50.10 -4.79 -37.43
N GLY C 380 -50.87 -5.02 -36.38
CA GLY C 380 -51.05 -6.34 -35.87
C GLY C 380 -52.13 -7.15 -36.54
N PHE C 381 -52.87 -6.59 -37.47
CA PHE C 381 -54.00 -7.31 -38.02
C PHE C 381 -53.61 -8.30 -39.10
N HIS C 382 -52.51 -8.07 -39.79
CA HIS C 382 -52.27 -8.85 -40.99
C HIS C 382 -51.85 -10.27 -40.65
N GLU C 383 -50.88 -10.43 -39.77
CA GLU C 383 -50.46 -11.78 -39.43
C GLU C 383 -51.50 -12.51 -38.62
N ALA C 384 -52.39 -11.78 -37.96
CA ALA C 384 -53.40 -12.41 -37.12
C ALA C 384 -54.51 -13.08 -37.90
N VAL C 385 -54.55 -12.97 -39.22
CA VAL C 385 -55.54 -13.74 -39.96
C VAL C 385 -54.87 -14.96 -40.55
N GLY C 386 -53.62 -14.81 -40.97
CA GLY C 386 -52.84 -15.98 -41.31
C GLY C 386 -52.82 -16.97 -40.16
N GLU C 387 -52.65 -16.47 -38.95
CA GLU C 387 -52.56 -17.36 -37.81
C GLU C 387 -53.83 -18.15 -37.61
N ILE C 388 -54.99 -17.52 -37.71
CA ILE C 388 -56.20 -18.27 -37.44
C ILE C 388 -56.51 -19.24 -38.56
N MET C 389 -56.19 -18.87 -39.80
CA MET C 389 -56.37 -19.84 -40.87
C MET C 389 -55.47 -21.04 -40.67
N SER C 390 -54.23 -20.81 -40.26
CA SER C 390 -53.33 -21.93 -39.98
C SER C 390 -53.72 -22.73 -38.76
N LEU C 391 -54.39 -22.11 -37.81
CA LEU C 391 -54.79 -22.75 -36.57
C LEU C 391 -56.01 -23.62 -36.73
N SER C 392 -56.95 -23.23 -37.58
CA SER C 392 -58.11 -24.07 -37.78
C SER C 392 -57.85 -25.25 -38.69
N ALA C 393 -56.75 -25.28 -39.40
CA ALA C 393 -56.50 -26.33 -40.37
C ALA C 393 -55.67 -27.46 -39.81
N ALA C 394 -55.16 -27.33 -38.59
CA ALA C 394 -54.32 -28.36 -37.99
C ALA C 394 -55.08 -29.18 -36.97
N THR C 395 -56.36 -29.20 -37.05
CA THR C 395 -57.08 -29.94 -36.03
C THR C 395 -57.57 -31.25 -36.56
N PRO C 396 -57.43 -32.33 -35.80
CA PRO C 396 -57.79 -33.66 -36.30
C PRO C 396 -59.15 -33.73 -36.93
N LYS C 397 -60.09 -32.90 -36.51
CA LYS C 397 -61.42 -32.96 -37.12
C LYS C 397 -61.37 -32.51 -38.57
N HIS C 398 -60.33 -31.79 -38.98
CA HIS C 398 -60.20 -31.36 -40.36
C HIS C 398 -59.34 -32.32 -41.16
N LEU C 399 -58.17 -32.66 -40.62
CA LEU C 399 -57.31 -33.62 -41.29
C LEU C 399 -58.05 -34.92 -41.55
N LYS C 400 -58.87 -35.35 -40.60
CA LYS C 400 -59.66 -36.55 -40.81
C LYS C 400 -60.57 -36.43 -42.02
N SER C 401 -60.99 -35.21 -42.36
CA SER C 401 -61.90 -35.03 -43.47
C SER C 401 -61.21 -34.86 -44.80
N ILE C 402 -60.04 -34.23 -44.83
CA ILE C 402 -59.40 -34.01 -46.14
C ILE C 402 -58.72 -35.25 -46.68
N GLY C 403 -58.73 -36.35 -45.95
CA GLY C 403 -58.16 -37.59 -46.45
C GLY C 403 -57.09 -38.20 -45.58
N LEU C 404 -56.20 -37.38 -45.02
CA LEU C 404 -55.20 -37.91 -44.13
C LEU C 404 -55.85 -38.38 -42.83
N LEU C 405 -55.05 -38.99 -41.97
CA LEU C 405 -55.49 -39.36 -40.62
C LEU C 405 -56.72 -40.27 -40.68
N SER C 406 -56.47 -41.50 -41.12
CA SER C 406 -57.51 -42.52 -41.33
C SER C 406 -58.57 -42.51 -40.25
N PRO C 407 -59.84 -42.71 -40.61
CA PRO C 407 -60.94 -42.32 -39.69
C PRO C 407 -60.88 -42.97 -38.33
N ASP C 408 -60.39 -44.20 -38.24
CA ASP C 408 -60.38 -44.90 -36.96
C ASP C 408 -59.25 -44.40 -36.08
N PHE C 409 -59.27 -43.11 -35.78
CA PHE C 409 -58.21 -42.46 -34.99
C PHE C 409 -58.89 -41.72 -33.86
N GLN C 410 -58.78 -42.27 -32.66
CA GLN C 410 -59.36 -41.66 -31.48
C GLN C 410 -58.33 -40.79 -30.79
N GLU C 411 -58.64 -39.52 -30.64
CA GLU C 411 -57.76 -38.57 -29.99
C GLU C 411 -57.94 -38.68 -28.48
N ASP C 412 -56.90 -39.15 -27.81
CA ASP C 412 -56.96 -39.33 -26.37
C ASP C 412 -56.86 -37.99 -25.67
N ASN C 413 -57.39 -37.93 -24.48
CA ASN C 413 -57.26 -36.69 -23.77
C ASN C 413 -55.90 -36.46 -23.27
N GLU C 414 -54.92 -37.27 -23.68
CA GLU C 414 -53.54 -37.03 -23.34
C GLU C 414 -52.77 -36.38 -24.47
N THR C 415 -53.04 -36.79 -25.71
CA THR C 415 -52.47 -36.06 -26.82
C THR C 415 -53.00 -34.65 -26.87
N GLU C 416 -54.21 -34.41 -26.39
CA GLU C 416 -54.73 -33.05 -26.30
C GLU C 416 -53.86 -32.20 -25.38
N ILE C 417 -53.49 -32.73 -24.22
CA ILE C 417 -52.61 -31.98 -23.34
C ILE C 417 -51.24 -31.81 -23.96
N ASN C 418 -50.75 -32.84 -24.64
CA ASN C 418 -49.48 -32.70 -25.34
C ASN C 418 -49.51 -31.53 -26.30
N PHE C 419 -50.57 -31.45 -27.08
CA PHE C 419 -50.69 -30.42 -28.08
C PHE C 419 -50.84 -29.05 -27.44
N LEU C 420 -51.65 -28.95 -26.41
CA LEU C 420 -51.82 -27.66 -25.76
C LEU C 420 -50.55 -27.18 -25.11
N LEU C 421 -49.74 -28.09 -24.57
CA LEU C 421 -48.50 -27.63 -23.99
C LEU C 421 -47.49 -27.25 -25.06
N LYS C 422 -47.50 -27.92 -26.20
CA LYS C 422 -46.63 -27.47 -27.27
C LYS C 422 -47.06 -26.11 -27.77
N GLN C 423 -48.33 -25.81 -27.69
CA GLN C 423 -48.81 -24.49 -28.08
C GLN C 423 -48.44 -23.44 -27.06
N ALA C 424 -48.68 -23.70 -25.79
CA ALA C 424 -48.42 -22.70 -24.79
C ALA C 424 -46.95 -22.41 -24.61
N LEU C 425 -46.06 -23.20 -25.15
CA LEU C 425 -44.68 -22.87 -24.96
C LEU C 425 -44.24 -21.76 -25.89
N THR C 426 -44.96 -21.51 -26.97
CA THR C 426 -44.61 -20.41 -27.85
C THR C 426 -45.56 -19.24 -27.74
N ILE C 427 -46.81 -19.45 -27.39
CA ILE C 427 -47.74 -18.34 -27.26
C ILE C 427 -47.58 -17.67 -25.93
N VAL C 428 -47.74 -18.42 -24.84
CA VAL C 428 -47.69 -17.81 -23.54
C VAL C 428 -46.27 -17.58 -23.10
N GLY C 429 -45.35 -18.44 -23.47
CA GLY C 429 -43.98 -18.23 -23.05
C GLY C 429 -43.36 -16.96 -23.56
N THR C 430 -43.95 -16.35 -24.57
CA THR C 430 -43.36 -15.19 -25.23
C THR C 430 -44.09 -13.89 -24.95
N LEU C 431 -45.16 -13.90 -24.21
CA LEU C 431 -45.85 -12.66 -23.93
C LEU C 431 -45.09 -11.82 -22.91
N PRO C 432 -44.57 -12.39 -21.84
CA PRO C 432 -43.81 -11.57 -20.91
C PRO C 432 -42.53 -11.02 -21.48
N PHE C 433 -41.86 -11.75 -22.34
CA PHE C 433 -40.65 -11.22 -22.94
C PHE C 433 -40.97 -10.03 -23.82
N THR C 434 -42.01 -10.14 -24.64
CA THR C 434 -42.42 -9.02 -25.49
C THR C 434 -42.80 -7.81 -24.66
N TYR C 435 -43.57 -8.03 -23.62
CA TYR C 435 -44.00 -6.92 -22.80
C TYR C 435 -42.82 -6.25 -22.12
N MET C 436 -41.92 -7.02 -21.55
CA MET C 436 -40.76 -6.45 -20.87
C MET C 436 -39.88 -5.68 -21.83
N LEU C 437 -39.68 -6.20 -23.04
CA LEU C 437 -38.79 -5.51 -23.95
C LEU C 437 -39.38 -4.19 -24.39
N GLU C 438 -40.65 -4.19 -24.80
CA GLU C 438 -41.17 -2.91 -25.24
C GLU C 438 -41.29 -1.94 -24.09
N LYS C 439 -41.54 -2.41 -22.89
CA LYS C 439 -41.58 -1.51 -21.75
C LYS C 439 -40.22 -0.86 -21.52
N TRP C 440 -39.15 -1.65 -21.55
CA TRP C 440 -37.82 -1.07 -21.37
C TRP C 440 -37.51 -0.04 -22.44
N ARG C 441 -37.86 -0.32 -23.69
CA ARG C 441 -37.53 0.65 -24.73
C ARG C 441 -38.36 1.90 -24.61
N TRP C 442 -39.62 1.78 -24.27
CA TRP C 442 -40.42 2.97 -24.05
C TRP C 442 -39.86 3.81 -22.93
N MET C 443 -39.30 3.18 -21.91
CA MET C 443 -38.76 3.97 -20.82
C MET C 443 -37.41 4.58 -21.14
N VAL C 444 -36.60 3.98 -22.00
CA VAL C 444 -35.35 4.65 -22.31
C VAL C 444 -35.54 5.70 -23.39
N PHE C 445 -36.58 5.63 -24.19
CA PHE C 445 -36.85 6.80 -25.02
C PHE C 445 -37.65 7.82 -24.27
N LYS C 446 -37.34 8.04 -23.01
CA LYS C 446 -37.96 9.13 -22.27
C LYS C 446 -36.99 9.74 -21.27
N GLY C 447 -35.75 9.30 -21.25
CA GLY C 447 -34.84 9.70 -20.20
C GLY C 447 -35.32 9.22 -18.85
N GLU C 448 -36.31 8.33 -18.85
CA GLU C 448 -36.78 7.79 -17.59
C GLU C 448 -35.75 6.89 -16.94
N ILE C 449 -34.95 6.21 -17.75
CA ILE C 449 -33.76 5.51 -17.28
C ILE C 449 -32.56 6.36 -17.64
N PRO C 450 -31.80 6.85 -16.67
CA PRO C 450 -30.52 7.49 -17.00
C PRO C 450 -29.65 6.52 -17.75
N LYS C 451 -28.77 7.04 -18.59
CA LYS C 451 -28.00 6.15 -19.43
C LYS C 451 -26.94 5.38 -18.66
N ASP C 452 -26.91 5.46 -17.35
CA ASP C 452 -26.02 4.65 -16.54
C ASP C 452 -26.77 3.61 -15.74
N GLN C 453 -28.05 3.41 -16.01
CA GLN C 453 -28.84 2.38 -15.37
C GLN C 453 -29.46 1.43 -16.37
N TRP C 454 -29.04 1.49 -17.62
CA TRP C 454 -29.68 0.69 -18.64
C TRP C 454 -29.65 -0.79 -18.29
N MET C 455 -28.48 -1.31 -17.96
CA MET C 455 -28.41 -2.73 -17.68
C MET C 455 -28.95 -3.07 -16.30
N LYS C 456 -28.81 -2.18 -15.35
CA LYS C 456 -29.46 -2.39 -14.06
C LYS C 456 -30.94 -2.62 -14.23
N LYS C 457 -31.61 -1.71 -14.93
CA LYS C 457 -33.05 -1.85 -15.10
C LYS C 457 -33.38 -3.03 -15.97
N TRP C 458 -32.58 -3.33 -16.99
CA TRP C 458 -32.86 -4.48 -17.82
C TRP C 458 -32.94 -5.74 -16.98
N TRP C 459 -31.95 -5.96 -16.14
CA TRP C 459 -31.97 -7.20 -15.39
C TRP C 459 -32.91 -7.17 -14.20
N GLU C 460 -33.18 -6.01 -13.61
CA GLU C 460 -34.23 -5.95 -12.61
C GLU C 460 -35.58 -6.33 -13.21
N MET C 461 -35.92 -5.74 -14.34
CA MET C 461 -37.18 -6.09 -14.98
C MET C 461 -37.22 -7.55 -15.35
N LYS C 462 -36.14 -8.07 -15.90
CA LYS C 462 -36.11 -9.46 -16.27
C LYS C 462 -36.42 -10.35 -15.10
N ARG C 463 -35.78 -10.12 -13.96
CA ARG C 463 -36.09 -10.95 -12.81
C ARG C 463 -37.54 -10.77 -12.38
N GLU C 464 -37.98 -9.53 -12.27
CA GLU C 464 -39.25 -9.30 -11.60
C GLU C 464 -40.43 -9.77 -12.41
N ILE C 465 -40.44 -9.54 -13.72
CA ILE C 465 -41.65 -9.79 -14.49
C ILE C 465 -41.53 -10.99 -15.42
N VAL C 466 -40.34 -11.36 -15.87
CA VAL C 466 -40.22 -12.57 -16.67
C VAL C 466 -39.92 -13.77 -15.81
N GLY C 467 -39.07 -13.60 -14.81
CA GLY C 467 -38.73 -14.68 -13.93
C GLY C 467 -37.48 -15.40 -14.37
N VAL C 468 -36.53 -14.65 -14.87
CA VAL C 468 -35.33 -15.19 -15.50
C VAL C 468 -34.12 -14.44 -14.97
N VAL C 469 -33.10 -15.15 -14.54
CA VAL C 469 -31.96 -14.53 -13.91
C VAL C 469 -30.72 -14.77 -14.76
N GLU C 470 -29.82 -13.81 -14.75
CA GLU C 470 -28.62 -13.91 -15.56
C GLU C 470 -27.56 -14.71 -14.84
N PRO C 471 -26.78 -15.51 -15.55
CA PRO C 471 -25.79 -16.36 -14.89
C PRO C 471 -24.44 -15.71 -14.63
N VAL C 472 -24.23 -14.47 -15.08
CA VAL C 472 -22.99 -13.74 -14.90
C VAL C 472 -23.35 -12.26 -14.76
N PRO C 473 -22.79 -11.53 -13.82
CA PRO C 473 -23.22 -10.13 -13.66
C PRO C 473 -22.72 -9.24 -14.77
N HIS C 474 -23.57 -8.33 -15.21
CA HIS C 474 -23.30 -7.51 -16.39
C HIS C 474 -23.32 -6.03 -16.01
N ASP C 475 -22.17 -5.38 -16.08
CA ASP C 475 -22.04 -3.98 -15.72
C ASP C 475 -22.49 -3.08 -16.86
N GLU C 476 -22.16 -1.80 -16.80
CA GLU C 476 -22.69 -0.83 -17.74
C GLU C 476 -21.91 -0.75 -19.04
N THR C 477 -21.01 -1.68 -19.31
CA THR C 477 -20.32 -1.67 -20.58
C THR C 477 -20.95 -2.60 -21.58
N TYR C 478 -22.00 -3.31 -21.20
CA TYR C 478 -22.74 -4.19 -22.07
C TYR C 478 -23.98 -3.51 -22.60
N CYS C 479 -24.57 -4.11 -23.63
CA CYS C 479 -25.93 -3.77 -24.06
C CYS C 479 -26.58 -5.08 -24.46
N ASP C 480 -27.21 -5.71 -23.53
CA ASP C 480 -27.78 -7.01 -23.79
C ASP C 480 -29.03 -6.94 -24.62
N PRO C 481 -29.88 -5.92 -24.49
CA PRO C 481 -30.99 -5.83 -25.43
C PRO C 481 -30.57 -5.58 -26.85
N ALA C 482 -29.48 -4.85 -27.08
CA ALA C 482 -29.08 -4.54 -28.44
C ALA C 482 -28.57 -5.74 -29.19
N SER C 483 -28.40 -6.88 -28.56
CA SER C 483 -28.03 -8.09 -29.26
C SER C 483 -29.24 -8.85 -29.77
N LEU C 484 -30.33 -8.15 -30.05
CA LEU C 484 -31.52 -8.73 -30.60
C LEU C 484 -31.77 -8.14 -31.98
N PHE C 485 -32.29 -8.96 -32.89
CA PHE C 485 -32.42 -8.49 -34.26
C PHE C 485 -33.31 -7.29 -34.36
N HIS C 486 -34.30 -7.18 -33.48
CA HIS C 486 -35.30 -6.15 -33.66
C HIS C 486 -34.88 -4.83 -33.08
N VAL C 487 -34.07 -4.84 -32.04
CA VAL C 487 -33.68 -3.57 -31.46
C VAL C 487 -32.44 -3.02 -32.14
N SER C 488 -31.60 -3.88 -32.70
CA SER C 488 -30.46 -3.39 -33.42
C SER C 488 -30.78 -3.02 -34.85
N ASN C 489 -31.96 -3.39 -35.36
CA ASN C 489 -32.33 -3.02 -36.71
C ASN C 489 -33.57 -2.15 -36.73
N ASP C 490 -33.91 -1.52 -35.60
CA ASP C 490 -34.90 -0.46 -35.58
C ASP C 490 -36.28 -0.94 -36.01
N TYR C 491 -36.83 -1.86 -35.23
CA TYR C 491 -38.16 -2.39 -35.52
C TYR C 491 -39.03 -2.27 -34.29
N SER C 492 -40.27 -1.88 -34.48
CA SER C 492 -41.22 -1.86 -33.38
C SER C 492 -41.59 -3.27 -32.98
N PHE C 493 -41.73 -3.50 -31.69
CA PHE C 493 -41.89 -4.84 -31.17
C PHE C 493 -43.26 -5.10 -30.60
N ILE C 494 -44.10 -4.08 -30.43
CA ILE C 494 -45.39 -4.31 -29.80
C ILE C 494 -46.34 -5.07 -30.71
N ARG C 495 -46.08 -5.10 -32.00
CA ARG C 495 -46.97 -5.81 -32.90
C ARG C 495 -47.01 -7.30 -32.62
N TYR C 496 -46.03 -7.83 -31.91
CA TYR C 496 -46.08 -9.24 -31.58
C TYR C 496 -46.92 -9.50 -30.37
N TYR C 497 -47.16 -8.50 -29.56
CA TYR C 497 -48.04 -8.66 -28.42
C TYR C 497 -49.48 -8.60 -28.88
N THR C 498 -49.89 -7.48 -29.42
CA THR C 498 -51.29 -7.29 -29.79
C THR C 498 -51.76 -8.34 -30.75
N ARG C 499 -50.95 -8.71 -31.73
CA ARG C 499 -51.36 -9.77 -32.64
C ARG C 499 -51.78 -11.01 -31.88
N THR C 500 -50.93 -11.47 -30.97
CA THR C 500 -51.24 -12.66 -30.20
C THR C 500 -52.61 -12.57 -29.57
N LEU C 501 -53.03 -11.37 -29.19
CA LEU C 501 -54.34 -11.24 -28.58
C LEU C 501 -55.44 -11.30 -29.62
N TYR C 502 -55.35 -10.48 -30.67
CA TYR C 502 -56.39 -10.52 -31.68
C TYR C 502 -56.58 -11.93 -32.19
N GLN C 503 -55.49 -12.64 -32.40
CA GLN C 503 -55.53 -13.97 -32.98
C GLN C 503 -56.58 -14.82 -32.30
N PHE C 504 -56.82 -14.60 -31.02
CA PHE C 504 -57.77 -15.45 -30.34
C PHE C 504 -59.15 -14.84 -30.32
N GLN C 505 -59.25 -13.52 -30.12
CA GLN C 505 -60.55 -12.88 -30.20
C GLN C 505 -61.25 -13.25 -31.49
N PHE C 506 -60.61 -13.01 -32.61
CA PHE C 506 -61.14 -13.45 -33.89
C PHE C 506 -61.67 -14.87 -33.80
N GLN C 507 -60.82 -15.80 -33.40
CA GLN C 507 -61.28 -17.18 -33.43
C GLN C 507 -62.44 -17.39 -32.48
N GLU C 508 -62.40 -16.80 -31.30
CA GLU C 508 -63.49 -17.07 -30.38
C GLU C 508 -64.77 -16.45 -30.88
N ALA C 509 -64.68 -15.42 -31.72
CA ALA C 509 -65.89 -14.86 -32.26
C ALA C 509 -66.33 -15.57 -33.51
N LEU C 510 -65.49 -16.44 -34.06
CA LEU C 510 -65.81 -17.08 -35.32
C LEU C 510 -66.53 -18.41 -35.10
N CYS C 511 -65.90 -19.35 -34.39
CA CYS C 511 -66.63 -20.57 -34.17
C CYS C 511 -67.83 -20.40 -33.25
N GLN C 512 -67.86 -19.33 -32.47
CA GLN C 512 -69.11 -18.98 -31.83
C GLN C 512 -70.18 -18.61 -32.85
N ALA C 513 -69.81 -18.30 -34.09
CA ALA C 513 -70.77 -18.10 -35.16
C ALA C 513 -70.91 -19.31 -36.06
N ALA C 514 -69.98 -20.25 -36.02
CA ALA C 514 -70.13 -21.52 -36.67
C ALA C 514 -70.82 -22.54 -35.78
N LYS C 515 -71.31 -22.12 -34.62
CA LYS C 515 -72.05 -22.97 -33.69
C LYS C 515 -71.22 -24.17 -33.27
N HIS C 516 -70.15 -23.88 -32.55
CA HIS C 516 -69.30 -24.91 -32.00
C HIS C 516 -69.80 -25.33 -30.62
N GLU C 517 -69.42 -26.54 -30.21
CA GLU C 517 -69.83 -27.07 -28.91
C GLU C 517 -68.66 -27.25 -27.96
N GLY C 518 -67.65 -28.01 -28.34
CA GLY C 518 -66.61 -28.42 -27.42
C GLY C 518 -65.70 -27.30 -26.99
N PRO C 519 -64.50 -27.65 -26.53
CA PRO C 519 -63.54 -26.63 -26.14
C PRO C 519 -63.13 -25.80 -27.33
N LEU C 520 -62.58 -24.62 -27.04
CA LEU C 520 -62.18 -23.72 -28.11
C LEU C 520 -61.12 -24.34 -28.99
N HIS C 521 -60.21 -25.05 -28.41
CA HIS C 521 -59.08 -25.53 -29.18
C HIS C 521 -59.42 -26.58 -30.09
N LYS C 522 -60.68 -26.91 -30.29
CA LYS C 522 -61.06 -27.89 -31.30
C LYS C 522 -61.86 -27.30 -32.44
N CYS C 523 -62.29 -26.05 -32.33
CA CYS C 523 -63.23 -25.51 -33.29
C CYS C 523 -62.58 -25.36 -34.65
N ASP C 524 -63.33 -25.73 -35.68
CA ASP C 524 -62.93 -25.64 -37.07
C ASP C 524 -63.94 -24.76 -37.77
N ILE C 525 -63.45 -23.85 -38.61
CA ILE C 525 -64.37 -22.92 -39.25
C ILE C 525 -64.93 -23.50 -40.54
N SER C 526 -64.37 -24.60 -41.03
CA SER C 526 -64.70 -25.09 -42.36
C SER C 526 -66.19 -25.28 -42.51
N ASN C 527 -66.68 -25.08 -43.74
CA ASN C 527 -68.05 -25.37 -44.13
C ASN C 527 -69.07 -24.46 -43.49
N SER C 528 -68.69 -23.26 -43.05
CA SER C 528 -69.62 -22.38 -42.36
C SER C 528 -69.61 -21.02 -43.06
N THR C 529 -70.48 -20.87 -44.06
CA THR C 529 -70.53 -19.62 -44.81
C THR C 529 -70.98 -18.46 -43.95
N GLU C 530 -71.82 -18.71 -42.94
CA GLU C 530 -72.24 -17.62 -42.09
C GLU C 530 -71.13 -17.11 -41.21
N ALA C 531 -70.05 -17.86 -41.06
CA ALA C 531 -68.86 -17.35 -40.41
C ALA C 531 -67.85 -16.84 -41.41
N GLY C 532 -68.19 -16.82 -42.69
CA GLY C 532 -67.33 -16.24 -43.68
C GLY C 532 -67.65 -14.79 -43.85
N GLN C 533 -68.93 -14.47 -44.04
CA GLN C 533 -69.33 -13.08 -44.17
C GLN C 533 -68.92 -12.28 -42.94
N LYS C 534 -69.18 -12.82 -41.76
CA LYS C 534 -68.76 -12.14 -40.55
C LYS C 534 -67.29 -11.78 -40.58
N LEU C 535 -66.45 -12.57 -41.21
CA LEU C 535 -65.05 -12.19 -41.37
C LEU C 535 -64.83 -11.34 -42.59
N PHE C 536 -65.54 -11.61 -43.68
CA PHE C 536 -65.24 -10.92 -44.92
C PHE C 536 -65.49 -9.43 -44.81
N ASN C 537 -66.58 -9.04 -44.16
CA ASN C 537 -66.84 -7.61 -44.08
C ASN C 537 -65.96 -6.92 -43.07
N MET C 538 -64.97 -7.60 -42.52
CA MET C 538 -63.88 -6.87 -41.88
C MET C 538 -62.67 -6.78 -42.78
N LEU C 539 -62.46 -7.77 -43.64
CA LEU C 539 -61.30 -7.73 -44.51
C LEU C 539 -61.40 -6.60 -45.51
N ARG C 540 -62.57 -6.41 -46.10
CA ARG C 540 -62.69 -5.44 -47.18
C ARG C 540 -62.82 -4.02 -46.65
N LEU C 541 -61.94 -3.66 -45.75
CA LEU C 541 -61.89 -2.30 -45.26
C LEU C 541 -60.51 -1.69 -45.37
N GLY C 542 -59.48 -2.52 -45.32
CA GLY C 542 -58.15 -1.98 -45.36
C GLY C 542 -57.98 -1.02 -44.21
N LYS C 543 -57.32 0.09 -44.49
CA LYS C 543 -57.16 1.14 -43.50
C LYS C 543 -58.18 2.23 -43.64
N SER C 544 -59.27 2.00 -44.35
CA SER C 544 -60.20 3.09 -44.54
C SER C 544 -61.09 3.33 -43.34
N GLU C 545 -60.92 2.59 -42.26
CA GLU C 545 -61.70 2.79 -41.05
C GLU C 545 -60.80 2.75 -39.84
N PRO C 546 -61.23 3.32 -38.72
CA PRO C 546 -60.50 3.13 -37.48
C PRO C 546 -60.39 1.65 -37.17
N TRP C 547 -59.25 1.24 -36.62
CA TRP C 547 -59.12 -0.17 -36.32
C TRP C 547 -60.09 -0.60 -35.25
N THR C 548 -60.55 0.33 -34.42
CA THR C 548 -61.52 0.00 -33.40
C THR C 548 -62.83 -0.43 -34.02
N LEU C 549 -63.30 0.31 -35.01
CA LEU C 549 -64.53 -0.09 -35.69
C LEU C 549 -64.37 -1.41 -36.41
N ALA C 550 -63.21 -1.64 -37.02
CA ALA C 550 -63.00 -2.90 -37.71
C ALA C 550 -63.05 -4.05 -36.74
N LEU C 551 -62.40 -3.91 -35.59
CA LEU C 551 -62.50 -4.96 -34.58
C LEU C 551 -63.93 -5.16 -34.13
N GLU C 552 -64.70 -4.08 -34.07
CA GLU C 552 -66.10 -4.20 -33.71
C GLU C 552 -66.86 -5.05 -34.70
N ASN C 553 -66.55 -4.92 -35.98
CA ASN C 553 -67.33 -5.61 -37.00
C ASN C 553 -67.20 -7.13 -36.95
N VAL C 554 -66.34 -7.68 -36.11
CA VAL C 554 -66.24 -9.14 -35.94
C VAL C 554 -66.42 -9.53 -34.49
N VAL C 555 -65.64 -8.94 -33.60
CA VAL C 555 -65.66 -9.41 -32.23
C VAL C 555 -66.92 -8.97 -31.53
N GLY C 556 -67.36 -7.75 -31.76
CA GLY C 556 -68.43 -7.16 -30.98
C GLY C 556 -67.96 -6.32 -29.82
N ALA C 557 -66.66 -6.01 -29.75
CA ALA C 557 -66.12 -5.13 -28.74
C ALA C 557 -65.25 -4.09 -29.43
N LYS C 558 -64.51 -3.33 -28.63
CA LYS C 558 -63.69 -2.25 -29.17
C LYS C 558 -62.30 -2.25 -28.58
N ASN C 559 -61.82 -3.37 -28.06
CA ASN C 559 -60.57 -3.30 -27.32
C ASN C 559 -59.90 -4.65 -27.33
N MET C 560 -58.65 -4.66 -26.90
CA MET C 560 -57.96 -5.90 -26.65
C MET C 560 -58.61 -6.61 -25.49
N ASN C 561 -58.77 -7.91 -25.61
CA ASN C 561 -59.30 -8.74 -24.54
C ASN C 561 -58.41 -9.94 -24.30
N VAL C 562 -58.27 -10.33 -23.06
CA VAL C 562 -57.49 -11.50 -22.72
C VAL C 562 -58.35 -12.68 -22.36
N ARG C 563 -59.66 -12.52 -22.32
CA ARG C 563 -60.49 -13.65 -21.93
C ARG C 563 -60.50 -14.76 -22.97
N PRO C 564 -60.56 -14.49 -24.27
CA PRO C 564 -60.49 -15.60 -25.22
C PRO C 564 -59.19 -16.36 -25.15
N LEU C 565 -58.07 -15.68 -24.91
CA LEU C 565 -56.81 -16.39 -24.80
C LEU C 565 -56.84 -17.34 -23.61
N LEU C 566 -57.44 -16.91 -22.50
CA LEU C 566 -57.49 -17.79 -21.34
C LEU C 566 -58.46 -18.92 -21.56
N ASN C 567 -59.57 -18.67 -22.24
CA ASN C 567 -60.47 -19.77 -22.53
C ASN C 567 -59.86 -20.78 -23.47
N TYR C 568 -58.90 -20.38 -24.30
CA TYR C 568 -58.25 -21.33 -25.17
C TYR C 568 -57.47 -22.35 -24.36
N PHE C 569 -56.79 -21.92 -23.31
CA PHE C 569 -55.91 -22.78 -22.53
C PHE C 569 -56.57 -23.23 -21.24
N GLU C 570 -57.84 -23.56 -21.21
CA GLU C 570 -58.43 -23.94 -19.94
C GLU C 570 -58.05 -25.34 -19.51
N PRO C 571 -58.14 -26.34 -20.38
CA PRO C 571 -57.70 -27.67 -19.96
C PRO C 571 -56.28 -27.70 -19.45
N LEU C 572 -55.37 -27.00 -20.13
CA LEU C 572 -54.00 -26.97 -19.66
C LEU C 572 -53.90 -26.29 -18.31
N PHE C 573 -54.69 -25.25 -18.09
CA PHE C 573 -54.63 -24.55 -16.82
C PHE C 573 -55.06 -25.45 -15.68
N THR C 574 -56.14 -26.20 -15.85
CA THR C 574 -56.57 -27.06 -14.76
C THR C 574 -55.57 -28.19 -14.54
N TRP C 575 -55.11 -28.83 -15.61
CA TRP C 575 -54.13 -29.88 -15.44
C TRP C 575 -52.88 -29.38 -14.75
N LEU C 576 -52.47 -28.14 -15.01
CA LEU C 576 -51.29 -27.62 -14.34
C LEU C 576 -51.57 -27.34 -12.89
N LYS C 577 -52.68 -26.69 -12.57
CA LYS C 577 -53.02 -26.46 -11.18
C LYS C 577 -53.07 -27.77 -10.42
N ASP C 578 -53.35 -28.87 -11.10
CA ASP C 578 -53.25 -30.16 -10.45
C ASP C 578 -51.80 -30.61 -10.28
N GLN C 579 -50.99 -30.51 -11.33
CA GLN C 579 -49.63 -31.02 -11.25
C GLN C 579 -48.73 -30.19 -10.36
N ASN C 580 -49.11 -28.97 -10.02
CA ASN C 580 -48.28 -28.08 -9.23
C ASN C 580 -48.70 -28.02 -7.78
N LYS C 581 -49.30 -29.09 -7.26
CA LYS C 581 -49.77 -29.02 -5.89
C LYS C 581 -48.63 -29.14 -4.91
N ASN C 582 -47.69 -30.04 -5.16
CA ASN C 582 -46.54 -30.20 -4.30
C ASN C 582 -45.34 -29.46 -4.87
N SER C 583 -45.45 -28.13 -4.90
CA SER C 583 -44.38 -27.30 -5.42
C SER C 583 -44.64 -25.87 -4.98
N PHE C 584 -43.74 -24.98 -5.35
CA PHE C 584 -43.88 -23.57 -5.03
C PHE C 584 -44.18 -22.83 -6.32
N VAL C 585 -45.37 -22.28 -6.43
CA VAL C 585 -45.78 -21.53 -7.60
C VAL C 585 -45.41 -20.08 -7.39
N GLY C 586 -44.53 -19.56 -8.22
CA GLY C 586 -43.97 -18.24 -8.06
C GLY C 586 -42.47 -18.29 -8.01
N TRP C 587 -41.87 -17.12 -7.87
CA TRP C 587 -40.43 -17.09 -7.82
C TRP C 587 -39.99 -15.96 -6.91
N SER C 588 -38.73 -16.04 -6.51
CA SER C 588 -38.13 -15.03 -5.67
C SER C 588 -36.98 -14.40 -6.40
N THR C 589 -36.87 -13.08 -6.33
CA THR C 589 -35.89 -12.35 -7.14
C THR C 589 -34.62 -12.07 -6.38
N ASP C 590 -34.18 -12.97 -5.53
CA ASP C 590 -32.92 -12.79 -4.81
C ASP C 590 -31.91 -13.88 -5.09
N TRP C 591 -32.34 -15.12 -5.30
CA TRP C 591 -31.41 -16.18 -5.64
C TRP C 591 -30.76 -15.88 -6.98
N SER C 592 -29.51 -16.25 -7.12
CA SER C 592 -28.80 -16.13 -8.39
C SER C 592 -27.79 -17.25 -8.47
N PRO C 593 -27.40 -17.64 -9.67
CA PRO C 593 -26.58 -18.85 -9.79
C PRO C 593 -25.20 -18.70 -9.20
N TYR C 594 -24.73 -17.48 -8.97
CA TYR C 594 -23.37 -17.26 -8.51
C TYR C 594 -23.32 -16.69 -7.11
N ALA C 595 -24.43 -16.71 -6.39
CA ALA C 595 -24.49 -16.02 -5.13
C ALA C 595 -23.94 -16.83 -3.97
N ASP C 596 -23.61 -18.10 -4.19
CA ASP C 596 -23.10 -18.91 -3.10
C ASP C 596 -21.59 -19.02 -3.11
N GLN C 597 -20.91 -18.50 -4.12
CA GLN C 597 -19.47 -18.42 -4.11
C GLN C 597 -18.99 -16.98 -4.11
N SER C 598 -19.87 -16.04 -3.87
CA SER C 598 -19.46 -14.66 -3.79
C SER C 598 -18.98 -14.33 -2.40
N ILE C 599 -18.09 -13.37 -2.31
CA ILE C 599 -17.65 -12.83 -1.05
C ILE C 599 -18.10 -11.39 -1.01
N LYS C 600 -18.48 -10.93 0.18
CA LYS C 600 -18.97 -9.58 0.36
C LYS C 600 -17.92 -8.68 0.98
N VAL C 601 -17.71 -7.53 0.35
CA VAL C 601 -16.75 -6.56 0.82
C VAL C 601 -17.50 -5.32 1.27
N ARG C 602 -17.00 -4.70 2.33
CA ARG C 602 -17.59 -3.48 2.85
C ARG C 602 -16.47 -2.55 3.27
N ILE C 603 -16.45 -1.34 2.72
CA ILE C 603 -15.32 -0.43 2.87
C ILE C 603 -15.79 0.85 3.54
N SER C 604 -15.01 1.36 4.49
CA SER C 604 -15.39 2.54 5.25
C SER C 604 -14.26 3.55 5.23
N LEU C 605 -14.35 4.52 4.35
CA LEU C 605 -13.21 5.41 4.17
C LEU C 605 -13.15 6.51 5.21
N LYS C 606 -14.29 7.09 5.58
CA LYS C 606 -14.25 8.21 6.52
C LYS C 606 -13.82 7.77 7.90
N SER C 607 -14.02 6.51 8.25
CA SER C 607 -13.57 6.06 9.57
C SER C 607 -12.06 6.05 9.64
N ALA C 608 -11.41 5.32 8.75
CA ALA C 608 -9.98 5.15 8.81
C ALA C 608 -9.22 6.43 8.49
N LEU C 609 -9.37 6.94 7.28
CA LEU C 609 -8.61 8.12 6.90
C LEU C 609 -9.19 9.38 7.53
N GLY C 610 -10.49 9.44 7.70
CA GLY C 610 -11.12 10.54 8.39
C GLY C 610 -11.15 11.77 7.51
N ASP C 611 -10.00 12.36 7.37
CA ASP C 611 -9.80 13.36 6.34
C ASP C 611 -8.84 12.76 5.34
N LYS C 612 -8.51 13.54 4.32
CA LYS C 612 -7.62 13.03 3.28
C LYS C 612 -8.22 11.81 2.59
N ALA C 613 -9.46 11.49 2.93
CA ALA C 613 -10.10 10.32 2.35
C ALA C 613 -10.35 10.56 0.88
N TYR C 614 -9.67 9.81 0.04
CA TYR C 614 -9.89 9.92 -1.38
C TYR C 614 -11.32 9.53 -1.70
N GLU C 615 -11.72 9.79 -2.94
CA GLU C 615 -13.05 9.46 -3.40
C GLU C 615 -13.01 8.15 -4.15
N TRP C 616 -14.03 7.33 -3.96
CA TRP C 616 -14.06 5.99 -4.54
C TRP C 616 -14.76 6.03 -5.88
N ASN C 617 -14.01 6.30 -6.93
CA ASN C 617 -14.51 6.28 -8.30
C ASN C 617 -14.26 4.89 -8.89
N ASP C 618 -14.31 4.78 -10.20
CA ASP C 618 -14.14 3.51 -10.87
C ASP C 618 -12.69 3.06 -10.97
N ASN C 619 -11.75 3.98 -10.97
CA ASN C 619 -10.38 3.54 -10.96
C ASN C 619 -10.01 2.80 -9.70
N GLU C 620 -10.65 3.11 -8.59
CA GLU C 620 -10.44 2.31 -7.40
C GLU C 620 -10.96 0.91 -7.57
N MET C 621 -12.08 0.75 -8.24
CA MET C 621 -12.53 -0.61 -8.49
C MET C 621 -11.55 -1.35 -9.36
N TYR C 622 -10.93 -0.66 -10.32
CA TYR C 622 -9.89 -1.31 -11.09
C TYR C 622 -8.75 -1.77 -10.21
N LEU C 623 -8.26 -0.90 -9.35
CA LEU C 623 -7.16 -1.29 -8.49
C LEU C 623 -7.53 -2.43 -7.57
N PHE C 624 -8.76 -2.45 -7.07
CA PHE C 624 -9.16 -3.54 -6.20
C PHE C 624 -9.18 -4.85 -6.96
N ARG C 625 -9.73 -4.86 -8.16
CA ARG C 625 -9.74 -6.11 -8.90
C ARG C 625 -8.35 -6.60 -9.20
N SER C 626 -7.42 -5.69 -9.47
CA SER C 626 -6.04 -6.10 -9.70
C SER C 626 -5.40 -6.67 -8.45
N SER C 627 -5.68 -6.10 -7.29
CA SER C 627 -5.12 -6.67 -6.06
C SER C 627 -5.64 -8.06 -5.81
N VAL C 628 -6.92 -8.29 -6.03
CA VAL C 628 -7.43 -9.64 -5.83
C VAL C 628 -6.83 -10.61 -6.83
N ALA C 629 -6.65 -10.19 -8.07
CA ALA C 629 -5.98 -11.06 -9.02
C ALA C 629 -4.58 -11.40 -8.58
N TYR C 630 -3.86 -10.45 -8.00
CA TYR C 630 -2.52 -10.71 -7.51
C TYR C 630 -2.53 -11.72 -6.38
N ALA C 631 -3.45 -11.56 -5.43
CA ALA C 631 -3.54 -12.49 -4.32
C ALA C 631 -3.81 -13.90 -4.81
N MET C 632 -4.70 -14.06 -5.77
CA MET C 632 -4.96 -15.39 -6.30
C MET C 632 -3.73 -15.96 -6.99
N ARG C 633 -3.03 -15.13 -7.77
CA ARG C 633 -1.83 -15.61 -8.42
C ARG C 633 -0.80 -16.10 -7.43
N GLN C 634 -0.73 -15.45 -6.28
CA GLN C 634 0.23 -15.80 -5.24
C GLN C 634 -0.12 -17.13 -4.59
N TYR C 635 -1.41 -17.33 -4.31
CA TYR C 635 -1.86 -18.56 -3.68
C TYR C 635 -1.70 -19.75 -4.59
N PHE C 636 -2.03 -19.63 -5.87
CA PHE C 636 -1.78 -20.78 -6.72
C PHE C 636 -0.36 -20.85 -7.19
N LEU C 637 0.59 -20.51 -6.34
CA LEU C 637 1.99 -20.66 -6.70
C LEU C 637 2.76 -21.06 -5.46
N LYS C 638 2.26 -20.66 -4.31
CA LYS C 638 2.92 -20.99 -3.07
C LYS C 638 2.18 -22.04 -2.28
N VAL C 639 1.12 -22.60 -2.84
CA VAL C 639 0.45 -23.72 -2.20
C VAL C 639 0.32 -24.85 -3.20
N LYS C 640 -0.30 -24.57 -4.34
CA LYS C 640 -0.61 -25.60 -5.29
C LYS C 640 0.38 -25.70 -6.44
N ASN C 641 1.32 -24.76 -6.53
CA ASN C 641 2.42 -24.85 -7.48
C ASN C 641 1.95 -24.90 -8.93
N GLN C 642 0.80 -24.33 -9.19
CA GLN C 642 0.42 -24.06 -10.56
C GLN C 642 1.01 -22.72 -10.97
N MET C 643 0.68 -22.30 -12.18
CA MET C 643 1.02 -20.97 -12.65
C MET C 643 -0.14 -20.50 -13.52
N ILE C 644 -1.06 -19.79 -12.93
CA ILE C 644 -2.30 -19.40 -13.56
C ILE C 644 -2.34 -17.90 -13.68
N LEU C 645 -2.74 -17.40 -14.84
CA LEU C 645 -2.64 -15.98 -15.12
C LEU C 645 -4.00 -15.30 -14.94
N PHE C 646 -4.37 -15.14 -13.69
CA PHE C 646 -5.57 -14.37 -13.40
C PHE C 646 -5.37 -12.93 -13.82
N GLY C 647 -6.42 -12.34 -14.38
CA GLY C 647 -6.40 -10.94 -14.71
C GLY C 647 -7.53 -10.22 -14.00
N GLU C 648 -7.55 -8.91 -14.12
CA GLU C 648 -8.61 -8.18 -13.45
C GLU C 648 -9.95 -8.38 -14.11
N GLU C 649 -10.01 -9.00 -15.27
CA GLU C 649 -11.28 -9.30 -15.88
C GLU C 649 -11.80 -10.67 -15.48
N ASP C 650 -11.07 -11.40 -14.65
CA ASP C 650 -11.56 -12.63 -14.05
C ASP C 650 -12.17 -12.41 -12.69
N VAL C 651 -12.23 -11.20 -12.21
CA VAL C 651 -12.81 -10.90 -10.91
C VAL C 651 -14.11 -10.17 -11.18
N ARG C 652 -15.22 -10.86 -11.04
CA ARG C 652 -16.54 -10.32 -11.34
C ARG C 652 -17.11 -9.66 -10.10
N VAL C 653 -17.79 -8.54 -10.30
CA VAL C 653 -18.25 -7.69 -9.22
C VAL C 653 -19.74 -7.40 -9.41
N ALA C 654 -20.49 -7.43 -8.32
CA ALA C 654 -21.94 -7.26 -8.37
C ALA C 654 -22.43 -6.41 -7.20
N ASN C 655 -23.48 -5.64 -7.43
CA ASN C 655 -24.25 -4.96 -6.39
C ASN C 655 -23.49 -3.80 -5.75
N LEU C 656 -22.79 -3.01 -6.55
CA LEU C 656 -22.12 -1.85 -6.01
C LEU C 656 -23.10 -0.93 -5.30
N LYS C 657 -22.64 -0.35 -4.21
CA LYS C 657 -23.45 0.55 -3.42
C LYS C 657 -22.60 1.70 -2.88
N PRO C 658 -23.29 2.73 -2.44
CA PRO C 658 -22.66 3.94 -1.89
C PRO C 658 -21.89 3.69 -0.62
N ARG C 659 -22.43 2.86 0.27
CA ARG C 659 -21.75 2.53 1.50
C ARG C 659 -20.34 2.01 1.16
N ILE C 660 -20.15 1.67 -0.11
CA ILE C 660 -18.90 1.17 -0.61
C ILE C 660 -18.78 -0.30 -0.32
N SER C 661 -19.80 -1.05 -0.74
CA SER C 661 -19.83 -2.47 -0.53
C SER C 661 -20.17 -3.14 -1.85
N PHE C 662 -19.95 -4.44 -1.92
CA PHE C 662 -20.26 -5.18 -3.14
C PHE C 662 -19.95 -6.64 -2.91
N ASN C 663 -20.21 -7.45 -3.92
CA ASN C 663 -19.84 -8.86 -3.91
C ASN C 663 -18.91 -9.13 -5.05
N PHE C 664 -18.04 -10.11 -4.90
CA PHE C 664 -17.20 -10.48 -6.01
C PHE C 664 -17.00 -11.97 -6.02
N PHE C 665 -16.62 -12.49 -7.17
CA PHE C 665 -16.19 -13.88 -7.26
C PHE C 665 -15.19 -13.99 -8.40
N VAL C 666 -14.50 -15.11 -8.44
CA VAL C 666 -13.35 -15.27 -9.32
C VAL C 666 -13.57 -16.47 -10.21
N THR C 667 -13.14 -16.37 -11.46
CA THR C 667 -13.24 -17.48 -12.40
C THR C 667 -11.88 -17.77 -13.00
N ALA C 668 -11.69 -19.01 -13.44
CA ALA C 668 -10.47 -19.39 -14.13
C ALA C 668 -10.26 -18.49 -15.33
N PRO C 669 -9.03 -18.37 -15.80
CA PRO C 669 -8.70 -17.32 -16.76
C PRO C 669 -9.54 -17.23 -18.03
N LYS C 670 -9.60 -18.23 -18.88
CA LYS C 670 -10.51 -18.15 -20.02
C LYS C 670 -11.46 -19.32 -19.96
N ASN C 671 -12.39 -19.24 -19.03
CA ASN C 671 -13.43 -20.23 -18.90
C ASN C 671 -14.50 -19.63 -18.02
N VAL C 672 -15.57 -19.13 -18.61
CA VAL C 672 -16.50 -18.36 -17.81
C VAL C 672 -17.26 -19.24 -16.86
N SER C 673 -17.29 -20.55 -17.12
CA SER C 673 -18.09 -21.48 -16.34
C SER C 673 -17.25 -22.22 -15.32
N ASP C 674 -16.16 -21.62 -14.84
CA ASP C 674 -15.23 -22.27 -13.94
C ASP C 674 -15.00 -21.36 -12.75
N ILE C 675 -15.84 -21.47 -11.74
CA ILE C 675 -15.77 -20.59 -10.58
C ILE C 675 -14.87 -21.21 -9.54
N ILE C 676 -13.87 -20.46 -9.10
CA ILE C 676 -13.05 -20.95 -8.00
C ILE C 676 -13.91 -21.08 -6.76
N PRO C 677 -13.85 -22.19 -6.03
CA PRO C 677 -14.71 -22.33 -4.86
C PRO C 677 -14.39 -21.28 -3.82
N ARG C 678 -15.37 -20.95 -3.01
CA ARG C 678 -15.22 -19.83 -2.10
C ARG C 678 -14.21 -20.10 -1.02
N THR C 679 -14.06 -21.35 -0.63
CA THR C 679 -13.13 -21.70 0.43
C THR C 679 -11.68 -21.62 0.00
N GLU C 680 -11.41 -21.39 -1.26
CA GLU C 680 -10.04 -21.11 -1.70
C GLU C 680 -9.77 -19.63 -1.83
N VAL C 681 -10.74 -18.87 -2.33
CA VAL C 681 -10.59 -17.44 -2.33
C VAL C 681 -10.40 -16.93 -0.92
N GLU C 682 -11.11 -17.51 0.04
CA GLU C 682 -10.90 -17.09 1.41
C GLU C 682 -9.49 -17.33 1.89
N LYS C 683 -8.87 -18.43 1.50
CA LYS C 683 -7.50 -18.66 1.93
C LYS C 683 -6.50 -17.76 1.23
N ALA C 684 -6.69 -17.53 -0.07
CA ALA C 684 -5.80 -16.62 -0.77
C ALA C 684 -5.85 -15.24 -0.17
N ILE C 685 -7.04 -14.79 0.22
CA ILE C 685 -7.15 -13.48 0.83
C ILE C 685 -6.56 -13.49 2.22
N ARG C 686 -6.78 -14.54 3.00
CA ARG C 686 -6.13 -14.60 4.29
C ARG C 686 -4.64 -14.47 4.15
N MET C 687 -4.10 -14.95 3.05
CA MET C 687 -2.66 -14.92 2.88
C MET C 687 -2.14 -13.55 2.47
N SER C 688 -2.82 -12.84 1.57
CA SER C 688 -2.32 -11.55 1.09
C SER C 688 -3.05 -10.35 1.65
N ARG C 689 -3.78 -10.52 2.75
CA ARG C 689 -4.59 -9.43 3.27
C ARG C 689 -3.76 -8.22 3.62
N SER C 690 -2.56 -8.40 4.13
CA SER C 690 -1.81 -7.25 4.60
C SER C 690 -1.33 -6.37 3.47
N ARG C 691 -1.14 -6.92 2.28
CA ARG C 691 -0.80 -6.08 1.15
C ARG C 691 -2.02 -5.46 0.53
N ILE C 692 -3.13 -6.19 0.48
CA ILE C 692 -4.34 -5.57 -0.03
C ILE C 692 -4.75 -4.41 0.85
N ASN C 693 -4.55 -4.50 2.15
CA ASN C 693 -4.82 -3.36 3.01
C ASN C 693 -3.93 -2.18 2.66
N ASP C 694 -2.65 -2.42 2.45
CA ASP C 694 -1.70 -1.35 2.25
C ASP C 694 -1.96 -0.60 0.96
N ALA C 695 -2.36 -1.31 -0.08
CA ALA C 695 -2.62 -0.62 -1.34
C ALA C 695 -3.66 0.46 -1.20
N PHE C 696 -4.52 0.41 -0.18
CA PHE C 696 -5.61 1.35 -0.03
C PHE C 696 -5.52 2.22 1.21
N ARG C 697 -4.58 1.92 2.10
CA ARG C 697 -4.40 2.60 3.38
C ARG C 697 -5.49 2.27 4.38
N LEU C 698 -6.19 1.16 4.19
CA LEU C 698 -7.17 0.70 5.14
C LEU C 698 -6.51 -0.20 6.16
N ASN C 699 -7.21 -0.49 7.25
CA ASN C 699 -6.55 -1.07 8.39
C ASN C 699 -7.40 -2.16 9.03
N ASP C 700 -7.98 -3.01 8.22
CA ASP C 700 -8.48 -4.31 8.63
C ASP C 700 -9.77 -4.19 9.45
N ASN C 701 -10.19 -3.00 9.81
CA ASN C 701 -11.52 -2.76 10.36
C ASN C 701 -12.31 -1.82 9.49
N SER C 702 -11.68 -1.22 8.49
CA SER C 702 -12.37 -0.46 7.48
C SER C 702 -12.37 -1.18 6.15
N LEU C 703 -11.86 -2.40 6.09
CA LEU C 703 -11.88 -3.22 4.89
C LEU C 703 -12.34 -4.61 5.24
N GLU C 704 -13.50 -4.74 5.86
CA GLU C 704 -13.94 -6.06 6.28
C GLU C 704 -14.34 -6.92 5.09
N PHE C 705 -14.14 -8.22 5.24
CA PHE C 705 -14.41 -9.18 4.18
C PHE C 705 -15.52 -10.14 4.54
N LEU C 706 -16.23 -9.92 5.64
CA LEU C 706 -17.53 -10.56 5.89
C LEU C 706 -17.46 -12.08 5.75
N GLY C 707 -16.77 -12.67 6.71
CA GLY C 707 -16.73 -14.12 6.79
C GLY C 707 -15.30 -14.55 6.92
N ILE C 708 -14.41 -13.57 6.88
CA ILE C 708 -12.99 -13.77 7.01
C ILE C 708 -12.57 -12.90 8.17
N GLN C 709 -12.43 -13.48 9.34
CA GLN C 709 -12.11 -12.51 10.36
C GLN C 709 -10.66 -12.64 10.80
N PRO C 710 -10.03 -11.55 11.18
CA PRO C 710 -8.59 -11.60 11.49
C PRO C 710 -8.33 -12.20 12.85
N THR C 711 -7.15 -12.81 12.98
CA THR C 711 -6.68 -13.24 14.29
C THR C 711 -5.19 -13.02 14.53
N LEU C 712 -4.39 -12.71 13.52
CA LEU C 712 -2.94 -12.86 13.66
C LEU C 712 -2.37 -11.97 14.75
N GLY C 713 -1.62 -12.59 15.67
CA GLY C 713 -0.94 -11.89 16.74
C GLY C 713 -0.95 -12.64 18.07
N PRO C 714 0.24 -12.85 18.63
CA PRO C 714 0.35 -13.55 19.91
C PRO C 714 0.47 -12.58 21.06
N PRO C 715 -0.21 -12.83 22.18
CA PRO C 715 -0.09 -11.96 23.34
C PRO C 715 0.96 -12.38 24.36
N ASN C 716 2.19 -12.72 23.95
CA ASN C 716 3.20 -13.20 24.90
C ASN C 716 4.19 -12.08 25.21
N GLN C 717 3.72 -11.10 25.98
CA GLN C 717 4.59 -10.01 26.39
C GLN C 717 5.56 -10.38 27.51
N PRO C 718 5.09 -10.82 28.67
CA PRO C 718 5.91 -10.73 29.88
C PRO C 718 6.95 -11.85 29.94
N PRO C 719 8.23 -11.49 29.99
CA PRO C 719 9.26 -12.51 30.26
C PRO C 719 9.54 -12.72 31.74
N VAL C 720 9.28 -11.71 32.56
CA VAL C 720 9.85 -11.68 33.91
C VAL C 720 8.81 -11.41 34.99
N SER C 721 7.59 -11.00 34.60
CA SER C 721 6.56 -10.57 35.56
C SER C 721 7.08 -9.41 36.41
N ILE C 722 7.27 -8.28 35.72
CA ILE C 722 8.09 -7.16 36.21
C ILE C 722 7.73 -6.73 37.63
N TRP C 723 6.50 -6.98 38.06
CA TRP C 723 6.11 -6.55 39.40
C TRP C 723 6.92 -7.29 40.47
N LEU C 724 7.45 -8.46 40.15
CA LEU C 724 8.25 -9.22 41.11
C LEU C 724 9.53 -8.47 41.48
N ILE C 725 10.25 -7.94 40.50
CA ILE C 725 11.51 -7.28 40.83
C ILE C 725 11.25 -5.91 41.47
N VAL C 726 10.12 -5.28 41.16
CA VAL C 726 9.79 -4.05 41.87
C VAL C 726 9.45 -4.34 43.33
N PHE C 727 8.73 -5.44 43.57
CA PHE C 727 8.50 -5.85 44.95
C PHE C 727 9.82 -6.23 45.63
N GLY C 728 10.75 -6.79 44.88
CA GLY C 728 12.04 -7.13 45.45
C GLY C 728 12.82 -5.91 45.89
N VAL C 729 12.86 -4.88 45.04
CA VAL C 729 13.63 -3.68 45.39
C VAL C 729 12.96 -2.94 46.55
N VAL C 730 11.63 -2.89 46.56
CA VAL C 730 10.97 -2.21 47.68
C VAL C 730 11.15 -3.01 48.97
N MET C 731 11.17 -4.34 48.88
CA MET C 731 11.41 -5.14 50.08
C MET C 731 12.83 -4.93 50.58
N GLY C 732 13.80 -4.85 49.66
CA GLY C 732 15.18 -4.60 50.07
C GLY C 732 15.33 -3.27 50.76
N VAL C 733 14.76 -2.21 50.18
CA VAL C 733 14.90 -0.90 50.81
C VAL C 733 14.18 -0.86 52.15
N ILE C 734 13.03 -1.53 52.26
CA ILE C 734 12.29 -1.47 53.52
C ILE C 734 13.00 -2.26 54.61
N VAL C 735 13.62 -3.40 54.26
CA VAL C 735 14.32 -4.16 55.29
C VAL C 735 15.57 -3.43 55.71
N VAL C 736 16.28 -2.81 54.75
CA VAL C 736 17.50 -2.09 55.13
C VAL C 736 17.15 -0.89 56.00
N GLY C 737 16.03 -0.22 55.72
CA GLY C 737 15.57 0.82 56.61
C GLY C 737 15.25 0.30 57.99
N ILE C 738 14.58 -0.85 58.07
CA ILE C 738 14.24 -1.43 59.36
C ILE C 738 15.49 -1.68 60.20
N VAL C 739 16.49 -2.35 59.63
CA VAL C 739 17.66 -2.68 60.45
C VAL C 739 18.46 -1.42 60.78
N ILE C 740 18.59 -0.47 59.84
CA ILE C 740 19.38 0.71 60.21
C ILE C 740 18.68 1.51 61.29
N LEU C 741 17.34 1.55 61.29
CA LEU C 741 16.66 2.34 62.31
C LEU C 741 16.54 1.60 63.64
N ILE C 742 16.57 0.27 63.65
CA ILE C 742 16.61 -0.43 64.93
C ILE C 742 18.03 -0.52 65.48
N PHE C 743 19.04 -0.27 64.65
CA PHE C 743 20.41 -0.16 65.14
C PHE C 743 20.80 1.25 65.54
N THR C 744 20.17 2.26 64.95
CA THR C 744 20.36 3.62 65.44
C THR C 744 20.02 3.73 66.92
N GLY C 745 18.95 3.05 67.34
CA GLY C 745 18.56 3.11 68.74
C GLY C 745 19.54 2.42 69.67
N ILE C 746 19.99 1.21 69.30
CA ILE C 746 20.92 0.49 70.17
C ILE C 746 22.27 1.19 70.19
N ARG C 747 22.59 1.96 69.14
CA ARG C 747 23.77 2.80 69.21
C ARG C 747 23.55 3.99 70.14
N ASP C 748 22.31 4.50 70.20
CA ASP C 748 21.99 5.63 71.07
C ASP C 748 21.42 5.14 72.40
N ARG C 749 22.21 4.36 73.12
CA ARG C 749 21.81 3.83 74.41
C ARG C 749 22.89 2.93 75.00
N VAL D 25 -25.64 19.54 86.69
CA VAL D 25 -24.34 18.90 86.53
C VAL D 25 -24.23 17.72 87.48
N LEU D 26 -23.77 16.59 86.96
CA LEU D 26 -23.64 15.39 87.77
C LEU D 26 -22.67 15.64 88.93
N PRO D 27 -22.79 14.91 90.03
CA PRO D 27 -21.96 15.24 91.21
C PRO D 27 -20.47 15.09 90.97
N ASN D 28 -20.01 13.91 90.57
CA ASN D 28 -18.60 13.68 90.26
C ASN D 28 -17.71 14.03 91.46
N PRO D 29 -17.69 13.21 92.51
CA PRO D 29 -16.88 13.55 93.68
C PRO D 29 -15.40 13.30 93.43
N GLY D 30 -14.57 14.05 94.14
CA GLY D 30 -13.13 13.86 94.07
C GLY D 30 -12.50 14.27 92.75
N LEU D 31 -13.11 15.22 92.04
CA LEU D 31 -12.53 15.65 90.76
C LEU D 31 -11.18 16.32 90.96
N ASP D 32 -10.98 16.98 92.09
CA ASP D 32 -9.68 17.55 92.39
C ASP D 32 -8.73 16.45 92.85
N ALA D 33 -7.45 16.82 93.02
CA ALA D 33 -6.41 15.90 93.48
C ALA D 33 -6.19 14.76 92.50
N ARG D 34 -6.87 14.79 91.37
CA ARG D 34 -6.66 13.85 90.28
C ARG D 34 -6.17 14.50 89.01
N ILE D 35 -6.35 15.80 88.87
CA ILE D 35 -5.89 16.54 87.69
C ILE D 35 -5.07 17.72 88.18
N PRO D 36 -4.15 18.23 87.36
CA PRO D 36 -3.36 19.40 87.77
C PRO D 36 -4.24 20.58 88.18
N SER D 37 -3.70 21.44 89.03
CA SER D 37 -4.47 22.42 89.79
C SER D 37 -4.72 23.75 89.06
N LEU D 38 -4.42 23.90 87.76
CA LEU D 38 -4.76 25.08 86.97
C LEU D 38 -3.91 26.29 87.34
N ALA D 39 -3.20 26.20 88.46
CA ALA D 39 -2.34 27.29 88.91
C ALA D 39 -0.88 26.86 89.00
N GLU D 40 -0.59 25.60 88.73
CA GLU D 40 0.76 25.08 88.79
C GLU D 40 1.09 24.23 87.56
N LEU D 41 0.26 24.28 86.51
CA LEU D 41 0.50 23.46 85.34
C LEU D 41 1.75 23.91 84.59
N GLU D 42 1.97 25.23 84.50
CA GLU D 42 3.16 25.73 83.84
C GLU D 42 4.43 25.33 84.59
N THR D 43 4.30 24.96 85.86
CA THR D 43 5.42 24.35 86.57
C THR D 43 5.54 22.88 86.22
N ILE D 44 4.41 22.18 86.02
CA ILE D 44 4.45 20.80 85.56
C ILE D 44 5.08 20.68 84.18
N GLU D 45 4.98 21.71 83.36
CA GLU D 45 5.55 21.65 82.01
C GLU D 45 7.03 21.28 82.00
N GLN D 46 7.78 21.69 83.02
CA GLN D 46 9.20 21.36 83.06
C GLN D 46 9.45 19.87 83.18
N GLU D 47 8.58 19.13 83.88
CA GLU D 47 8.74 17.70 84.00
C GLU D 47 8.48 16.97 82.69
N GLU D 48 7.92 17.65 81.71
CA GLU D 48 7.61 17.07 80.40
C GLU D 48 8.78 17.13 79.43
N ALA D 49 10.00 17.38 79.91
CA ALA D 49 11.14 17.45 79.01
C ALA D 49 11.78 16.10 78.75
N SER D 50 11.52 15.11 79.59
CA SER D 50 12.15 13.80 79.46
C SER D 50 11.18 12.64 79.41
N SER D 51 10.07 12.69 80.13
CA SER D 51 9.13 11.59 80.19
C SER D 51 8.18 11.54 79.01
N ARG D 52 8.07 12.62 78.25
CA ARG D 52 7.20 12.68 77.09
C ARG D 52 7.94 13.35 75.95
N PRO D 53 7.69 12.93 74.71
CA PRO D 53 8.28 13.60 73.57
C PRO D 53 7.60 14.96 73.34
N LYS D 54 8.19 15.74 72.45
CA LYS D 54 7.64 17.04 72.13
C LYS D 54 7.88 17.36 70.67
N TRP D 55 6.99 18.16 70.09
CA TRP D 55 7.14 18.55 68.70
C TRP D 55 8.31 19.50 68.55
N ASP D 56 8.98 19.41 67.40
CA ASP D 56 10.06 20.31 67.09
C ASP D 56 9.57 21.66 66.58
N ASN D 57 8.65 21.68 65.64
CA ASN D 57 8.10 22.91 65.10
C ASN D 57 6.59 22.86 65.27
N LYS D 58 5.94 24.01 65.14
CA LYS D 58 4.49 23.99 65.10
C LYS D 58 4.00 23.36 63.80
N ALA D 59 4.77 23.55 62.73
CA ALA D 59 4.36 23.04 61.43
C ALA D 59 4.23 21.52 61.46
N GLN D 60 5.12 20.85 62.18
CA GLN D 60 5.00 19.40 62.30
C GLN D 60 3.67 19.01 62.93
N TYR D 61 3.24 19.77 63.94
CA TYR D 61 1.99 19.46 64.62
C TYR D 61 0.80 19.67 63.68
N MET D 62 0.74 20.82 63.02
CA MET D 62 -0.40 21.07 62.13
C MET D 62 -0.41 20.10 60.98
N LEU D 63 0.76 19.74 60.45
CA LEU D 63 0.80 18.79 59.35
C LEU D 63 0.40 17.39 59.77
N THR D 64 0.83 16.94 60.96
CA THR D 64 0.46 15.59 61.38
C THR D 64 -1.03 15.50 61.66
N CYS D 65 -1.61 16.51 62.33
CA CYS D 65 -3.05 16.48 62.50
C CYS D 65 -3.79 16.78 61.20
N LEU D 66 -3.09 17.24 60.17
CA LEU D 66 -3.73 17.44 58.87
C LEU D 66 -3.58 16.22 57.98
N GLY D 67 -2.53 15.42 58.21
CA GLY D 67 -2.34 14.21 57.43
C GLY D 67 -3.10 13.04 58.02
N PHE D 68 -3.63 13.22 59.22
CA PHE D 68 -4.38 12.19 59.92
C PHE D 68 -5.88 12.28 59.64
N CYS D 69 -6.42 13.49 59.54
CA CYS D 69 -7.82 13.64 59.17
C CYS D 69 -8.00 13.96 57.68
N VAL D 70 -7.48 13.10 56.80
CA VAL D 70 -7.70 13.25 55.36
C VAL D 70 -7.27 11.96 54.66
N GLY D 71 -7.90 11.69 53.53
CA GLY D 71 -7.42 10.63 52.65
C GLY D 71 -8.14 9.31 52.85
N LEU D 72 -8.47 8.65 51.74
CA LEU D 72 -9.06 7.31 51.74
C LEU D 72 -10.30 7.26 52.64
N GLY D 73 -11.33 7.93 52.15
CA GLY D 73 -12.51 8.25 52.92
C GLY D 73 -13.03 9.56 52.41
N ASN D 74 -12.21 10.20 51.58
CA ASN D 74 -12.64 11.27 50.70
C ASN D 74 -12.53 10.91 49.23
N VAL D 75 -11.83 9.82 48.91
CA VAL D 75 -11.72 9.36 47.53
C VAL D 75 -12.35 7.99 47.33
N TRP D 76 -12.47 7.21 48.39
CA TRP D 76 -12.88 5.81 48.29
C TRP D 76 -14.23 5.50 48.91
N ARG D 77 -14.70 6.30 49.87
CA ARG D 77 -16.02 6.13 50.46
C ARG D 77 -16.97 7.27 50.16
N PHE D 78 -16.46 8.45 49.86
CA PHE D 78 -17.30 9.61 49.59
C PHE D 78 -18.07 9.49 48.27
N PRO D 79 -17.42 9.20 47.14
CA PRO D 79 -18.19 9.17 45.89
C PRO D 79 -19.18 8.02 45.82
N TYR D 80 -18.88 6.89 46.45
CA TYR D 80 -19.84 5.79 46.52
C TYR D 80 -21.05 6.17 47.35
N LEU D 81 -20.82 6.62 48.58
CA LEU D 81 -21.90 7.09 49.44
C LEU D 81 -22.58 8.31 48.85
N CYS D 82 -22.04 8.88 47.78
CA CYS D 82 -22.71 9.95 47.07
C CYS D 82 -23.60 9.40 45.96
N GLN D 83 -23.06 8.47 45.18
CA GLN D 83 -23.77 7.92 44.04
C GLN D 83 -24.96 7.07 44.46
N SER D 84 -24.81 6.28 45.53
CA SER D 84 -25.92 5.47 46.01
C SER D 84 -27.10 6.35 46.38
N HIS D 85 -26.84 7.50 46.99
CA HIS D 85 -27.88 8.47 47.30
C HIS D 85 -28.00 9.51 46.19
N GLY D 86 -28.08 9.04 44.95
CA GLY D 86 -28.20 9.92 43.81
C GLY D 86 -26.90 10.62 43.45
N GLY D 87 -26.47 11.55 44.29
CA GLY D 87 -25.26 12.29 44.04
C GLY D 87 -25.37 13.74 44.44
N GLY D 88 -26.60 14.23 44.57
CA GLY D 88 -26.79 15.62 44.92
C GLY D 88 -27.30 15.78 46.33
N ALA D 89 -27.87 14.72 46.88
CA ALA D 89 -28.42 14.75 48.23
C ALA D 89 -27.40 14.43 49.30
N PHE D 90 -26.12 14.32 48.95
CA PHE D 90 -25.07 13.98 49.90
C PHE D 90 -23.99 15.07 49.97
N MET D 91 -24.36 16.30 49.63
CA MET D 91 -23.45 17.43 49.69
C MET D 91 -24.00 18.58 50.53
N ILE D 92 -25.32 18.72 50.60
CA ILE D 92 -25.95 19.67 51.52
C ILE D 92 -25.97 19.10 52.93
N PRO D 93 -26.46 17.87 53.16
CA PRO D 93 -26.44 17.35 54.53
C PRO D 93 -25.03 17.21 55.07
N PHE D 94 -24.10 16.79 54.23
CA PHE D 94 -22.72 16.65 54.67
C PHE D 94 -22.16 17.96 55.19
N LEU D 95 -22.41 19.06 54.48
CA LEU D 95 -21.84 20.34 54.91
C LEU D 95 -22.57 20.91 56.12
N ILE D 96 -23.90 20.75 56.19
CA ILE D 96 -24.57 21.20 57.40
C ILE D 96 -24.03 20.45 58.61
N LEU D 97 -23.92 19.12 58.51
CA LEU D 97 -23.42 18.35 59.63
C LEU D 97 -21.96 18.68 59.91
N LEU D 98 -21.17 19.03 58.89
CA LEU D 98 -19.81 19.47 59.14
C LEU D 98 -19.80 20.72 60.01
N VAL D 99 -20.35 21.81 59.51
CA VAL D 99 -20.31 23.07 60.25
C VAL D 99 -21.00 22.96 61.61
N LEU D 100 -21.89 22.00 61.81
CA LEU D 100 -22.56 21.91 63.09
C LEU D 100 -21.95 20.91 64.06
N GLU D 101 -21.21 19.91 63.61
CA GLU D 101 -20.70 18.93 64.56
C GLU D 101 -19.22 18.63 64.41
N GLY D 102 -18.65 18.76 63.22
CA GLY D 102 -17.26 18.44 63.05
C GLY D 102 -16.35 19.43 63.75
N ILE D 103 -16.72 20.71 63.74
CA ILE D 103 -15.86 21.73 64.35
C ILE D 103 -15.94 21.72 65.87
N PRO D 104 -17.11 21.82 66.50
CA PRO D 104 -17.13 21.97 67.96
C PRO D 104 -16.55 20.79 68.70
N LEU D 105 -16.90 19.57 68.30
CA LEU D 105 -16.32 18.42 68.98
C LEU D 105 -14.80 18.38 68.78
N LEU D 106 -14.33 18.77 67.61
CA LEU D 106 -12.89 18.75 67.37
C LEU D 106 -12.18 19.74 68.27
N TYR D 107 -12.69 20.97 68.37
CA TYR D 107 -12.12 21.94 69.27
C TYR D 107 -12.13 21.44 70.70
N LEU D 108 -13.22 20.80 71.11
CA LEU D 108 -13.30 20.27 72.47
C LEU D 108 -12.18 19.27 72.72
N GLU D 109 -11.99 18.34 71.79
CA GLU D 109 -11.00 17.29 72.07
C GLU D 109 -9.58 17.82 71.98
N PHE D 110 -9.30 18.77 71.08
CA PHE D 110 -8.01 19.46 71.18
C PHE D 110 -7.80 20.11 72.53
N ALA D 111 -8.78 20.85 73.04
CA ALA D 111 -8.57 21.57 74.29
C ALA D 111 -8.33 20.60 75.45
N ILE D 112 -9.06 19.50 75.50
CA ILE D 112 -8.82 18.54 76.58
C ILE D 112 -7.43 17.94 76.45
N GLY D 113 -7.07 17.47 75.26
CA GLY D 113 -5.76 16.86 75.10
C GLY D 113 -4.64 17.73 75.60
N GLN D 114 -4.82 19.05 75.58
CA GLN D 114 -3.78 19.96 76.04
C GLN D 114 -3.89 20.25 77.53
N ARG D 115 -5.11 20.29 78.07
CA ARG D 115 -5.23 20.56 79.50
C ARG D 115 -4.82 19.36 80.34
N LEU D 116 -5.42 18.19 80.09
CA LEU D 116 -5.23 17.08 81.00
C LEU D 116 -3.85 16.45 80.90
N ARG D 117 -3.10 16.75 79.85
CA ARG D 117 -1.69 16.36 79.75
C ARG D 117 -1.50 14.85 79.77
N ARG D 118 -2.42 14.10 79.18
CA ARG D 118 -2.26 12.65 79.13
C ARG D 118 -2.83 12.12 77.82
N GLY D 119 -2.64 10.83 77.61
CA GLY D 119 -3.03 10.19 76.37
C GLY D 119 -4.53 10.05 76.20
N SER D 120 -4.95 9.14 75.32
CA SER D 120 -6.37 8.97 75.02
C SER D 120 -7.10 8.15 76.06
N LEU D 121 -6.39 7.53 77.00
CA LEU D 121 -7.01 6.72 78.04
C LEU D 121 -6.87 7.34 79.41
N GLY D 122 -5.73 7.96 79.71
CA GLY D 122 -5.56 8.63 80.98
C GLY D 122 -6.49 9.80 81.21
N VAL D 123 -7.12 10.31 80.15
CA VAL D 123 -8.06 11.40 80.32
C VAL D 123 -9.40 10.89 80.83
N TRP D 124 -10.07 10.05 80.05
CA TRP D 124 -11.37 9.53 80.47
C TRP D 124 -11.29 8.65 81.70
N SER D 125 -10.11 8.43 82.25
CA SER D 125 -9.99 7.74 83.53
C SER D 125 -9.84 8.70 84.69
N SER D 126 -9.69 10.00 84.42
CA SER D 126 -9.61 11.00 85.48
C SER D 126 -10.97 11.65 85.73
N ILE D 127 -11.81 11.70 84.70
CA ILE D 127 -13.15 12.25 84.83
C ILE D 127 -14.09 11.12 85.28
N HIS D 128 -14.45 11.12 86.56
CA HIS D 128 -15.37 10.11 87.10
C HIS D 128 -14.87 8.70 86.80
N PRO D 129 -13.90 8.18 87.57
CA PRO D 129 -13.07 7.07 87.09
C PRO D 129 -13.84 5.85 86.60
N ALA D 130 -15.15 5.78 86.79
CA ALA D 130 -15.89 4.68 86.20
C ALA D 130 -16.09 4.82 84.71
N LEU D 131 -15.46 5.80 84.08
CA LEU D 131 -15.63 6.08 82.66
C LEU D 131 -14.40 5.68 81.86
N LYS D 132 -13.63 4.73 82.38
CA LYS D 132 -12.46 4.23 81.66
C LYS D 132 -12.84 3.42 80.44
N GLY D 133 -14.11 3.13 80.24
CA GLY D 133 -14.52 2.36 79.09
C GLY D 133 -14.16 3.04 77.79
N LEU D 134 -14.31 4.37 77.73
CA LEU D 134 -14.00 5.09 76.50
C LEU D 134 -12.56 4.83 76.07
N GLY D 135 -11.65 4.78 77.04
CA GLY D 135 -10.28 4.43 76.73
C GLY D 135 -10.12 3.03 76.16
N LEU D 136 -11.14 2.19 76.26
CA LEU D 136 -11.09 0.86 75.67
C LEU D 136 -11.92 0.75 74.41
N ALA D 137 -13.09 1.39 74.38
CA ALA D 137 -13.85 1.41 73.14
C ALA D 137 -13.08 2.12 72.03
N SER D 138 -12.41 3.23 72.35
CA SER D 138 -11.63 3.94 71.35
C SER D 138 -10.50 3.06 70.83
N MET D 139 -9.80 2.37 71.73
CA MET D 139 -8.71 1.50 71.32
C MET D 139 -9.21 0.35 70.44
N LEU D 140 -10.29 -0.30 70.86
CA LEU D 140 -10.81 -1.42 70.09
C LEU D 140 -11.27 -0.97 68.71
N THR D 141 -11.91 0.19 68.61
CA THR D 141 -12.42 0.60 67.30
C THR D 141 -11.28 1.09 66.41
N SER D 142 -10.26 1.73 67.00
CA SER D 142 -9.12 2.14 66.20
C SER D 142 -8.28 0.94 65.79
N PHE D 143 -8.49 -0.20 66.45
CA PHE D 143 -7.88 -1.43 65.98
C PHE D 143 -8.70 -2.07 64.87
N MET D 144 -10.02 -2.13 65.04
CA MET D 144 -10.88 -2.77 64.04
C MET D 144 -10.83 -2.02 62.71
N VAL D 145 -10.73 -0.69 62.75
CA VAL D 145 -10.60 0.05 61.50
C VAL D 145 -9.24 -0.23 60.85
N GLY D 146 -8.16 -0.05 61.60
CA GLY D 146 -6.85 -0.33 61.07
C GLY D 146 -6.64 -1.76 60.62
N LEU D 147 -7.54 -2.67 61.00
CA LEU D 147 -7.41 -4.05 60.52
C LEU D 147 -7.55 -4.15 59.02
N TYR D 148 -8.44 -3.36 58.41
CA TYR D 148 -8.64 -3.41 56.97
C TYR D 148 -8.23 -2.14 56.25
N TYR D 149 -8.17 -1.02 56.95
CA TYR D 149 -7.64 0.19 56.32
C TYR D 149 -6.20 0.02 55.90
N ASN D 150 -5.57 -1.09 56.30
CA ASN D 150 -4.25 -1.42 55.78
C ASN D 150 -4.29 -2.37 54.61
N THR D 151 -5.22 -3.32 54.56
CA THR D 151 -5.28 -4.14 53.37
C THR D 151 -5.75 -3.36 52.16
N ILE D 152 -6.47 -2.24 52.36
CA ILE D 152 -6.74 -1.37 51.22
C ILE D 152 -5.44 -0.79 50.66
N ILE D 153 -4.56 -0.33 51.55
CA ILE D 153 -3.24 0.12 51.13
C ILE D 153 -2.50 -1.01 50.42
N SER D 154 -2.70 -2.24 50.87
CA SER D 154 -2.05 -3.38 50.22
C SER D 154 -2.49 -3.50 48.77
N TRP D 155 -3.81 -3.45 48.53
CA TRP D 155 -4.27 -3.50 47.15
C TRP D 155 -3.74 -2.35 46.32
N ILE D 156 -3.71 -1.14 46.90
CA ILE D 156 -3.22 0.01 46.15
C ILE D 156 -1.77 -0.20 45.75
N MET D 157 -0.93 -0.66 46.66
CA MET D 157 0.45 -0.84 46.25
C MET D 157 0.64 -2.07 45.35
N TRP D 158 -0.28 -3.02 45.38
CA TRP D 158 -0.24 -4.07 44.37
C TRP D 158 -0.49 -3.50 42.99
N TYR D 159 -1.45 -2.57 42.88
CA TYR D 159 -1.62 -1.88 41.60
C TYR D 159 -0.38 -1.07 41.24
N LEU D 160 0.25 -0.44 42.23
CA LEU D 160 1.41 0.40 41.95
C LEU D 160 2.57 -0.44 41.44
N PHE D 161 2.67 -1.69 41.89
CA PHE D 161 3.73 -2.55 41.38
C PHE D 161 3.48 -2.95 39.93
N ASN D 162 2.22 -3.08 39.52
CA ASN D 162 1.94 -3.54 38.16
C ASN D 162 2.13 -2.46 37.11
N SER D 163 2.44 -1.23 37.50
CA SER D 163 2.86 -0.25 36.52
C SER D 163 4.32 -0.49 36.18
N PHE D 164 4.98 0.49 35.55
CA PHE D 164 6.33 0.33 35.05
C PHE D 164 6.39 -0.67 33.91
N GLN D 165 5.41 -0.63 33.01
CA GLN D 165 5.50 -1.33 31.74
C GLN D 165 4.67 -0.59 30.71
N GLU D 166 5.20 -0.50 29.49
CA GLU D 166 4.64 0.41 28.49
C GLU D 166 3.24 0.00 28.06
N PRO D 167 2.94 -1.26 27.74
CA PRO D 167 1.53 -1.65 27.60
C PRO D 167 0.96 -2.02 28.97
N LEU D 168 0.01 -1.24 29.45
CA LEU D 168 -0.52 -1.45 30.79
C LEU D 168 -1.23 -2.80 30.87
N PRO D 169 -1.00 -3.58 31.94
CA PRO D 169 -1.61 -4.92 32.00
C PRO D 169 -3.12 -4.91 31.94
N TRP D 170 -3.76 -3.88 32.48
CA TRP D 170 -5.20 -3.92 32.40
C TRP D 170 -5.74 -3.27 31.17
N SER D 171 -5.01 -3.20 30.07
CA SER D 171 -5.51 -2.57 28.85
C SER D 171 -5.91 -3.56 27.77
N ASP D 172 -5.68 -4.85 27.97
CA ASP D 172 -6.03 -5.86 26.98
C ASP D 172 -6.53 -7.14 27.66
N CYS D 173 -7.32 -7.92 26.93
CA CYS D 173 -7.79 -9.20 27.43
C CYS D 173 -6.77 -10.28 27.10
N PRO D 174 -6.51 -11.22 27.99
CA PRO D 174 -5.61 -12.33 27.64
C PRO D 174 -6.38 -13.43 26.92
N LEU D 175 -5.66 -14.13 26.04
CA LEU D 175 -6.28 -15.19 25.25
C LEU D 175 -6.22 -16.52 26.01
N ASN D 176 -7.08 -17.44 25.61
CA ASN D 176 -7.19 -18.73 26.27
C ASN D 176 -6.13 -19.68 25.73
N GLU D 177 -6.21 -20.96 26.13
CA GLU D 177 -5.24 -21.94 25.66
C GLU D 177 -5.37 -22.16 24.16
N ASN D 178 -6.54 -21.88 23.60
CA ASN D 178 -6.81 -22.05 22.18
C ASN D 178 -6.90 -20.65 21.58
N GLN D 179 -5.80 -20.19 20.97
CA GLN D 179 -5.66 -18.80 20.57
C GLN D 179 -6.54 -18.47 19.36
N THR D 180 -7.83 -18.34 19.63
CA THR D 180 -8.79 -17.86 18.64
C THR D 180 -9.59 -16.65 19.12
N GLY D 181 -9.96 -16.59 20.39
CA GLY D 181 -10.67 -15.46 20.94
C GLY D 181 -10.28 -15.21 22.38
N TYR D 182 -10.91 -14.19 22.97
CA TYR D 182 -10.63 -13.84 24.35
C TYR D 182 -11.29 -14.85 25.28
N VAL D 183 -10.90 -14.78 26.55
CA VAL D 183 -11.58 -15.58 27.56
C VAL D 183 -13.00 -15.03 27.72
N ASP D 184 -13.91 -15.90 28.15
CA ASP D 184 -15.33 -15.57 28.15
C ASP D 184 -15.60 -14.30 28.94
N GLU D 185 -15.31 -14.31 30.25
CA GLU D 185 -15.70 -13.18 31.09
C GLU D 185 -14.92 -11.92 30.79
N CYS D 186 -13.85 -11.98 30.01
CA CYS D 186 -13.17 -10.75 29.60
C CYS D 186 -13.87 -10.15 28.40
N ALA D 187 -14.62 -10.95 27.65
CA ALA D 187 -15.35 -10.47 26.48
C ALA D 187 -16.69 -9.86 26.85
N ARG D 188 -17.44 -10.49 27.75
CA ARG D 188 -18.75 -9.99 28.15
C ARG D 188 -18.68 -8.80 29.08
N SER D 189 -17.49 -8.43 29.55
CA SER D 189 -17.34 -7.28 30.44
C SER D 189 -16.15 -6.46 29.94
N SER D 190 -15.78 -5.46 30.69
CA SER D 190 -14.70 -4.59 30.26
C SER D 190 -13.36 -5.31 30.39
N PRO D 191 -12.34 -4.87 29.66
CA PRO D 191 -11.02 -5.48 29.82
C PRO D 191 -10.37 -5.13 31.15
N VAL D 192 -10.87 -4.12 31.85
CA VAL D 192 -10.26 -3.75 33.13
C VAL D 192 -10.94 -4.50 34.27
N ASP D 193 -12.13 -5.03 34.06
CA ASP D 193 -12.76 -5.84 35.10
C ASP D 193 -12.16 -7.23 35.16
N TYR D 194 -11.63 -7.72 34.06
CA TYR D 194 -10.79 -8.90 34.14
C TYR D 194 -9.35 -8.53 34.43
N PHE D 195 -9.15 -7.62 35.37
CA PHE D 195 -7.90 -7.51 36.09
C PHE D 195 -8.11 -7.30 37.57
N TRP D 196 -9.27 -6.80 37.97
CA TRP D 196 -9.59 -6.57 39.37
C TRP D 196 -10.40 -7.72 39.95
N TYR D 197 -11.28 -8.33 39.17
CA TYR D 197 -12.14 -9.36 39.71
C TYR D 197 -11.62 -10.77 39.47
N ARG D 198 -10.63 -10.97 38.61
CA ARG D 198 -10.17 -12.33 38.31
C ARG D 198 -8.66 -12.52 38.39
N GLU D 199 -7.86 -11.48 38.18
CA GLU D 199 -6.41 -11.62 38.30
C GLU D 199 -5.86 -11.10 39.61
N THR D 200 -6.41 -10.01 40.15
CA THR D 200 -5.95 -9.52 41.43
C THR D 200 -6.55 -10.31 42.58
N LEU D 201 -7.89 -10.31 42.69
CA LEU D 201 -8.56 -10.95 43.81
C LEU D 201 -8.88 -12.41 43.56
N ASN D 202 -9.29 -12.76 42.34
CA ASN D 202 -9.77 -14.10 42.03
C ASN D 202 -11.00 -14.44 42.88
N ILE D 203 -12.00 -13.56 42.79
CA ILE D 203 -13.17 -13.65 43.64
C ILE D 203 -13.96 -14.92 43.36
N SER D 204 -14.40 -15.58 44.42
CA SER D 204 -15.28 -16.73 44.33
C SER D 204 -16.74 -16.28 44.44
N THR D 205 -17.65 -17.20 44.11
CA THR D 205 -19.04 -16.82 43.88
C THR D 205 -19.78 -16.39 45.14
N SER D 206 -19.37 -16.83 46.32
CA SER D 206 -20.20 -16.57 47.49
C SER D 206 -19.33 -16.47 48.72
N ILE D 207 -19.80 -15.69 49.70
CA ILE D 207 -19.05 -15.50 50.93
C ILE D 207 -18.91 -16.79 51.71
N SER D 208 -19.86 -17.70 51.59
CA SER D 208 -19.74 -18.98 52.28
C SER D 208 -18.75 -19.91 51.59
N ASP D 209 -18.07 -19.45 50.54
CA ASP D 209 -17.16 -20.28 49.77
C ASP D 209 -15.78 -19.63 49.74
N SER D 210 -14.85 -20.16 50.53
CA SER D 210 -13.52 -19.59 50.65
C SER D 210 -12.49 -20.67 50.43
N GLY D 211 -11.44 -20.33 49.67
CA GLY D 211 -10.50 -21.33 49.23
C GLY D 211 -9.07 -21.18 49.71
N SER D 212 -8.17 -20.85 48.80
CA SER D 212 -6.74 -20.85 49.06
C SER D 212 -6.35 -19.57 49.82
N ILE D 213 -5.06 -19.24 49.82
CA ILE D 213 -4.58 -18.06 50.52
C ILE D 213 -4.15 -16.95 49.57
N GLN D 214 -3.87 -17.25 48.30
CA GLN D 214 -3.51 -16.25 47.30
C GLN D 214 -2.23 -15.50 47.72
N TRP D 215 -1.13 -16.25 47.68
CA TRP D 215 0.18 -15.72 48.07
C TRP D 215 0.45 -14.32 47.53
N TRP D 216 0.15 -14.07 46.24
CA TRP D 216 0.54 -12.81 45.64
C TRP D 216 -0.19 -11.62 46.24
N MET D 217 -0.98 -11.82 47.28
CA MET D 217 -1.39 -10.70 48.10
C MET D 217 -0.82 -10.79 49.50
N LEU D 218 -0.37 -11.95 49.94
CA LEU D 218 0.48 -11.99 51.14
C LEU D 218 1.74 -11.19 50.94
N LEU D 219 2.31 -11.22 49.74
CA LEU D 219 3.49 -10.40 49.49
C LEU D 219 3.19 -8.93 49.74
N CYS D 220 2.08 -8.44 49.18
CA CYS D 220 1.75 -7.02 49.36
C CYS D 220 1.35 -6.70 50.79
N LEU D 221 0.66 -7.60 51.49
CA LEU D 221 0.38 -7.36 52.90
C LEU D 221 1.66 -7.23 53.71
N ALA D 222 2.60 -8.14 53.49
CA ALA D 222 3.86 -8.05 54.21
C ALA D 222 4.57 -6.74 53.90
N CYS D 223 4.54 -6.32 52.64
CA CYS D 223 5.23 -5.08 52.29
C CYS D 223 4.55 -3.88 52.95
N ALA D 224 3.23 -3.86 53.02
CA ALA D 224 2.53 -2.74 53.63
C ALA D 224 2.79 -2.67 55.13
N TRP D 225 2.59 -3.79 55.83
CA TRP D 225 2.86 -3.81 57.26
C TRP D 225 4.34 -3.68 57.58
N SER D 226 5.22 -3.82 56.60
CA SER D 226 6.61 -3.54 56.87
C SER D 226 6.95 -2.07 56.69
N VAL D 227 6.43 -1.44 55.63
CA VAL D 227 6.64 -0.01 55.47
C VAL D 227 6.10 0.75 56.67
N LEU D 228 4.88 0.41 57.09
CA LEU D 228 4.33 1.08 58.27
C LEU D 228 5.23 0.94 59.49
N TYR D 229 5.73 -0.25 59.77
CA TYR D 229 6.53 -0.45 60.97
C TYR D 229 7.93 0.16 60.82
N MET D 230 8.34 0.39 59.59
CA MET D 230 9.64 1.00 59.35
C MET D 230 9.52 2.52 59.48
N CYS D 231 8.31 3.04 59.42
CA CYS D 231 8.13 4.49 59.53
C CYS D 231 7.76 4.93 60.95
N THR D 232 7.05 4.09 61.71
CA THR D 232 6.63 4.52 63.04
C THR D 232 7.34 3.73 64.14
N ILE D 233 8.63 3.53 63.97
CA ILE D 233 9.40 2.68 64.88
C ILE D 233 9.38 3.21 66.31
N ARG D 234 9.19 4.52 66.49
CA ARG D 234 9.34 5.11 67.82
C ARG D 234 8.28 6.17 68.13
N GLY D 235 7.09 6.06 67.55
CA GLY D 235 6.10 7.11 67.75
C GLY D 235 6.59 8.39 67.14
N ILE D 236 6.53 9.48 67.91
CA ILE D 236 7.10 10.73 67.43
C ILE D 236 8.61 10.59 67.32
N GLU D 237 9.25 11.59 66.73
CA GLU D 237 10.67 11.61 66.40
C GLU D 237 10.98 10.62 65.29
N THR D 238 9.96 9.98 64.74
CA THR D 238 10.13 9.20 63.52
C THR D 238 8.96 9.32 62.56
N THR D 239 7.80 9.79 63.02
CA THR D 239 6.77 10.23 62.09
C THR D 239 6.98 11.65 61.62
N GLY D 240 7.92 12.38 62.21
CA GLY D 240 8.15 13.75 61.81
C GLY D 240 8.49 13.90 60.35
N LYS D 241 9.54 13.20 59.93
CA LYS D 241 10.04 13.37 58.56
C LYS D 241 9.07 12.78 57.55
N ALA D 242 8.46 11.65 57.87
CA ALA D 242 7.47 11.07 56.98
C ALA D 242 6.25 11.96 56.88
N VAL D 243 5.98 12.79 57.89
CA VAL D 243 4.90 13.74 57.77
C VAL D 243 5.32 14.92 56.90
N TYR D 244 6.57 15.35 57.02
CA TYR D 244 7.08 16.39 56.13
C TYR D 244 6.91 16.00 54.67
N ILE D 245 7.17 14.74 54.33
CA ILE D 245 7.12 14.34 52.93
C ILE D 245 5.71 13.92 52.51
N THR D 246 5.11 12.96 53.22
CA THR D 246 3.89 12.31 52.77
C THR D 246 2.62 12.99 53.28
N SER D 247 2.66 14.29 53.54
CA SER D 247 1.45 15.06 53.77
C SER D 247 1.40 16.31 52.92
N THR D 248 2.42 16.57 52.11
CA THR D 248 2.41 17.63 51.13
C THR D 248 2.39 17.11 49.70
N LEU D 249 2.84 15.87 49.48
CA LEU D 249 2.82 15.31 48.12
C LEU D 249 1.42 15.25 47.54
N PRO D 250 0.40 14.76 48.24
CA PRO D 250 -0.93 14.70 47.62
C PRO D 250 -1.50 16.05 47.25
N TYR D 251 -1.10 17.13 47.91
CA TYR D 251 -1.70 18.42 47.61
C TYR D 251 -1.09 19.09 46.38
N VAL D 252 -0.18 18.43 45.67
CA VAL D 252 0.27 18.96 44.39
C VAL D 252 -0.11 17.98 43.29
N VAL D 253 -0.03 16.68 43.58
CA VAL D 253 -0.47 15.70 42.58
C VAL D 253 -1.97 15.82 42.38
N LEU D 254 -2.71 16.19 43.43
CA LEU D 254 -4.14 16.37 43.28
C LEU D 254 -4.46 17.53 42.36
N THR D 255 -3.68 18.61 42.45
CA THR D 255 -3.90 19.73 41.54
C THR D 255 -3.48 19.38 40.12
N ILE D 256 -2.37 18.65 39.96
CA ILE D 256 -1.98 18.17 38.65
C ILE D 256 -3.07 17.33 38.03
N PHE D 257 -3.77 16.53 38.82
CA PHE D 257 -4.85 15.74 38.24
C PHE D 257 -6.10 16.56 38.02
N LEU D 258 -6.33 17.60 38.81
CA LEU D 258 -7.47 18.46 38.56
C LEU D 258 -7.34 19.21 37.24
N ILE D 259 -6.15 19.77 36.98
CA ILE D 259 -5.93 20.48 35.73
C ILE D 259 -6.11 19.55 34.54
N ARG D 260 -5.72 18.29 34.68
CA ARG D 260 -5.94 17.35 33.59
C ARG D 260 -7.39 16.90 33.51
N GLY D 261 -8.10 16.88 34.63
CA GLY D 261 -9.46 16.41 34.62
C GLY D 261 -10.43 17.41 34.02
N LEU D 262 -10.31 18.68 34.37
CA LEU D 262 -11.29 19.65 33.88
C LEU D 262 -11.18 19.90 32.39
N THR D 263 -10.03 19.60 31.78
CA THR D 263 -9.90 19.77 30.34
C THR D 263 -10.18 18.50 29.56
N LEU D 264 -10.81 17.50 30.16
CA LEU D 264 -11.15 16.30 29.44
C LEU D 264 -12.39 16.54 28.57
N LYS D 265 -12.88 15.45 27.97
CA LYS D 265 -14.04 15.55 27.08
C LYS D 265 -15.34 15.61 27.88
N GLY D 266 -15.44 14.83 28.95
CA GLY D 266 -16.69 14.71 29.68
C GLY D 266 -16.74 15.45 31.00
N ALA D 267 -15.81 16.38 31.21
CA ALA D 267 -15.94 17.25 32.36
C ALA D 267 -17.09 18.22 32.13
N THR D 268 -17.50 18.91 33.19
CA THR D 268 -18.62 19.84 33.19
C THR D 268 -19.94 19.14 32.88
N ASN D 269 -19.87 17.84 32.64
CA ASN D 269 -21.05 16.99 32.57
C ASN D 269 -21.16 16.05 33.76
N GLY D 270 -20.09 15.89 34.53
CA GLY D 270 -20.13 15.13 35.74
C GLY D 270 -20.19 16.03 36.95
N ILE D 271 -19.37 17.08 36.97
CA ILE D 271 -19.35 17.94 38.15
C ILE D 271 -20.61 18.79 38.21
N VAL D 272 -21.40 18.82 37.14
CA VAL D 272 -22.72 19.44 37.24
C VAL D 272 -23.73 18.41 37.71
N PHE D 273 -23.46 17.13 37.51
CA PHE D 273 -24.32 16.10 38.07
C PHE D 273 -24.17 16.00 39.57
N LEU D 274 -23.01 16.41 40.10
CA LEU D 274 -22.76 16.28 41.52
C LEU D 274 -23.60 17.26 42.34
N PHE D 275 -23.99 18.38 41.74
CA PHE D 275 -24.55 19.50 42.49
C PHE D 275 -26.03 19.72 42.21
N THR D 276 -26.72 18.78 41.56
CA THR D 276 -28.16 18.91 41.35
C THR D 276 -28.90 18.10 42.40
N PRO D 277 -29.49 18.72 43.41
CA PRO D 277 -30.08 17.96 44.51
C PRO D 277 -31.46 17.44 44.17
N ASN D 278 -31.60 16.12 44.25
CA ASN D 278 -32.90 15.46 44.11
C ASN D 278 -33.67 15.72 45.39
N VAL D 279 -34.45 16.80 45.41
CA VAL D 279 -34.98 17.33 46.67
C VAL D 279 -35.75 16.27 47.44
N THR D 280 -36.44 15.39 46.74
CA THR D 280 -37.15 14.33 47.44
C THR D 280 -36.24 13.19 47.87
N GLU D 281 -34.92 13.42 47.94
CA GLU D 281 -34.02 12.40 48.46
C GLU D 281 -33.43 12.77 49.82
N LEU D 282 -33.16 14.04 50.09
CA LEU D 282 -32.67 14.40 51.41
C LEU D 282 -33.76 14.41 52.46
N ALA D 283 -34.95 13.89 52.15
CA ALA D 283 -36.02 13.70 53.13
C ALA D 283 -36.17 12.23 53.51
N GLN D 284 -35.05 11.49 53.52
CA GLN D 284 -35.05 10.09 53.91
C GLN D 284 -34.00 9.93 55.02
N PRO D 285 -34.29 9.14 56.06
CA PRO D 285 -33.32 9.04 57.16
C PRO D 285 -32.01 8.41 56.73
N ASP D 286 -31.99 7.69 55.62
CA ASP D 286 -30.75 7.03 55.21
C ASP D 286 -29.66 8.03 54.87
N THR D 287 -29.99 9.07 54.09
CA THR D 287 -28.96 10.03 53.69
C THR D 287 -28.43 10.80 54.89
N TRP D 288 -29.32 11.22 55.79
CA TRP D 288 -28.86 11.89 57.00
C TRP D 288 -27.93 11.00 57.81
N LEU D 289 -28.29 9.73 57.99
CA LEU D 289 -27.41 8.84 58.76
C LEU D 289 -26.06 8.67 58.08
N ASP D 290 -26.06 8.58 56.75
CA ASP D 290 -24.79 8.41 56.06
C ASP D 290 -23.92 9.65 56.20
N ALA D 291 -24.50 10.84 56.05
CA ALA D 291 -23.73 12.05 56.26
C ALA D 291 -23.20 12.13 57.69
N GLY D 292 -24.01 11.72 58.65
CA GLY D 292 -23.57 11.78 60.04
C GLY D 292 -22.44 10.82 60.32
N ALA D 293 -22.50 9.61 59.78
CA ALA D 293 -21.42 8.65 60.01
C ALA D 293 -20.21 8.96 59.16
N GLN D 294 -20.34 9.79 58.14
CA GLN D 294 -19.19 10.18 57.33
C GLN D 294 -18.48 11.42 57.83
N VAL D 295 -19.20 12.35 58.47
CA VAL D 295 -18.51 13.56 58.93
C VAL D 295 -17.60 13.24 60.10
N PHE D 296 -17.83 12.14 60.82
CA PHE D 296 -16.94 11.72 61.88
C PHE D 296 -15.81 10.84 61.39
N PHE D 297 -15.92 10.30 60.19
CA PHE D 297 -14.86 9.47 59.64
C PHE D 297 -13.95 10.24 58.70
N SER D 298 -14.44 11.34 58.13
CA SER D 298 -13.55 12.21 57.36
C SER D 298 -12.53 12.86 58.27
N PHE D 299 -12.96 13.34 59.43
CA PHE D 299 -12.05 13.63 60.52
C PHE D 299 -11.64 12.33 61.16
N SER D 300 -11.04 12.39 62.35
CA SER D 300 -10.77 11.19 63.10
C SER D 300 -11.30 11.31 64.52
N LEU D 301 -12.40 12.02 64.67
CA LEU D 301 -13.07 12.09 65.95
C LEU D 301 -13.43 10.70 66.44
N ALA D 302 -13.48 10.55 67.76
CA ALA D 302 -13.84 9.29 68.42
C ALA D 302 -12.91 8.14 68.05
N PHE D 303 -11.74 8.43 67.50
CA PHE D 303 -10.72 7.42 67.25
C PHE D 303 -9.69 7.39 68.36
N GLY D 304 -9.46 8.52 69.03
CA GLY D 304 -8.50 8.56 70.10
C GLY D 304 -7.11 8.85 69.59
N GLY D 305 -7.03 9.52 68.45
CA GLY D 305 -5.74 9.82 67.88
C GLY D 305 -5.37 11.27 68.06
N LEU D 306 -6.36 12.17 67.98
CA LEU D 306 -6.06 13.58 68.10
C LEU D 306 -5.88 14.03 69.54
N ILE D 307 -6.51 13.36 70.50
CA ILE D 307 -6.25 13.66 71.91
C ILE D 307 -4.76 13.53 72.19
N SER D 308 -4.18 12.40 71.79
CA SER D 308 -2.77 12.16 72.10
C SER D 308 -1.86 13.12 71.36
N PHE D 309 -2.16 13.45 70.11
CA PHE D 309 -1.32 14.40 69.38
C PHE D 309 -1.38 15.78 70.00
N SER D 310 -2.56 16.20 70.46
CA SER D 310 -2.63 17.49 71.12
C SER D 310 -2.29 17.42 72.59
N SER D 311 -1.65 16.35 73.04
CA SER D 311 -1.20 16.25 74.42
C SER D 311 0.30 16.38 74.56
N TYR D 312 0.97 16.95 73.58
CA TYR D 312 2.41 17.09 73.63
C TYR D 312 2.90 18.53 73.65
N ASN D 313 2.30 19.42 72.88
CA ASN D 313 2.85 20.76 72.73
C ASN D 313 2.70 21.54 74.03
N SER D 314 3.31 22.72 74.05
CA SER D 314 3.40 23.53 75.26
C SER D 314 2.02 23.96 75.72
N VAL D 315 1.96 24.60 76.89
CA VAL D 315 0.65 24.91 77.48
C VAL D 315 0.05 26.14 76.81
N HIS D 316 0.75 27.27 76.84
CA HIS D 316 0.20 28.53 76.35
C HIS D 316 0.17 28.56 74.83
N ASN D 317 -0.44 27.54 74.25
CA ASN D 317 -0.59 27.46 72.80
C ASN D 317 -2.04 27.73 72.42
N ASN D 318 -2.21 28.53 71.37
CA ASN D 318 -3.54 29.00 70.99
C ASN D 318 -4.29 27.85 70.35
N CYS D 319 -4.89 27.01 71.19
CA CYS D 319 -5.57 25.79 70.76
C CYS D 319 -6.72 26.06 69.80
N GLU D 320 -7.28 27.27 69.82
CA GLU D 320 -8.40 27.62 68.94
C GLU D 320 -8.02 27.67 67.48
N LYS D 321 -7.12 28.61 67.16
CA LYS D 321 -6.64 28.81 65.79
C LYS D 321 -6.43 27.49 65.08
N ASP D 322 -5.56 26.65 65.61
CA ASP D 322 -5.30 25.37 64.97
C ASP D 322 -6.61 24.64 64.70
N SER D 323 -7.43 24.47 65.72
CA SER D 323 -8.70 23.77 65.54
C SER D 323 -9.46 24.31 64.32
N VAL D 324 -9.79 25.60 64.35
CA VAL D 324 -10.53 26.20 63.25
C VAL D 324 -9.89 25.99 61.88
N ILE D 325 -8.58 26.26 61.76
CA ILE D 325 -7.93 26.09 60.47
C ILE D 325 -7.97 24.65 59.96
N VAL D 326 -7.78 23.68 60.86
CA VAL D 326 -7.82 22.29 60.44
C VAL D 326 -9.24 21.94 60.02
N SER D 327 -10.22 22.45 60.75
CA SER D 327 -11.61 22.19 60.42
C SER D 327 -11.96 22.76 59.06
N ILE D 328 -11.31 23.85 58.68
CA ILE D 328 -11.60 24.45 57.36
C ILE D 328 -10.58 24.13 56.28
N ILE D 329 -9.66 23.21 56.54
CA ILE D 329 -8.67 22.83 55.54
C ILE D 329 -9.05 21.44 55.03
N ASN D 330 -9.78 20.73 55.86
CA ASN D 330 -10.29 19.39 55.54
C ASN D 330 -11.64 19.47 54.85
N GLY D 331 -12.60 20.18 55.45
CA GLY D 331 -13.89 20.35 54.81
C GLY D 331 -13.82 21.04 53.47
N PHE D 332 -12.69 21.64 53.14
CA PHE D 332 -12.45 22.17 51.80
C PHE D 332 -11.86 21.12 50.89
N THR D 333 -10.88 20.35 51.37
CA THR D 333 -10.34 19.25 50.59
C THR D 333 -11.33 18.07 50.52
N SER D 334 -12.54 18.24 51.02
CA SER D 334 -13.56 17.21 50.85
C SER D 334 -14.42 17.46 49.63
N VAL D 335 -14.63 18.72 49.24
CA VAL D 335 -15.26 19.00 47.96
C VAL D 335 -14.25 19.24 46.86
N TYR D 336 -12.96 19.27 47.19
CA TYR D 336 -11.92 19.37 46.18
C TYR D 336 -11.45 18.02 45.68
N VAL D 337 -11.92 16.93 46.28
CA VAL D 337 -11.61 15.59 45.79
C VAL D 337 -12.86 15.05 45.10
N ALA D 338 -14.03 15.44 45.60
CA ALA D 338 -15.26 15.10 44.90
C ALA D 338 -15.26 15.66 43.48
N ILE D 339 -14.80 16.90 43.31
CA ILE D 339 -14.70 17.47 41.97
C ILE D 339 -13.79 16.66 41.08
N VAL D 340 -12.60 16.30 41.55
CA VAL D 340 -11.66 15.58 40.69
C VAL D 340 -12.18 14.19 40.36
N VAL D 341 -12.86 13.53 41.30
CA VAL D 341 -13.35 12.18 41.01
C VAL D 341 -14.54 12.21 40.06
N TYR D 342 -15.45 13.16 40.25
CA TYR D 342 -16.59 13.20 39.34
C TYR D 342 -16.20 13.75 37.98
N SER D 343 -15.11 14.52 37.90
CA SER D 343 -14.63 14.96 36.60
C SER D 343 -14.09 13.80 35.77
N VAL D 344 -13.88 12.63 36.38
CA VAL D 344 -13.45 11.46 35.63
C VAL D 344 -14.63 10.52 35.42
N ILE D 345 -15.51 10.44 36.42
CA ILE D 345 -16.71 9.63 36.22
C ILE D 345 -17.54 10.17 35.06
N GLY D 346 -17.70 11.49 34.99
CA GLY D 346 -18.43 12.06 33.86
C GLY D 346 -17.76 11.77 32.53
N PHE D 347 -16.44 11.80 32.49
CA PHE D 347 -15.73 11.50 31.26
C PHE D 347 -16.00 10.07 30.82
N ARG D 348 -15.87 9.12 31.73
CA ARG D 348 -16.13 7.72 31.37
C ARG D 348 -17.57 7.53 30.90
N ALA D 349 -18.53 8.19 31.56
CA ALA D 349 -19.91 8.04 31.17
C ALA D 349 -20.14 8.59 29.75
N THR D 350 -19.66 9.79 29.47
CA THR D 350 -19.89 10.34 28.14
C THR D 350 -19.14 9.54 27.08
N GLN D 351 -18.02 8.91 27.43
CA GLN D 351 -17.34 8.06 26.47
C GLN D 351 -18.20 6.85 26.11
N ARG D 352 -18.74 6.18 27.13
CA ARG D 352 -19.60 5.03 26.86
C ARG D 352 -20.84 5.45 26.07
N TYR D 353 -21.34 6.67 26.32
CA TYR D 353 -22.51 7.14 25.57
C TYR D 353 -22.18 7.34 24.10
N ASP D 354 -21.07 8.00 23.79
CA ASP D 354 -20.67 8.12 22.40
C ASP D 354 -20.44 6.76 21.75
N ASP D 355 -19.92 5.79 22.50
CA ASP D 355 -19.72 4.47 21.91
C ASP D 355 -21.06 3.80 21.58
N CYS D 356 -22.04 3.88 22.48
CA CYS D 356 -23.35 3.33 22.17
C CYS D 356 -23.95 4.01 20.95
N PHE D 357 -23.82 5.33 20.84
CA PHE D 357 -24.41 6.02 19.71
C PHE D 357 -23.73 5.65 18.40
N SER D 358 -22.41 5.53 18.42
CA SER D 358 -21.71 5.09 17.21
C SER D 358 -22.13 3.68 16.83
N THR D 359 -22.34 2.80 17.81
CA THR D 359 -22.76 1.45 17.48
C THR D 359 -24.16 1.44 16.86
N ASN D 360 -25.06 2.29 17.35
CA ASN D 360 -26.37 2.37 16.72
C ASN D 360 -26.26 2.85 15.28
N ILE D 361 -25.49 3.91 15.05
CA ILE D 361 -25.31 4.41 13.69
C ILE D 361 -24.77 3.31 12.78
N LEU D 362 -23.79 2.55 13.28
CA LEU D 362 -23.20 1.51 12.46
C LEU D 362 -24.20 0.41 12.16
N THR D 363 -25.03 0.04 13.15
CA THR D 363 -26.02 -1.01 12.92
C THR D 363 -27.08 -0.56 11.93
N LEU D 364 -27.33 0.74 11.86
CA LEU D 364 -28.28 1.22 10.85
C LEU D 364 -27.68 1.19 9.46
N ILE D 365 -26.49 1.76 9.28
CA ILE D 365 -25.96 1.84 7.93
C ILE D 365 -25.57 0.47 7.39
N ASN D 366 -24.96 -0.40 8.21
CA ASN D 366 -24.68 -1.75 7.75
C ASN D 366 -25.93 -2.46 7.28
N GLY D 367 -27.10 -2.02 7.71
CA GLY D 367 -28.33 -2.69 7.38
C GLY D 367 -29.03 -2.09 6.19
N PHE D 368 -28.82 -0.80 5.93
CA PHE D 368 -29.53 -0.18 4.82
C PHE D 368 -28.65 0.38 3.72
N ASP D 369 -27.32 0.32 3.86
CA ASP D 369 -26.40 0.82 2.84
C ASP D 369 -26.67 2.30 2.53
N LEU D 370 -26.36 3.12 3.52
CA LEU D 370 -26.31 4.57 3.37
C LEU D 370 -24.86 5.02 3.31
N PRO D 371 -24.58 6.18 2.73
CA PRO D 371 -23.20 6.67 2.74
C PRO D 371 -22.72 6.91 4.16
N GLU D 372 -21.44 7.20 4.28
CA GLU D 372 -20.79 7.37 5.59
C GLU D 372 -21.16 8.57 6.43
N GLY D 373 -21.07 9.76 5.86
CA GLY D 373 -21.34 10.98 6.61
C GLY D 373 -22.70 11.59 6.37
N ASN D 374 -23.76 10.80 6.49
CA ASN D 374 -25.13 11.32 6.40
C ASN D 374 -25.94 11.00 7.65
N VAL D 375 -25.51 10.03 8.44
CA VAL D 375 -26.15 9.73 9.71
C VAL D 375 -25.20 10.15 10.83
N THR D 376 -25.39 11.36 11.33
CA THR D 376 -24.60 11.86 12.44
C THR D 376 -25.50 12.12 13.64
N GLN D 377 -24.90 12.50 14.75
CA GLN D 377 -25.57 12.53 16.05
C GLN D 377 -26.76 13.42 16.12
N GLU D 378 -27.15 14.21 15.12
CA GLU D 378 -28.28 15.11 15.30
C GLU D 378 -29.45 14.80 14.38
N ASN D 379 -29.19 14.36 13.14
CA ASN D 379 -30.26 13.98 12.24
C ASN D 379 -30.52 12.48 12.26
N PHE D 380 -30.24 11.83 13.39
CA PHE D 380 -30.36 10.38 13.44
C PHE D 380 -31.82 9.95 13.48
N VAL D 381 -32.63 10.59 14.31
CA VAL D 381 -34.02 10.14 14.47
C VAL D 381 -34.79 10.33 13.18
N ASP D 382 -34.62 11.48 12.53
CA ASP D 382 -35.29 11.66 11.25
C ASP D 382 -34.80 10.67 10.21
N MET D 383 -33.50 10.36 10.18
CA MET D 383 -33.02 9.39 9.20
C MET D 383 -33.54 7.99 9.48
N GLN D 384 -33.72 7.64 10.74
CA GLN D 384 -34.30 6.36 11.10
C GLN D 384 -35.78 6.28 10.75
N GLN D 385 -36.52 7.37 10.90
CA GLN D 385 -37.87 7.42 10.36
C GLN D 385 -37.90 7.40 8.84
N ARG D 386 -36.79 7.78 8.19
CA ARG D 386 -36.78 7.85 6.73
C ARG D 386 -36.45 6.51 6.10
N CYS D 387 -36.15 5.48 6.89
CA CYS D 387 -35.94 4.14 6.33
C CYS D 387 -37.14 3.22 6.58
N ASN D 388 -37.72 3.28 7.77
CA ASN D 388 -38.85 2.42 8.11
C ASN D 388 -40.00 2.61 7.13
N ALA D 389 -40.10 3.76 6.50
CA ALA D 389 -41.10 3.98 5.46
C ALA D 389 -40.60 3.60 4.08
N SER D 390 -39.56 2.77 3.98
CA SER D 390 -39.09 2.29 2.70
C SER D 390 -38.81 0.80 2.63
N ASP D 391 -38.56 0.13 3.75
CA ASP D 391 -38.31 -1.32 3.75
C ASP D 391 -38.89 -1.97 5.00
N PRO D 392 -40.21 -1.89 5.21
CA PRO D 392 -40.78 -2.25 6.51
C PRO D 392 -40.47 -3.66 6.97
N ALA D 393 -40.21 -4.59 6.05
CA ALA D 393 -39.90 -5.95 6.47
C ALA D 393 -38.41 -6.12 6.74
N ALA D 394 -37.57 -5.33 6.07
CA ALA D 394 -36.14 -5.40 6.31
C ALA D 394 -35.73 -4.59 7.52
N TYR D 395 -36.58 -3.67 7.97
CA TYR D 395 -36.22 -2.84 9.11
C TYR D 395 -36.50 -3.56 10.44
N ALA D 396 -37.64 -4.23 10.54
CA ALA D 396 -38.01 -4.78 11.83
C ALA D 396 -37.27 -6.07 12.14
N GLN D 397 -35.95 -6.03 11.96
CA GLN D 397 -35.08 -7.13 12.37
C GLN D 397 -33.86 -6.67 13.14
N LEU D 398 -33.45 -5.41 13.00
CA LEU D 398 -32.24 -4.92 13.63
C LEU D 398 -32.52 -4.70 15.11
N VAL D 399 -31.64 -5.20 15.98
CA VAL D 399 -31.79 -5.00 17.42
C VAL D 399 -31.08 -3.69 17.77
N PHE D 400 -31.86 -2.64 18.00
CA PHE D 400 -31.27 -1.37 18.38
C PHE D 400 -30.96 -1.36 19.88
N GLN D 401 -30.01 -0.51 20.24
CA GLN D 401 -29.71 -0.28 21.64
C GLN D 401 -30.59 0.85 22.18
N THR D 402 -30.45 1.10 23.47
CA THR D 402 -31.03 2.29 24.08
C THR D 402 -29.97 2.89 24.99
N CYS D 403 -29.74 4.20 24.85
CA CYS D 403 -28.74 4.88 25.66
C CYS D 403 -29.02 6.37 25.66
N ASP D 404 -29.22 6.90 26.87
CA ASP D 404 -29.38 8.33 27.10
C ASP D 404 -28.56 8.72 28.31
N ILE D 405 -27.99 9.93 28.28
CA ILE D 405 -27.21 10.39 29.40
C ILE D 405 -28.14 10.57 30.61
N ASN D 406 -27.53 10.75 31.78
CA ASN D 406 -28.22 10.80 33.07
C ASN D 406 -28.70 9.41 33.47
N ALA D 407 -28.39 8.42 32.64
CA ALA D 407 -28.56 7.02 32.99
C ALA D 407 -27.24 6.26 32.99
N PHE D 408 -26.21 6.78 32.33
CA PHE D 408 -24.88 6.22 32.44
C PHE D 408 -24.10 6.78 33.62
N LEU D 409 -24.59 7.84 34.26
CA LEU D 409 -23.86 8.39 35.40
C LEU D 409 -24.16 7.61 36.67
N SER D 410 -25.45 7.35 36.94
CA SER D 410 -25.84 6.58 38.11
C SER D 410 -25.80 5.10 37.75
N GLU D 411 -24.60 4.54 37.74
CA GLU D 411 -24.37 3.15 37.41
C GLU D 411 -23.90 2.39 38.64
N ALA D 412 -23.53 1.12 38.44
CA ALA D 412 -23.08 0.24 39.51
C ALA D 412 -21.64 0.55 39.85
N VAL D 413 -21.46 1.49 40.77
CA VAL D 413 -20.15 1.88 41.26
C VAL D 413 -20.17 1.76 42.78
N GLU D 414 -19.27 0.94 43.31
CA GLU D 414 -19.20 0.72 44.75
C GLU D 414 -17.75 0.87 45.21
N GLY D 415 -17.60 1.07 46.51
CA GLY D 415 -16.28 1.08 47.10
C GLY D 415 -15.54 -0.21 46.80
N THR D 416 -14.22 -0.11 46.82
CA THR D 416 -13.36 -1.18 46.33
C THR D 416 -13.77 -1.53 44.90
N GLY D 417 -13.54 -0.58 44.00
CA GLY D 417 -14.09 -0.68 42.68
C GLY D 417 -14.55 0.66 42.15
N LEU D 418 -14.27 1.72 42.92
CA LEU D 418 -14.43 3.07 42.43
C LEU D 418 -13.11 3.71 42.05
N ALA D 419 -12.07 3.51 42.85
CA ALA D 419 -10.75 3.98 42.49
C ALA D 419 -9.91 2.93 41.79
N PHE D 420 -10.48 1.76 41.50
CA PHE D 420 -9.77 0.73 40.75
C PHE D 420 -10.46 0.32 39.46
N ILE D 421 -11.73 0.69 39.27
CA ILE D 421 -12.43 0.38 38.04
C ILE D 421 -12.67 1.62 37.18
N VAL D 422 -12.81 2.79 37.79
CA VAL D 422 -13.01 4.01 37.02
C VAL D 422 -11.68 4.68 36.68
N PHE D 423 -10.89 5.03 37.67
CA PHE D 423 -9.65 5.76 37.43
C PHE D 423 -8.62 4.95 36.66
N THR D 424 -8.72 3.62 36.67
CA THR D 424 -7.73 2.82 35.97
C THR D 424 -8.12 2.52 34.53
N GLU D 425 -9.34 2.86 34.11
CA GLU D 425 -9.66 2.76 32.70
C GLU D 425 -9.65 4.12 32.02
N ALA D 426 -9.81 5.19 32.80
CA ALA D 426 -9.62 6.52 32.26
C ALA D 426 -8.16 6.98 32.35
N ILE D 427 -7.29 6.17 32.94
CA ILE D 427 -5.87 6.52 32.99
C ILE D 427 -5.11 5.93 31.81
N THR D 428 -5.72 4.99 31.08
CA THR D 428 -5.09 4.37 29.93
C THR D 428 -5.54 4.97 28.61
N LYS D 429 -6.47 5.93 28.64
CA LYS D 429 -6.90 6.65 27.45
C LYS D 429 -6.31 8.05 27.37
N MET D 430 -5.10 8.23 27.90
CA MET D 430 -4.40 9.50 27.85
C MET D 430 -2.96 9.22 27.46
N PRO D 431 -2.30 10.15 26.79
CA PRO D 431 -0.91 9.91 26.36
C PRO D 431 0.01 9.77 27.57
N LEU D 432 1.05 8.96 27.38
CA LEU D 432 2.05 8.72 28.42
C LEU D 432 1.41 8.19 29.70
N SER D 433 0.58 7.17 29.55
CA SER D 433 -0.12 6.61 30.71
C SER D 433 0.80 5.96 31.74
N PRO D 434 1.88 5.27 31.37
CA PRO D 434 2.76 4.70 32.41
C PRO D 434 3.40 5.74 33.31
N LEU D 435 3.08 7.02 33.14
CA LEU D 435 3.43 8.05 34.09
C LEU D 435 2.24 8.53 34.92
N TRP D 436 1.09 8.76 34.29
CA TRP D 436 -0.07 9.19 35.05
C TRP D 436 -0.50 8.12 36.04
N SER D 437 -0.40 6.85 35.66
CA SER D 437 -0.79 5.80 36.59
C SER D 437 0.10 5.81 37.83
N VAL D 438 1.41 5.88 37.63
CA VAL D 438 2.32 5.88 38.77
C VAL D 438 2.09 7.09 39.64
N LEU D 439 1.88 8.26 39.03
CA LEU D 439 1.63 9.44 39.85
C LEU D 439 0.36 9.28 40.66
N PHE D 440 -0.71 8.80 40.04
CA PHE D 440 -1.97 8.65 40.75
C PHE D 440 -1.84 7.67 41.92
N PHE D 441 -1.16 6.55 41.70
CA PHE D 441 -1.12 5.59 42.78
C PHE D 441 -0.12 5.97 43.87
N ILE D 442 0.94 6.71 43.55
CA ILE D 442 1.75 7.25 44.63
C ILE D 442 0.96 8.30 45.41
N MET D 443 0.10 9.06 44.73
CA MET D 443 -0.77 9.97 45.46
C MET D 443 -1.65 9.21 46.44
N LEU D 444 -2.29 8.15 45.97
CA LEU D 444 -3.17 7.38 46.86
C LEU D 444 -2.39 6.76 48.01
N PHE D 445 -1.20 6.22 47.72
CA PHE D 445 -0.41 5.57 48.77
C PHE D 445 0.02 6.58 49.84
N CYS D 446 0.64 7.69 49.42
CA CYS D 446 1.09 8.68 50.40
C CYS D 446 -0.07 9.51 50.94
N LEU D 447 -1.28 9.30 50.43
CA LEU D 447 -2.45 9.89 51.05
C LEU D 447 -3.03 8.98 52.11
N GLY D 448 -2.88 7.69 51.93
CA GLY D 448 -3.39 6.74 52.90
C GLY D 448 -2.41 6.31 53.97
N LEU D 449 -1.13 6.66 53.83
CA LEU D 449 -0.17 6.23 54.82
C LEU D 449 -0.25 7.04 56.11
N SER D 450 -0.43 8.35 55.95
CA SER D 450 -0.52 9.27 57.09
C SER D 450 -1.60 8.80 58.05
N SER D 451 -2.80 8.59 57.51
CA SER D 451 -3.91 8.13 58.32
C SER D 451 -3.50 6.96 59.19
N MET D 452 -2.77 6.00 58.62
CA MET D 452 -2.36 4.86 59.41
C MET D 452 -1.32 5.24 60.45
N PHE D 453 -0.47 6.23 60.13
CA PHE D 453 0.41 6.79 61.17
C PHE D 453 -0.38 7.16 62.40
N GLY D 454 -1.38 8.01 62.20
CA GLY D 454 -2.17 8.47 63.33
C GLY D 454 -2.89 7.33 64.05
N ASN D 455 -3.45 6.40 63.28
CA ASN D 455 -4.18 5.30 63.90
C ASN D 455 -3.26 4.42 64.73
N MET D 456 -2.07 4.13 64.22
CA MET D 456 -1.14 3.30 64.99
C MET D 456 -0.69 4.03 66.24
N GLU D 457 -0.54 5.35 66.18
CA GLU D 457 -0.27 6.09 67.41
C GLU D 457 -1.42 5.94 68.39
N GLY D 458 -2.65 6.01 67.90
CA GLY D 458 -3.81 5.92 68.77
C GLY D 458 -4.07 4.54 69.32
N VAL D 459 -3.46 3.51 68.75
CA VAL D 459 -3.55 2.18 69.34
C VAL D 459 -2.33 1.85 70.21
N VAL D 460 -1.19 2.49 69.97
CA VAL D 460 -0.01 2.19 70.78
C VAL D 460 -0.04 2.97 72.09
N VAL D 461 -0.51 4.22 72.05
CA VAL D 461 -0.50 5.05 73.27
C VAL D 461 -1.29 4.43 74.41
N PRO D 462 -2.57 4.08 74.25
CA PRO D 462 -3.31 3.56 75.41
C PRO D 462 -2.86 2.19 75.87
N LEU D 463 -2.03 1.50 75.09
CA LEU D 463 -1.58 0.19 75.55
C LEU D 463 -0.51 0.29 76.63
N GLN D 464 0.55 1.04 76.38
CA GLN D 464 1.59 1.18 77.40
C GLN D 464 1.16 2.08 78.55
N ASP D 465 0.05 2.80 78.41
CA ASP D 465 -0.56 3.51 79.53
C ASP D 465 -1.43 2.60 80.38
N LEU D 466 -1.48 1.32 80.06
CA LEU D 466 -2.25 0.33 80.80
C LEU D 466 -1.37 -0.61 81.61
N ARG D 467 -0.04 -0.43 81.57
CA ARG D 467 0.91 -1.32 82.23
C ARG D 467 0.76 -2.76 81.75
N VAL D 468 0.54 -2.95 80.45
CA VAL D 468 0.42 -4.30 79.91
C VAL D 468 1.77 -4.94 79.64
N ILE D 469 2.81 -4.16 79.38
CA ILE D 469 4.14 -4.69 79.13
C ILE D 469 5.04 -4.18 80.26
N PRO D 470 5.96 -4.98 80.77
CA PRO D 470 6.85 -4.48 81.82
C PRO D 470 7.62 -3.27 81.34
N PRO D 471 7.63 -2.19 82.13
CA PRO D 471 8.14 -0.90 81.62
C PRO D 471 9.60 -0.90 81.23
N LYS D 472 10.35 -1.97 81.49
CA LYS D 472 11.77 -1.97 81.16
C LYS D 472 12.04 -2.33 79.71
N TRP D 473 11.02 -2.67 78.95
CA TRP D 473 11.25 -3.02 77.55
C TRP D 473 11.15 -1.79 76.65
N PRO D 474 11.90 -1.74 75.55
CA PRO D 474 11.85 -0.57 74.67
C PRO D 474 10.50 -0.40 73.99
N LYS D 475 10.32 0.65 73.20
CA LYS D 475 9.07 0.86 72.51
C LYS D 475 9.02 0.11 71.18
N GLU D 476 10.19 -0.16 70.60
CA GLU D 476 10.25 -0.89 69.35
C GLU D 476 9.62 -2.28 69.49
N VAL D 477 9.82 -2.94 70.62
CA VAL D 477 9.31 -4.30 70.77
C VAL D 477 7.78 -4.29 70.80
N LEU D 478 7.19 -3.31 71.47
CA LEU D 478 5.73 -3.27 71.52
C LEU D 478 5.15 -2.93 70.15
N THR D 479 5.75 -1.97 69.45
CA THR D 479 5.24 -1.66 68.11
C THR D 479 5.37 -2.88 67.20
N GLY D 480 6.47 -3.60 67.31
CA GLY D 480 6.65 -4.80 66.49
C GLY D 480 5.64 -5.89 66.83
N LEU D 481 5.34 -6.08 68.11
CA LEU D 481 4.36 -7.09 68.46
C LEU D 481 2.98 -6.73 67.91
N ILE D 482 2.57 -5.46 68.04
CA ILE D 482 1.27 -5.07 67.52
C ILE D 482 1.23 -5.27 66.01
N CYS D 483 2.30 -4.91 65.31
CA CYS D 483 2.33 -5.07 63.87
C CYS D 483 2.21 -6.54 63.49
N LEU D 484 2.99 -7.41 64.14
CA LEU D 484 2.92 -8.83 63.82
C LEU D 484 1.54 -9.39 64.10
N GLY D 485 0.94 -9.02 65.23
CA GLY D 485 -0.38 -9.54 65.56
C GLY D 485 -1.43 -9.13 64.55
N THR D 486 -1.44 -7.85 64.18
CA THR D 486 -2.44 -7.41 63.22
C THR D 486 -2.18 -8.01 61.84
N PHE D 487 -0.92 -8.21 61.48
CA PHE D 487 -0.63 -8.89 60.22
C PHE D 487 -1.17 -10.30 60.22
N LEU D 488 -0.95 -11.04 61.30
CA LEU D 488 -1.42 -12.43 61.35
C LEU D 488 -2.93 -12.52 61.39
N ILE D 489 -3.60 -11.52 61.95
CA ILE D 489 -5.05 -11.50 61.85
C ILE D 489 -5.49 -11.10 60.45
N GLY D 490 -4.66 -10.36 59.73
CA GLY D 490 -5.01 -9.90 58.41
C GLY D 490 -4.91 -10.95 57.31
N PHE D 491 -4.91 -12.24 57.68
CA PHE D 491 -5.04 -13.28 56.67
C PHE D 491 -6.47 -13.49 56.24
N ILE D 492 -7.45 -12.84 56.86
CA ILE D 492 -8.83 -13.15 56.55
C ILE D 492 -9.26 -12.48 55.26
N PHE D 493 -8.58 -11.39 54.87
CA PHE D 493 -8.97 -10.67 53.67
C PHE D 493 -8.21 -11.12 52.44
N THR D 494 -7.23 -12.00 52.58
CA THR D 494 -6.47 -12.44 51.43
C THR D 494 -6.97 -13.75 50.85
N LEU D 495 -8.03 -14.33 51.39
CA LEU D 495 -8.61 -15.51 50.79
C LEU D 495 -9.26 -15.18 49.45
N ASN D 496 -9.82 -16.19 48.80
CA ASN D 496 -10.58 -15.93 47.58
C ASN D 496 -11.74 -15.00 47.90
N SER D 497 -12.73 -15.48 48.63
CA SER D 497 -13.87 -14.66 49.03
C SER D 497 -13.35 -13.65 50.04
N GLY D 498 -12.66 -12.64 49.52
CA GLY D 498 -12.00 -11.69 50.38
C GLY D 498 -12.63 -10.32 50.36
N GLN D 499 -13.15 -9.91 49.21
CA GLN D 499 -13.70 -8.56 49.11
C GLN D 499 -14.99 -8.42 49.91
N TYR D 500 -15.69 -9.53 50.15
CA TYR D 500 -16.95 -9.46 50.87
C TYR D 500 -16.76 -9.20 52.35
N TRP D 501 -15.80 -9.90 52.96
CA TRP D 501 -15.45 -9.64 54.35
C TRP D 501 -15.11 -8.16 54.54
N LEU D 502 -14.32 -7.64 53.60
CA LEU D 502 -13.92 -6.24 53.70
C LEU D 502 -15.12 -5.32 53.59
N SER D 503 -16.02 -5.58 52.64
CA SER D 503 -17.19 -4.73 52.51
C SER D 503 -18.00 -4.73 53.80
N LEU D 504 -18.18 -5.92 54.39
CA LEU D 504 -18.97 -6.05 55.61
C LEU D 504 -18.35 -5.26 56.76
N LEU D 505 -17.08 -5.53 57.07
CA LEU D 505 -16.42 -4.84 58.17
C LEU D 505 -16.42 -3.34 57.93
N ASP D 506 -16.05 -2.92 56.71
CA ASP D 506 -16.09 -1.50 56.37
C ASP D 506 -17.43 -0.89 56.77
N SER D 507 -18.52 -1.40 56.20
CA SER D 507 -19.84 -0.85 56.48
C SER D 507 -20.06 -0.71 57.98
N TYR D 508 -20.02 -1.83 58.71
CA TYR D 508 -20.56 -1.77 60.08
C TYR D 508 -19.60 -1.07 61.05
N ALA D 509 -18.30 -1.39 60.98
CA ALA D 509 -17.35 -0.77 61.89
C ALA D 509 -17.07 0.68 61.57
N GLY D 510 -17.42 1.15 60.37
CA GLY D 510 -17.30 2.56 60.11
C GLY D 510 -18.57 3.29 60.48
N SER D 511 -19.69 2.56 60.51
CA SER D 511 -20.96 3.23 60.78
C SER D 511 -21.24 3.38 62.27
N ILE D 512 -21.35 2.27 63.01
CA ILE D 512 -22.06 2.39 64.28
C ILE D 512 -21.25 2.87 65.49
N PRO D 513 -20.04 2.39 65.77
CA PRO D 513 -19.45 2.70 67.08
C PRO D 513 -18.92 4.13 67.16
N LEU D 514 -18.58 4.70 66.01
CA LEU D 514 -18.00 6.04 65.98
C LEU D 514 -18.93 7.06 66.60
N LEU D 515 -20.19 7.08 66.16
CA LEU D 515 -21.08 8.14 66.61
C LEU D 515 -21.49 7.95 68.07
N ILE D 516 -21.57 6.71 68.54
CA ILE D 516 -21.91 6.52 69.95
C ILE D 516 -20.74 6.94 70.84
N ILE D 517 -19.50 6.63 70.43
CA ILE D 517 -18.37 7.11 71.23
C ILE D 517 -18.31 8.63 71.21
N ALA D 518 -18.52 9.23 70.04
CA ALA D 518 -18.48 10.69 69.95
C ALA D 518 -19.54 11.33 70.84
N PHE D 519 -20.76 10.82 70.80
CA PHE D 519 -21.80 11.37 71.66
C PHE D 519 -21.46 11.18 73.12
N CYS D 520 -20.95 10.01 73.50
CA CYS D 520 -20.69 9.77 74.90
C CYS D 520 -19.62 10.73 75.43
N GLU D 521 -18.59 10.99 74.63
CA GLU D 521 -17.56 11.91 75.11
C GLU D 521 -18.05 13.35 75.10
N MET D 522 -18.83 13.73 74.08
CA MET D 522 -19.35 15.09 74.01
C MET D 522 -20.31 15.37 75.15
N PHE D 523 -20.93 14.31 75.68
CA PHE D 523 -21.78 14.47 76.85
C PHE D 523 -20.95 14.49 78.12
N SER D 524 -19.95 13.61 78.21
CA SER D 524 -19.15 13.51 79.42
C SER D 524 -18.38 14.78 79.70
N VAL D 525 -17.89 15.46 78.66
CA VAL D 525 -17.08 16.65 78.89
C VAL D 525 -17.90 17.83 79.36
N VAL D 526 -19.13 17.99 78.89
CA VAL D 526 -19.88 19.19 79.20
C VAL D 526 -20.88 18.94 80.33
N TYR D 527 -21.04 17.69 80.76
CA TYR D 527 -21.98 17.45 81.84
C TYR D 527 -21.44 16.57 82.96
N VAL D 528 -20.20 16.10 82.88
CA VAL D 528 -19.56 15.43 84.00
C VAL D 528 -18.36 16.18 84.52
N TYR D 529 -17.67 16.92 83.66
CA TYR D 529 -16.55 17.77 84.04
C TYR D 529 -16.98 19.19 84.37
N GLY D 530 -18.23 19.52 84.14
CA GLY D 530 -18.71 20.89 84.27
C GLY D 530 -18.31 21.68 83.06
N VAL D 531 -19.20 22.52 82.53
CA VAL D 531 -18.81 23.31 81.37
C VAL D 531 -18.16 24.61 81.80
N ASP D 532 -18.47 25.11 83.00
CA ASP D 532 -17.90 26.38 83.43
C ASP D 532 -16.45 26.21 83.85
N ARG D 533 -16.12 25.09 84.49
CA ARG D 533 -14.72 24.83 84.81
C ARG D 533 -13.88 24.78 83.54
N PHE D 534 -14.33 24.00 82.56
CA PHE D 534 -13.67 23.92 81.27
C PHE D 534 -13.60 25.29 80.62
N ASN D 535 -14.64 26.10 80.81
CA ASN D 535 -14.67 27.43 80.23
C ASN D 535 -13.54 28.29 80.77
N LYS D 536 -13.50 28.49 82.08
CA LYS D 536 -12.44 29.33 82.64
C LYS D 536 -11.06 28.69 82.46
N ASP D 537 -11.03 27.37 82.30
CA ASP D 537 -9.79 26.69 82.00
C ASP D 537 -9.24 27.12 80.64
N ILE D 538 -10.05 27.01 79.60
CA ILE D 538 -9.58 27.44 78.29
C ILE D 538 -9.31 28.93 78.30
N GLU D 539 -10.03 29.68 79.15
CA GLU D 539 -9.76 31.11 79.27
C GLU D 539 -8.35 31.37 79.76
N PHE D 540 -7.93 30.65 80.79
CA PHE D 540 -6.56 30.81 81.26
C PHE D 540 -5.56 30.30 80.23
N MET D 541 -5.91 29.25 79.49
CA MET D 541 -4.95 28.70 78.54
C MET D 541 -4.68 29.66 77.40
N ILE D 542 -5.69 29.99 76.60
CA ILE D 542 -5.39 30.78 75.41
C ILE D 542 -5.46 32.27 75.69
N GLY D 543 -6.44 32.74 76.45
CA GLY D 543 -6.48 34.14 76.81
C GLY D 543 -7.78 34.87 76.54
N HIS D 544 -8.87 34.13 76.34
CA HIS D 544 -10.17 34.73 76.10
C HIS D 544 -11.24 33.66 76.15
N LYS D 545 -12.36 34.00 76.78
CA LYS D 545 -13.49 33.09 76.79
C LYS D 545 -13.93 32.81 75.36
N PRO D 546 -14.41 31.60 75.08
CA PRO D 546 -14.88 31.30 73.72
C PRO D 546 -16.15 32.06 73.39
N ASN D 547 -16.32 32.38 72.12
CA ASN D 547 -17.45 33.15 71.65
C ASN D 547 -18.75 32.41 71.95
N ILE D 548 -19.88 33.13 71.81
CA ILE D 548 -21.17 32.51 72.11
C ILE D 548 -21.41 31.29 71.24
N PHE D 549 -20.88 31.30 70.02
CA PHE D 549 -21.10 30.19 69.10
C PHE D 549 -20.69 28.86 69.74
N TRP D 550 -19.47 28.81 70.28
CA TRP D 550 -19.01 27.58 70.89
C TRP D 550 -19.91 27.18 72.05
N GLN D 551 -20.40 28.15 72.82
CA GLN D 551 -21.26 27.83 73.95
C GLN D 551 -22.55 27.16 73.49
N VAL D 552 -23.26 27.80 72.56
CA VAL D 552 -24.54 27.23 72.12
C VAL D 552 -24.33 25.92 71.41
N THR D 553 -23.22 25.75 70.70
CA THR D 553 -23.06 24.51 69.96
C THR D 553 -22.50 23.40 70.84
N TRP D 554 -22.00 23.74 72.02
CA TRP D 554 -21.61 22.70 72.96
C TRP D 554 -22.75 22.28 73.87
N ARG D 555 -23.64 23.19 74.23
CA ARG D 555 -24.58 22.89 75.30
C ARG D 555 -25.87 22.22 74.83
N VAL D 556 -26.43 22.61 73.69
CA VAL D 556 -27.71 22.02 73.30
C VAL D 556 -27.66 21.36 71.92
N VAL D 557 -27.09 22.02 70.92
CA VAL D 557 -27.28 21.57 69.56
C VAL D 557 -26.51 20.29 69.28
N SER D 558 -25.30 20.16 69.82
CA SER D 558 -24.51 18.97 69.50
C SER D 558 -25.12 17.70 70.06
N PRO D 559 -25.46 17.59 71.35
CA PRO D 559 -26.08 16.34 71.81
C PRO D 559 -27.43 16.07 71.16
N LEU D 560 -28.22 17.12 70.91
CA LEU D 560 -29.51 16.90 70.27
C LEU D 560 -29.34 16.35 68.86
N LEU D 561 -28.40 16.86 68.09
CA LEU D 561 -28.20 16.32 66.76
C LEU D 561 -27.82 14.83 66.86
N MET D 562 -26.89 14.53 67.76
CA MET D 562 -26.44 13.16 67.95
C MET D 562 -27.59 12.18 68.20
N LEU D 563 -28.50 12.54 69.09
CA LEU D 563 -29.64 11.68 69.38
C LEU D 563 -30.39 11.37 68.10
N ILE D 564 -30.63 12.40 67.30
CA ILE D 564 -31.34 12.22 66.04
C ILE D 564 -30.60 11.22 65.16
N ILE D 565 -29.31 11.45 64.93
CA ILE D 565 -28.55 10.51 64.11
C ILE D 565 -28.69 9.07 64.64
N PHE D 566 -28.58 8.91 65.95
CA PHE D 566 -28.70 7.60 66.59
C PHE D 566 -30.03 6.91 66.28
N LEU D 567 -31.13 7.62 66.51
CA LEU D 567 -32.43 7.05 66.24
C LEU D 567 -32.62 6.75 64.76
N PHE D 568 -32.01 7.57 63.91
CA PHE D 568 -32.13 7.34 62.48
C PHE D 568 -31.41 6.07 62.09
N PHE D 569 -30.27 5.82 62.72
CA PHE D 569 -29.54 4.60 62.44
C PHE D 569 -30.41 3.43 62.90
N PHE D 570 -31.05 3.58 64.06
CA PHE D 570 -31.89 2.48 64.55
C PHE D 570 -33.18 2.29 63.75
N VAL D 571 -33.54 3.27 62.94
CA VAL D 571 -34.75 3.18 62.13
C VAL D 571 -34.37 2.90 60.69
N VAL D 572 -33.07 2.79 60.44
CA VAL D 572 -32.58 2.51 59.09
C VAL D 572 -31.93 1.14 59.04
N GLU D 573 -31.99 0.42 60.16
CA GLU D 573 -31.44 -0.93 60.24
C GLU D 573 -32.51 -1.99 60.11
N VAL D 574 -33.60 -1.85 60.83
CA VAL D 574 -34.80 -2.63 60.58
C VAL D 574 -35.49 -2.00 59.39
N SER D 575 -36.31 -2.77 58.69
CA SER D 575 -37.07 -2.34 57.52
C SER D 575 -36.17 -1.99 56.34
N GLN D 576 -34.92 -2.45 56.32
CA GLN D 576 -34.06 -2.35 55.14
C GLN D 576 -33.31 -3.66 55.00
N GLU D 577 -33.56 -4.38 53.91
CA GLU D 577 -32.97 -5.69 53.72
C GLU D 577 -31.44 -5.59 53.66
N LEU D 578 -30.79 -6.65 54.13
CA LEU D 578 -29.33 -6.70 54.21
C LEU D 578 -28.83 -7.54 53.03
N THR D 579 -28.33 -6.88 52.00
CA THR D 579 -27.95 -7.55 50.77
C THR D 579 -26.55 -7.13 50.36
N TYR D 580 -25.83 -8.05 49.73
CA TYR D 580 -24.53 -7.77 49.14
C TYR D 580 -24.47 -8.30 47.72
N SER D 581 -23.53 -7.78 46.95
CA SER D 581 -23.41 -8.08 45.54
C SER D 581 -22.38 -9.16 45.28
N ILE D 582 -22.66 -10.03 44.30
CA ILE D 582 -21.75 -11.11 43.96
C ILE D 582 -21.24 -10.91 42.55
N TRP D 583 -20.26 -11.72 42.16
CA TRP D 583 -19.73 -11.66 40.81
C TRP D 583 -20.39 -12.70 39.91
N ASP D 584 -20.17 -13.99 40.20
CA ASP D 584 -20.86 -15.10 39.55
C ASP D 584 -20.90 -15.01 38.04
N PRO D 585 -19.82 -15.35 37.34
CA PRO D 585 -19.84 -15.24 35.87
C PRO D 585 -20.81 -16.18 35.20
N GLY D 586 -21.22 -17.27 35.85
CA GLY D 586 -22.11 -18.23 35.21
C GLY D 586 -23.55 -17.77 35.14
N TYR D 587 -23.89 -16.72 35.86
CA TYR D 587 -25.26 -16.22 35.87
C TYR D 587 -25.53 -15.39 34.61
N GLU D 588 -26.72 -15.56 34.04
CA GLU D 588 -27.06 -14.82 32.83
C GLU D 588 -27.13 -13.33 33.10
N GLU D 589 -27.30 -12.56 32.03
CA GLU D 589 -27.09 -11.10 32.03
C GLU D 589 -25.92 -10.73 32.92
N PHE D 590 -24.79 -11.39 32.68
CA PHE D 590 -23.66 -11.32 33.60
C PHE D 590 -23.07 -9.93 33.81
N PRO D 591 -22.99 -9.04 32.83
CA PRO D 591 -22.44 -7.70 33.10
C PRO D 591 -23.13 -6.98 34.25
N LYS D 592 -24.42 -7.23 34.46
CA LYS D 592 -25.12 -6.61 35.58
C LYS D 592 -24.72 -7.26 36.89
N SER D 593 -24.85 -6.51 37.97
CA SER D 593 -24.51 -7.03 39.28
C SER D 593 -25.70 -7.76 39.90
N GLN D 594 -25.44 -8.97 40.38
CA GLN D 594 -26.44 -9.78 41.04
C GLN D 594 -26.36 -9.53 42.53
N LYS D 595 -27.51 -9.47 43.19
CA LYS D 595 -27.62 -9.04 44.57
C LYS D 595 -28.30 -10.14 45.37
N ILE D 596 -27.65 -10.64 46.41
CA ILE D 596 -28.22 -11.68 47.25
C ILE D 596 -28.10 -11.27 48.71
N SER D 597 -28.49 -12.19 49.59
CA SER D 597 -28.49 -11.94 51.02
C SER D 597 -27.41 -12.76 51.71
N TYR D 598 -26.87 -12.21 52.80
CA TYR D 598 -25.89 -12.90 53.60
C TYR D 598 -26.50 -14.17 54.18
N PRO D 599 -25.69 -15.13 54.56
CA PRO D 599 -26.24 -16.27 55.30
C PRO D 599 -26.73 -15.83 56.66
N ASN D 600 -27.23 -16.77 57.46
CA ASN D 600 -27.79 -16.40 58.75
C ASN D 600 -26.72 -16.13 59.80
N TRP D 601 -25.58 -16.84 59.76
CA TRP D 601 -24.63 -16.72 60.85
C TRP D 601 -23.94 -15.37 60.91
N VAL D 602 -23.98 -14.59 59.84
CA VAL D 602 -23.14 -13.39 59.75
C VAL D 602 -23.48 -12.40 60.84
N TYR D 603 -24.70 -12.44 61.37
CA TYR D 603 -25.07 -11.52 62.44
C TYR D 603 -24.11 -11.64 63.60
N VAL D 604 -23.58 -12.84 63.84
CA VAL D 604 -22.57 -13.02 64.85
C VAL D 604 -21.42 -12.04 64.66
N VAL D 605 -20.83 -12.02 63.47
CA VAL D 605 -19.76 -11.06 63.21
C VAL D 605 -20.26 -9.65 63.41
N VAL D 606 -21.48 -9.36 62.95
CA VAL D 606 -22.01 -8.00 63.01
C VAL D 606 -22.09 -7.56 64.47
N VAL D 607 -22.13 -8.52 65.39
CA VAL D 607 -22.05 -8.14 66.80
C VAL D 607 -20.60 -7.90 67.20
N ILE D 608 -19.73 -8.89 66.99
CA ILE D 608 -18.35 -8.81 67.47
C ILE D 608 -17.58 -7.64 66.88
N VAL D 609 -18.15 -6.95 65.89
CA VAL D 609 -17.55 -5.77 65.32
C VAL D 609 -18.32 -4.50 65.70
N ALA D 610 -19.64 -4.60 65.83
CA ALA D 610 -20.47 -3.46 66.18
C ALA D 610 -20.98 -3.55 67.62
N GLY D 611 -20.54 -4.54 68.36
CA GLY D 611 -20.98 -4.76 69.72
C GLY D 611 -19.92 -4.33 70.71
N VAL D 612 -19.11 -5.28 71.16
CA VAL D 612 -18.06 -5.09 72.15
C VAL D 612 -17.40 -3.72 72.05
N PRO D 613 -16.85 -3.31 70.91
CA PRO D 613 -16.20 -1.99 70.85
C PRO D 613 -17.16 -0.82 71.00
N SER D 614 -18.47 -1.05 71.02
CA SER D 614 -19.42 0.01 71.31
C SER D 614 -20.34 -0.34 72.47
N LEU D 615 -20.05 -1.40 73.21
CA LEU D 615 -20.83 -1.77 74.37
C LEU D 615 -19.97 -1.91 75.61
N THR D 616 -18.64 -1.85 75.47
CA THR D 616 -17.80 -1.84 76.66
C THR D 616 -17.91 -0.56 77.47
N ILE D 617 -18.66 0.44 77.00
CA ILE D 617 -18.85 1.65 77.80
C ILE D 617 -19.86 1.34 78.91
N PRO D 618 -21.10 0.96 78.60
CA PRO D 618 -22.02 0.64 79.70
C PRO D 618 -21.59 -0.59 80.47
N GLY D 619 -20.93 -1.55 79.81
CA GLY D 619 -20.44 -2.71 80.52
C GLY D 619 -19.47 -2.33 81.61
N TYR D 620 -18.44 -1.57 81.27
CA TYR D 620 -17.47 -1.15 82.29
C TYR D 620 -18.12 -0.25 83.33
N ALA D 621 -19.04 0.61 82.92
CA ALA D 621 -19.71 1.47 83.90
C ALA D 621 -20.45 0.63 84.93
N ILE D 622 -21.17 -0.40 84.47
CA ILE D 622 -21.90 -1.26 85.39
C ILE D 622 -20.93 -2.08 86.24
N TYR D 623 -19.82 -2.51 85.65
CA TYR D 623 -18.83 -3.25 86.42
C TYR D 623 -18.27 -2.41 87.56
N LYS D 624 -17.99 -1.14 87.28
CA LYS D 624 -17.42 -0.27 88.31
C LYS D 624 -18.46 0.13 89.36
N LEU D 625 -19.71 0.35 88.94
CA LEU D 625 -20.73 0.70 89.91
C LEU D 625 -21.25 -0.50 90.69
N ILE D 626 -20.96 -1.72 90.25
CA ILE D 626 -21.33 -2.89 91.04
C ILE D 626 -20.11 -3.53 91.71
N ARG D 627 -18.91 -3.02 91.46
CA ARG D 627 -17.79 -3.37 92.31
C ARG D 627 -17.92 -2.70 93.68
N ASN D 628 -18.33 -1.44 93.69
CA ASN D 628 -18.55 -0.69 94.92
C ASN D 628 -19.97 -0.94 95.43
N HIS D 629 -20.11 -1.93 96.31
CA HIS D 629 -21.41 -2.28 96.86
C HIS D 629 -21.99 -1.16 97.72
#